data_2MRN
#
_entry.id   2MRN
#
_entity_poly.entity_id   1
_entity_poly.type   'polypeptide(L)'
_entity_poly.pdbx_seq_one_letter_code
;NHKVHHHHHHMSDDDDKGIHSSVKRWGNSPAVRIPATLMQALNLNIDDEVKIDLVDGKLIIEPVRKE
;
_entity_poly.pdbx_strand_id   A,B
#
# COMPACT_ATOMS: atom_id res chain seq x y z
N ASN A 1 23.32 -14.97 34.24
CA ASN A 1 23.56 -15.33 32.85
C ASN A 1 22.68 -14.50 31.93
N HIS A 2 23.24 -14.06 30.82
CA HIS A 2 22.49 -13.30 29.83
C HIS A 2 22.49 -14.10 28.55
N LYS A 3 21.38 -14.09 27.86
CA LYS A 3 21.23 -14.87 26.64
C LYS A 3 21.39 -14.00 25.41
N VAL A 4 22.43 -13.17 25.42
CA VAL A 4 22.74 -12.25 24.31
C VAL A 4 23.13 -13.01 23.03
N HIS A 5 23.49 -14.27 23.20
CA HIS A 5 23.80 -15.17 22.10
C HIS A 5 22.52 -15.48 21.30
N HIS A 6 21.40 -15.37 21.96
CA HIS A 6 20.15 -15.73 21.37
C HIS A 6 19.42 -14.51 20.86
N HIS A 7 19.38 -14.38 19.57
CA HIS A 7 18.63 -13.35 18.92
C HIS A 7 17.48 -13.99 18.18
N HIS A 8 16.31 -13.47 18.35
CA HIS A 8 15.15 -14.06 17.75
C HIS A 8 14.65 -13.21 16.61
N HIS A 9 14.92 -13.68 15.40
CA HIS A 9 14.54 -13.02 14.14
C HIS A 9 15.34 -11.75 13.87
N HIS A 10 15.42 -11.38 12.63
CA HIS A 10 16.12 -10.20 12.23
C HIS A 10 15.13 -9.17 11.79
N MET A 11 14.99 -8.14 12.55
CA MET A 11 14.07 -7.09 12.25
C MET A 11 14.76 -6.07 11.36
N SER A 12 14.47 -6.14 10.11
CA SER A 12 15.04 -5.28 9.12
C SER A 12 14.05 -5.12 7.95
N ASP A 13 13.37 -3.99 7.94
CA ASP A 13 12.26 -3.72 7.00
C ASP A 13 12.69 -3.69 5.57
N ASP A 14 13.82 -3.14 5.33
CA ASP A 14 14.34 -3.04 3.97
C ASP A 14 14.94 -4.36 3.52
N ASP A 15 15.58 -5.05 4.45
CA ASP A 15 16.24 -6.33 4.18
C ASP A 15 15.26 -7.44 3.81
N ASP A 16 14.10 -7.47 4.46
CA ASP A 16 13.11 -8.52 4.14
C ASP A 16 12.57 -8.24 2.76
N LYS A 17 12.84 -9.11 1.85
CA LYS A 17 12.56 -8.89 0.49
C LYS A 17 11.20 -9.42 0.14
N GLY A 18 10.24 -8.60 0.44
CA GLY A 18 8.87 -8.83 0.08
C GLY A 18 8.65 -8.76 -1.45
N ILE A 19 7.67 -8.01 -1.88
CA ILE A 19 7.40 -7.91 -3.32
C ILE A 19 7.88 -6.56 -3.85
N HIS A 20 8.86 -6.57 -4.72
CA HIS A 20 9.36 -5.33 -5.30
C HIS A 20 8.52 -4.96 -6.51
N SER A 21 8.28 -3.70 -6.68
CA SER A 21 7.41 -3.20 -7.73
C SER A 21 8.00 -1.93 -8.30
N SER A 22 7.17 -1.13 -8.93
CA SER A 22 7.58 0.13 -9.43
C SER A 22 6.36 0.99 -9.68
N VAL A 23 6.45 2.20 -9.24
CA VAL A 23 5.39 3.19 -9.41
C VAL A 23 5.55 3.80 -10.75
N LYS A 24 4.61 3.62 -11.59
CA LYS A 24 4.73 4.16 -12.92
C LYS A 24 3.75 5.31 -13.11
N ARG A 25 3.80 5.95 -14.23
CA ARG A 25 2.97 7.09 -14.50
C ARG A 25 1.79 6.72 -15.38
N TRP A 26 0.62 6.74 -14.80
CA TRP A 26 -0.62 6.49 -15.50
C TRP A 26 -1.20 7.85 -15.82
N GLY A 27 -0.96 8.33 -17.01
CA GLY A 27 -1.35 9.66 -17.36
C GLY A 27 -0.34 10.59 -16.80
N ASN A 28 -0.75 11.45 -15.92
CA ASN A 28 0.20 12.30 -15.20
C ASN A 28 0.18 11.95 -13.70
N SER A 29 -0.19 10.73 -13.35
CA SER A 29 -0.39 10.38 -11.99
C SER A 29 0.34 9.08 -11.65
N PRO A 30 0.91 9.01 -10.45
CA PRO A 30 1.59 7.82 -9.96
C PRO A 30 0.60 6.67 -9.68
N ALA A 31 0.81 5.57 -10.35
CA ALA A 31 0.01 4.41 -10.19
C ALA A 31 0.91 3.20 -10.12
N VAL A 32 0.63 2.32 -9.21
CA VAL A 32 1.39 1.11 -9.07
C VAL A 32 0.49 -0.05 -9.45
N ARG A 33 1.08 -1.12 -9.90
CA ARG A 33 0.31 -2.28 -10.27
C ARG A 33 0.16 -3.17 -9.06
N ILE A 34 -1.05 -3.41 -8.66
CA ILE A 34 -1.32 -4.25 -7.51
C ILE A 34 -1.39 -5.70 -7.97
N PRO A 35 -0.65 -6.61 -7.31
CA PRO A 35 -0.67 -8.04 -7.65
C PRO A 35 -2.08 -8.61 -7.54
N ALA A 36 -2.56 -9.18 -8.64
CA ALA A 36 -3.90 -9.76 -8.72
C ALA A 36 -4.07 -10.89 -7.71
N THR A 37 -2.95 -11.51 -7.40
CA THR A 37 -2.88 -12.56 -6.43
C THR A 37 -3.32 -12.04 -5.02
N LEU A 38 -2.93 -10.81 -4.69
CA LEU A 38 -3.26 -10.20 -3.39
C LEU A 38 -4.64 -9.66 -3.40
N MET A 39 -5.04 -9.23 -4.56
CA MET A 39 -6.43 -8.78 -4.79
C MET A 39 -7.39 -9.85 -4.33
N GLN A 40 -7.12 -11.03 -4.80
CA GLN A 40 -7.87 -12.22 -4.43
C GLN A 40 -7.67 -12.54 -2.95
N ALA A 41 -6.46 -12.32 -2.47
CA ALA A 41 -6.10 -12.71 -1.10
C ALA A 41 -6.82 -11.87 -0.05
N LEU A 42 -7.04 -10.61 -0.37
CA LEU A 42 -7.68 -9.69 0.56
C LEU A 42 -9.14 -9.47 0.21
N ASN A 43 -9.55 -10.08 -0.90
CA ASN A 43 -10.93 -10.08 -1.40
C ASN A 43 -11.40 -8.70 -1.85
N LEU A 44 -10.67 -8.12 -2.77
CA LEU A 44 -11.07 -6.90 -3.39
C LEU A 44 -11.00 -7.06 -4.90
N ASN A 45 -11.70 -6.23 -5.59
CA ASN A 45 -11.80 -6.26 -7.06
C ASN A 45 -11.53 -4.90 -7.67
N ILE A 46 -11.64 -4.83 -8.97
CA ILE A 46 -11.53 -3.58 -9.69
C ILE A 46 -12.69 -2.66 -9.28
N ASP A 47 -12.38 -1.38 -9.17
CA ASP A 47 -13.31 -0.29 -8.85
C ASP A 47 -13.65 -0.29 -7.35
N ASP A 48 -12.89 -1.06 -6.60
CA ASP A 48 -13.11 -1.18 -5.19
C ASP A 48 -12.41 -0.03 -4.54
N GLU A 49 -12.73 0.22 -3.34
CA GLU A 49 -12.23 1.32 -2.60
C GLU A 49 -11.31 0.82 -1.51
N VAL A 50 -10.12 1.39 -1.38
CA VAL A 50 -9.26 0.97 -0.31
C VAL A 50 -8.90 2.14 0.56
N LYS A 51 -8.53 1.86 1.75
CA LYS A 51 -8.15 2.87 2.67
C LYS A 51 -6.65 2.85 2.90
N ILE A 52 -6.02 3.91 2.52
CA ILE A 52 -4.61 4.08 2.69
C ILE A 52 -4.41 4.86 3.96
N ASP A 53 -3.77 4.26 4.89
CA ASP A 53 -3.49 4.90 6.14
C ASP A 53 -2.02 5.06 6.36
N LEU A 54 -1.61 6.24 6.74
CA LEU A 54 -0.29 6.49 7.05
C LEU A 54 -0.14 6.23 8.53
N VAL A 55 0.75 5.39 8.83
CA VAL A 55 0.97 4.95 10.19
C VAL A 55 2.47 4.85 10.46
N ASP A 56 3.00 5.77 11.26
CA ASP A 56 4.42 5.78 11.69
C ASP A 56 5.38 5.90 10.53
N GLY A 57 4.95 6.59 9.51
CA GLY A 57 5.75 6.78 8.32
C GLY A 57 5.70 5.57 7.41
N LYS A 58 4.73 4.72 7.62
CA LYS A 58 4.55 3.56 6.79
C LYS A 58 3.20 3.69 6.15
N LEU A 59 3.07 3.23 4.94
CA LEU A 59 1.76 3.22 4.31
C LEU A 59 1.14 1.89 4.50
N ILE A 60 0.06 1.92 5.17
CA ILE A 60 -0.67 0.76 5.52
C ILE A 60 -1.89 0.69 4.64
N ILE A 61 -2.01 -0.39 3.95
CA ILE A 61 -3.11 -0.59 3.05
C ILE A 61 -4.15 -1.49 3.70
N GLU A 62 -5.29 -0.91 3.94
CA GLU A 62 -6.40 -1.59 4.53
C GLU A 62 -7.52 -1.54 3.50
N PRO A 63 -8.28 -2.60 3.28
CA PRO A 63 -9.33 -2.55 2.36
C PRO A 63 -10.57 -2.02 3.04
N VAL A 64 -11.50 -1.65 2.28
CA VAL A 64 -12.70 -1.11 2.85
C VAL A 64 -13.69 -2.20 2.84
N ARG A 65 -13.89 -2.72 4.00
CA ARG A 65 -14.62 -3.93 4.16
C ARG A 65 -16.10 -3.75 4.04
N LYS A 66 -16.65 -4.62 3.28
CA LYS A 66 -18.03 -4.71 3.03
C LYS A 66 -18.47 -6.17 3.05
N GLU A 67 -18.95 -6.57 4.17
CA GLU A 67 -19.41 -7.92 4.35
C GLU A 67 -20.91 -7.91 4.32
N ASN B 1 -9.67 -1.92 42.92
CA ASN B 1 -10.38 -1.07 41.97
C ASN B 1 -9.87 -1.38 40.58
N HIS B 2 -10.78 -1.55 39.64
CA HIS B 2 -10.40 -1.76 38.25
C HIS B 2 -10.75 -0.52 37.48
N LYS B 3 -9.96 -0.18 36.49
CA LYS B 3 -10.18 1.03 35.73
C LYS B 3 -10.77 0.69 34.36
N VAL B 4 -11.87 -0.05 34.38
CA VAL B 4 -12.57 -0.45 33.15
C VAL B 4 -13.31 0.74 32.53
N HIS B 5 -13.42 1.81 33.30
CA HIS B 5 -14.01 3.06 32.84
C HIS B 5 -13.08 3.75 31.84
N HIS B 6 -11.80 3.47 31.97
CA HIS B 6 -10.79 4.15 31.18
C HIS B 6 -10.40 3.32 29.98
N HIS B 7 -10.86 3.74 28.83
CA HIS B 7 -10.52 3.10 27.59
C HIS B 7 -9.61 4.03 26.79
N HIS B 8 -8.41 3.59 26.53
CA HIS B 8 -7.45 4.44 25.85
C HIS B 8 -7.42 4.17 24.35
N HIS B 9 -8.04 5.10 23.62
CA HIS B 9 -8.16 5.07 22.14
C HIS B 9 -9.10 3.98 21.64
N HIS B 10 -9.60 4.16 20.45
CA HIS B 10 -10.49 3.20 19.83
C HIS B 10 -9.80 2.49 18.70
N MET B 11 -9.36 1.29 18.97
CA MET B 11 -8.68 0.48 17.99
C MET B 11 -9.69 -0.16 17.06
N SER B 12 -9.83 0.44 15.89
CA SER B 12 -10.73 0.00 14.87
C SER B 12 -10.14 0.32 13.48
N ASP B 13 -9.65 -0.73 12.82
CA ASP B 13 -8.91 -0.61 11.55
C ASP B 13 -9.72 -0.01 10.43
N ASP B 14 -10.92 -0.43 10.33
CA ASP B 14 -11.82 0.02 9.25
C ASP B 14 -12.42 1.36 9.58
N ASP B 15 -12.79 1.53 10.85
CA ASP B 15 -13.49 2.72 11.32
C ASP B 15 -12.65 3.98 11.15
N ASP B 16 -11.36 3.88 11.44
CA ASP B 16 -10.46 5.02 11.30
C ASP B 16 -10.38 5.39 9.83
N LYS B 17 -10.89 6.54 9.50
CA LYS B 17 -11.10 6.95 8.15
C LYS B 17 -9.91 7.69 7.62
N GLY B 18 -8.95 6.92 7.25
CA GLY B 18 -7.75 7.42 6.60
C GLY B 18 -8.02 8.00 5.21
N ILE B 19 -7.31 7.54 4.21
CA ILE B 19 -7.52 8.05 2.85
C ILE B 19 -8.23 6.99 2.02
N HIS B 20 -9.41 7.29 1.52
CA HIS B 20 -10.17 6.35 0.71
C HIS B 20 -9.85 6.55 -0.76
N SER B 21 -9.70 5.47 -1.47
CA SER B 21 -9.26 5.49 -2.85
C SER B 21 -10.15 4.59 -3.69
N SER B 22 -9.60 4.10 -4.78
CA SER B 22 -10.25 3.15 -5.60
C SER B 22 -9.24 2.56 -6.55
N VAL B 23 -9.26 1.26 -6.63
CA VAL B 23 -8.39 0.52 -7.50
C VAL B 23 -9.02 0.49 -8.85
N LYS B 24 -8.42 1.13 -9.78
CA LYS B 24 -9.01 1.18 -11.08
C LYS B 24 -8.24 0.27 -12.03
N ARG B 25 -8.70 0.18 -13.24
CA ARG B 25 -8.10 -0.71 -14.21
C ARG B 25 -7.22 0.06 -15.18
N TRP B 26 -5.94 -0.19 -15.12
CA TRP B 26 -4.99 0.42 -16.04
C TRP B 26 -4.62 -0.68 -17.03
N GLY B 27 -5.25 -0.64 -18.20
CA GLY B 27 -5.05 -1.69 -19.15
C GLY B 27 -5.86 -2.85 -18.71
N ASN B 28 -5.22 -3.95 -18.46
CA ASN B 28 -5.90 -5.10 -17.87
C ASN B 28 -5.35 -5.38 -16.47
N SER B 29 -4.85 -4.36 -15.78
CA SER B 29 -4.21 -4.54 -14.53
C SER B 29 -4.74 -3.57 -13.49
N PRO B 30 -4.92 -4.02 -12.27
CA PRO B 30 -5.34 -3.19 -11.15
C PRO B 30 -4.25 -2.18 -10.75
N ALA B 31 -4.59 -0.91 -10.82
CA ALA B 31 -3.69 0.15 -10.49
C ALA B 31 -4.43 1.16 -9.64
N VAL B 32 -3.81 1.59 -8.60
CA VAL B 32 -4.39 2.58 -7.74
C VAL B 32 -3.57 3.85 -7.88
N ARG B 33 -4.18 4.98 -7.66
CA ARG B 33 -3.46 6.22 -7.73
C ARG B 33 -2.89 6.52 -6.38
N ILE B 34 -1.61 6.69 -6.32
CA ILE B 34 -0.94 7.00 -5.08
C ILE B 34 -0.93 8.53 -4.89
N PRO B 35 -1.36 9.02 -3.71
CA PRO B 35 -1.36 10.45 -3.42
C PRO B 35 0.04 11.05 -3.54
N ALA B 36 0.16 12.06 -4.40
CA ALA B 36 1.44 12.73 -4.66
C ALA B 36 1.98 13.38 -3.39
N THR B 37 1.08 13.70 -2.50
CA THR B 37 1.40 14.25 -1.21
C THR B 37 2.28 13.24 -0.40
N LEU B 38 1.94 11.95 -0.52
CA LEU B 38 2.66 10.90 0.22
C LEU B 38 3.90 10.51 -0.48
N MET B 39 3.86 10.61 -1.77
CA MET B 39 5.05 10.40 -2.62
C MET B 39 6.19 11.25 -2.11
N GLN B 40 5.88 12.51 -1.97
CA GLN B 40 6.80 13.49 -1.42
C GLN B 40 7.14 13.19 0.02
N ALA B 41 6.17 12.70 0.76
CA ALA B 41 6.32 12.47 2.21
C ALA B 41 7.27 11.32 2.52
N LEU B 42 7.25 10.33 1.68
CA LEU B 42 8.09 9.16 1.86
C LEU B 42 9.31 9.19 0.94
N ASN B 43 9.40 10.27 0.17
CA ASN B 43 10.54 10.58 -0.71
C ASN B 43 10.70 9.64 -1.90
N LEU B 44 9.60 9.21 -2.47
CA LEU B 44 9.65 8.42 -3.65
C LEU B 44 9.15 9.21 -4.83
N ASN B 45 9.51 8.76 -6.01
CA ASN B 45 9.14 9.42 -7.27
C ASN B 45 8.63 8.41 -8.29
N ILE B 46 8.33 8.89 -9.48
CA ILE B 46 7.94 8.04 -10.58
C ILE B 46 9.10 7.10 -10.98
N ASP B 47 8.75 5.86 -11.32
CA ASP B 47 9.65 4.80 -11.79
C ASP B 47 10.47 4.23 -10.62
N ASP B 48 10.07 4.59 -9.41
CA ASP B 48 10.76 4.17 -8.24
C ASP B 48 10.25 2.80 -7.91
N GLU B 49 10.91 2.14 -7.08
CA GLU B 49 10.63 0.80 -6.75
C GLU B 49 10.15 0.72 -5.32
N VAL B 50 9.02 0.06 -5.08
CA VAL B 50 8.54 -0.05 -3.72
C VAL B 50 8.39 -1.51 -3.34
N LYS B 51 8.49 -1.80 -2.08
CA LYS B 51 8.35 -3.14 -1.61
C LYS B 51 7.01 -3.31 -0.91
N ILE B 52 6.20 -4.17 -1.45
CA ILE B 52 4.91 -4.48 -0.91
C ILE B 52 5.08 -5.72 -0.06
N ASP B 53 4.89 -5.57 1.20
CA ASP B 53 5.05 -6.66 2.13
C ASP B 53 3.72 -7.03 2.73
N LEU B 54 3.38 -8.29 2.70
CA LEU B 54 2.21 -8.74 3.28
C LEU B 54 2.55 -9.14 4.68
N VAL B 55 1.85 -8.59 5.59
CA VAL B 55 2.11 -8.77 7.00
C VAL B 55 0.80 -8.85 7.75
N ASP B 56 0.46 -10.04 8.25
CA ASP B 56 -0.75 -10.26 9.08
C ASP B 56 -2.02 -10.01 8.31
N GLY B 57 -1.98 -10.23 7.03
CA GLY B 57 -3.13 -9.99 6.19
C GLY B 57 -3.33 -8.52 5.91
N LYS B 58 -2.29 -7.76 6.06
CA LYS B 58 -2.32 -6.36 5.79
C LYS B 58 -1.24 -6.09 4.77
N LEU B 59 -1.50 -5.20 3.86
CA LEU B 59 -0.49 -4.82 2.91
C LEU B 59 0.27 -3.65 3.42
N ILE B 60 1.50 -3.87 3.60
CA ILE B 60 2.37 -2.89 4.14
C ILE B 60 3.27 -2.39 3.03
N ILE B 61 3.23 -1.12 2.84
CA ILE B 61 4.01 -0.49 1.80
C ILE B 61 5.25 0.13 2.39
N GLU B 62 6.36 -0.41 2.00
CA GLU B 62 7.66 0.03 2.42
C GLU B 62 8.37 0.48 1.15
N PRO B 63 9.09 1.60 1.15
CA PRO B 63 9.76 1.99 -0.01
C PRO B 63 11.12 1.34 -0.04
N VAL B 64 11.70 1.32 -1.17
CA VAL B 64 12.98 0.70 -1.29
C VAL B 64 13.98 1.79 -1.17
N ARG B 65 14.61 1.79 -0.06
CA ARG B 65 15.45 2.87 0.31
C ARG B 65 16.78 2.90 -0.37
N LYS B 66 17.08 4.06 -0.82
CA LYS B 66 18.30 4.40 -1.41
C LYS B 66 18.75 5.78 -0.90
N GLU B 67 19.59 5.76 0.09
CA GLU B 67 20.14 6.98 0.63
C GLU B 67 21.49 7.21 0.00
N ASN A 1 23.32 -1.92 -10.42
CA ASN A 1 21.85 -1.99 -10.56
C ASN A 1 21.42 -3.43 -10.73
N HIS A 2 22.07 -4.12 -11.65
CA HIS A 2 21.83 -5.54 -11.81
C HIS A 2 22.88 -6.24 -11.00
N LYS A 3 22.55 -7.34 -10.39
CA LYS A 3 23.54 -8.03 -9.61
C LYS A 3 24.44 -8.85 -10.52
N VAL A 4 25.70 -8.48 -10.53
CA VAL A 4 26.70 -9.07 -11.40
C VAL A 4 26.84 -10.57 -11.16
N HIS A 5 26.87 -11.31 -12.25
CA HIS A 5 27.06 -12.74 -12.18
C HIS A 5 28.53 -13.03 -12.12
N HIS A 6 28.99 -13.18 -10.92
CA HIS A 6 30.36 -13.39 -10.61
C HIS A 6 30.39 -14.29 -9.39
N HIS A 7 31.52 -14.92 -9.12
CA HIS A 7 31.69 -15.82 -7.98
C HIS A 7 31.35 -15.11 -6.67
N HIS A 8 31.64 -13.83 -6.63
CA HIS A 8 31.31 -13.02 -5.49
C HIS A 8 29.99 -12.33 -5.81
N HIS A 9 28.91 -12.90 -5.36
CA HIS A 9 27.58 -12.40 -5.66
C HIS A 9 26.82 -12.23 -4.35
N HIS A 10 26.27 -11.06 -4.15
CA HIS A 10 25.53 -10.75 -2.94
C HIS A 10 24.05 -10.76 -3.21
N MET A 11 23.35 -11.70 -2.64
CA MET A 11 21.94 -11.85 -2.89
C MET A 11 21.09 -11.18 -1.81
N SER A 12 21.01 -9.86 -1.88
CA SER A 12 20.22 -9.07 -0.95
C SER A 12 18.73 -9.41 -1.04
N ASP A 13 18.33 -10.00 -2.17
CA ASP A 13 16.94 -10.37 -2.46
C ASP A 13 16.45 -11.47 -1.53
N ASP A 14 17.38 -12.12 -0.87
CA ASP A 14 17.06 -13.21 0.04
C ASP A 14 16.66 -12.69 1.42
N ASP A 15 17.11 -11.49 1.75
CA ASP A 15 16.80 -10.91 3.06
C ASP A 15 15.44 -10.24 3.04
N ASP A 16 15.02 -9.84 1.88
CA ASP A 16 13.78 -9.14 1.75
C ASP A 16 12.69 -10.13 1.33
N LYS A 17 11.51 -10.00 1.91
CA LYS A 17 10.41 -10.91 1.57
C LYS A 17 9.32 -10.17 0.81
N GLY A 18 9.57 -8.92 0.53
CA GLY A 18 8.59 -8.11 -0.07
C GLY A 18 8.63 -8.24 -1.53
N ILE A 19 7.53 -8.05 -2.10
CA ILE A 19 7.36 -8.10 -3.52
C ILE A 19 7.89 -6.80 -4.09
N HIS A 20 9.00 -6.87 -4.78
CA HIS A 20 9.55 -5.68 -5.39
C HIS A 20 8.70 -5.27 -6.57
N SER A 21 8.42 -4.03 -6.63
CA SER A 21 7.61 -3.44 -7.66
C SER A 21 8.07 -2.03 -7.86
N SER A 22 7.33 -1.24 -8.58
CA SER A 22 7.71 0.11 -8.84
C SER A 22 6.49 0.98 -9.03
N VAL A 23 6.68 2.26 -8.86
CA VAL A 23 5.63 3.25 -9.01
C VAL A 23 5.74 3.84 -10.37
N LYS A 24 4.67 3.90 -11.07
CA LYS A 24 4.67 4.55 -12.35
C LYS A 24 3.56 5.57 -12.40
N ARG A 25 3.50 6.36 -13.42
CA ARG A 25 2.50 7.40 -13.45
C ARG A 25 1.40 7.07 -14.44
N TRP A 26 0.20 6.99 -13.95
CA TRP A 26 -0.98 6.68 -14.71
C TRP A 26 -1.71 7.99 -14.94
N GLY A 27 -1.45 8.61 -16.07
CA GLY A 27 -1.97 9.91 -16.31
C GLY A 27 -1.19 10.87 -15.49
N ASN A 28 -1.85 11.74 -14.77
CA ASN A 28 -1.13 12.60 -13.84
C ASN A 28 -1.07 12.01 -12.42
N SER A 29 -1.48 10.77 -12.24
CA SER A 29 -1.59 10.19 -10.95
C SER A 29 -0.59 9.07 -10.82
N PRO A 30 0.18 9.09 -9.76
CA PRO A 30 1.07 7.98 -9.42
C PRO A 30 0.25 6.72 -9.13
N ALA A 31 0.62 5.63 -9.73
CA ALA A 31 -0.07 4.40 -9.53
C ALA A 31 0.91 3.27 -9.30
N VAL A 32 0.57 2.43 -8.38
CA VAL A 32 1.37 1.27 -8.07
C VAL A 32 0.64 0.04 -8.56
N ARG A 33 1.37 -0.86 -9.15
CA ARG A 33 0.83 -2.08 -9.67
C ARG A 33 0.70 -3.14 -8.57
N ILE A 34 -0.51 -3.54 -8.31
CA ILE A 34 -0.79 -4.55 -7.31
C ILE A 34 -1.00 -5.90 -7.98
N PRO A 35 -0.39 -6.98 -7.44
CA PRO A 35 -0.61 -8.34 -7.92
C PRO A 35 -2.07 -8.74 -7.79
N ALA A 36 -2.66 -9.18 -8.89
CA ALA A 36 -4.08 -9.58 -8.92
C ALA A 36 -4.34 -10.73 -7.96
N THR A 37 -3.33 -11.52 -7.71
CA THR A 37 -3.39 -12.64 -6.80
C THR A 37 -3.77 -12.15 -5.36
N LEU A 38 -3.30 -10.97 -5.00
CA LEU A 38 -3.55 -10.42 -3.66
C LEU A 38 -4.90 -9.81 -3.57
N MET A 39 -5.31 -9.27 -4.67
CA MET A 39 -6.69 -8.74 -4.84
C MET A 39 -7.65 -9.85 -4.48
N GLN A 40 -7.43 -10.99 -5.11
CA GLN A 40 -8.20 -12.19 -4.87
C GLN A 40 -8.05 -12.64 -3.43
N ALA A 41 -6.87 -12.44 -2.87
CA ALA A 41 -6.57 -12.90 -1.51
C ALA A 41 -7.32 -12.09 -0.48
N LEU A 42 -7.55 -10.84 -0.79
CA LEU A 42 -8.21 -9.93 0.10
C LEU A 42 -9.70 -9.80 -0.24
N ASN A 43 -10.11 -10.51 -1.32
CA ASN A 43 -11.51 -10.56 -1.82
C ASN A 43 -11.98 -9.22 -2.38
N LEU A 44 -11.05 -8.34 -2.67
CA LEU A 44 -11.38 -7.07 -3.18
C LEU A 44 -11.22 -7.08 -4.68
N ASN A 45 -11.78 -6.12 -5.32
CA ASN A 45 -11.85 -6.11 -6.75
C ASN A 45 -11.59 -4.75 -7.30
N ILE A 46 -11.54 -4.69 -8.61
CA ILE A 46 -11.40 -3.46 -9.33
C ILE A 46 -12.66 -2.63 -9.08
N ASP A 47 -12.48 -1.33 -8.92
CA ASP A 47 -13.53 -0.33 -8.71
C ASP A 47 -14.00 -0.31 -7.24
N ASP A 48 -13.32 -1.05 -6.39
CA ASP A 48 -13.71 -1.08 -5.01
C ASP A 48 -12.88 -0.06 -4.27
N GLU A 49 -13.34 0.33 -3.13
CA GLU A 49 -12.78 1.41 -2.38
C GLU A 49 -11.85 0.89 -1.30
N VAL A 50 -10.69 1.51 -1.15
CA VAL A 50 -9.73 1.05 -0.18
C VAL A 50 -9.22 2.19 0.69
N LYS A 51 -8.74 1.84 1.85
CA LYS A 51 -8.15 2.77 2.79
C LYS A 51 -6.64 2.86 2.60
N ILE A 52 -6.17 4.02 2.34
CA ILE A 52 -4.76 4.26 2.48
C ILE A 52 -4.60 4.86 3.87
N ASP A 53 -4.30 4.00 4.79
CA ASP A 53 -4.25 4.37 6.18
C ASP A 53 -2.79 4.60 6.52
N LEU A 54 -2.49 5.65 7.23
CA LEU A 54 -1.17 5.98 7.52
C LEU A 54 -0.78 5.40 8.87
N VAL A 55 0.26 4.63 8.84
CA VAL A 55 0.79 3.95 10.01
C VAL A 55 2.32 3.96 9.94
N ASP A 56 2.95 4.45 11.00
CA ASP A 56 4.43 4.49 11.15
C ASP A 56 5.11 5.30 10.06
N GLY A 57 4.35 6.16 9.45
CA GLY A 57 4.86 7.03 8.43
C GLY A 57 4.95 6.38 7.07
N LYS A 58 4.27 5.27 6.87
CA LYS A 58 4.26 4.64 5.58
C LYS A 58 2.85 4.35 5.13
N LEU A 59 2.69 4.03 3.87
CA LEU A 59 1.39 3.82 3.30
C LEU A 59 0.98 2.41 3.53
N ILE A 60 -0.13 2.28 4.10
CA ILE A 60 -0.65 0.99 4.46
C ILE A 60 -1.93 0.75 3.70
N ILE A 61 -2.11 -0.45 3.22
CA ILE A 61 -3.26 -0.79 2.43
C ILE A 61 -4.14 -1.77 3.18
N GLU A 62 -5.26 -1.28 3.57
CA GLU A 62 -6.24 -2.00 4.30
C GLU A 62 -7.53 -1.68 3.57
N PRO A 63 -8.36 -2.66 3.24
CA PRO A 63 -9.48 -2.41 2.41
C PRO A 63 -10.66 -1.86 3.18
N VAL A 64 -11.64 -1.43 2.47
CA VAL A 64 -12.81 -0.92 3.08
C VAL A 64 -13.81 -2.02 3.03
N ARG A 65 -14.22 -2.46 4.16
CA ARG A 65 -15.15 -3.55 4.23
C ARG A 65 -16.55 -3.06 3.96
N LYS A 66 -17.22 -3.73 3.07
CA LYS A 66 -18.57 -3.41 2.77
C LYS A 66 -19.43 -4.25 3.64
N GLU A 67 -19.81 -3.65 4.69
CA GLU A 67 -20.51 -4.26 5.72
C GLU A 67 -21.56 -3.27 6.14
N ASN B 1 -25.61 4.32 -0.70
CA ASN B 1 -24.19 4.48 -1.06
C ASN B 1 -23.72 5.83 -0.61
N HIS B 2 -24.31 6.87 -1.15
CA HIS B 2 -24.01 8.23 -0.78
C HIS B 2 -24.75 8.50 0.51
N LYS B 3 -24.13 9.17 1.44
CA LYS B 3 -24.77 9.42 2.72
C LYS B 3 -25.89 10.44 2.58
N VAL B 4 -27.07 10.03 3.00
CA VAL B 4 -28.29 10.81 2.85
C VAL B 4 -28.22 12.12 3.63
N HIS B 5 -28.61 13.19 2.98
CA HIS B 5 -28.66 14.48 3.62
C HIS B 5 -30.00 14.61 4.29
N HIS B 6 -30.01 14.24 5.52
CA HIS B 6 -31.18 14.21 6.34
C HIS B 6 -30.71 14.51 7.75
N HIS B 7 -31.65 14.88 8.62
CA HIS B 7 -31.35 15.21 10.01
C HIS B 7 -30.67 14.05 10.70
N HIS B 8 -31.04 12.86 10.31
CA HIS B 8 -30.41 11.67 10.80
C HIS B 8 -29.34 11.30 9.81
N HIS B 9 -28.12 11.61 10.13
CA HIS B 9 -27.00 11.41 9.24
C HIS B 9 -25.85 10.79 10.00
N HIS B 10 -25.36 9.68 9.50
CA HIS B 10 -24.27 8.99 10.16
C HIS B 10 -22.98 9.22 9.41
N MET B 11 -22.09 9.95 10.01
CA MET B 11 -20.82 10.27 9.38
C MET B 11 -19.73 9.32 9.84
N SER B 12 -19.69 8.16 9.22
CA SER B 12 -18.71 7.14 9.52
C SER B 12 -17.29 7.60 9.08
N ASP B 13 -17.24 8.66 8.27
CA ASP B 13 -15.99 9.20 7.70
C ASP B 13 -15.15 9.83 8.79
N ASP B 14 -15.79 10.16 9.89
CA ASP B 14 -15.12 10.79 11.03
C ASP B 14 -14.30 9.78 11.81
N ASP B 15 -14.77 8.55 11.84
CA ASP B 15 -14.11 7.48 12.57
C ASP B 15 -12.83 7.07 11.88
N ASP B 16 -12.88 7.02 10.57
CA ASP B 16 -11.76 6.56 9.80
C ASP B 16 -10.80 7.71 9.52
N LYS B 17 -9.52 7.44 9.51
CA LYS B 17 -8.51 8.47 9.26
C LYS B 17 -7.78 8.18 7.95
N GLY B 18 -8.19 7.16 7.25
CA GLY B 18 -7.51 6.75 6.11
C GLY B 18 -8.08 7.36 4.91
N ILE B 19 -7.23 7.66 4.01
CA ILE B 19 -7.57 8.27 2.74
C ILE B 19 -8.35 7.26 1.92
N HIS B 20 -9.61 7.53 1.68
CA HIS B 20 -10.38 6.63 0.87
C HIS B 20 -10.02 6.81 -0.60
N SER B 21 -9.78 5.71 -1.24
CA SER B 21 -9.43 5.65 -2.63
C SER B 21 -10.08 4.44 -3.24
N SER B 22 -9.68 4.08 -4.42
CA SER B 22 -10.23 2.93 -5.06
C SER B 22 -9.21 2.33 -6.00
N VAL B 23 -9.39 1.06 -6.30
CA VAL B 23 -8.51 0.32 -7.17
C VAL B 23 -9.11 0.32 -8.53
N LYS B 24 -8.33 0.59 -9.51
CA LYS B 24 -8.81 0.53 -10.88
C LYS B 24 -7.85 -0.30 -11.69
N ARG B 25 -8.19 -0.64 -12.90
CA ARG B 25 -7.33 -1.51 -13.68
C ARG B 25 -6.60 -0.72 -14.75
N TRP B 26 -5.30 -0.70 -14.65
CA TRP B 26 -4.44 0.00 -15.58
C TRP B 26 -3.91 -1.05 -16.54
N GLY B 27 -4.54 -1.14 -17.68
CA GLY B 27 -4.20 -2.17 -18.62
C GLY B 27 -4.69 -3.48 -18.07
N ASN B 28 -3.82 -4.44 -17.97
CA ASN B 28 -4.19 -5.70 -17.33
C ASN B 28 -3.72 -5.77 -15.87
N SER B 29 -3.35 -4.65 -15.30
CA SER B 29 -2.79 -4.64 -14.00
C SER B 29 -3.63 -3.76 -13.07
N PRO B 30 -4.07 -4.31 -11.94
CA PRO B 30 -4.72 -3.52 -10.90
C PRO B 30 -3.77 -2.45 -10.39
N ALA B 31 -4.20 -1.22 -10.38
CA ALA B 31 -3.39 -0.15 -9.94
C ALA B 31 -4.13 0.74 -8.96
N VAL B 32 -3.45 1.15 -7.94
CA VAL B 32 -4.01 2.02 -6.94
C VAL B 32 -3.38 3.40 -7.10
N ARG B 33 -4.20 4.41 -7.00
CA ARG B 33 -3.79 5.78 -7.10
C ARG B 33 -3.24 6.29 -5.78
N ILE B 34 -2.00 6.67 -5.78
CA ILE B 34 -1.34 7.19 -4.61
C ILE B 34 -1.27 8.72 -4.73
N PRO B 35 -1.60 9.46 -3.65
CA PRO B 35 -1.46 10.91 -3.62
C PRO B 35 0.01 11.32 -3.80
N ALA B 36 0.26 12.17 -4.79
CA ALA B 36 1.63 12.60 -5.11
C ALA B 36 2.30 13.29 -3.93
N THR B 37 1.50 13.89 -3.10
CA THR B 37 1.94 14.56 -1.90
C THR B 37 2.69 13.59 -0.95
N LEU B 38 2.25 12.34 -0.93
CA LEU B 38 2.85 11.32 -0.07
C LEU B 38 4.11 10.81 -0.64
N MET B 39 4.16 10.79 -1.93
CA MET B 39 5.39 10.43 -2.63
C MET B 39 6.48 11.36 -2.20
N GLN B 40 6.15 12.63 -2.23
CA GLN B 40 7.02 13.70 -1.83
C GLN B 40 7.39 13.57 -0.36
N ALA B 41 6.44 13.10 0.42
CA ALA B 41 6.65 12.95 1.86
C ALA B 41 7.63 11.82 2.14
N LEU B 42 7.59 10.81 1.30
CA LEU B 42 8.45 9.67 1.44
C LEU B 42 9.70 9.80 0.57
N ASN B 43 9.77 10.92 -0.16
CA ASN B 43 10.91 11.28 -1.03
C ASN B 43 11.15 10.28 -2.16
N LEU B 44 10.10 9.58 -2.54
CA LEU B 44 10.17 8.62 -3.58
C LEU B 44 9.50 9.20 -4.80
N ASN B 45 9.82 8.66 -5.93
CA ASN B 45 9.38 9.22 -7.19
C ASN B 45 8.88 8.16 -8.13
N ILE B 46 8.40 8.61 -9.26
CA ILE B 46 7.94 7.75 -10.31
C ILE B 46 9.16 6.99 -10.87
N ASP B 47 8.94 5.72 -11.19
CA ASP B 47 9.93 4.79 -11.76
C ASP B 47 10.79 4.16 -10.66
N ASP B 48 10.50 4.49 -9.42
CA ASP B 48 11.29 3.98 -8.35
C ASP B 48 10.66 2.70 -7.87
N GLU B 49 11.45 1.91 -7.24
CA GLU B 49 11.11 0.58 -6.84
C GLU B 49 10.64 0.58 -5.38
N VAL B 50 9.55 -0.11 -5.10
CA VAL B 50 9.02 -0.14 -3.77
C VAL B 50 8.72 -1.58 -3.32
N LYS B 51 8.72 -1.79 -2.03
CA LYS B 51 8.39 -3.07 -1.43
C LYS B 51 6.92 -3.17 -1.12
N ILE B 52 6.26 -4.13 -1.69
CA ILE B 52 4.97 -4.50 -1.22
C ILE B 52 5.24 -5.63 -0.24
N ASP B 53 5.31 -5.26 1.01
CA ASP B 53 5.67 -6.20 2.03
C ASP B 53 4.39 -6.65 2.68
N LEU B 54 4.32 -7.88 3.08
CA LEU B 54 3.15 -8.40 3.60
C LEU B 54 3.25 -8.48 5.10
N VAL B 55 2.31 -7.86 5.74
CA VAL B 55 2.24 -7.80 7.21
C VAL B 55 0.79 -7.89 7.61
N ASP B 56 0.49 -8.77 8.58
CA ASP B 56 -0.87 -8.95 9.14
C ASP B 56 -1.90 -9.34 8.09
N GLY B 57 -1.43 -9.87 7.00
CA GLY B 57 -2.31 -10.30 5.95
C GLY B 57 -2.69 -9.20 4.97
N LYS B 58 -2.17 -7.99 5.18
CA LYS B 58 -2.51 -6.89 4.30
C LYS B 58 -1.30 -6.33 3.58
N LEU B 59 -1.56 -5.53 2.58
CA LEU B 59 -0.50 -4.98 1.75
C LEU B 59 0.06 -3.77 2.38
N ILE B 60 1.31 -3.79 2.54
CA ILE B 60 2.02 -2.73 3.20
C ILE B 60 2.99 -2.10 2.22
N ILE B 61 3.08 -0.79 2.24
CA ILE B 61 3.94 -0.09 1.32
C ILE B 61 5.07 0.56 2.06
N GLU B 62 6.24 0.08 1.79
CA GLU B 62 7.44 0.54 2.38
C GLU B 62 8.41 0.66 1.21
N PRO B 63 9.15 1.76 1.05
CA PRO B 63 9.92 1.96 -0.12
C PRO B 63 11.22 1.20 -0.08
N VAL B 64 11.89 1.19 -1.18
CA VAL B 64 13.16 0.54 -1.24
C VAL B 64 14.18 1.62 -1.13
N ARG B 65 14.93 1.56 -0.10
CA ARG B 65 15.94 2.54 0.12
C ARG B 65 17.14 2.29 -0.73
N LYS B 66 17.49 3.28 -1.49
CA LYS B 66 18.62 3.21 -2.34
C LYS B 66 19.76 3.79 -1.58
N GLU B 67 20.47 2.92 -1.00
CA GLU B 67 21.53 3.25 -0.12
C GLU B 67 22.77 2.52 -0.60
N ASN A 1 12.53 9.63 20.70
CA ASN A 1 13.29 10.89 20.72
C ASN A 1 14.74 10.64 21.10
N HIS A 2 14.99 10.18 22.32
CA HIS A 2 16.36 10.03 22.78
C HIS A 2 16.94 8.66 22.45
N LYS A 3 18.19 8.64 22.14
CA LYS A 3 18.90 7.43 21.90
C LYS A 3 20.16 7.48 22.75
N VAL A 4 20.04 6.98 23.95
CA VAL A 4 21.16 6.95 24.90
C VAL A 4 21.26 5.57 25.53
N HIS A 5 20.41 4.68 25.08
CA HIS A 5 20.32 3.33 25.57
C HIS A 5 19.40 2.62 24.59
N HIS A 6 19.27 1.30 24.73
CA HIS A 6 18.41 0.47 23.87
C HIS A 6 18.97 0.32 22.47
N HIS A 7 19.32 -0.87 22.10
CA HIS A 7 19.76 -1.12 20.77
C HIS A 7 18.57 -1.43 19.91
N HIS A 8 17.94 -0.37 19.45
CA HIS A 8 16.76 -0.47 18.64
C HIS A 8 17.07 -0.13 17.21
N HIS A 9 16.63 -0.96 16.33
CA HIS A 9 16.90 -0.77 14.94
C HIS A 9 15.60 -0.86 14.17
N HIS A 10 15.26 0.22 13.50
CA HIS A 10 14.08 0.20 12.67
C HIS A 10 14.46 -0.39 11.32
N MET A 11 13.46 -0.76 10.53
CA MET A 11 13.66 -1.46 9.26
C MET A 11 13.95 -2.93 9.49
N SER A 12 12.91 -3.60 9.88
CA SER A 12 12.89 -5.05 10.11
C SER A 12 11.46 -5.53 9.81
N ASP A 13 10.56 -4.59 9.90
CA ASP A 13 9.15 -4.68 9.64
C ASP A 13 8.88 -4.60 8.13
N ASP A 14 9.88 -4.16 7.44
CA ASP A 14 9.85 -3.95 5.99
C ASP A 14 10.72 -5.02 5.32
N ASP A 15 11.21 -5.94 6.15
CA ASP A 15 12.19 -6.98 5.78
C ASP A 15 11.89 -7.73 4.48
N ASP A 16 10.68 -8.22 4.30
CA ASP A 16 10.40 -9.06 3.14
C ASP A 16 10.24 -8.22 1.90
N LYS A 17 10.82 -8.68 0.82
CA LYS A 17 10.81 -7.97 -0.44
C LYS A 17 10.50 -8.92 -1.58
N GLY A 18 9.78 -9.97 -1.26
CA GLY A 18 9.38 -10.94 -2.27
C GLY A 18 8.51 -10.29 -3.30
N ILE A 19 7.58 -9.47 -2.87
CA ILE A 19 6.77 -8.74 -3.78
C ILE A 19 7.35 -7.36 -3.92
N HIS A 20 8.19 -7.20 -4.89
CA HIS A 20 8.78 -5.93 -5.16
C HIS A 20 8.28 -5.41 -6.49
N SER A 21 7.97 -4.17 -6.51
CA SER A 21 7.43 -3.51 -7.66
C SER A 21 7.89 -2.06 -7.64
N SER A 22 7.23 -1.21 -8.38
CA SER A 22 7.61 0.16 -8.44
C SER A 22 6.38 1.00 -8.80
N VAL A 23 6.51 2.28 -8.68
CA VAL A 23 5.43 3.20 -8.98
C VAL A 23 5.61 3.70 -10.38
N LYS A 24 4.60 3.64 -11.19
CA LYS A 24 4.72 4.19 -12.51
C LYS A 24 3.74 5.32 -12.68
N ARG A 25 3.83 6.02 -13.77
CA ARG A 25 2.99 7.17 -14.00
C ARG A 25 1.81 6.80 -14.89
N TRP A 26 0.65 6.72 -14.31
CA TRP A 26 -0.56 6.44 -15.04
C TRP A 26 -1.17 7.78 -15.41
N GLY A 27 -0.83 8.24 -16.60
CA GLY A 27 -1.27 9.53 -17.03
C GLY A 27 -0.43 10.56 -16.33
N ASN A 28 -1.05 11.39 -15.55
CA ASN A 28 -0.31 12.34 -14.75
C ASN A 28 -0.41 12.02 -13.26
N SER A 29 -0.60 10.75 -12.90
CA SER A 29 -0.73 10.38 -11.54
C SER A 29 0.02 9.08 -11.27
N PRO A 30 0.81 9.03 -10.22
CA PRO A 30 1.54 7.83 -9.81
C PRO A 30 0.60 6.67 -9.45
N ALA A 31 0.85 5.52 -10.02
CA ALA A 31 0.06 4.36 -9.79
C ALA A 31 0.95 3.14 -9.63
N VAL A 32 0.60 2.29 -8.70
CA VAL A 32 1.30 1.04 -8.50
C VAL A 32 0.41 -0.10 -8.92
N ARG A 33 1.01 -1.12 -9.46
CA ARG A 33 0.28 -2.28 -9.92
C ARG A 33 0.13 -3.28 -8.80
N ILE A 34 -1.09 -3.62 -8.49
CA ILE A 34 -1.36 -4.58 -7.47
C ILE A 34 -1.44 -5.95 -8.11
N PRO A 35 -0.66 -6.93 -7.64
CA PRO A 35 -0.67 -8.27 -8.19
C PRO A 35 -2.06 -8.93 -8.08
N ALA A 36 -2.52 -9.50 -9.18
CA ALA A 36 -3.83 -10.15 -9.27
C ALA A 36 -3.94 -11.28 -8.26
N THR A 37 -2.80 -11.88 -7.96
CA THR A 37 -2.70 -12.94 -6.98
C THR A 37 -3.16 -12.42 -5.59
N LEU A 38 -2.83 -11.17 -5.30
CA LEU A 38 -3.16 -10.55 -4.01
C LEU A 38 -4.54 -10.04 -4.01
N MET A 39 -4.97 -9.62 -5.16
CA MET A 39 -6.36 -9.21 -5.37
C MET A 39 -7.29 -10.31 -4.92
N GLN A 40 -7.02 -11.48 -5.41
CA GLN A 40 -7.73 -12.68 -5.04
C GLN A 40 -7.49 -13.04 -3.58
N ALA A 41 -6.27 -12.80 -3.13
CA ALA A 41 -5.88 -13.23 -1.78
C ALA A 41 -6.60 -12.41 -0.71
N LEU A 42 -6.80 -11.16 -1.00
CA LEU A 42 -7.43 -10.25 -0.08
C LEU A 42 -8.91 -10.08 -0.40
N ASN A 43 -9.33 -10.79 -1.43
CA ASN A 43 -10.74 -10.87 -1.89
C ASN A 43 -11.31 -9.56 -2.39
N LEU A 44 -10.48 -8.73 -2.97
CA LEU A 44 -10.94 -7.48 -3.48
C LEU A 44 -11.09 -7.55 -4.99
N ASN A 45 -11.83 -6.63 -5.53
CA ASN A 45 -12.04 -6.52 -6.97
C ASN A 45 -11.67 -5.14 -7.47
N ILE A 46 -11.82 -4.93 -8.74
CA ILE A 46 -11.60 -3.63 -9.33
C ILE A 46 -12.66 -2.63 -8.83
N ASP A 47 -12.18 -1.40 -8.59
CA ASP A 47 -12.96 -0.24 -8.12
C ASP A 47 -13.37 -0.43 -6.68
N ASP A 48 -12.59 -1.23 -5.99
CA ASP A 48 -12.83 -1.53 -4.60
C ASP A 48 -12.19 -0.45 -3.80
N GLU A 49 -12.91 0.01 -2.84
CA GLU A 49 -12.53 1.10 -1.99
C GLU A 49 -11.44 0.65 -1.00
N VAL A 50 -10.39 1.46 -0.86
CA VAL A 50 -9.31 1.10 0.03
C VAL A 50 -8.92 2.26 0.93
N LYS A 51 -8.46 1.93 2.09
CA LYS A 51 -7.99 2.90 3.06
C LYS A 51 -6.48 2.94 3.08
N ILE A 52 -5.94 4.13 3.00
CA ILE A 52 -4.51 4.35 3.03
C ILE A 52 -4.20 5.19 4.28
N ASP A 53 -3.45 4.64 5.19
CA ASP A 53 -3.04 5.39 6.38
C ASP A 53 -1.55 5.32 6.48
N LEU A 54 -0.93 6.40 6.85
CA LEU A 54 0.45 6.44 6.93
C LEU A 54 0.83 6.14 8.36
N VAL A 55 1.66 5.17 8.50
CA VAL A 55 2.13 4.71 9.80
C VAL A 55 3.59 4.35 9.69
N ASP A 56 4.45 5.16 10.29
CA ASP A 56 5.92 4.95 10.30
C ASP A 56 6.48 4.71 8.89
N GLY A 57 6.32 5.72 8.05
CA GLY A 57 6.82 5.67 6.68
C GLY A 57 6.08 4.69 5.76
N LYS A 58 5.13 3.94 6.30
CA LYS A 58 4.43 2.93 5.52
C LYS A 58 3.14 3.47 5.02
N LEU A 59 2.81 3.10 3.82
CA LEU A 59 1.49 3.30 3.32
C LEU A 59 0.76 2.05 3.67
N ILE A 60 0.02 2.15 4.69
CA ILE A 60 -0.70 1.04 5.25
C ILE A 60 -2.00 0.89 4.48
N ILE A 61 -2.24 -0.31 4.02
CA ILE A 61 -3.35 -0.56 3.12
C ILE A 61 -4.22 -1.67 3.67
N GLU A 62 -5.46 -1.37 3.86
CA GLU A 62 -6.49 -2.31 4.28
C GLU A 62 -7.63 -2.10 3.30
N PRO A 63 -8.25 -3.16 2.79
CA PRO A 63 -9.29 -3.02 1.84
C PRO A 63 -10.58 -2.79 2.56
N VAL A 64 -11.46 -2.20 1.91
CA VAL A 64 -12.69 -1.85 2.57
C VAL A 64 -13.75 -2.70 2.00
N ARG A 65 -13.97 -3.77 2.65
CA ARG A 65 -14.93 -4.70 2.20
C ARG A 65 -16.27 -4.30 2.75
N LYS A 66 -17.27 -4.36 1.94
CA LYS A 66 -18.57 -3.99 2.35
C LYS A 66 -19.22 -5.16 2.96
N GLU A 67 -19.11 -5.16 4.23
CA GLU A 67 -19.52 -6.20 5.09
C GLU A 67 -20.44 -5.61 6.11
N ASN B 1 -5.61 -18.39 17.74
CA ASN B 1 -6.43 -19.59 17.46
C ASN B 1 -7.62 -19.66 18.40
N HIS B 2 -7.36 -19.70 19.70
CA HIS B 2 -8.44 -19.81 20.64
C HIS B 2 -9.00 -18.45 21.02
N LYS B 3 -10.24 -18.44 21.37
CA LYS B 3 -10.90 -17.27 21.85
C LYS B 3 -11.82 -17.74 22.96
N VAL B 4 -11.26 -17.83 24.15
CA VAL B 4 -11.99 -18.28 25.32
C VAL B 4 -11.78 -17.30 26.47
N HIS B 5 -11.13 -16.21 26.15
CA HIS B 5 -10.78 -15.17 27.09
C HIS B 5 -10.18 -14.06 26.24
N HIS B 6 -9.90 -12.91 26.86
CA HIS B 6 -9.26 -11.76 26.21
C HIS B 6 -10.20 -11.07 25.24
N HIS B 7 -10.56 -9.85 25.53
CA HIS B 7 -11.41 -9.10 24.65
C HIS B 7 -10.59 -8.34 23.64
N HIS B 8 -10.14 -9.07 22.66
CA HIS B 8 -9.34 -8.54 21.59
C HIS B 8 -10.22 -8.29 20.38
N HIS B 9 -9.95 -7.25 19.69
CA HIS B 9 -10.73 -6.89 18.54
C HIS B 9 -9.79 -6.45 17.42
N HIS B 10 -9.72 -7.23 16.37
CA HIS B 10 -8.92 -6.83 15.22
C HIS B 10 -9.67 -5.73 14.48
N MET B 11 -8.95 -4.98 13.68
CA MET B 11 -9.46 -3.79 13.00
C MET B 11 -9.52 -2.60 13.92
N SER B 12 -8.37 -2.11 14.22
CA SER B 12 -8.19 -0.90 15.02
C SER B 12 -6.96 -0.16 14.50
N ASP B 13 -6.17 -0.91 13.80
CA ASP B 13 -4.95 -0.54 13.13
C ASP B 13 -5.24 0.04 11.75
N ASP B 14 -6.45 -0.16 11.31
CA ASP B 14 -6.96 0.25 9.99
C ASP B 14 -7.90 1.44 10.17
N ASP B 15 -7.99 1.89 11.41
CA ASP B 15 -8.94 2.92 11.89
C ASP B 15 -9.04 4.16 10.99
N ASP B 16 -7.93 4.71 10.59
CA ASP B 16 -7.97 5.96 9.87
C ASP B 16 -8.36 5.74 8.40
N LYS B 17 -9.13 6.66 7.88
CA LYS B 17 -9.58 6.58 6.51
C LYS B 17 -9.58 7.95 5.86
N GLY B 18 -8.67 8.81 6.33
CA GLY B 18 -8.55 10.15 5.80
C GLY B 18 -8.16 10.12 4.34
N ILE B 19 -7.32 9.18 3.99
CA ILE B 19 -6.95 8.97 2.63
C ILE B 19 -7.63 7.71 2.16
N HIS B 20 -8.74 7.87 1.49
CA HIS B 20 -9.45 6.74 0.97
C HIS B 20 -9.51 6.80 -0.53
N SER B 21 -9.20 5.72 -1.13
CA SER B 21 -9.14 5.63 -2.56
C SER B 21 -9.76 4.33 -2.99
N SER B 22 -9.45 3.91 -4.19
CA SER B 22 -9.96 2.71 -4.73
C SER B 22 -9.00 2.20 -5.80
N VAL B 23 -9.12 0.96 -6.16
CA VAL B 23 -8.26 0.34 -7.15
C VAL B 23 -8.94 0.47 -8.47
N LYS B 24 -8.25 0.85 -9.48
CA LYS B 24 -8.86 0.88 -10.77
C LYS B 24 -8.08 -0.01 -11.71
N ARG B 25 -8.56 -0.19 -12.91
CA ARG B 25 -7.91 -1.09 -13.82
C ARG B 25 -7.11 -0.32 -14.85
N TRP B 26 -5.82 -0.35 -14.70
CA TRP B 26 -4.91 0.30 -15.62
C TRP B 26 -4.57 -0.71 -16.69
N GLY B 27 -5.32 -0.66 -17.76
CA GLY B 27 -5.16 -1.61 -18.82
C GLY B 27 -5.74 -2.92 -18.40
N ASN B 28 -4.90 -3.91 -18.27
CA ASN B 28 -5.33 -5.20 -17.79
C ASN B 28 -4.69 -5.54 -16.44
N SER B 29 -4.39 -4.53 -15.62
CA SER B 29 -3.79 -4.75 -14.34
C SER B 29 -4.34 -3.73 -13.34
N PRO B 30 -4.74 -4.18 -12.16
CA PRO B 30 -5.23 -3.29 -11.10
C PRO B 30 -4.13 -2.33 -10.61
N ALA B 31 -4.47 -1.07 -10.53
CA ALA B 31 -3.56 -0.06 -10.11
C ALA B 31 -4.26 0.91 -9.17
N VAL B 32 -3.54 1.35 -8.17
CA VAL B 32 -4.06 2.35 -7.26
C VAL B 32 -3.30 3.63 -7.45
N ARG B 33 -3.97 4.72 -7.27
CA ARG B 33 -3.38 6.02 -7.40
C ARG B 33 -2.78 6.46 -6.10
N ILE B 34 -1.51 6.77 -6.12
CA ILE B 34 -0.84 7.24 -4.95
C ILE B 34 -0.86 8.76 -4.98
N PRO B 35 -1.40 9.40 -3.92
CA PRO B 35 -1.48 10.85 -3.84
C PRO B 35 -0.10 11.50 -3.93
N ALA B 36 0.02 12.52 -4.78
CA ALA B 36 1.27 13.23 -5.02
C ALA B 36 1.80 13.85 -3.73
N THR B 37 0.89 14.17 -2.85
CA THR B 37 1.18 14.71 -1.54
C THR B 37 2.07 13.72 -0.74
N LEU B 38 1.76 12.43 -0.86
CA LEU B 38 2.45 11.38 -0.13
C LEU B 38 3.72 11.03 -0.80
N MET B 39 3.71 11.14 -2.09
CA MET B 39 4.92 10.98 -2.91
C MET B 39 6.02 11.89 -2.38
N GLN B 40 5.64 13.10 -2.18
CA GLN B 40 6.50 14.12 -1.61
C GLN B 40 6.80 13.84 -0.14
N ALA B 41 5.83 13.29 0.55
CA ALA B 41 5.93 13.10 1.99
C ALA B 41 6.87 11.95 2.34
N LEU B 42 6.93 10.99 1.46
CA LEU B 42 7.76 9.84 1.65
C LEU B 42 9.04 9.93 0.82
N ASN B 43 9.13 11.03 0.06
CA ASN B 43 10.32 11.39 -0.74
C ASN B 43 10.58 10.40 -1.89
N LEU B 44 9.54 9.93 -2.51
CA LEU B 44 9.71 9.04 -3.60
C LEU B 44 9.33 9.72 -4.90
N ASN B 45 9.85 9.17 -5.97
CA ASN B 45 9.58 9.66 -7.33
C ASN B 45 8.92 8.58 -8.17
N ILE B 46 8.69 8.88 -9.40
CA ILE B 46 8.18 7.92 -10.34
C ILE B 46 9.26 6.87 -10.67
N ASP B 47 8.83 5.63 -10.77
CA ASP B 47 9.64 4.42 -11.04
C ASP B 47 10.49 4.07 -9.84
N ASP B 48 10.01 4.49 -8.69
CA ASP B 48 10.66 4.23 -7.43
C ASP B 48 10.27 2.84 -7.04
N GLU B 49 11.24 2.05 -6.75
CA GLU B 49 11.07 0.70 -6.36
C GLU B 49 10.41 0.63 -4.98
N VAL B 50 9.40 -0.22 -4.83
CA VAL B 50 8.70 -0.32 -3.57
C VAL B 50 8.51 -1.79 -3.18
N LYS B 51 8.56 -2.04 -1.88
CA LYS B 51 8.37 -3.38 -1.35
C LYS B 51 6.95 -3.51 -0.84
N ILE B 52 6.31 -4.59 -1.21
CA ILE B 52 4.96 -4.87 -0.81
C ILE B 52 4.98 -6.15 -0.01
N ASP B 53 4.66 -6.08 1.25
CA ASP B 53 4.63 -7.29 2.05
C ASP B 53 3.27 -7.41 2.67
N LEU B 54 2.75 -8.61 2.75
CA LEU B 54 1.49 -8.83 3.28
C LEU B 54 1.66 -9.16 4.73
N VAL B 55 0.98 -8.42 5.54
CA VAL B 55 1.02 -8.60 6.99
C VAL B 55 -0.35 -8.37 7.57
N ASP B 56 -1.01 -9.45 7.94
CA ASP B 56 -2.36 -9.45 8.56
C ASP B 56 -3.37 -8.66 7.73
N GLY B 57 -3.59 -9.15 6.52
CA GLY B 57 -4.56 -8.56 5.60
C GLY B 57 -4.14 -7.21 5.02
N LYS B 58 -2.96 -6.74 5.37
CA LYS B 58 -2.51 -5.44 4.91
C LYS B 58 -1.49 -5.58 3.83
N LEU B 59 -1.55 -4.70 2.90
CA LEU B 59 -0.49 -4.54 1.94
C LEU B 59 0.40 -3.49 2.52
N ILE B 60 1.42 -3.95 3.10
CA ILE B 60 2.37 -3.11 3.78
C ILE B 60 3.34 -2.57 2.76
N ILE B 61 3.48 -1.27 2.76
CA ILE B 61 4.25 -0.59 1.74
C ILE B 61 5.32 0.26 2.38
N GLU B 62 6.53 0.00 2.01
CA GLU B 62 7.70 0.75 2.41
C GLU B 62 8.42 1.03 1.11
N PRO B 63 8.93 2.24 0.88
CA PRO B 63 9.56 2.56 -0.34
C PRO B 63 10.97 2.03 -0.32
N VAL B 64 11.61 2.06 -1.39
CA VAL B 64 12.95 1.59 -1.41
C VAL B 64 13.83 2.68 -1.91
N ARG B 65 14.33 3.40 -0.99
CA ARG B 65 15.18 4.49 -1.30
C ARG B 65 16.59 3.96 -1.42
N LYS B 66 17.31 4.43 -2.39
CA LYS B 66 18.62 3.92 -2.61
C LYS B 66 19.61 4.70 -1.81
N GLU B 67 19.87 4.15 -0.68
CA GLU B 67 20.67 4.73 0.34
C GLU B 67 21.68 3.69 0.81
N ASN A 1 30.71 -6.97 -17.58
CA ASN A 1 30.03 -5.93 -18.36
C ASN A 1 30.07 -4.64 -17.58
N HIS A 2 30.34 -3.54 -18.25
CA HIS A 2 30.47 -2.26 -17.54
C HIS A 2 29.46 -1.22 -18.08
N LYS A 3 29.05 -1.37 -19.31
CA LYS A 3 28.14 -0.40 -19.92
C LYS A 3 26.70 -0.81 -19.70
N VAL A 4 26.48 -2.09 -19.55
CA VAL A 4 25.18 -2.65 -19.29
C VAL A 4 25.31 -3.65 -18.17
N HIS A 5 24.24 -3.84 -17.39
CA HIS A 5 24.22 -4.79 -16.24
C HIS A 5 25.17 -4.34 -15.12
N HIS A 6 25.55 -3.08 -15.16
CA HIS A 6 26.45 -2.46 -14.20
C HIS A 6 25.64 -1.82 -13.09
N HIS A 7 24.53 -1.22 -13.47
CA HIS A 7 23.63 -0.57 -12.53
C HIS A 7 22.46 -1.46 -12.23
N HIS A 8 22.60 -2.70 -12.61
CA HIS A 8 21.60 -3.69 -12.36
C HIS A 8 21.82 -4.21 -10.95
N HIS A 9 20.85 -4.00 -10.11
CA HIS A 9 20.94 -4.42 -8.72
C HIS A 9 20.69 -5.91 -8.62
N HIS A 10 21.77 -6.65 -8.58
CA HIS A 10 21.71 -8.11 -8.52
C HIS A 10 21.35 -8.56 -7.13
N MET A 11 21.86 -7.88 -6.14
CA MET A 11 21.63 -8.27 -4.79
C MET A 11 20.56 -7.42 -4.14
N SER A 12 19.40 -7.99 -4.05
CA SER A 12 18.28 -7.43 -3.33
C SER A 12 17.68 -8.58 -2.53
N ASP A 13 18.51 -9.59 -2.34
CA ASP A 13 18.12 -10.86 -1.74
C ASP A 13 17.73 -10.70 -0.29
N ASP A 14 18.36 -9.77 0.36
CA ASP A 14 18.09 -9.50 1.77
C ASP A 14 17.15 -8.31 1.89
N ASP A 15 17.15 -7.51 0.87
CA ASP A 15 16.42 -6.26 0.83
C ASP A 15 14.92 -6.46 0.53
N ASP A 16 14.63 -7.22 -0.50
CA ASP A 16 13.24 -7.42 -0.88
C ASP A 16 12.60 -8.55 -0.09
N LYS A 17 11.98 -8.17 1.01
CA LYS A 17 11.22 -9.11 1.85
C LYS A 17 9.89 -9.43 1.15
N GLY A 18 9.42 -8.51 0.37
CA GLY A 18 8.20 -8.70 -0.32
C GLY A 18 8.43 -8.62 -1.80
N ILE A 19 7.38 -8.48 -2.54
CA ILE A 19 7.46 -8.43 -3.98
C ILE A 19 7.84 -7.02 -4.42
N HIS A 20 8.90 -6.89 -5.19
CA HIS A 20 9.29 -5.57 -5.66
C HIS A 20 8.47 -5.16 -6.89
N SER A 21 8.17 -3.89 -6.96
CA SER A 21 7.34 -3.33 -7.99
C SER A 21 7.94 -2.01 -8.45
N SER A 22 7.10 -1.12 -8.93
CA SER A 22 7.52 0.19 -9.32
C SER A 22 6.32 1.11 -9.32
N VAL A 23 6.50 2.29 -8.77
CA VAL A 23 5.48 3.30 -8.84
C VAL A 23 5.58 3.91 -10.20
N LYS A 24 4.66 3.60 -11.03
CA LYS A 24 4.67 4.09 -12.37
C LYS A 24 3.61 5.17 -12.50
N ARG A 25 3.66 5.90 -13.57
CA ARG A 25 2.77 7.03 -13.71
C ARG A 25 1.60 6.72 -14.63
N TRP A 26 0.42 6.80 -14.10
CA TRP A 26 -0.81 6.56 -14.84
C TRP A 26 -1.47 7.91 -15.03
N GLY A 27 -1.26 8.51 -16.19
CA GLY A 27 -1.71 9.84 -16.42
C GLY A 27 -0.82 10.75 -15.64
N ASN A 28 -1.38 11.63 -14.88
CA ASN A 28 -0.60 12.44 -14.00
C ASN A 28 -0.75 11.96 -12.55
N SER A 29 -1.04 10.68 -12.37
CA SER A 29 -1.21 10.14 -11.05
C SER A 29 -0.32 8.92 -10.88
N PRO A 30 0.57 8.93 -9.89
CA PRO A 30 1.41 7.78 -9.56
C PRO A 30 0.54 6.58 -9.17
N ALA A 31 0.78 5.46 -9.77
CA ALA A 31 0.00 4.30 -9.55
C ALA A 31 0.86 3.10 -9.19
N VAL A 32 0.39 2.33 -8.23
CA VAL A 32 1.08 1.14 -7.78
C VAL A 32 0.37 -0.07 -8.33
N ARG A 33 1.12 -0.92 -8.99
CA ARG A 33 0.59 -2.14 -9.56
C ARG A 33 0.39 -3.20 -8.51
N ILE A 34 -0.82 -3.68 -8.40
CA ILE A 34 -1.14 -4.75 -7.47
C ILE A 34 -1.18 -6.07 -8.24
N PRO A 35 -0.52 -7.12 -7.75
CA PRO A 35 -0.59 -8.43 -8.38
C PRO A 35 -2.01 -8.99 -8.27
N ALA A 36 -2.53 -9.52 -9.37
CA ALA A 36 -3.86 -10.11 -9.42
C ALA A 36 -4.02 -11.25 -8.40
N THR A 37 -2.91 -11.89 -8.10
CA THR A 37 -2.85 -12.94 -7.11
C THR A 37 -3.22 -12.37 -5.71
N LEU A 38 -2.77 -11.16 -5.42
CA LEU A 38 -3.02 -10.52 -4.11
C LEU A 38 -4.42 -10.02 -4.03
N MET A 39 -4.92 -9.59 -5.15
CA MET A 39 -6.31 -9.17 -5.30
C MET A 39 -7.21 -10.30 -4.86
N GLN A 40 -6.92 -11.44 -5.39
CA GLN A 40 -7.57 -12.68 -5.05
C GLN A 40 -7.31 -13.05 -3.59
N ALA A 41 -6.11 -12.79 -3.13
CA ALA A 41 -5.68 -13.22 -1.79
C ALA A 41 -6.44 -12.48 -0.69
N LEU A 42 -6.64 -11.22 -0.89
CA LEU A 42 -7.31 -10.39 0.07
C LEU A 42 -8.80 -10.29 -0.22
N ASN A 43 -9.15 -10.68 -1.42
CA ASN A 43 -10.50 -10.66 -1.97
C ASN A 43 -11.01 -9.24 -2.15
N LEU A 44 -10.43 -8.58 -3.10
CA LEU A 44 -10.83 -7.31 -3.52
C LEU A 44 -10.89 -7.32 -5.02
N ASN A 45 -11.61 -6.40 -5.58
CA ASN A 45 -11.72 -6.28 -7.02
C ASN A 45 -11.54 -4.84 -7.36
N ILE A 46 -11.68 -4.53 -8.62
CA ILE A 46 -11.59 -3.16 -9.07
C ILE A 46 -12.77 -2.37 -8.45
N ASP A 47 -12.52 -1.11 -8.10
CA ASP A 47 -13.48 -0.19 -7.44
C ASP A 47 -13.56 -0.41 -5.96
N ASP A 48 -12.59 -1.11 -5.42
CA ASP A 48 -12.50 -1.28 -4.00
C ASP A 48 -11.92 -0.01 -3.46
N GLU A 49 -12.62 0.59 -2.58
CA GLU A 49 -12.24 1.82 -2.00
C GLU A 49 -11.34 1.53 -0.85
N VAL A 50 -10.05 1.74 -1.01
CA VAL A 50 -9.11 1.36 0.02
C VAL A 50 -8.70 2.56 0.82
N LYS A 51 -8.19 2.32 1.96
CA LYS A 51 -7.70 3.38 2.81
C LYS A 51 -6.20 3.48 2.69
N ILE A 52 -5.73 4.66 2.40
CA ILE A 52 -4.33 4.96 2.48
C ILE A 52 -4.11 5.56 3.85
N ASP A 53 -3.50 4.83 4.72
CA ASP A 53 -3.23 5.31 6.04
C ASP A 53 -1.73 5.25 6.27
N LEU A 54 -1.14 6.31 6.76
CA LEU A 54 0.24 6.36 6.90
C LEU A 54 0.59 6.04 8.33
N VAL A 55 1.43 5.08 8.47
CA VAL A 55 1.89 4.57 9.76
C VAL A 55 3.32 4.10 9.58
N ASP A 56 4.21 4.46 10.52
CA ASP A 56 5.65 4.03 10.52
C ASP A 56 6.39 4.52 9.29
N GLY A 57 5.87 5.55 8.66
CA GLY A 57 6.48 6.05 7.46
C GLY A 57 6.30 5.10 6.29
N LYS A 58 5.28 4.26 6.36
CA LYS A 58 4.99 3.36 5.28
C LYS A 58 3.54 3.48 4.94
N LEU A 59 3.19 3.09 3.76
CA LEU A 59 1.84 3.18 3.33
C LEU A 59 1.12 1.94 3.72
N ILE A 60 0.16 2.13 4.51
CA ILE A 60 -0.64 1.06 4.96
C ILE A 60 -1.86 1.03 4.11
N ILE A 61 -2.04 -0.06 3.46
CA ILE A 61 -3.10 -0.19 2.50
C ILE A 61 -3.99 -1.32 2.93
N GLU A 62 -5.20 -0.99 3.21
CA GLU A 62 -6.17 -1.97 3.65
C GLU A 62 -7.37 -1.82 2.76
N PRO A 63 -8.09 -2.89 2.49
CA PRO A 63 -9.23 -2.83 1.65
C PRO A 63 -10.44 -2.54 2.50
N VAL A 64 -11.37 -2.00 1.90
CA VAL A 64 -12.55 -1.55 2.62
C VAL A 64 -13.77 -2.02 1.94
N ARG A 65 -14.64 -2.56 2.67
CA ARG A 65 -15.89 -2.88 2.15
C ARG A 65 -16.84 -1.79 2.57
N LYS A 66 -17.50 -1.22 1.63
CA LYS A 66 -18.48 -0.27 1.94
C LYS A 66 -19.77 -1.04 1.83
N GLU A 67 -20.19 -1.49 2.96
CA GLU A 67 -21.25 -2.42 3.10
C GLU A 67 -22.03 -1.98 4.30
N ASN B 1 -33.94 11.39 -1.63
CA ASN B 1 -33.79 10.78 -2.93
C ASN B 1 -33.69 9.28 -2.76
N HIS B 2 -34.20 8.53 -3.72
CA HIS B 2 -34.18 7.08 -3.63
C HIS B 2 -33.49 6.46 -4.85
N LYS B 3 -33.58 7.11 -5.98
CA LYS B 3 -33.00 6.56 -7.20
C LYS B 3 -31.54 7.01 -7.37
N VAL B 4 -31.19 8.10 -6.71
CA VAL B 4 -29.81 8.57 -6.65
C VAL B 4 -29.51 8.96 -5.22
N HIS B 5 -28.23 8.94 -4.84
CA HIS B 5 -27.77 9.30 -3.48
C HIS B 5 -28.31 8.35 -2.39
N HIS B 6 -28.79 7.21 -2.82
CA HIS B 6 -29.37 6.21 -1.94
C HIS B 6 -28.30 5.22 -1.51
N HIS B 7 -27.44 4.87 -2.44
CA HIS B 7 -26.35 3.93 -2.18
C HIS B 7 -25.07 4.67 -1.94
N HIS B 8 -25.21 5.96 -1.77
CA HIS B 8 -24.10 6.82 -1.49
C HIS B 8 -23.76 6.67 -0.02
N HIS B 9 -22.54 6.32 0.25
CA HIS B 9 -22.12 6.13 1.61
C HIS B 9 -21.77 7.45 2.23
N HIS B 10 -22.69 7.98 2.98
CA HIS B 10 -22.53 9.28 3.60
C HIS B 10 -21.75 9.16 4.87
N MET B 11 -21.85 8.02 5.51
CA MET B 11 -21.19 7.82 6.74
C MET B 11 -20.04 6.83 6.62
N SER B 12 -18.87 7.38 6.53
CA SER B 12 -17.63 6.66 6.56
C SER B 12 -16.68 7.46 7.43
N ASP B 13 -17.31 8.24 8.29
CA ASP B 13 -16.68 9.20 9.19
C ASP B 13 -15.82 8.49 10.20
N ASP B 14 -16.28 7.36 10.59
CA ASP B 14 -15.58 6.50 11.53
C ASP B 14 -14.74 5.46 10.80
N ASP B 15 -15.16 5.15 9.60
CA ASP B 15 -14.57 4.10 8.80
C ASP B 15 -13.26 4.51 8.15
N ASP B 16 -13.24 5.64 7.49
CA ASP B 16 -12.04 6.06 6.79
C ASP B 16 -11.09 6.77 7.72
N LYS B 17 -10.16 6.02 8.29
CA LYS B 17 -9.10 6.59 9.12
C LYS B 17 -8.11 7.33 8.22
N GLY B 18 -7.95 6.82 7.02
CA GLY B 18 -7.04 7.40 6.08
C GLY B 18 -7.75 7.97 4.89
N ILE B 19 -7.04 8.10 3.82
CA ILE B 19 -7.59 8.65 2.60
C ILE B 19 -8.22 7.52 1.78
N HIS B 20 -9.49 7.66 1.44
CA HIS B 20 -10.15 6.64 0.64
C HIS B 20 -9.85 6.81 -0.85
N SER B 21 -9.58 5.72 -1.49
CA SER B 21 -9.20 5.69 -2.89
C SER B 21 -10.05 4.66 -3.61
N SER B 22 -9.52 4.11 -4.68
CA SER B 22 -10.16 3.07 -5.40
C SER B 22 -9.16 2.34 -6.23
N VAL B 23 -9.17 1.04 -6.16
CA VAL B 23 -8.33 0.23 -7.01
C VAL B 23 -8.95 0.25 -8.39
N LYS B 24 -8.31 0.92 -9.29
CA LYS B 24 -8.82 1.03 -10.60
C LYS B 24 -7.97 0.17 -11.53
N ARG B 25 -8.42 -0.06 -12.72
CA ARG B 25 -7.71 -0.96 -13.60
C ARG B 25 -6.89 -0.20 -14.62
N TRP B 26 -5.62 -0.42 -14.60
CA TRP B 26 -4.69 0.19 -15.54
C TRP B 26 -4.25 -0.90 -16.49
N GLY B 27 -4.89 -0.94 -17.66
CA GLY B 27 -4.62 -2.00 -18.57
C GLY B 27 -5.23 -3.25 -18.01
N ASN B 28 -4.48 -4.30 -17.92
CA ASN B 28 -4.97 -5.49 -17.27
C ASN B 28 -4.43 -5.63 -15.84
N SER B 29 -3.89 -4.55 -15.26
CA SER B 29 -3.32 -4.63 -13.95
C SER B 29 -4.01 -3.65 -13.02
N PRO B 30 -4.48 -4.13 -11.87
CA PRO B 30 -5.06 -3.27 -10.85
C PRO B 30 -4.01 -2.29 -10.32
N ALA B 31 -4.38 -1.03 -10.27
CA ALA B 31 -3.47 -0.01 -9.87
C ALA B 31 -4.06 0.85 -8.77
N VAL B 32 -3.24 1.20 -7.80
CA VAL B 32 -3.63 2.04 -6.70
C VAL B 32 -3.06 3.41 -6.92
N ARG B 33 -3.90 4.41 -6.84
CA ARG B 33 -3.49 5.78 -7.02
C ARG B 33 -2.86 6.32 -5.75
N ILE B 34 -1.67 6.82 -5.88
CA ILE B 34 -0.96 7.43 -4.77
C ILE B 34 -1.07 8.95 -4.92
N PRO B 35 -1.48 9.67 -3.87
CA PRO B 35 -1.52 11.12 -3.90
C PRO B 35 -0.12 11.68 -4.03
N ALA B 36 0.05 12.65 -4.90
CA ALA B 36 1.33 13.30 -5.15
C ALA B 36 1.90 13.92 -3.87
N THR B 37 1.00 14.34 -2.99
CA THR B 37 1.37 14.88 -1.69
C THR B 37 2.11 13.81 -0.83
N LEU B 38 1.72 12.55 -0.97
CA LEU B 38 2.34 11.45 -0.21
C LEU B 38 3.64 11.07 -0.82
N MET B 39 3.68 11.17 -2.11
CA MET B 39 4.92 10.95 -2.88
C MET B 39 6.02 11.84 -2.35
N GLN B 40 5.67 13.08 -2.19
CA GLN B 40 6.53 14.08 -1.60
C GLN B 40 6.83 13.76 -0.15
N ALA B 41 5.82 13.27 0.55
CA ALA B 41 5.92 13.07 2.01
C ALA B 41 6.88 11.95 2.38
N LEU B 42 6.91 10.94 1.56
CA LEU B 42 7.75 9.78 1.81
C LEU B 42 9.03 9.85 0.99
N ASN B 43 9.09 10.85 0.15
CA ASN B 43 10.21 11.12 -0.75
C ASN B 43 10.47 9.98 -1.74
N LEU B 44 9.52 9.75 -2.59
CA LEU B 44 9.65 8.83 -3.64
C LEU B 44 9.26 9.51 -4.92
N ASN B 45 9.57 8.90 -6.02
CA ASN B 45 9.23 9.42 -7.33
C ASN B 45 8.79 8.26 -8.17
N ILE B 46 8.51 8.51 -9.43
CA ILE B 46 8.13 7.45 -10.33
C ILE B 46 9.35 6.55 -10.58
N ASP B 47 9.10 5.25 -10.73
CA ASP B 47 10.11 4.21 -10.93
C ASP B 47 10.76 3.76 -9.65
N ASP B 48 10.16 4.12 -8.54
CA ASP B 48 10.65 3.68 -7.26
C ASP B 48 10.16 2.28 -7.07
N GLU B 49 11.05 1.41 -6.75
CA GLU B 49 10.78 0.03 -6.61
C GLU B 49 10.32 -0.21 -5.21
N VAL B 50 9.04 -0.44 -5.01
CA VAL B 50 8.52 -0.60 -3.66
C VAL B 50 8.29 -2.07 -3.37
N LYS B 51 8.21 -2.40 -2.11
CA LYS B 51 7.94 -3.77 -1.71
C LYS B 51 6.48 -3.93 -1.37
N ILE B 52 5.87 -4.92 -1.94
CA ILE B 52 4.55 -5.34 -1.54
C ILE B 52 4.74 -6.47 -0.56
N ASP B 53 4.55 -6.17 0.69
CA ASP B 53 4.73 -7.15 1.71
C ASP B 53 3.43 -7.28 2.48
N LEU B 54 2.93 -8.48 2.64
CA LEU B 54 1.70 -8.68 3.24
C LEU B 54 1.91 -9.00 4.71
N VAL B 55 1.24 -8.26 5.51
CA VAL B 55 1.30 -8.36 6.97
C VAL B 55 -0.08 -8.02 7.52
N ASP B 56 -0.58 -8.82 8.48
CA ASP B 56 -1.88 -8.59 9.16
C ASP B 56 -3.05 -8.51 8.20
N GLY B 57 -2.89 -9.08 7.04
CA GLY B 57 -3.93 -9.08 6.05
C GLY B 57 -4.08 -7.73 5.38
N LYS B 58 -3.05 -6.93 5.42
CA LYS B 58 -3.07 -5.65 4.75
C LYS B 58 -1.82 -5.53 3.92
N LEU B 59 -1.87 -4.68 2.95
CA LEU B 59 -0.76 -4.47 2.09
C LEU B 59 0.14 -3.47 2.69
N ILE B 60 1.30 -3.90 2.95
CA ILE B 60 2.29 -3.07 3.52
C ILE B 60 3.14 -2.59 2.40
N ILE B 61 3.17 -1.32 2.26
CA ILE B 61 3.85 -0.71 1.16
C ILE B 61 4.92 0.20 1.70
N GLU B 62 6.14 -0.14 1.42
CA GLU B 62 7.26 0.63 1.88
C GLU B 62 8.05 0.96 0.65
N PRO B 63 8.72 2.10 0.61
CA PRO B 63 9.50 2.47 -0.52
C PRO B 63 10.89 1.93 -0.35
N VAL B 64 11.53 1.75 -1.41
CA VAL B 64 12.84 1.12 -1.40
C VAL B 64 13.82 1.91 -2.21
N ARG B 65 14.90 2.26 -1.61
CA ARG B 65 15.93 2.84 -2.34
C ARG B 65 16.87 1.73 -2.75
N LYS B 66 17.19 1.69 -3.99
CA LYS B 66 18.16 0.76 -4.44
C LYS B 66 19.38 1.58 -4.65
N GLU B 67 20.21 1.57 -3.66
CA GLU B 67 21.30 2.48 -3.58
C GLU B 67 22.49 1.73 -3.05
N ASN A 1 17.29 -35.53 26.41
CA ASN A 1 16.46 -34.43 25.92
C ASN A 1 15.05 -34.94 25.81
N HIS A 2 14.08 -34.05 25.89
CA HIS A 2 12.69 -34.43 25.72
C HIS A 2 12.40 -34.70 24.26
N LYS A 3 12.69 -33.75 23.44
CA LYS A 3 12.54 -33.90 22.02
C LYS A 3 13.93 -33.92 21.43
N VAL A 4 14.08 -34.43 20.26
CA VAL A 4 15.35 -34.39 19.61
C VAL A 4 15.47 -33.06 18.89
N HIS A 5 15.85 -32.05 19.63
CA HIS A 5 15.93 -30.71 19.10
C HIS A 5 17.21 -30.47 18.34
N HIS A 6 17.31 -31.19 17.26
CA HIS A 6 18.35 -31.06 16.29
C HIS A 6 17.80 -30.26 15.14
N HIS A 7 16.49 -30.29 15.03
CA HIS A 7 15.79 -29.63 13.96
C HIS A 7 15.12 -28.39 14.50
N HIS A 8 15.03 -27.38 13.68
CA HIS A 8 14.41 -26.13 14.03
C HIS A 8 13.35 -25.78 13.02
N HIS A 9 12.38 -25.01 13.44
CA HIS A 9 11.28 -24.63 12.56
C HIS A 9 11.42 -23.18 12.14
N HIS A 10 11.17 -22.91 10.88
CA HIS A 10 11.18 -21.55 10.38
C HIS A 10 9.76 -21.03 10.34
N MET A 11 9.61 -19.75 10.53
CA MET A 11 8.30 -19.14 10.57
C MET A 11 8.33 -17.68 10.09
N SER A 12 9.31 -16.92 10.56
CA SER A 12 9.40 -15.49 10.26
C SER A 12 9.82 -15.28 8.82
N ASP A 13 10.67 -16.19 8.33
CA ASP A 13 11.24 -16.12 6.98
C ASP A 13 10.15 -16.14 5.93
N ASP A 14 9.09 -16.81 6.25
CA ASP A 14 7.99 -17.00 5.33
C ASP A 14 7.11 -15.78 5.24
N ASP A 15 7.06 -14.97 6.28
CA ASP A 15 6.15 -13.84 6.28
C ASP A 15 6.76 -12.62 5.60
N ASP A 16 8.05 -12.45 5.69
CA ASP A 16 8.67 -11.36 4.95
C ASP A 16 8.89 -11.77 3.53
N LYS A 17 8.05 -11.27 2.66
CA LYS A 17 8.03 -11.66 1.28
C LYS A 17 8.79 -10.65 0.45
N GLY A 18 8.54 -9.37 0.74
CA GLY A 18 9.18 -8.27 0.05
C GLY A 18 9.07 -8.33 -1.48
N ILE A 19 7.88 -8.11 -1.99
CA ILE A 19 7.68 -8.09 -3.43
C ILE A 19 8.10 -6.73 -3.95
N HIS A 20 9.07 -6.70 -4.83
CA HIS A 20 9.58 -5.44 -5.33
C HIS A 20 8.83 -5.03 -6.57
N SER A 21 8.47 -3.79 -6.61
CA SER A 21 7.80 -3.20 -7.72
C SER A 21 8.20 -1.75 -7.80
N SER A 22 7.50 -0.97 -8.56
CA SER A 22 7.80 0.41 -8.70
C SER A 22 6.53 1.23 -8.87
N VAL A 23 6.63 2.49 -8.57
CA VAL A 23 5.52 3.43 -8.65
C VAL A 23 5.60 4.08 -9.99
N LYS A 24 4.62 3.89 -10.77
CA LYS A 24 4.68 4.37 -12.10
C LYS A 24 3.59 5.40 -12.35
N ARG A 25 3.61 6.04 -13.48
CA ARG A 25 2.71 7.15 -13.70
C ARG A 25 1.50 6.73 -14.51
N TRP A 26 0.36 6.87 -13.94
CA TRP A 26 -0.89 6.57 -14.60
C TRP A 26 -1.64 7.89 -14.78
N GLY A 27 -1.46 8.49 -15.94
CA GLY A 27 -2.02 9.80 -16.16
C GLY A 27 -1.20 10.79 -15.41
N ASN A 28 -1.83 11.61 -14.65
CA ASN A 28 -1.13 12.55 -13.77
C ASN A 28 -1.15 11.96 -12.34
N SER A 29 -1.17 10.65 -12.23
CA SER A 29 -1.32 10.04 -10.97
C SER A 29 -0.30 8.92 -10.79
N PRO A 30 0.55 9.01 -9.76
CA PRO A 30 1.44 7.93 -9.40
C PRO A 30 0.64 6.72 -8.90
N ALA A 31 0.82 5.61 -9.54
CA ALA A 31 0.09 4.43 -9.20
C ALA A 31 1.02 3.25 -9.07
N VAL A 32 0.72 2.38 -8.15
CA VAL A 32 1.51 1.19 -7.96
C VAL A 32 0.68 -0.02 -8.35
N ARG A 33 1.34 -0.99 -8.93
CA ARG A 33 0.70 -2.20 -9.39
C ARG A 33 0.48 -3.19 -8.24
N ILE A 34 -0.73 -3.67 -8.11
CA ILE A 34 -1.05 -4.70 -7.15
C ILE A 34 -1.30 -6.01 -7.91
N PRO A 35 -0.67 -7.12 -7.49
CA PRO A 35 -0.89 -8.41 -8.12
C PRO A 35 -2.34 -8.87 -7.97
N ALA A 36 -2.92 -9.37 -9.06
CA ALA A 36 -4.30 -9.85 -9.06
C ALA A 36 -4.45 -11.02 -8.09
N THR A 37 -3.36 -11.73 -7.89
CA THR A 37 -3.29 -12.81 -6.95
C THR A 37 -3.64 -12.32 -5.52
N LEU A 38 -3.17 -11.12 -5.17
CA LEU A 38 -3.44 -10.53 -3.86
C LEU A 38 -4.81 -9.98 -3.80
N MET A 39 -5.23 -9.47 -4.92
CA MET A 39 -6.61 -9.01 -5.09
C MET A 39 -7.56 -10.11 -4.71
N GLN A 40 -7.33 -11.26 -5.26
CA GLN A 40 -8.09 -12.44 -4.96
C GLN A 40 -7.82 -12.94 -3.55
N ALA A 41 -6.60 -12.73 -3.07
CA ALA A 41 -6.20 -13.26 -1.76
C ALA A 41 -6.96 -12.59 -0.62
N LEU A 42 -7.27 -11.34 -0.81
CA LEU A 42 -8.01 -10.58 0.17
C LEU A 42 -9.44 -10.37 -0.28
N ASN A 43 -9.70 -10.88 -1.46
CA ASN A 43 -11.00 -10.84 -2.15
C ASN A 43 -11.56 -9.43 -2.31
N LEU A 44 -10.85 -8.63 -3.04
CA LEU A 44 -11.30 -7.36 -3.42
C LEU A 44 -11.32 -7.31 -4.92
N ASN A 45 -12.07 -6.42 -5.46
CA ASN A 45 -12.21 -6.33 -6.90
C ASN A 45 -11.86 -4.95 -7.39
N ILE A 46 -11.94 -4.77 -8.68
CA ILE A 46 -11.68 -3.49 -9.31
C ILE A 46 -12.81 -2.51 -8.95
N ASP A 47 -12.39 -1.30 -8.61
CA ASP A 47 -13.24 -0.20 -8.20
C ASP A 47 -13.81 -0.42 -6.83
N ASP A 48 -13.10 -1.19 -6.03
CA ASP A 48 -13.49 -1.39 -4.68
C ASP A 48 -12.73 -0.38 -3.88
N GLU A 49 -13.29 0.05 -2.83
CA GLU A 49 -12.80 1.16 -2.07
C GLU A 49 -11.83 0.70 -0.98
N VAL A 50 -10.73 1.45 -0.82
CA VAL A 50 -9.72 1.10 0.17
C VAL A 50 -9.26 2.32 0.94
N LYS A 51 -8.72 2.06 2.10
CA LYS A 51 -8.12 3.07 2.94
C LYS A 51 -6.61 3.06 2.74
N ILE A 52 -6.06 4.22 2.52
CA ILE A 52 -4.64 4.41 2.47
C ILE A 52 -4.29 5.30 3.62
N ASP A 53 -3.33 4.92 4.38
CA ASP A 53 -2.88 5.74 5.46
C ASP A 53 -1.38 5.69 5.51
N LEU A 54 -0.78 6.70 6.04
CA LEU A 54 0.59 6.73 6.23
C LEU A 54 0.79 6.46 7.68
N VAL A 55 1.46 5.44 7.95
CA VAL A 55 1.67 4.98 9.31
C VAL A 55 3.07 4.45 9.42
N ASP A 56 3.85 4.98 10.37
CA ASP A 56 5.21 4.48 10.67
C ASP A 56 6.16 4.61 9.45
N GLY A 57 5.82 5.52 8.56
CA GLY A 57 6.66 5.79 7.42
C GLY A 57 6.41 4.87 6.24
N LYS A 58 5.26 4.25 6.19
CA LYS A 58 4.90 3.43 5.06
C LYS A 58 3.44 3.60 4.77
N LEU A 59 3.06 3.29 3.57
CA LEU A 59 1.70 3.41 3.16
C LEU A 59 1.01 2.13 3.42
N ILE A 60 0.02 2.24 4.21
CA ILE A 60 -0.75 1.13 4.62
C ILE A 60 -2.00 1.09 3.79
N ILE A 61 -2.13 0.03 3.06
CA ILE A 61 -3.25 -0.16 2.15
C ILE A 61 -4.15 -1.24 2.72
N GLU A 62 -5.25 -0.85 3.26
CA GLU A 62 -6.19 -1.78 3.82
C GLU A 62 -7.56 -1.59 3.16
N PRO A 63 -8.05 -2.64 2.49
CA PRO A 63 -9.32 -2.66 1.85
C PRO A 63 -10.43 -2.38 2.83
N VAL A 64 -11.47 -1.83 2.34
CA VAL A 64 -12.57 -1.48 3.20
C VAL A 64 -13.52 -2.63 3.19
N ARG A 65 -13.63 -3.28 4.29
CA ARG A 65 -14.44 -4.43 4.37
C ARG A 65 -15.89 -4.09 4.66
N LYS A 66 -16.69 -4.59 3.81
CA LYS A 66 -18.08 -4.50 3.84
C LYS A 66 -18.60 -5.84 3.44
N GLU A 67 -19.75 -6.16 3.91
CA GLU A 67 -20.42 -7.43 3.69
C GLU A 67 -19.63 -8.53 4.37
N ASN B 1 -5.06 20.85 42.51
CA ASN B 1 -4.42 19.82 41.70
C ASN B 1 -3.12 20.36 41.20
N HIS B 2 -2.29 19.52 40.60
CA HIS B 2 -1.01 19.99 40.10
C HIS B 2 -1.20 20.81 38.86
N LYS B 3 -1.95 20.27 37.94
CA LYS B 3 -2.27 20.98 36.74
C LYS B 3 -3.78 21.11 36.69
N VAL B 4 -4.26 22.10 36.01
CA VAL B 4 -5.67 22.25 35.84
C VAL B 4 -6.10 21.35 34.69
N HIS B 5 -6.23 20.08 34.99
CA HIS B 5 -6.56 19.10 33.97
C HIS B 5 -8.03 19.08 33.60
N HIS B 6 -8.45 20.19 33.05
CA HIS B 6 -9.77 20.37 32.51
C HIS B 6 -9.67 20.19 31.00
N HIS B 7 -8.47 20.39 30.51
CA HIS B 7 -8.19 20.31 29.11
C HIS B 7 -7.44 19.04 28.83
N HIS B 8 -7.76 18.42 27.75
CA HIS B 8 -7.14 17.17 27.35
C HIS B 8 -6.47 17.33 26.01
N HIS B 9 -5.59 16.43 25.68
CA HIS B 9 -4.86 16.51 24.43
C HIS B 9 -5.28 15.38 23.51
N HIS B 10 -5.41 15.68 22.24
CA HIS B 10 -5.74 14.66 21.24
C HIS B 10 -4.52 14.29 20.47
N MET B 11 -4.34 13.00 20.23
CA MET B 11 -3.16 12.52 19.54
C MET B 11 -3.47 11.42 18.54
N SER B 12 -4.25 10.44 18.96
CA SER B 12 -4.56 9.29 18.12
C SER B 12 -5.48 9.67 16.97
N ASP B 13 -6.26 10.70 17.20
CA ASP B 13 -7.24 11.20 16.23
C ASP B 13 -6.57 11.61 14.94
N ASP B 14 -5.40 12.14 15.09
CA ASP B 14 -4.64 12.72 14.00
C ASP B 14 -3.99 11.68 13.13
N ASP B 15 -3.60 10.56 13.71
CA ASP B 15 -2.80 9.60 12.97
C ASP B 15 -3.65 8.66 12.13
N ASP B 16 -4.84 8.31 12.59
CA ASP B 16 -5.73 7.52 11.74
C ASP B 16 -6.42 8.46 10.76
N LYS B 17 -5.88 8.53 9.56
CA LYS B 17 -6.31 9.50 8.55
C LYS B 17 -7.36 8.90 7.65
N GLY B 18 -7.15 7.64 7.27
CA GLY B 18 -8.08 6.89 6.43
C GLY B 18 -8.47 7.60 5.15
N ILE B 19 -7.57 7.66 4.19
CA ILE B 19 -7.87 8.26 2.89
C ILE B 19 -8.56 7.19 2.04
N HIS B 20 -9.74 7.46 1.55
CA HIS B 20 -10.50 6.46 0.80
C HIS B 20 -10.31 6.61 -0.68
N SER B 21 -9.86 5.57 -1.29
CA SER B 21 -9.64 5.50 -2.71
C SER B 21 -10.19 4.19 -3.21
N SER B 22 -9.82 3.81 -4.39
CA SER B 22 -10.26 2.60 -4.96
C SER B 22 -9.14 1.97 -5.78
N VAL B 23 -9.31 0.74 -6.14
CA VAL B 23 -8.34 0.01 -6.92
C VAL B 23 -8.87 -0.07 -8.30
N LYS B 24 -8.23 0.57 -9.20
CA LYS B 24 -8.76 0.66 -10.51
C LYS B 24 -7.91 -0.11 -11.50
N ARG B 25 -8.38 -0.26 -12.70
CA ARG B 25 -7.70 -1.08 -13.67
C ARG B 25 -6.77 -0.26 -14.54
N TRP B 26 -5.52 -0.56 -14.51
CA TRP B 26 -4.53 0.08 -15.36
C TRP B 26 -4.00 -0.99 -16.29
N GLY B 27 -4.59 -1.07 -17.46
CA GLY B 27 -4.27 -2.11 -18.39
C GLY B 27 -4.86 -3.39 -17.89
N ASN B 28 -4.07 -4.39 -17.78
CA ASN B 28 -4.50 -5.66 -17.20
C ASN B 28 -4.07 -5.72 -15.70
N SER B 29 -3.68 -4.59 -15.12
CA SER B 29 -3.12 -4.59 -13.84
C SER B 29 -3.94 -3.71 -12.91
N PRO B 30 -4.37 -4.25 -11.79
CA PRO B 30 -5.01 -3.47 -10.75
C PRO B 30 -3.99 -2.49 -10.15
N ALA B 31 -4.34 -1.24 -10.12
CA ALA B 31 -3.45 -0.23 -9.59
C ALA B 31 -4.22 0.70 -8.68
N VAL B 32 -3.55 1.16 -7.67
CA VAL B 32 -4.15 2.12 -6.76
C VAL B 32 -3.40 3.44 -6.87
N ARG B 33 -4.13 4.51 -6.83
CA ARG B 33 -3.59 5.84 -6.92
C ARG B 33 -2.98 6.30 -5.60
N ILE B 34 -1.75 6.76 -5.66
CA ILE B 34 -1.07 7.32 -4.53
C ILE B 34 -1.01 8.85 -4.72
N PRO B 35 -1.37 9.65 -3.70
CA PRO B 35 -1.28 11.09 -3.79
C PRO B 35 0.17 11.55 -3.94
N ALA B 36 0.40 12.49 -4.82
CA ALA B 36 1.73 13.03 -5.08
C ALA B 36 2.27 13.71 -3.84
N THR B 37 1.37 14.20 -3.01
CA THR B 37 1.71 14.80 -1.75
C THR B 37 2.44 13.78 -0.84
N LEU B 38 2.01 12.51 -0.91
CA LEU B 38 2.63 11.45 -0.12
C LEU B 38 3.90 11.01 -0.73
N MET B 39 3.90 11.05 -2.04
CA MET B 39 5.11 10.79 -2.83
C MET B 39 6.22 11.69 -2.36
N GLN B 40 5.92 12.94 -2.29
CA GLN B 40 6.85 13.93 -1.79
C GLN B 40 7.09 13.76 -0.30
N ALA B 41 6.07 13.31 0.41
CA ALA B 41 6.16 13.20 1.89
C ALA B 41 7.18 12.15 2.34
N LEU B 42 7.40 11.17 1.52
CA LEU B 42 8.37 10.12 1.79
C LEU B 42 9.53 10.20 0.81
N ASN B 43 9.47 11.24 0.01
CA ASN B 43 10.41 11.59 -1.06
C ASN B 43 10.74 10.42 -1.99
N LEU B 44 9.73 9.95 -2.65
CA LEU B 44 9.88 8.99 -3.64
C LEU B 44 9.41 9.57 -4.95
N ASN B 45 9.89 9.06 -6.03
CA ASN B 45 9.55 9.58 -7.33
C ASN B 45 9.01 8.48 -8.22
N ILE B 46 8.66 8.80 -9.44
CA ILE B 46 8.17 7.81 -10.39
C ILE B 46 9.30 6.86 -10.79
N ASP B 47 8.95 5.57 -10.88
CA ASP B 47 9.82 4.45 -11.21
C ASP B 47 10.77 4.14 -10.10
N ASP B 48 10.38 4.50 -8.90
CA ASP B 48 11.17 4.19 -7.75
C ASP B 48 10.66 2.87 -7.24
N GLU B 49 11.54 2.08 -6.75
CA GLU B 49 11.25 0.72 -6.40
C GLU B 49 10.72 0.63 -4.97
N VAL B 50 9.66 -0.17 -4.78
CA VAL B 50 9.07 -0.31 -3.46
C VAL B 50 8.77 -1.77 -3.15
N LYS B 51 8.72 -2.08 -1.87
CA LYS B 51 8.34 -3.40 -1.40
C LYS B 51 6.87 -3.41 -1.05
N ILE B 52 6.18 -4.41 -1.54
CA ILE B 52 4.81 -4.67 -1.22
C ILE B 52 4.78 -5.98 -0.47
N ASP B 53 4.19 -5.99 0.67
CA ASP B 53 4.08 -7.22 1.43
C ASP B 53 2.69 -7.30 2.00
N LEU B 54 2.20 -8.50 2.18
CA LEU B 54 0.97 -8.70 2.77
C LEU B 54 1.25 -9.04 4.20
N VAL B 55 0.76 -8.24 5.03
CA VAL B 55 1.02 -8.35 6.44
C VAL B 55 -0.24 -7.99 7.18
N ASP B 56 -0.66 -8.85 8.10
CA ASP B 56 -1.81 -8.61 9.01
C ASP B 56 -3.13 -8.35 8.21
N GLY B 57 -3.17 -8.83 6.98
CA GLY B 57 -4.37 -8.72 6.18
C GLY B 57 -4.45 -7.42 5.39
N LYS B 58 -3.33 -6.72 5.27
CA LYS B 58 -3.29 -5.52 4.49
C LYS B 58 -2.02 -5.47 3.68
N LEU B 59 -2.02 -4.64 2.69
CA LEU B 59 -0.89 -4.48 1.84
C LEU B 59 -0.04 -3.39 2.35
N ILE B 60 1.12 -3.73 2.67
CA ILE B 60 2.07 -2.83 3.21
C ILE B 60 2.97 -2.36 2.10
N ILE B 61 2.96 -1.08 1.89
CA ILE B 61 3.74 -0.45 0.84
C ILE B 61 4.87 0.36 1.48
N GLU B 62 6.05 -0.14 1.39
CA GLU B 62 7.20 0.52 1.96
C GLU B 62 8.27 0.73 0.87
N PRO B 63 8.55 2.00 0.56
CA PRO B 63 9.54 2.38 -0.40
C PRO B 63 10.90 1.83 -0.04
N VAL B 64 11.67 1.60 -1.01
CA VAL B 64 12.97 1.03 -0.78
C VAL B 64 13.94 2.15 -0.63
N ARG B 65 14.46 2.27 0.54
CA ARG B 65 15.32 3.34 0.83
C ARG B 65 16.76 3.03 0.48
N LYS B 66 17.29 3.89 -0.29
CA LYS B 66 18.60 3.90 -0.74
C LYS B 66 19.07 5.31 -0.70
N GLU B 67 20.35 5.49 -0.63
CA GLU B 67 21.00 6.81 -0.56
C GLU B 67 20.79 7.43 0.81
N ASN A 1 8.34 -34.31 22.59
CA ASN A 1 8.70 -34.35 24.02
C ASN A 1 9.21 -32.99 24.46
N HIS A 2 8.31 -32.17 24.89
CA HIS A 2 8.61 -30.87 25.44
C HIS A 2 7.65 -30.64 26.57
N LYS A 3 8.18 -30.31 27.72
CA LYS A 3 7.34 -30.04 28.86
C LYS A 3 6.80 -28.62 28.73
N VAL A 4 7.62 -27.76 28.19
CA VAL A 4 7.27 -26.38 27.94
C VAL A 4 7.52 -26.06 26.49
N HIS A 5 6.64 -25.32 25.90
CA HIS A 5 6.78 -24.95 24.52
C HIS A 5 7.07 -23.48 24.39
N HIS A 6 8.04 -23.18 23.59
CA HIS A 6 8.40 -21.80 23.32
C HIS A 6 8.12 -21.53 21.84
N HIS A 7 7.42 -22.46 21.23
CA HIS A 7 7.12 -22.41 19.81
C HIS A 7 5.76 -21.81 19.64
N HIS A 8 5.72 -20.52 19.50
CA HIS A 8 4.48 -19.81 19.42
C HIS A 8 4.36 -19.04 18.10
N HIS A 9 5.49 -18.60 17.57
CA HIS A 9 5.57 -17.78 16.34
C HIS A 9 5.00 -16.39 16.60
N HIS A 10 5.88 -15.44 16.79
CA HIS A 10 5.48 -14.06 17.04
C HIS A 10 5.25 -13.35 15.72
N MET A 11 6.07 -13.67 14.75
CA MET A 11 6.02 -13.02 13.47
C MET A 11 5.84 -14.05 12.39
N SER A 12 5.05 -13.73 11.40
CA SER A 12 4.88 -14.59 10.26
C SER A 12 6.09 -14.41 9.32
N ASP A 13 7.08 -15.28 9.46
CA ASP A 13 8.34 -15.16 8.72
C ASP A 13 8.20 -15.48 7.27
N ASP A 14 7.65 -16.61 7.00
CA ASP A 14 7.56 -17.13 5.62
C ASP A 14 6.47 -16.46 4.83
N ASP A 15 5.49 -15.94 5.53
CA ASP A 15 4.34 -15.31 4.91
C ASP A 15 4.74 -14.09 4.10
N ASP A 16 5.81 -13.44 4.52
CA ASP A 16 6.37 -12.33 3.79
C ASP A 16 7.55 -12.85 3.00
N LYS A 17 7.57 -12.62 1.71
CA LYS A 17 8.62 -13.15 0.86
C LYS A 17 9.37 -12.08 0.08
N GLY A 18 9.37 -10.87 0.61
CA GLY A 18 10.12 -9.77 0.00
C GLY A 18 9.61 -9.38 -1.38
N ILE A 19 8.42 -8.86 -1.41
CA ILE A 19 7.83 -8.39 -2.64
C ILE A 19 8.39 -7.00 -2.95
N HIS A 20 8.88 -6.82 -4.16
CA HIS A 20 9.46 -5.55 -4.55
C HIS A 20 9.03 -5.17 -5.96
N SER A 21 8.43 -4.05 -6.06
CA SER A 21 7.87 -3.54 -7.28
C SER A 21 8.31 -2.10 -7.43
N SER A 22 7.63 -1.33 -8.22
CA SER A 22 7.99 0.03 -8.44
C SER A 22 6.77 0.87 -8.77
N VAL A 23 6.87 2.14 -8.51
CA VAL A 23 5.79 3.08 -8.79
C VAL A 23 5.88 3.49 -10.23
N LYS A 24 4.84 3.28 -10.96
CA LYS A 24 4.87 3.62 -12.34
C LYS A 24 3.92 4.81 -12.56
N ARG A 25 3.98 5.45 -13.70
CA ARG A 25 3.15 6.61 -13.92
C ARG A 25 1.94 6.26 -14.76
N TRP A 26 0.79 6.47 -14.20
CA TRP A 26 -0.47 6.26 -14.86
C TRP A 26 -1.03 7.63 -15.20
N GLY A 27 -0.72 8.08 -16.40
CA GLY A 27 -1.14 9.37 -16.85
C GLY A 27 -0.27 10.40 -16.22
N ASN A 28 -0.82 11.20 -15.37
CA ASN A 28 -0.05 12.18 -14.60
C ASN A 28 0.07 11.78 -13.12
N SER A 29 -0.20 10.54 -12.76
CA SER A 29 -0.26 10.18 -11.40
C SER A 29 0.48 8.89 -11.13
N PRO A 30 1.23 8.84 -10.04
CA PRO A 30 1.94 7.65 -9.61
C PRO A 30 0.97 6.53 -9.18
N ALA A 31 1.12 5.38 -9.78
CA ALA A 31 0.28 4.26 -9.49
C ALA A 31 1.12 3.00 -9.33
N VAL A 32 0.73 2.18 -8.41
CA VAL A 32 1.39 0.91 -8.18
C VAL A 32 0.46 -0.21 -8.60
N ARG A 33 1.02 -1.21 -9.25
CA ARG A 33 0.28 -2.37 -9.67
C ARG A 33 0.09 -3.33 -8.51
N ILE A 34 -1.14 -3.69 -8.24
CA ILE A 34 -1.44 -4.62 -7.18
C ILE A 34 -1.61 -6.05 -7.75
N PRO A 35 -0.92 -7.04 -7.17
CA PRO A 35 -1.04 -8.43 -7.59
C PRO A 35 -2.47 -8.96 -7.44
N ALA A 36 -2.96 -9.62 -8.49
CA ALA A 36 -4.31 -10.16 -8.53
C ALA A 36 -4.53 -11.15 -7.39
N THR A 37 -3.48 -11.80 -6.98
CA THR A 37 -3.51 -12.76 -5.90
C THR A 37 -4.11 -12.14 -4.61
N LEU A 38 -3.77 -10.88 -4.33
CA LEU A 38 -4.26 -10.19 -3.13
C LEU A 38 -5.65 -9.71 -3.33
N MET A 39 -5.91 -9.31 -4.54
CA MET A 39 -7.25 -8.93 -4.98
C MET A 39 -8.22 -10.03 -4.64
N GLN A 40 -7.80 -11.22 -4.95
CA GLN A 40 -8.54 -12.44 -4.71
C GLN A 40 -8.43 -12.92 -3.28
N ALA A 41 -7.42 -12.46 -2.57
CA ALA A 41 -7.19 -12.96 -1.22
C ALA A 41 -8.18 -12.33 -0.28
N LEU A 42 -8.39 -11.08 -0.51
CA LEU A 42 -9.27 -10.29 0.30
C LEU A 42 -10.63 -10.27 -0.34
N ASN A 43 -10.63 -10.59 -1.60
CA ASN A 43 -11.82 -10.70 -2.44
C ASN A 43 -12.42 -9.35 -2.74
N LEU A 44 -11.72 -8.59 -3.52
CA LEU A 44 -12.17 -7.33 -3.97
C LEU A 44 -12.06 -7.30 -5.47
N ASN A 45 -12.55 -6.26 -6.07
CA ASN A 45 -12.49 -6.10 -7.51
C ASN A 45 -12.23 -4.64 -7.84
N ILE A 46 -12.36 -4.31 -9.09
CA ILE A 46 -12.13 -2.98 -9.56
C ILE A 46 -13.21 -2.00 -9.07
N ASP A 47 -12.74 -0.79 -8.72
CA ASP A 47 -13.52 0.35 -8.23
C ASP A 47 -13.97 0.10 -6.80
N ASP A 48 -13.29 -0.79 -6.13
CA ASP A 48 -13.62 -1.11 -4.77
C ASP A 48 -12.83 -0.19 -3.89
N GLU A 49 -13.50 0.35 -2.92
CA GLU A 49 -12.96 1.32 -2.01
C GLU A 49 -11.95 0.67 -1.06
N VAL A 50 -10.87 1.39 -0.79
CA VAL A 50 -9.84 0.89 0.08
C VAL A 50 -9.42 1.94 1.07
N LYS A 51 -9.00 1.49 2.20
CA LYS A 51 -8.49 2.34 3.23
C LYS A 51 -6.99 2.42 3.11
N ILE A 52 -6.48 3.60 3.19
CA ILE A 52 -5.09 3.82 3.23
C ILE A 52 -4.81 4.31 4.63
N ASP A 53 -4.27 3.46 5.42
CA ASP A 53 -3.98 3.81 6.79
C ASP A 53 -2.53 4.19 6.85
N LEU A 54 -2.25 5.36 7.32
CA LEU A 54 -0.99 5.89 7.29
C LEU A 54 -0.33 5.69 8.64
N VAL A 55 0.85 5.19 8.60
CA VAL A 55 1.64 4.91 9.79
C VAL A 55 3.11 5.18 9.50
N ASP A 56 3.69 6.23 10.09
CA ASP A 56 5.14 6.57 9.95
C ASP A 56 5.53 6.92 8.52
N GLY A 57 4.57 7.31 7.75
CA GLY A 57 4.80 7.63 6.36
C GLY A 57 4.76 6.39 5.48
N LYS A 58 4.52 5.25 6.09
CA LYS A 58 4.42 4.01 5.40
C LYS A 58 2.97 3.87 4.97
N LEU A 59 2.76 3.51 3.75
CA LEU A 59 1.41 3.42 3.20
C LEU A 59 0.84 2.05 3.38
N ILE A 60 -0.18 1.98 4.14
CA ILE A 60 -0.90 0.76 4.36
C ILE A 60 -2.13 0.75 3.50
N ILE A 61 -2.18 -0.22 2.70
CA ILE A 61 -3.27 -0.43 1.76
C ILE A 61 -4.12 -1.61 2.24
N GLU A 62 -5.34 -1.33 2.59
CA GLU A 62 -6.23 -2.36 3.02
C GLU A 62 -7.60 -2.17 2.40
N PRO A 63 -8.00 -3.06 1.47
CA PRO A 63 -9.35 -3.11 0.91
C PRO A 63 -10.43 -3.06 1.96
N VAL A 64 -11.57 -2.65 1.56
CA VAL A 64 -12.69 -2.59 2.43
C VAL A 64 -13.58 -3.73 2.04
N ARG A 65 -13.55 -4.74 2.82
CA ARG A 65 -14.24 -5.95 2.51
C ARG A 65 -15.72 -5.85 2.76
N LYS A 66 -16.46 -6.35 1.81
CA LYS A 66 -17.88 -6.35 1.87
C LYS A 66 -18.34 -7.58 2.56
N GLU A 67 -18.66 -7.38 3.76
CA GLU A 67 -19.13 -8.41 4.63
C GLU A 67 -20.32 -7.86 5.35
N ASN B 1 2.00 21.37 36.03
CA ASN B 1 2.10 20.79 37.36
C ASN B 1 1.68 19.35 37.35
N HIS B 2 2.63 18.50 37.19
CA HIS B 2 2.45 17.07 37.21
C HIS B 2 3.70 16.48 37.80
N LYS B 3 3.54 15.64 38.77
CA LYS B 3 4.68 15.01 39.38
C LYS B 3 5.08 13.82 38.53
N VAL B 4 4.10 13.24 37.88
CA VAL B 4 4.31 12.16 36.95
C VAL B 4 3.56 12.45 35.67
N HIS B 5 4.09 12.01 34.58
CA HIS B 5 3.47 12.25 33.29
C HIS B 5 3.10 10.94 32.65
N HIS B 6 1.89 10.87 32.19
CA HIS B 6 1.39 9.68 31.52
C HIS B 6 1.20 10.01 30.04
N HIS B 7 1.60 11.22 29.69
CA HIS B 7 1.43 11.74 28.34
C HIS B 7 2.63 11.35 27.52
N HIS B 8 2.51 10.27 26.81
CA HIS B 8 3.61 9.75 26.03
C HIS B 8 3.22 9.60 24.56
N HIS B 9 1.94 9.29 24.34
CA HIS B 9 1.34 9.05 23.01
C HIS B 9 1.85 7.74 22.42
N HIS B 10 1.05 6.71 22.56
CA HIS B 10 1.41 5.40 22.03
C HIS B 10 1.13 5.34 20.54
N MET B 11 0.04 5.94 20.15
CA MET B 11 -0.36 5.93 18.77
C MET B 11 -0.50 7.33 18.25
N SER B 12 -0.10 7.52 17.02
CA SER B 12 -0.25 8.77 16.35
C SER B 12 -1.70 8.89 15.86
N ASP B 13 -2.53 9.58 16.63
CA ASP B 13 -3.96 9.64 16.36
C ASP B 13 -4.30 10.55 15.23
N ASP B 14 -3.67 11.67 15.20
CA ASP B 14 -4.00 12.71 14.22
C ASP B 14 -3.25 12.53 12.92
N ASP B 15 -2.13 11.83 12.98
CA ASP B 15 -1.32 11.58 11.82
C ASP B 15 -2.11 10.83 10.75
N ASP B 16 -2.94 9.92 11.19
CA ASP B 16 -3.82 9.21 10.29
C ASP B 16 -5.15 9.94 10.28
N LYS B 17 -5.61 10.33 9.12
CA LYS B 17 -6.88 11.01 9.02
C LYS B 17 -7.90 10.26 8.16
N GLY B 18 -7.78 8.94 8.16
CA GLY B 18 -8.72 8.09 7.44
C GLY B 18 -8.70 8.33 5.95
N ILE B 19 -7.71 7.85 5.29
CA ILE B 19 -7.59 8.05 3.87
C ILE B 19 -8.33 6.92 3.16
N HIS B 20 -9.20 7.25 2.24
CA HIS B 20 -9.90 6.23 1.51
C HIS B 20 -9.88 6.55 0.04
N SER B 21 -9.66 5.54 -0.74
CA SER B 21 -9.57 5.64 -2.17
C SER B 21 -10.14 4.38 -2.76
N SER B 22 -9.80 4.06 -3.97
CA SER B 22 -10.32 2.90 -4.61
C SER B 22 -9.34 2.34 -5.62
N VAL B 23 -9.43 1.06 -5.86
CA VAL B 23 -8.59 0.38 -6.83
C VAL B 23 -9.17 0.60 -8.20
N LYS B 24 -8.41 1.14 -9.10
CA LYS B 24 -8.91 1.38 -10.40
C LYS B 24 -8.16 0.44 -11.38
N ARG B 25 -8.62 0.33 -12.59
CA ARG B 25 -8.00 -0.61 -13.52
C ARG B 25 -7.12 0.11 -14.51
N TRP B 26 -5.85 -0.19 -14.46
CA TRP B 26 -4.88 0.36 -15.35
C TRP B 26 -4.55 -0.71 -16.36
N GLY B 27 -5.22 -0.66 -17.48
CA GLY B 27 -5.03 -1.64 -18.49
C GLY B 27 -5.75 -2.89 -18.12
N ASN B 28 -5.02 -3.94 -17.88
CA ASN B 28 -5.60 -5.17 -17.39
C ASN B 28 -5.16 -5.46 -15.96
N SER B 29 -4.75 -4.46 -15.20
CA SER B 29 -4.23 -4.70 -13.90
C SER B 29 -4.74 -3.65 -12.92
N PRO B 30 -5.10 -4.08 -11.72
CA PRO B 30 -5.54 -3.19 -10.65
C PRO B 30 -4.41 -2.27 -10.18
N ALA B 31 -4.67 -1.00 -10.17
CA ALA B 31 -3.70 -0.04 -9.74
C ALA B 31 -4.34 0.98 -8.82
N VAL B 32 -3.60 1.35 -7.81
CA VAL B 32 -4.05 2.34 -6.87
C VAL B 32 -3.23 3.61 -7.06
N ARG B 33 -3.88 4.74 -7.03
CA ARG B 33 -3.23 6.03 -7.16
C ARG B 33 -2.62 6.44 -5.84
N ILE B 34 -1.35 6.75 -5.85
CA ILE B 34 -0.65 7.18 -4.67
C ILE B 34 -0.62 8.72 -4.60
N PRO B 35 -0.97 9.30 -3.44
CA PRO B 35 -0.92 10.73 -3.23
C PRO B 35 0.51 11.27 -3.38
N ALA B 36 0.64 12.30 -4.20
CA ALA B 36 1.92 12.94 -4.49
C ALA B 36 2.57 13.48 -3.22
N THR B 37 1.75 13.77 -2.24
CA THR B 37 2.21 14.25 -0.95
C THR B 37 3.16 13.22 -0.30
N LEU B 38 2.88 11.94 -0.47
CA LEU B 38 3.70 10.86 0.10
C LEU B 38 4.90 10.61 -0.74
N MET B 39 4.69 10.75 -2.03
CA MET B 39 5.77 10.69 -3.01
C MET B 39 6.88 11.64 -2.60
N GLN B 40 6.47 12.81 -2.26
CA GLN B 40 7.34 13.85 -1.78
C GLN B 40 7.77 13.65 -0.36
N ALA B 41 6.99 12.94 0.41
CA ALA B 41 7.25 12.85 1.84
C ALA B 41 8.42 11.97 2.10
N LEU B 42 8.48 10.93 1.34
CA LEU B 42 9.52 9.96 1.44
C LEU B 42 10.63 10.32 0.50
N ASN B 43 10.23 11.05 -0.51
CA ASN B 43 11.09 11.57 -1.58
C ASN B 43 11.46 10.51 -2.58
N LEU B 44 10.49 10.09 -3.33
CA LEU B 44 10.67 9.19 -4.38
C LEU B 44 10.13 9.80 -5.65
N ASN B 45 10.27 9.08 -6.74
CA ASN B 45 9.82 9.52 -8.04
C ASN B 45 9.28 8.34 -8.80
N ILE B 46 8.98 8.56 -10.04
CA ILE B 46 8.47 7.53 -10.90
C ILE B 46 9.56 6.52 -11.25
N ASP B 47 9.15 5.25 -11.25
CA ASP B 47 9.96 4.09 -11.59
C ASP B 47 10.93 3.78 -10.46
N ASP B 48 10.54 4.20 -9.27
CA ASP B 48 11.33 3.96 -8.08
C ASP B 48 10.81 2.70 -7.44
N GLU B 49 11.71 1.86 -7.04
CA GLU B 49 11.43 0.58 -6.47
C GLU B 49 10.86 0.72 -5.06
N VAL B 50 9.84 -0.08 -4.76
CA VAL B 50 9.22 -0.04 -3.47
C VAL B 50 9.03 -1.44 -2.94
N LYS B 51 9.08 -1.56 -1.65
CA LYS B 51 8.88 -2.83 -1.01
C LYS B 51 7.44 -2.97 -0.63
N ILE B 52 6.91 -4.11 -0.90
CA ILE B 52 5.60 -4.44 -0.47
C ILE B 52 5.77 -5.48 0.60
N ASP B 53 5.58 -5.08 1.82
CA ASP B 53 5.71 -5.98 2.92
C ASP B 53 4.32 -6.45 3.29
N LEU B 54 4.15 -7.74 3.39
CA LEU B 54 2.88 -8.29 3.57
C LEU B 54 2.72 -8.68 5.02
N VAL B 55 1.62 -8.28 5.57
CA VAL B 55 1.27 -8.55 6.97
C VAL B 55 -0.24 -8.75 7.07
N ASP B 56 -0.67 -9.98 7.35
CA ASP B 56 -2.13 -10.35 7.56
C ASP B 56 -2.98 -10.12 6.32
N GLY B 57 -2.34 -10.07 5.19
CA GLY B 57 -3.04 -9.83 3.93
C GLY B 57 -3.17 -8.34 3.65
N LYS B 58 -2.67 -7.54 4.55
CA LYS B 58 -2.69 -6.12 4.45
C LYS B 58 -1.44 -5.73 3.67
N LEU B 59 -1.62 -4.90 2.69
CA LEU B 59 -0.54 -4.49 1.82
C LEU B 59 0.17 -3.28 2.32
N ILE B 60 1.37 -3.48 2.69
CA ILE B 60 2.23 -2.42 3.14
C ILE B 60 3.10 -1.97 2.00
N ILE B 61 2.97 -0.74 1.70
CA ILE B 61 3.69 -0.08 0.64
C ILE B 61 4.72 0.85 1.24
N GLU B 62 5.98 0.58 1.00
CA GLU B 62 7.03 1.40 1.50
C GLU B 62 8.13 1.58 0.45
N PRO B 63 8.28 2.81 -0.10
CA PRO B 63 9.37 3.17 -1.01
C PRO B 63 10.73 2.76 -0.51
N VAL B 64 11.63 2.63 -1.40
CA VAL B 64 12.97 2.27 -1.05
C VAL B 64 13.81 3.48 -1.24
N ARG B 65 13.98 4.18 -0.18
CA ARG B 65 14.66 5.44 -0.20
C ARG B 65 16.13 5.32 -0.51
N LYS B 66 16.62 6.27 -1.30
CA LYS B 66 17.98 6.33 -1.71
C LYS B 66 18.72 7.17 -0.74
N GLU B 67 19.42 6.50 0.09
CA GLU B 67 20.18 7.11 1.14
C GLU B 67 21.54 6.44 1.19
N ASN A 1 18.89 5.86 16.89
CA ASN A 1 18.47 6.03 18.28
C ASN A 1 19.01 4.87 19.09
N HIS A 2 19.02 5.00 20.39
CA HIS A 2 19.55 3.96 21.25
C HIS A 2 18.44 3.20 21.92
N LYS A 3 18.81 2.11 22.60
CA LYS A 3 17.88 1.26 23.36
C LYS A 3 16.93 0.52 22.44
N VAL A 4 17.41 0.22 21.25
CA VAL A 4 16.63 -0.45 20.23
C VAL A 4 16.29 -1.90 20.62
N HIS A 5 15.13 -2.07 21.21
CA HIS A 5 14.67 -3.37 21.62
C HIS A 5 13.87 -3.99 20.52
N HIS A 6 13.25 -3.17 19.71
CA HIS A 6 12.48 -3.64 18.59
C HIS A 6 13.33 -3.50 17.34
N HIS A 7 14.03 -4.55 17.01
CA HIS A 7 14.88 -4.58 15.85
C HIS A 7 14.92 -6.00 15.31
N HIS A 8 15.01 -6.16 14.03
CA HIS A 8 15.01 -7.49 13.43
C HIS A 8 16.44 -7.91 13.08
N HIS A 9 17.32 -7.71 14.07
CA HIS A 9 18.77 -8.02 14.02
C HIS A 9 19.53 -7.06 13.15
N HIS A 10 19.11 -6.92 11.94
CA HIS A 10 19.69 -6.01 10.98
C HIS A 10 18.57 -5.43 10.22
N MET A 11 18.74 -4.25 9.67
CA MET A 11 17.70 -3.65 8.86
C MET A 11 17.77 -4.23 7.48
N SER A 12 17.47 -5.49 7.40
CA SER A 12 17.52 -6.22 6.19
C SER A 12 16.33 -5.88 5.34
N ASP A 13 16.54 -5.05 4.34
CA ASP A 13 15.50 -4.70 3.40
C ASP A 13 15.13 -5.91 2.58
N ASP A 14 16.12 -6.74 2.35
CA ASP A 14 15.99 -7.94 1.51
C ASP A 14 14.95 -8.91 2.05
N ASP A 15 15.00 -9.15 3.35
CA ASP A 15 14.04 -10.06 4.00
C ASP A 15 12.66 -9.41 4.12
N ASP A 16 12.70 -8.14 4.36
CA ASP A 16 11.52 -7.32 4.61
C ASP A 16 11.02 -6.68 3.29
N LYS A 17 11.36 -7.29 2.19
CA LYS A 17 11.09 -6.70 0.89
C LYS A 17 9.76 -7.15 0.35
N GLY A 18 9.48 -8.43 0.50
CA GLY A 18 8.28 -9.01 0.00
C GLY A 18 8.29 -9.01 -1.50
N ILE A 19 7.42 -8.25 -2.03
CA ILE A 19 7.30 -8.08 -3.46
C ILE A 19 7.92 -6.73 -3.80
N HIS A 20 8.88 -6.73 -4.71
CA HIS A 20 9.52 -5.48 -5.06
C HIS A 20 9.01 -4.99 -6.40
N SER A 21 8.13 -4.05 -6.33
CA SER A 21 7.53 -3.45 -7.48
C SER A 21 7.97 -2.00 -7.58
N SER A 22 7.30 -1.23 -8.38
CA SER A 22 7.69 0.13 -8.61
C SER A 22 6.46 0.97 -8.87
N VAL A 23 6.59 2.24 -8.65
CA VAL A 23 5.53 3.19 -8.94
C VAL A 23 5.68 3.59 -10.39
N LYS A 24 4.64 3.47 -11.15
CA LYS A 24 4.72 3.85 -12.52
C LYS A 24 3.78 5.03 -12.73
N ARG A 25 3.86 5.66 -13.86
CA ARG A 25 3.02 6.82 -14.12
C ARG A 25 1.87 6.47 -15.05
N TRP A 26 0.68 6.64 -14.55
CA TRP A 26 -0.55 6.40 -15.28
C TRP A 26 -1.12 7.76 -15.64
N GLY A 27 -0.83 8.19 -16.84
CA GLY A 27 -1.24 9.50 -17.26
C GLY A 27 -0.30 10.48 -16.62
N ASN A 28 -0.81 11.40 -15.87
CA ASN A 28 0.07 12.28 -15.12
C ASN A 28 -0.01 11.96 -13.62
N SER A 29 -0.34 10.71 -13.25
CA SER A 29 -0.51 10.37 -11.88
C SER A 29 0.23 9.07 -11.57
N PRO A 30 0.95 9.04 -10.47
CA PRO A 30 1.66 7.84 -10.01
C PRO A 30 0.68 6.72 -9.62
N ALA A 31 0.88 5.57 -10.19
CA ALA A 31 0.05 4.44 -9.94
C ALA A 31 0.91 3.23 -9.67
N VAL A 32 0.47 2.38 -8.79
CA VAL A 32 1.18 1.17 -8.51
C VAL A 32 0.26 0.00 -8.80
N ARG A 33 0.82 -1.02 -9.40
CA ARG A 33 0.06 -2.19 -9.79
C ARG A 33 -0.16 -3.12 -8.60
N ILE A 34 -1.40 -3.47 -8.36
CA ILE A 34 -1.75 -4.38 -7.29
C ILE A 34 -1.65 -5.80 -7.83
N PRO A 35 -0.91 -6.70 -7.15
CA PRO A 35 -0.80 -8.09 -7.58
C PRO A 35 -2.17 -8.76 -7.63
N ALA A 36 -2.44 -9.45 -8.73
CA ALA A 36 -3.70 -10.15 -8.92
C ALA A 36 -3.87 -11.21 -7.85
N THR A 37 -2.73 -11.70 -7.36
CA THR A 37 -2.69 -12.64 -6.29
C THR A 37 -3.37 -12.06 -5.02
N LEU A 38 -3.15 -10.78 -4.74
CA LEU A 38 -3.73 -10.11 -3.57
C LEU A 38 -5.15 -9.73 -3.84
N MET A 39 -5.39 -9.31 -5.05
CA MET A 39 -6.75 -9.01 -5.54
C MET A 39 -7.68 -10.14 -5.19
N GLN A 40 -7.24 -11.32 -5.52
CA GLN A 40 -8.00 -12.52 -5.26
C GLN A 40 -7.85 -13.01 -3.85
N ALA A 41 -6.82 -12.57 -3.13
CA ALA A 41 -6.58 -13.09 -1.79
C ALA A 41 -7.60 -12.54 -0.83
N LEU A 42 -7.96 -11.33 -1.09
CA LEU A 42 -8.95 -10.62 -0.32
C LEU A 42 -10.29 -10.74 -1.03
N ASN A 43 -10.19 -10.92 -2.33
CA ASN A 43 -11.31 -11.04 -3.26
C ASN A 43 -12.01 -9.69 -3.40
N LEU A 44 -11.31 -8.79 -4.03
CA LEU A 44 -11.80 -7.49 -4.29
C LEU A 44 -11.83 -7.31 -5.79
N ASN A 45 -12.49 -6.29 -6.25
CA ASN A 45 -12.60 -6.02 -7.67
C ASN A 45 -12.23 -4.58 -7.96
N ILE A 46 -12.42 -4.16 -9.20
CA ILE A 46 -12.10 -2.80 -9.59
C ILE A 46 -13.18 -1.86 -9.05
N ASP A 47 -12.76 -0.65 -8.64
CA ASP A 47 -13.63 0.36 -8.03
C ASP A 47 -14.01 -0.04 -6.64
N ASP A 48 -13.15 -0.80 -6.02
CA ASP A 48 -13.36 -1.19 -4.66
C ASP A 48 -12.54 -0.27 -3.82
N GLU A 49 -13.15 0.25 -2.82
CA GLU A 49 -12.59 1.21 -1.93
C GLU A 49 -11.46 0.59 -1.10
N VAL A 50 -10.38 1.32 -0.91
CA VAL A 50 -9.28 0.83 -0.10
C VAL A 50 -8.85 1.89 0.90
N LYS A 51 -8.36 1.44 2.02
CA LYS A 51 -7.90 2.29 3.10
C LYS A 51 -6.39 2.51 2.97
N ILE A 52 -5.98 3.76 2.97
CA ILE A 52 -4.57 4.10 2.98
C ILE A 52 -4.29 4.94 4.22
N ASP A 53 -3.65 4.36 5.21
CA ASP A 53 -3.34 5.11 6.42
C ASP A 53 -1.85 5.01 6.72
N LEU A 54 -1.23 6.09 7.11
CA LEU A 54 0.14 6.12 7.40
C LEU A 54 0.31 5.73 8.85
N VAL A 55 1.14 4.77 9.05
CA VAL A 55 1.43 4.22 10.37
C VAL A 55 2.89 3.79 10.40
N ASP A 56 3.63 4.33 11.36
CA ASP A 56 5.08 4.00 11.60
C ASP A 56 5.93 4.35 10.39
N GLY A 57 5.43 5.21 9.56
CA GLY A 57 6.15 5.61 8.38
C GLY A 57 5.85 4.74 7.16
N LYS A 58 5.01 3.72 7.32
CA LYS A 58 4.64 2.88 6.18
C LYS A 58 3.21 3.13 5.82
N LEU A 59 2.85 2.84 4.60
CA LEU A 59 1.49 2.98 4.20
C LEU A 59 0.79 1.71 4.42
N ILE A 60 -0.16 1.79 5.25
CA ILE A 60 -1.00 0.70 5.60
C ILE A 60 -2.10 0.68 4.62
N ILE A 61 -1.96 -0.18 3.72
CA ILE A 61 -2.90 -0.34 2.67
C ILE A 61 -3.62 -1.66 2.81
N GLU A 62 -4.82 -1.56 3.24
CA GLU A 62 -5.68 -2.69 3.44
C GLU A 62 -6.90 -2.51 2.58
N PRO A 63 -7.04 -3.29 1.50
CA PRO A 63 -8.26 -3.33 0.73
C PRO A 63 -9.42 -3.66 1.64
N VAL A 64 -10.53 -3.19 1.28
CA VAL A 64 -11.66 -3.30 2.13
C VAL A 64 -12.51 -4.43 1.66
N ARG A 65 -12.49 -5.48 2.38
CA ARG A 65 -13.27 -6.62 2.04
C ARG A 65 -14.71 -6.37 2.35
N LYS A 66 -15.53 -6.94 1.55
CA LYS A 66 -16.93 -6.86 1.73
C LYS A 66 -17.38 -8.17 2.30
N GLU A 67 -17.51 -8.16 3.57
CA GLU A 67 -17.92 -9.31 4.31
C GLU A 67 -18.92 -8.81 5.34
N ASN B 1 -12.64 -13.55 18.05
CA ASN B 1 -11.86 -14.24 19.08
C ASN B 1 -12.04 -13.53 20.40
N HIS B 2 -11.61 -14.13 21.48
CA HIS B 2 -11.77 -13.55 22.80
C HIS B 2 -10.43 -13.13 23.33
N LYS B 3 -10.44 -12.48 24.50
CA LYS B 3 -9.23 -11.98 25.18
C LYS B 3 -8.60 -10.88 24.35
N VAL B 4 -9.44 -10.11 23.69
CA VAL B 4 -8.98 -9.03 22.83
C VAL B 4 -8.46 -7.85 23.66
N HIS B 5 -7.17 -7.85 23.89
CA HIS B 5 -6.54 -6.79 24.64
C HIS B 5 -6.10 -5.67 23.72
N HIS B 6 -5.85 -6.02 22.49
CA HIS B 6 -5.46 -5.09 21.49
C HIS B 6 -6.67 -4.78 20.64
N HIS B 7 -7.33 -3.71 20.97
CA HIS B 7 -8.49 -3.29 20.26
C HIS B 7 -8.62 -1.79 20.40
N HIS B 8 -9.07 -1.14 19.37
CA HIS B 8 -9.22 0.31 19.39
C HIS B 8 -10.64 0.71 19.75
N HIS B 9 -11.15 0.04 20.79
CA HIS B 9 -12.51 0.21 21.36
C HIS B 9 -13.59 -0.36 20.46
N HIS B 10 -13.67 0.12 19.27
CA HIS B 10 -14.60 -0.37 18.29
C HIS B 10 -13.83 -0.53 17.01
N MET B 11 -14.29 -1.38 16.12
CA MET B 11 -13.60 -1.52 14.84
C MET B 11 -14.03 -0.43 13.90
N SER B 12 -13.72 0.78 14.29
CA SER B 12 -14.06 1.96 13.56
C SER B 12 -13.23 2.05 12.32
N ASP B 13 -13.84 1.80 11.20
CA ASP B 13 -13.18 1.96 9.94
C ASP B 13 -12.99 3.42 9.65
N ASP B 14 -13.95 4.19 10.08
CA ASP B 14 -14.01 5.65 9.88
C ASP B 14 -12.76 6.35 10.40
N ASP B 15 -12.33 5.98 11.59
CA ASP B 15 -11.15 6.59 12.21
C ASP B 15 -9.86 6.02 11.65
N ASP B 16 -9.94 4.82 11.18
CA ASP B 16 -8.78 4.06 10.70
C ASP B 16 -8.76 4.03 9.15
N LYS B 17 -9.46 4.95 8.55
CA LYS B 17 -9.65 4.91 7.10
C LYS B 17 -8.53 5.66 6.39
N GLY B 18 -8.15 6.78 6.94
CA GLY B 18 -7.14 7.60 6.37
C GLY B 18 -7.61 8.22 5.09
N ILE B 19 -7.05 7.76 4.03
CA ILE B 19 -7.41 8.21 2.72
C ILE B 19 -8.19 7.11 2.06
N HIS B 20 -9.41 7.39 1.67
CA HIS B 20 -10.22 6.37 1.04
C HIS B 20 -10.16 6.49 -0.47
N SER B 21 -9.42 5.63 -1.06
CA SER B 21 -9.25 5.58 -2.48
C SER B 21 -9.88 4.31 -3.02
N SER B 22 -9.57 3.95 -4.22
CA SER B 22 -10.12 2.78 -4.83
C SER B 22 -9.13 2.22 -5.83
N VAL B 23 -9.25 0.96 -6.11
CA VAL B 23 -8.42 0.33 -7.10
C VAL B 23 -9.05 0.54 -8.44
N LYS B 24 -8.34 1.09 -9.37
CA LYS B 24 -8.87 1.31 -10.66
C LYS B 24 -8.17 0.37 -11.64
N ARG B 25 -8.61 0.29 -12.85
CA ARG B 25 -8.02 -0.63 -13.80
C ARG B 25 -7.21 0.10 -14.85
N TRP B 26 -5.93 -0.13 -14.85
CA TRP B 26 -4.99 0.46 -15.77
C TRP B 26 -4.67 -0.59 -16.82
N GLY B 27 -5.39 -0.53 -17.91
CA GLY B 27 -5.24 -1.51 -18.93
C GLY B 27 -5.97 -2.75 -18.50
N ASN B 28 -5.26 -3.82 -18.38
CA ASN B 28 -5.83 -5.04 -17.85
C ASN B 28 -5.22 -5.36 -16.47
N SER B 29 -4.79 -4.34 -15.73
CA SER B 29 -4.18 -4.56 -14.47
C SER B 29 -4.70 -3.56 -13.45
N PRO B 30 -5.01 -4.02 -12.26
CA PRO B 30 -5.45 -3.18 -11.16
C PRO B 30 -4.32 -2.23 -10.70
N ALA B 31 -4.62 -0.97 -10.65
CA ALA B 31 -3.67 0.04 -10.27
C ALA B 31 -4.30 0.98 -9.27
N VAL B 32 -3.53 1.42 -8.32
CA VAL B 32 -4.01 2.35 -7.35
C VAL B 32 -3.14 3.60 -7.41
N ARG B 33 -3.77 4.74 -7.33
CA ARG B 33 -3.11 6.01 -7.43
C ARG B 33 -2.47 6.42 -6.11
N ILE B 34 -1.18 6.65 -6.13
CA ILE B 34 -0.43 7.08 -4.97
C ILE B 34 -0.58 8.59 -4.82
N PRO B 35 -0.98 9.09 -3.64
CA PRO B 35 -1.11 10.53 -3.42
C PRO B 35 0.23 11.24 -3.63
N ALA B 36 0.18 12.35 -4.36
CA ALA B 36 1.36 13.16 -4.65
C ALA B 36 1.95 13.69 -3.34
N THR B 37 1.09 13.84 -2.37
CA THR B 37 1.45 14.26 -1.05
C THR B 37 2.45 13.27 -0.42
N LEU B 38 2.24 11.97 -0.68
CA LEU B 38 3.10 10.92 -0.15
C LEU B 38 4.31 10.76 -1.00
N MET B 39 4.12 10.89 -2.29
CA MET B 39 5.21 10.90 -3.27
C MET B 39 6.29 11.85 -2.83
N GLN B 40 5.87 13.03 -2.50
CA GLN B 40 6.75 14.06 -2.05
C GLN B 40 7.10 13.93 -0.58
N ALA B 41 6.32 13.18 0.17
CA ALA B 41 6.56 13.08 1.61
C ALA B 41 7.82 12.29 1.84
N LEU B 42 7.97 11.30 1.03
CA LEU B 42 9.09 10.42 1.08
C LEU B 42 10.14 10.90 0.09
N ASN B 43 9.65 11.60 -0.90
CA ASN B 43 10.42 12.14 -2.02
C ASN B 43 10.93 11.00 -2.89
N LEU B 44 10.01 10.39 -3.56
CA LEU B 44 10.29 9.35 -4.49
C LEU B 44 9.82 9.82 -5.85
N ASN B 45 10.18 9.12 -6.87
CA ASN B 45 9.78 9.48 -8.21
C ASN B 45 9.21 8.28 -8.90
N ILE B 46 8.88 8.42 -10.16
CA ILE B 46 8.37 7.32 -10.95
C ILE B 46 9.50 6.33 -11.23
N ASP B 47 9.16 5.05 -11.28
CA ASP B 47 10.11 3.96 -11.49
C ASP B 47 10.97 3.75 -10.29
N ASP B 48 10.44 4.09 -9.15
CA ASP B 48 11.14 3.88 -7.92
C ASP B 48 10.57 2.63 -7.31
N GLU B 49 11.43 1.82 -6.82
CA GLU B 49 11.11 0.54 -6.26
C GLU B 49 10.38 0.70 -4.93
N VAL B 50 9.34 -0.11 -4.70
CA VAL B 50 8.62 -0.07 -3.45
C VAL B 50 8.45 -1.47 -2.88
N LYS B 51 8.42 -1.57 -1.56
CA LYS B 51 8.26 -2.84 -0.87
C LYS B 51 6.79 -3.10 -0.59
N ILE B 52 6.30 -4.26 -0.97
CA ILE B 52 4.96 -4.68 -0.64
C ILE B 52 5.03 -5.98 0.15
N ASP B 53 4.81 -5.90 1.44
CA ASP B 53 4.87 -7.10 2.28
C ASP B 53 3.58 -7.19 3.08
N LEU B 54 3.02 -8.37 3.18
CA LEU B 54 1.82 -8.57 3.88
C LEU B 54 2.17 -8.82 5.32
N VAL B 55 1.54 -8.08 6.15
CA VAL B 55 1.73 -8.14 7.61
C VAL B 55 0.41 -7.86 8.29
N ASP B 56 -0.04 -8.78 9.14
CA ASP B 56 -1.28 -8.63 9.95
C ASP B 56 -2.50 -8.38 9.09
N GLY B 57 -2.46 -8.89 7.88
CA GLY B 57 -3.59 -8.75 6.98
C GLY B 57 -3.58 -7.47 6.17
N LYS B 58 -2.64 -6.59 6.41
CA LYS B 58 -2.57 -5.36 5.65
C LYS B 58 -1.34 -5.38 4.78
N LEU B 59 -1.40 -4.66 3.70
CA LEU B 59 -0.26 -4.54 2.85
C LEU B 59 0.58 -3.43 3.31
N ILE B 60 1.73 -3.80 3.69
CA ILE B 60 2.72 -2.89 4.15
C ILE B 60 3.44 -2.39 2.96
N ILE B 61 3.07 -1.25 2.59
CA ILE B 61 3.60 -0.60 1.45
C ILE B 61 4.42 0.60 1.89
N GLU B 62 5.68 0.44 1.78
CA GLU B 62 6.63 1.45 2.14
C GLU B 62 7.51 1.69 0.94
N PRO B 63 7.38 2.85 0.27
CA PRO B 63 8.31 3.27 -0.75
C PRO B 63 9.72 3.23 -0.23
N VAL B 64 10.61 3.01 -1.09
CA VAL B 64 11.97 2.83 -0.67
C VAL B 64 12.72 4.10 -0.92
N ARG B 65 13.00 4.78 0.14
CA ARG B 65 13.72 6.01 0.05
C ARG B 65 15.18 5.78 -0.21
N LYS B 66 15.75 6.70 -0.91
CA LYS B 66 17.14 6.66 -1.21
C LYS B 66 17.81 7.69 -0.34
N GLU B 67 18.33 7.22 0.73
CA GLU B 67 18.96 8.05 1.70
C GLU B 67 20.25 7.40 2.10
N ASN A 1 33.43 -11.82 13.38
CA ASN A 1 34.79 -11.24 13.31
C ASN A 1 35.16 -10.88 11.88
N HIS A 2 34.96 -11.80 10.96
CA HIS A 2 35.31 -11.58 9.57
C HIS A 2 34.09 -11.72 8.70
N LYS A 3 34.03 -10.94 7.65
CA LYS A 3 32.93 -10.99 6.73
C LYS A 3 33.20 -12.04 5.68
N VAL A 4 33.04 -13.29 6.07
CA VAL A 4 33.28 -14.42 5.21
C VAL A 4 32.29 -14.43 4.04
N HIS A 5 32.84 -14.50 2.81
CA HIS A 5 32.07 -14.56 1.55
C HIS A 5 31.25 -13.29 1.34
N HIS A 6 31.56 -12.25 2.12
CA HIS A 6 30.78 -10.99 2.18
C HIS A 6 29.35 -11.26 2.65
N HIS A 7 29.16 -12.40 3.27
CA HIS A 7 27.89 -12.80 3.75
C HIS A 7 27.80 -12.49 5.23
N HIS A 8 27.73 -11.22 5.52
CA HIS A 8 27.63 -10.74 6.89
C HIS A 8 26.17 -10.47 7.22
N HIS A 9 25.35 -10.59 6.20
CA HIS A 9 23.93 -10.39 6.29
C HIS A 9 23.30 -11.31 5.27
N HIS A 10 22.10 -11.71 5.50
CA HIS A 10 21.43 -12.62 4.63
C HIS A 10 20.12 -12.04 4.15
N MET A 11 19.92 -12.09 2.85
CA MET A 11 18.65 -11.72 2.22
C MET A 11 17.50 -12.48 2.91
N SER A 12 16.73 -11.75 3.69
CA SER A 12 15.73 -12.32 4.57
C SER A 12 14.37 -12.45 3.87
N ASP A 13 14.41 -12.89 2.61
CA ASP A 13 13.23 -12.99 1.68
C ASP A 13 12.06 -13.70 2.30
N ASP A 14 12.35 -14.68 3.09
CA ASP A 14 11.33 -15.53 3.71
C ASP A 14 10.45 -14.77 4.70
N ASP A 15 11.04 -13.88 5.44
CA ASP A 15 10.30 -13.10 6.44
C ASP A 15 9.90 -11.77 5.84
N ASP A 16 10.91 -11.00 5.51
CA ASP A 16 10.75 -9.73 4.85
C ASP A 16 10.74 -10.04 3.40
N LYS A 17 9.56 -10.06 2.86
CA LYS A 17 9.32 -10.58 1.54
C LYS A 17 9.91 -9.67 0.50
N GLY A 18 9.74 -8.38 0.72
CA GLY A 18 10.29 -7.37 -0.16
C GLY A 18 9.96 -7.61 -1.61
N ILE A 19 8.71 -7.70 -1.93
CA ILE A 19 8.34 -7.82 -3.31
C ILE A 19 8.47 -6.44 -3.91
N HIS A 20 9.46 -6.28 -4.75
CA HIS A 20 9.73 -4.98 -5.34
C HIS A 20 9.00 -4.79 -6.65
N SER A 21 8.17 -3.79 -6.67
CA SER A 21 7.46 -3.40 -7.86
C SER A 21 8.05 -2.05 -8.30
N SER A 22 7.22 -1.17 -8.81
CA SER A 22 7.66 0.14 -9.20
C SER A 22 6.46 1.06 -9.30
N VAL A 23 6.62 2.26 -8.80
CA VAL A 23 5.61 3.29 -8.91
C VAL A 23 5.73 3.89 -10.28
N LYS A 24 4.72 3.74 -11.07
CA LYS A 24 4.80 4.28 -12.38
C LYS A 24 3.81 5.45 -12.45
N ARG A 25 3.77 6.13 -13.56
CA ARG A 25 2.89 7.27 -13.67
C ARG A 25 1.75 6.96 -14.64
N TRP A 26 0.56 6.94 -14.11
CA TRP A 26 -0.65 6.68 -14.87
C TRP A 26 -1.38 8.01 -15.05
N GLY A 27 -1.15 8.65 -16.18
CA GLY A 27 -1.64 9.97 -16.39
C GLY A 27 -0.73 10.90 -15.66
N ASN A 28 -1.25 11.68 -14.77
CA ASN A 28 -0.39 12.50 -13.93
C ASN A 28 -0.44 11.99 -12.48
N SER A 29 -0.70 10.69 -12.30
CA SER A 29 -0.88 10.16 -11.00
C SER A 29 0.00 8.94 -10.82
N PRO A 30 0.74 8.87 -9.73
CA PRO A 30 1.55 7.71 -9.39
C PRO A 30 0.65 6.50 -9.13
N ALA A 31 0.86 5.46 -9.88
CA ALA A 31 0.10 4.27 -9.76
C ALA A 31 1.01 3.09 -9.59
N VAL A 32 0.69 2.28 -8.64
CA VAL A 32 1.44 1.09 -8.36
C VAL A 32 0.65 -0.08 -8.87
N ARG A 33 1.34 -1.00 -9.49
CA ARG A 33 0.75 -2.21 -9.95
C ARG A 33 0.59 -3.17 -8.78
N ILE A 34 -0.64 -3.50 -8.46
CA ILE A 34 -0.93 -4.41 -7.38
C ILE A 34 -1.12 -5.82 -7.94
N PRO A 35 -0.61 -6.86 -7.25
CA PRO A 35 -0.89 -8.23 -7.63
C PRO A 35 -2.37 -8.56 -7.35
N ALA A 36 -3.07 -8.95 -8.39
CA ALA A 36 -4.49 -9.25 -8.32
C ALA A 36 -4.77 -10.44 -7.40
N THR A 37 -3.76 -11.26 -7.24
CA THR A 37 -3.77 -12.42 -6.36
C THR A 37 -4.14 -12.03 -4.89
N LEU A 38 -3.84 -10.80 -4.49
CA LEU A 38 -4.14 -10.31 -3.13
C LEU A 38 -5.54 -9.81 -3.04
N MET A 39 -6.00 -9.28 -4.13
CA MET A 39 -7.40 -8.88 -4.25
C MET A 39 -8.24 -10.13 -4.10
N GLN A 40 -7.81 -11.15 -4.79
CA GLN A 40 -8.40 -12.47 -4.75
C GLN A 40 -8.19 -13.15 -3.42
N ALA A 41 -7.15 -12.75 -2.71
CA ALA A 41 -6.86 -13.29 -1.38
C ALA A 41 -7.96 -12.91 -0.40
N LEU A 42 -8.48 -11.71 -0.54
CA LEU A 42 -9.58 -11.29 0.32
C LEU A 42 -10.90 -11.64 -0.33
N ASN A 43 -10.83 -11.82 -1.64
CA ASN A 43 -11.99 -12.04 -2.51
C ASN A 43 -12.74 -10.76 -2.74
N LEU A 44 -12.13 -9.86 -3.47
CA LEU A 44 -12.71 -8.64 -3.89
C LEU A 44 -12.40 -8.45 -5.38
N ASN A 45 -12.94 -7.41 -5.98
CA ASN A 45 -12.74 -7.14 -7.42
C ASN A 45 -12.47 -5.69 -7.64
N ILE A 46 -12.02 -5.37 -8.86
CA ILE A 46 -11.74 -3.99 -9.31
C ILE A 46 -12.89 -3.04 -8.97
N ASP A 47 -12.53 -1.78 -8.70
CA ASP A 47 -13.45 -0.68 -8.40
C ASP A 47 -13.75 -0.65 -6.90
N ASP A 48 -12.98 -1.43 -6.15
CA ASP A 48 -13.09 -1.50 -4.73
C ASP A 48 -12.39 -0.29 -4.15
N GLU A 49 -12.26 -0.20 -2.87
CA GLU A 49 -11.70 0.98 -2.30
C GLU A 49 -10.66 0.61 -1.31
N VAL A 50 -9.77 1.51 -1.00
CA VAL A 50 -8.74 1.18 -0.06
C VAL A 50 -8.59 2.26 0.93
N LYS A 51 -8.29 1.86 2.12
CA LYS A 51 -8.02 2.79 3.19
C LYS A 51 -6.53 3.04 3.27
N ILE A 52 -6.11 4.21 2.82
CA ILE A 52 -4.72 4.60 2.91
C ILE A 52 -4.51 5.27 4.25
N ASP A 53 -3.63 4.74 5.02
CA ASP A 53 -3.24 5.36 6.27
C ASP A 53 -1.73 5.35 6.31
N LEU A 54 -1.14 6.39 6.80
CA LEU A 54 0.24 6.48 6.91
C LEU A 54 0.60 6.12 8.32
N VAL A 55 1.52 5.26 8.44
CA VAL A 55 2.01 4.81 9.72
C VAL A 55 3.52 4.65 9.63
N ASP A 56 4.22 5.56 10.27
CA ASP A 56 5.69 5.56 10.38
C ASP A 56 6.40 5.34 9.05
N GLY A 57 6.20 6.27 8.14
CA GLY A 57 6.88 6.23 6.85
C GLY A 57 6.32 5.21 5.84
N LYS A 58 5.47 4.30 6.27
CA LYS A 58 4.91 3.33 5.36
C LYS A 58 3.42 3.51 5.22
N LEU A 59 2.92 3.19 4.08
CA LEU A 59 1.53 3.30 3.81
C LEU A 59 0.88 1.98 4.01
N ILE A 60 -0.11 2.01 4.79
CA ILE A 60 -0.86 0.84 5.08
C ILE A 60 -1.96 0.80 4.10
N ILE A 61 -1.88 -0.12 3.23
CA ILE A 61 -2.82 -0.26 2.17
C ILE A 61 -3.65 -1.51 2.38
N GLU A 62 -4.85 -1.32 2.82
CA GLU A 62 -5.76 -2.41 3.10
C GLU A 62 -6.97 -2.26 2.19
N PRO A 63 -7.04 -3.05 1.10
CA PRO A 63 -8.20 -3.12 0.23
C PRO A 63 -9.46 -3.46 0.98
N VAL A 64 -10.48 -2.86 0.55
CA VAL A 64 -11.78 -2.96 1.13
C VAL A 64 -12.85 -2.99 0.07
N ARG A 65 -13.54 -4.11 -0.02
CA ARG A 65 -14.51 -4.30 -1.04
C ARG A 65 -15.77 -3.50 -0.80
N LYS A 66 -16.41 -3.21 -1.87
CA LYS A 66 -17.62 -2.55 -1.91
C LYS A 66 -18.45 -3.34 -2.87
N GLU A 67 -19.68 -3.48 -2.54
CA GLU A 67 -20.58 -4.45 -3.14
C GLU A 67 -19.96 -5.84 -2.96
N ASN B 1 -26.18 3.32 27.27
CA ASN B 1 -27.47 2.60 27.41
C ASN B 1 -28.31 2.74 26.16
N HIS B 2 -28.48 3.95 25.69
CA HIS B 2 -29.28 4.20 24.51
C HIS B 2 -28.42 4.74 23.41
N LYS B 3 -28.78 4.47 22.18
CA LYS B 3 -28.03 4.99 21.06
C LYS B 3 -28.56 6.37 20.71
N VAL B 4 -28.05 7.36 21.39
CA VAL B 4 -28.51 8.72 21.24
C VAL B 4 -27.98 9.31 19.94
N HIS B 5 -28.92 9.80 19.11
CA HIS B 5 -28.64 10.41 17.79
C HIS B 5 -28.06 9.37 16.83
N HIS B 6 -28.14 8.09 17.24
CA HIS B 6 -27.52 6.94 16.54
C HIS B 6 -25.99 7.04 16.61
N HIS B 7 -25.51 7.94 17.45
CA HIS B 7 -24.10 8.20 17.58
C HIS B 7 -23.54 7.33 18.69
N HIS B 8 -23.43 6.06 18.40
CA HIS B 8 -22.92 5.08 19.35
C HIS B 8 -21.47 4.76 18.98
N HIS B 9 -21.03 5.40 17.93
CA HIS B 9 -19.70 5.28 17.40
C HIS B 9 -19.38 6.59 16.76
N HIS B 10 -18.13 6.90 16.68
CA HIS B 10 -17.71 8.14 16.09
C HIS B 10 -16.69 7.87 15.02
N MET B 11 -16.88 8.53 13.89
CA MET B 11 -15.95 8.48 12.79
C MET B 11 -14.58 8.95 13.26
N SER B 12 -13.68 8.02 13.39
CA SER B 12 -12.39 8.25 14.00
C SER B 12 -11.36 8.74 12.97
N ASP B 13 -11.78 9.74 12.20
CA ASP B 13 -11.02 10.31 11.05
C ASP B 13 -9.64 10.81 11.46
N ASP B 14 -9.56 11.25 12.68
CA ASP B 14 -8.33 11.85 13.23
C ASP B 14 -7.24 10.81 13.45
N ASP B 15 -7.60 9.66 13.96
CA ASP B 15 -6.62 8.62 14.24
C ASP B 15 -6.55 7.66 13.09
N ASP B 16 -7.67 7.08 12.76
CA ASP B 16 -7.78 6.19 11.63
C ASP B 16 -8.19 7.06 10.48
N LYS B 17 -7.23 7.41 9.67
CA LYS B 17 -7.39 8.44 8.66
C LYS B 17 -8.37 7.99 7.61
N GLY B 18 -8.22 6.74 7.22
CA GLY B 18 -9.09 6.12 6.26
C GLY B 18 -9.27 6.96 5.02
N ILE B 19 -8.21 7.23 4.32
CA ILE B 19 -8.32 7.91 3.06
C ILE B 19 -8.74 6.89 2.05
N HIS B 20 -9.96 6.98 1.59
CA HIS B 20 -10.48 5.98 0.67
C HIS B 20 -10.20 6.36 -0.75
N SER B 21 -9.46 5.52 -1.43
CA SER B 21 -9.22 5.69 -2.82
C SER B 21 -10.00 4.59 -3.53
N SER B 22 -9.53 4.12 -4.64
CA SER B 22 -10.17 3.06 -5.33
C SER B 22 -9.15 2.37 -6.20
N VAL B 23 -9.24 1.08 -6.22
CA VAL B 23 -8.41 0.25 -7.07
C VAL B 23 -9.01 0.27 -8.44
N LYS B 24 -8.31 0.82 -9.38
CA LYS B 24 -8.85 0.90 -10.68
C LYS B 24 -8.04 -0.05 -11.56
N ARG B 25 -8.49 -0.30 -12.75
CA ARG B 25 -7.77 -1.18 -13.63
C ARG B 25 -6.98 -0.38 -14.67
N TRP B 26 -5.70 -0.55 -14.64
CA TRP B 26 -4.78 0.07 -15.58
C TRP B 26 -4.26 -1.03 -16.48
N GLY B 27 -4.86 -1.16 -17.64
CA GLY B 27 -4.52 -2.23 -18.54
C GLY B 27 -5.17 -3.47 -18.01
N ASN B 28 -4.38 -4.45 -17.71
CA ASN B 28 -4.90 -5.64 -17.05
C ASN B 28 -4.39 -5.73 -15.63
N SER B 29 -4.04 -4.61 -15.01
CA SER B 29 -3.48 -4.63 -13.72
C SER B 29 -4.22 -3.68 -12.81
N PRO B 30 -4.55 -4.11 -11.61
CA PRO B 30 -5.12 -3.26 -10.60
C PRO B 30 -4.11 -2.19 -10.17
N ALA B 31 -4.46 -0.96 -10.33
CA ALA B 31 -3.59 0.10 -9.99
C ALA B 31 -4.30 1.05 -9.06
N VAL B 32 -3.62 1.40 -8.02
CA VAL B 32 -4.14 2.34 -7.07
C VAL B 32 -3.49 3.68 -7.29
N ARG B 33 -4.28 4.72 -7.22
CA ARG B 33 -3.79 6.05 -7.34
C ARG B 33 -3.18 6.49 -6.01
N ILE B 34 -1.89 6.69 -5.99
CA ILE B 34 -1.19 7.12 -4.79
C ILE B 34 -1.08 8.64 -4.78
N PRO B 35 -1.30 9.28 -3.62
CA PRO B 35 -1.06 10.72 -3.49
C PRO B 35 0.45 11.01 -3.59
N ALA B 36 0.83 11.82 -4.56
CA ALA B 36 2.23 12.15 -4.82
C ALA B 36 2.87 12.87 -3.65
N THR B 37 2.04 13.51 -2.87
CA THR B 37 2.40 14.21 -1.67
C THR B 37 3.20 13.29 -0.66
N LEU B 38 2.96 11.98 -0.72
CA LEU B 38 3.63 10.99 0.15
C LEU B 38 4.95 10.58 -0.43
N MET B 39 4.99 10.55 -1.72
CA MET B 39 6.25 10.32 -2.46
C MET B 39 7.18 11.46 -2.10
N GLN B 40 6.62 12.63 -2.11
CA GLN B 40 7.29 13.85 -1.73
C GLN B 40 7.59 13.90 -0.25
N ALA B 41 6.79 13.20 0.52
CA ALA B 41 6.98 13.13 1.97
C ALA B 41 8.27 12.42 2.33
N LEU B 42 8.69 11.46 1.50
CA LEU B 42 9.98 10.81 1.73
C LEU B 42 11.03 11.47 0.86
N ASN B 43 10.56 12.23 -0.11
CA ASN B 43 11.38 12.85 -1.15
C ASN B 43 11.93 11.84 -2.13
N LEU B 44 11.03 11.30 -2.91
CA LEU B 44 11.33 10.41 -3.97
C LEU B 44 10.52 10.81 -5.21
N ASN B 45 10.74 10.17 -6.33
CA ASN B 45 10.05 10.50 -7.58
C ASN B 45 9.62 9.25 -8.28
N ILE B 46 8.82 9.41 -9.36
CA ILE B 46 8.31 8.31 -10.18
C ILE B 46 9.46 7.40 -10.67
N ASP B 47 9.12 6.11 -10.82
CA ASP B 47 10.01 5.05 -11.32
C ASP B 47 10.77 4.43 -10.18
N ASP B 48 10.35 4.77 -8.96
CA ASP B 48 10.94 4.24 -7.76
C ASP B 48 10.35 2.86 -7.53
N GLU B 49 10.67 2.23 -6.45
CA GLU B 49 10.23 0.89 -6.25
C GLU B 49 9.60 0.76 -4.92
N VAL B 50 8.78 -0.22 -4.70
CA VAL B 50 8.13 -0.34 -3.42
C VAL B 50 8.21 -1.75 -2.94
N LYS B 51 8.37 -1.91 -1.66
CA LYS B 51 8.41 -3.21 -1.04
C LYS B 51 7.02 -3.61 -0.58
N ILE B 52 6.38 -4.48 -1.32
CA ILE B 52 5.08 -4.99 -0.96
C ILE B 52 5.26 -6.16 -0.01
N ASP B 53 4.77 -6.02 1.17
CA ASP B 53 4.76 -7.11 2.11
C ASP B 53 3.36 -7.24 2.66
N LEU B 54 2.87 -8.43 2.84
CA LEU B 54 1.61 -8.66 3.36
C LEU B 54 1.75 -8.92 4.82
N VAL B 55 0.98 -8.24 5.57
CA VAL B 55 0.97 -8.36 7.02
C VAL B 55 -0.46 -8.28 7.49
N ASP B 56 -0.97 -9.43 7.92
CA ASP B 56 -2.31 -9.58 8.49
C ASP B 56 -3.41 -8.90 7.65
N GLY B 57 -3.59 -9.38 6.45
CA GLY B 57 -4.65 -8.86 5.59
C GLY B 57 -4.37 -7.52 4.91
N LYS B 58 -3.36 -6.79 5.37
CA LYS B 58 -3.06 -5.51 4.77
C LYS B 58 -1.71 -5.53 4.12
N LEU B 59 -1.60 -4.72 3.12
CA LEU B 59 -0.39 -4.61 2.38
C LEU B 59 0.38 -3.45 2.89
N ILE B 60 1.57 -3.71 3.23
CA ILE B 60 2.44 -2.71 3.70
C ILE B 60 3.16 -2.20 2.51
N ILE B 61 2.86 -1.01 2.18
CA ILE B 61 3.38 -0.39 1.01
C ILE B 61 4.31 0.74 1.42
N GLU B 62 5.57 0.48 1.30
CA GLU B 62 6.58 1.43 1.63
C GLU B 62 7.40 1.73 0.40
N PRO B 63 7.19 2.91 -0.22
CA PRO B 63 8.03 3.38 -1.31
C PRO B 63 9.49 3.45 -0.93
N VAL B 64 10.26 3.16 -1.88
CA VAL B 64 11.69 3.12 -1.76
C VAL B 64 12.36 3.65 -3.02
N ARG B 65 13.07 4.76 -2.87
CA ARG B 65 13.65 5.40 -4.00
C ARG B 65 14.86 4.66 -4.52
N LYS B 66 15.09 4.86 -5.77
CA LYS B 66 16.18 4.39 -6.47
C LYS B 66 16.64 5.56 -7.29
N GLU B 67 17.92 5.70 -7.33
CA GLU B 67 18.61 6.90 -7.76
C GLU B 67 18.17 8.06 -6.86
N ASN A 1 32.11 -17.10 -7.30
CA ASN A 1 31.51 -15.92 -6.68
C ASN A 1 32.61 -14.96 -6.36
N HIS A 2 32.30 -13.69 -6.36
CA HIS A 2 33.29 -12.67 -6.12
C HIS A 2 32.71 -11.62 -5.18
N LYS A 3 33.49 -10.64 -4.85
CA LYS A 3 33.00 -9.53 -4.07
C LYS A 3 32.38 -8.54 -5.02
N VAL A 4 31.07 -8.50 -5.06
CA VAL A 4 30.40 -7.53 -5.90
C VAL A 4 30.33 -6.20 -5.16
N HIS A 5 30.24 -6.31 -3.85
CA HIS A 5 30.16 -5.20 -2.92
C HIS A 5 28.94 -4.32 -3.16
N HIS A 6 27.99 -4.50 -2.33
CA HIS A 6 26.80 -3.71 -2.31
C HIS A 6 26.60 -3.30 -0.88
N HIS A 7 25.83 -2.30 -0.65
CA HIS A 7 25.63 -1.85 0.70
C HIS A 7 24.48 -2.62 1.30
N HIS A 8 24.49 -2.75 2.60
CA HIS A 8 23.43 -3.41 3.36
C HIS A 8 23.28 -4.87 2.96
N HIS A 9 24.20 -5.71 3.43
CA HIS A 9 24.08 -7.12 3.18
C HIS A 9 22.93 -7.66 4.00
N HIS A 10 22.00 -8.27 3.36
CA HIS A 10 20.80 -8.66 4.02
C HIS A 10 20.51 -10.11 3.76
N MET A 11 20.20 -10.81 4.81
CA MET A 11 19.91 -12.22 4.74
C MET A 11 18.41 -12.41 4.62
N SER A 12 17.70 -11.31 4.70
CA SER A 12 16.27 -11.28 4.59
C SER A 12 15.85 -11.37 3.12
N ASP A 13 15.98 -12.53 2.54
CA ASP A 13 15.61 -12.75 1.15
C ASP A 13 14.14 -13.06 1.07
N ASP A 14 13.71 -13.79 2.03
CA ASP A 14 12.33 -14.23 2.12
C ASP A 14 11.59 -13.45 3.17
N ASP A 15 12.30 -13.16 4.26
CA ASP A 15 11.80 -12.42 5.41
C ASP A 15 11.25 -11.08 4.99
N ASP A 16 11.99 -10.44 4.15
CA ASP A 16 11.70 -9.12 3.69
C ASP A 16 11.62 -9.22 2.18
N LYS A 17 11.55 -8.09 1.50
CA LYS A 17 11.53 -8.01 0.04
C LYS A 17 10.41 -8.83 -0.58
N GLY A 18 9.27 -8.91 0.13
CA GLY A 18 8.11 -9.73 -0.29
C GLY A 18 7.81 -9.65 -1.77
N ILE A 19 7.37 -8.50 -2.20
CA ILE A 19 7.17 -8.25 -3.60
C ILE A 19 7.81 -6.89 -3.89
N HIS A 20 8.80 -6.86 -4.73
CA HIS A 20 9.43 -5.59 -5.04
C HIS A 20 8.82 -5.01 -6.29
N SER A 21 7.97 -4.07 -6.07
CA SER A 21 7.21 -3.42 -7.08
C SER A 21 7.74 -2.01 -7.33
N SER A 22 6.96 -1.18 -7.98
CA SER A 22 7.37 0.14 -8.31
C SER A 22 6.16 1.02 -8.54
N VAL A 23 6.41 2.29 -8.70
CA VAL A 23 5.38 3.27 -8.87
C VAL A 23 5.54 3.86 -10.22
N LYS A 24 4.60 3.71 -11.06
CA LYS A 24 4.69 4.30 -12.36
C LYS A 24 3.65 5.38 -12.50
N ARG A 25 3.67 6.11 -13.58
CA ARG A 25 2.75 7.22 -13.74
C ARG A 25 1.61 6.86 -14.68
N TRP A 26 0.43 6.86 -14.14
CA TRP A 26 -0.77 6.61 -14.89
C TRP A 26 -1.51 7.92 -14.98
N GLY A 27 -1.35 8.59 -16.08
CA GLY A 27 -1.90 9.89 -16.24
C GLY A 27 -1.09 10.85 -15.42
N ASN A 28 -1.73 11.63 -14.61
CA ASN A 28 -1.00 12.50 -13.71
C ASN A 28 -0.85 11.86 -12.33
N SER A 29 -1.12 10.57 -12.21
CA SER A 29 -1.17 9.98 -10.93
C SER A 29 -0.20 8.83 -10.82
N PRO A 30 0.64 8.86 -9.82
CA PRO A 30 1.48 7.73 -9.50
C PRO A 30 0.61 6.53 -9.16
N ALA A 31 0.83 5.45 -9.84
CA ALA A 31 0.04 4.27 -9.68
C ALA A 31 0.91 3.09 -9.32
N VAL A 32 0.41 2.28 -8.42
CA VAL A 32 1.10 1.08 -7.98
C VAL A 32 0.43 -0.11 -8.60
N ARG A 33 1.21 -0.97 -9.21
CA ARG A 33 0.70 -2.15 -9.83
C ARG A 33 0.49 -3.26 -8.81
N ILE A 34 -0.75 -3.54 -8.50
CA ILE A 34 -1.08 -4.56 -7.53
C ILE A 34 -1.18 -5.89 -8.26
N PRO A 35 -0.46 -6.91 -7.80
CA PRO A 35 -0.55 -8.23 -8.38
C PRO A 35 -1.97 -8.80 -8.22
N ALA A 36 -2.52 -9.32 -9.29
CA ALA A 36 -3.90 -9.85 -9.31
C ALA A 36 -4.05 -10.99 -8.31
N THR A 37 -2.96 -11.68 -8.07
CA THR A 37 -2.88 -12.76 -7.13
C THR A 37 -3.29 -12.28 -5.72
N LEU A 38 -2.86 -11.08 -5.36
CA LEU A 38 -3.13 -10.50 -4.05
C LEU A 38 -4.51 -9.96 -3.98
N MET A 39 -4.95 -9.46 -5.09
CA MET A 39 -6.33 -9.00 -5.25
C MET A 39 -7.28 -10.13 -4.90
N GLN A 40 -6.98 -11.28 -5.43
CA GLN A 40 -7.70 -12.49 -5.13
C GLN A 40 -7.47 -12.92 -3.69
N ALA A 41 -6.25 -12.71 -3.21
CA ALA A 41 -5.86 -13.20 -1.87
C ALA A 41 -6.54 -12.43 -0.76
N LEU A 42 -6.80 -11.17 -1.01
CA LEU A 42 -7.46 -10.31 -0.04
C LEU A 42 -8.94 -10.19 -0.38
N ASN A 43 -9.29 -10.73 -1.53
CA ASN A 43 -10.63 -10.78 -2.08
C ASN A 43 -11.24 -9.39 -2.31
N LEU A 44 -10.66 -8.67 -3.23
CA LEU A 44 -11.17 -7.44 -3.69
C LEU A 44 -11.20 -7.47 -5.20
N ASN A 45 -11.81 -6.48 -5.79
CA ASN A 45 -11.91 -6.39 -7.24
C ASN A 45 -11.65 -4.96 -7.67
N ILE A 46 -11.80 -4.68 -8.94
CA ILE A 46 -11.61 -3.35 -9.45
C ILE A 46 -12.76 -2.45 -9.01
N ASP A 47 -12.39 -1.24 -8.65
CA ASP A 47 -13.23 -0.22 -8.10
C ASP A 47 -13.74 -0.67 -6.77
N ASP A 48 -12.83 -1.09 -6.00
CA ASP A 48 -13.08 -1.37 -4.63
C ASP A 48 -12.36 -0.30 -3.88
N GLU A 49 -13.01 0.28 -2.94
CA GLU A 49 -12.47 1.35 -2.18
C GLU A 49 -11.62 0.79 -1.05
N VAL A 50 -10.42 1.34 -0.90
CA VAL A 50 -9.49 0.88 0.10
C VAL A 50 -8.97 2.05 0.91
N LYS A 51 -8.52 1.77 2.09
CA LYS A 51 -7.94 2.81 2.90
C LYS A 51 -6.45 2.88 2.70
N ILE A 52 -5.95 4.08 2.64
CA ILE A 52 -4.54 4.30 2.63
C ILE A 52 -4.26 5.08 3.92
N ASP A 53 -3.80 4.40 4.92
CA ASP A 53 -3.47 5.05 6.18
C ASP A 53 -1.97 5.15 6.29
N LEU A 54 -1.47 6.29 6.71
CA LEU A 54 -0.10 6.46 6.89
C LEU A 54 0.17 6.15 8.33
N VAL A 55 1.08 5.26 8.53
CA VAL A 55 1.47 4.77 9.84
C VAL A 55 2.95 4.43 9.79
N ASP A 56 3.73 4.88 10.78
CA ASP A 56 5.19 4.58 10.91
C ASP A 56 5.99 5.00 9.68
N GLY A 57 5.47 5.97 8.96
CA GLY A 57 6.15 6.46 7.78
C GLY A 57 6.00 5.54 6.59
N LYS A 58 5.03 4.64 6.63
CA LYS A 58 4.82 3.77 5.50
C LYS A 58 3.36 3.80 5.12
N LEU A 59 3.04 3.28 3.95
CA LEU A 59 1.71 3.27 3.46
C LEU A 59 1.07 1.98 3.82
N ILE A 60 0.09 2.09 4.60
CA ILE A 60 -0.65 0.97 5.06
C ILE A 60 -1.93 0.90 4.29
N ILE A 61 -2.11 -0.18 3.61
CA ILE A 61 -3.26 -0.34 2.79
C ILE A 61 -4.07 -1.51 3.26
N GLU A 62 -5.29 -1.24 3.58
CA GLU A 62 -6.20 -2.24 4.05
C GLU A 62 -7.43 -2.06 3.21
N PRO A 63 -8.21 -3.09 2.94
CA PRO A 63 -9.35 -2.94 2.14
C PRO A 63 -10.50 -2.43 3.00
N VAL A 64 -11.54 -2.06 2.39
CA VAL A 64 -12.66 -1.55 3.16
C VAL A 64 -13.72 -2.58 3.16
N ARG A 65 -14.02 -3.08 4.31
CA ARG A 65 -15.02 -4.09 4.44
C ARG A 65 -16.38 -3.48 4.25
N LYS A 66 -17.12 -4.04 3.34
CA LYS A 66 -18.40 -3.54 3.02
C LYS A 66 -19.39 -4.22 3.91
N GLU A 67 -19.71 -3.55 4.96
CA GLU A 67 -20.64 -4.00 5.94
C GLU A 67 -21.35 -2.78 6.43
N ASN B 1 -31.21 16.30 11.11
CA ASN B 1 -30.52 15.01 11.23
C ASN B 1 -31.58 13.95 11.36
N HIS B 2 -31.29 12.76 10.90
CA HIS B 2 -32.24 11.67 10.99
C HIS B 2 -31.50 10.36 11.13
N LYS B 3 -32.23 9.30 11.27
CA LYS B 3 -31.63 8.00 11.33
C LYS B 3 -31.44 7.50 9.91
N VAL B 4 -30.25 7.65 9.39
CA VAL B 4 -29.95 7.18 8.07
C VAL B 4 -29.76 5.67 8.09
N HIS B 5 -29.26 5.20 9.23
CA HIS B 5 -28.98 3.80 9.53
C HIS B 5 -27.96 3.20 8.59
N HIS B 6 -26.77 3.11 9.07
CA HIS B 6 -25.71 2.47 8.35
C HIS B 6 -25.08 1.52 9.32
N HIS B 7 -24.34 0.59 8.84
CA HIS B 7 -23.73 -0.34 9.75
C HIS B 7 -22.40 0.21 10.15
N HIS B 8 -21.97 -0.15 11.33
CA HIS B 8 -20.69 0.25 11.88
C HIS B 8 -20.61 1.75 12.10
N HIS B 9 -21.19 2.19 13.18
CA HIS B 9 -21.09 3.57 13.54
C HIS B 9 -19.71 3.80 14.09
N HIS B 10 -19.00 4.65 13.44
CA HIS B 10 -17.63 4.86 13.76
C HIS B 10 -17.36 6.30 14.02
N MET B 11 -16.64 6.55 15.07
CA MET B 11 -16.29 7.89 15.46
C MET B 11 -14.86 8.18 15.05
N SER B 12 -14.30 7.25 14.31
CA SER B 12 -12.92 7.29 13.86
C SER B 12 -12.78 8.10 12.55
N ASP B 13 -13.36 9.29 12.55
CA ASP B 13 -13.36 10.16 11.35
C ASP B 13 -11.97 10.57 10.94
N ASP B 14 -11.18 10.92 11.89
CA ASP B 14 -9.82 11.39 11.64
C ASP B 14 -8.81 10.34 12.03
N ASP B 15 -9.18 9.52 13.02
CA ASP B 15 -8.37 8.45 13.53
C ASP B 15 -8.07 7.46 12.43
N ASP B 16 -9.11 7.08 11.75
CA ASP B 16 -9.04 6.07 10.74
C ASP B 16 -9.51 6.74 9.46
N LYS B 17 -9.73 5.98 8.39
CA LYS B 17 -10.24 6.49 7.11
C LYS B 17 -9.34 7.59 6.56
N GLY B 18 -8.03 7.45 6.79
CA GLY B 18 -7.03 8.47 6.41
C GLY B 18 -7.22 8.97 4.99
N ILE B 19 -7.01 8.12 4.04
CA ILE B 19 -7.28 8.45 2.67
C ILE B 19 -8.07 7.31 2.07
N HIS B 20 -9.31 7.53 1.76
CA HIS B 20 -10.08 6.50 1.14
C HIS B 20 -9.89 6.56 -0.36
N SER B 21 -9.26 5.56 -0.86
CA SER B 21 -8.88 5.45 -2.23
C SER B 21 -9.56 4.25 -2.85
N SER B 22 -9.12 3.84 -3.99
CA SER B 22 -9.71 2.75 -4.68
C SER B 22 -8.70 2.15 -5.65
N VAL B 23 -9.06 1.03 -6.19
CA VAL B 23 -8.22 0.28 -7.08
C VAL B 23 -8.89 0.28 -8.41
N LYS B 24 -8.23 0.74 -9.40
CA LYS B 24 -8.79 0.74 -10.71
C LYS B 24 -7.95 -0.12 -11.63
N ARG B 25 -8.37 -0.33 -12.85
CA ARG B 25 -7.65 -1.21 -13.74
C ARG B 25 -6.85 -0.40 -14.77
N TRP B 26 -5.56 -0.57 -14.73
CA TRP B 26 -4.65 0.06 -15.66
C TRP B 26 -4.05 -1.05 -16.50
N GLY B 27 -4.60 -1.23 -17.68
CA GLY B 27 -4.20 -2.33 -18.52
C GLY B 27 -4.79 -3.57 -17.94
N ASN B 28 -4.00 -4.58 -17.74
CA ASN B 28 -4.48 -5.78 -17.08
C ASN B 28 -4.12 -5.75 -15.58
N SER B 29 -3.71 -4.60 -15.06
CA SER B 29 -3.21 -4.58 -13.75
C SER B 29 -4.00 -3.63 -12.88
N PRO B 30 -4.46 -4.11 -11.74
CA PRO B 30 -5.07 -3.27 -10.75
C PRO B 30 -4.06 -2.24 -10.25
N ALA B 31 -4.41 -1.00 -10.34
CA ALA B 31 -3.54 0.06 -10.00
C ALA B 31 -4.15 0.93 -8.92
N VAL B 32 -3.33 1.34 -7.99
CA VAL B 32 -3.74 2.19 -6.90
C VAL B 32 -3.20 3.58 -7.15
N ARG B 33 -4.07 4.57 -7.05
CA ARG B 33 -3.70 5.94 -7.23
C ARG B 33 -3.05 6.47 -5.97
N ILE B 34 -1.78 6.77 -6.04
CA ILE B 34 -1.08 7.32 -4.89
C ILE B 34 -1.11 8.84 -5.00
N PRO B 35 -1.61 9.53 -3.98
CA PRO B 35 -1.61 10.99 -3.96
C PRO B 35 -0.18 11.51 -4.04
N ALA B 36 0.04 12.43 -4.97
CA ALA B 36 1.36 13.01 -5.22
C ALA B 36 1.91 13.67 -3.96
N THR B 37 1.01 14.17 -3.13
CA THR B 37 1.34 14.77 -1.86
C THR B 37 2.15 13.79 -0.97
N LEU B 38 1.78 12.51 -1.02
CA LEU B 38 2.42 11.47 -0.22
C LEU B 38 3.70 11.04 -0.85
N MET B 39 3.71 11.06 -2.14
CA MET B 39 4.92 10.78 -2.92
C MET B 39 6.02 11.73 -2.48
N GLN B 40 5.65 12.95 -2.39
CA GLN B 40 6.50 14.01 -1.89
C GLN B 40 6.81 13.80 -0.41
N ALA B 41 5.83 13.34 0.33
CA ALA B 41 5.95 13.22 1.81
C ALA B 41 6.91 12.10 2.21
N LEU B 42 6.96 11.08 1.39
CA LEU B 42 7.83 9.95 1.64
C LEU B 42 9.08 10.05 0.78
N ASN B 43 9.10 11.10 -0.03
CA ASN B 43 10.17 11.44 -0.97
C ASN B 43 10.52 10.32 -1.95
N LEU B 44 9.59 10.02 -2.79
CA LEU B 44 9.79 9.13 -3.85
C LEU B 44 9.30 9.75 -5.13
N ASN B 45 9.70 9.20 -6.23
CA ASN B 45 9.30 9.68 -7.55
C ASN B 45 8.82 8.52 -8.38
N ILE B 46 8.51 8.80 -9.63
CA ILE B 46 8.07 7.76 -10.55
C ILE B 46 9.24 6.82 -10.88
N ASP B 47 8.92 5.56 -10.93
CA ASP B 47 9.81 4.44 -11.15
C ASP B 47 10.77 4.32 -10.00
N ASP B 48 10.20 4.40 -8.85
CA ASP B 48 10.88 4.13 -7.64
C ASP B 48 10.38 2.78 -7.22
N GLU B 49 11.28 1.91 -6.90
CA GLU B 49 10.98 0.58 -6.51
C GLU B 49 10.57 0.56 -5.05
N VAL B 50 9.45 -0.08 -4.76
CA VAL B 50 8.92 -0.10 -3.41
C VAL B 50 8.58 -1.53 -3.02
N LYS B 51 8.59 -1.82 -1.75
CA LYS B 51 8.23 -3.14 -1.30
C LYS B 51 6.76 -3.22 -1.01
N ILE B 52 6.20 -4.33 -1.36
CA ILE B 52 4.86 -4.65 -1.00
C ILE B 52 4.96 -5.89 -0.12
N ASP B 53 4.91 -5.72 1.18
CA ASP B 53 4.96 -6.84 2.10
C ASP B 53 3.58 -7.07 2.64
N LEU B 54 3.15 -8.31 2.70
CA LEU B 54 1.91 -8.62 3.22
C LEU B 54 2.13 -8.94 4.68
N VAL B 55 1.40 -8.26 5.50
CA VAL B 55 1.52 -8.39 6.95
C VAL B 55 0.13 -8.18 7.53
N ASP B 56 -0.27 -9.06 8.45
CA ASP B 56 -1.56 -8.96 9.19
C ASP B 56 -2.77 -8.89 8.26
N GLY B 57 -2.62 -9.44 7.07
CA GLY B 57 -3.68 -9.45 6.10
C GLY B 57 -3.88 -8.12 5.39
N LYS B 58 -2.89 -7.25 5.45
CA LYS B 58 -2.99 -5.98 4.75
C LYS B 58 -1.73 -5.76 3.94
N LEU B 59 -1.78 -4.77 3.07
CA LEU B 59 -0.68 -4.46 2.22
C LEU B 59 0.15 -3.40 2.84
N ILE B 60 1.32 -3.76 3.16
CA ILE B 60 2.26 -2.87 3.76
C ILE B 60 3.21 -2.41 2.70
N ILE B 61 3.21 -1.15 2.48
CA ILE B 61 4.02 -0.59 1.46
C ILE B 61 5.02 0.35 2.06
N GLU B 62 6.24 0.08 1.79
CA GLU B 62 7.32 0.85 2.29
C GLU B 62 8.17 1.13 1.10
N PRO B 63 8.90 2.21 1.03
CA PRO B 63 9.71 2.48 -0.07
C PRO B 63 11.02 1.74 0.08
N VAL B 64 11.80 1.72 -0.92
CA VAL B 64 13.07 1.02 -0.81
C VAL B 64 14.14 2.04 -0.74
N ARG B 65 14.87 2.03 0.34
CA ARG B 65 15.92 2.98 0.50
C ARG B 65 17.08 2.57 -0.35
N LYS B 66 17.55 3.48 -1.14
CA LYS B 66 18.60 3.20 -2.04
C LYS B 66 19.87 3.56 -1.35
N GLU B 67 20.45 2.58 -0.78
CA GLU B 67 21.67 2.72 -0.03
C GLU B 67 22.50 1.51 -0.32
N ASN A 1 3.08 -21.44 -5.58
CA ASN A 1 2.34 -21.77 -4.38
C ASN A 1 1.08 -22.51 -4.75
N HIS A 2 0.96 -23.70 -4.26
CA HIS A 2 -0.21 -24.53 -4.50
C HIS A 2 -1.10 -24.53 -3.28
N LYS A 3 -0.50 -24.62 -2.12
CA LYS A 3 -1.25 -24.75 -0.92
C LYS A 3 -1.54 -23.42 -0.23
N VAL A 4 -2.62 -22.82 -0.64
CA VAL A 4 -3.13 -21.63 0.02
C VAL A 4 -4.12 -22.07 1.08
N HIS A 5 -4.43 -23.36 1.03
CA HIS A 5 -5.38 -24.00 1.91
C HIS A 5 -4.77 -24.38 3.26
N HIS A 6 -4.35 -23.38 3.98
CA HIS A 6 -3.87 -23.56 5.32
C HIS A 6 -4.95 -23.13 6.28
N HIS A 7 -5.05 -23.83 7.36
CA HIS A 7 -6.06 -23.56 8.37
C HIS A 7 -5.52 -22.56 9.36
N HIS A 8 -4.23 -22.55 9.46
CA HIS A 8 -3.53 -21.62 10.28
C HIS A 8 -2.95 -20.57 9.38
N HIS A 9 -3.57 -19.42 9.35
CA HIS A 9 -3.12 -18.36 8.48
C HIS A 9 -2.00 -17.58 9.15
N HIS A 10 -0.81 -18.06 8.97
CA HIS A 10 0.38 -17.38 9.46
C HIS A 10 1.35 -17.27 8.28
N MET A 11 0.90 -17.78 7.15
CA MET A 11 1.68 -17.82 5.95
C MET A 11 1.70 -16.47 5.24
N SER A 12 2.79 -15.77 5.40
CA SER A 12 3.02 -14.56 4.67
C SER A 12 4.45 -14.53 4.18
N ASP A 13 5.37 -14.69 5.11
CA ASP A 13 6.82 -14.67 4.81
C ASP A 13 7.26 -16.04 4.33
N ASP A 14 6.41 -17.02 4.57
CA ASP A 14 6.62 -18.39 4.13
C ASP A 14 6.72 -18.49 2.62
N ASP A 15 5.79 -17.87 1.93
CA ASP A 15 5.75 -17.98 0.49
C ASP A 15 6.36 -16.77 -0.19
N ASP A 16 6.08 -15.60 0.33
CA ASP A 16 6.62 -14.40 -0.26
C ASP A 16 7.47 -13.66 0.74
N LYS A 17 8.58 -13.15 0.30
CA LYS A 17 9.49 -12.45 1.17
C LYS A 17 9.71 -11.04 0.66
N GLY A 18 8.68 -10.46 0.11
CA GLY A 18 8.73 -9.12 -0.32
C GLY A 18 8.61 -9.00 -1.81
N ILE A 19 7.43 -8.66 -2.25
CA ILE A 19 7.18 -8.42 -3.66
C ILE A 19 7.79 -7.09 -4.03
N HIS A 20 8.61 -7.07 -5.04
CA HIS A 20 9.23 -5.84 -5.45
C HIS A 20 8.59 -5.34 -6.73
N SER A 21 8.11 -4.15 -6.67
CA SER A 21 7.48 -3.49 -7.79
C SER A 21 7.96 -2.07 -7.82
N SER A 22 7.33 -1.22 -8.57
CA SER A 22 7.74 0.15 -8.66
C SER A 22 6.54 1.04 -8.91
N VAL A 23 6.64 2.26 -8.45
CA VAL A 23 5.60 3.24 -8.69
C VAL A 23 5.72 3.72 -10.12
N LYS A 24 4.73 3.50 -10.91
CA LYS A 24 4.80 3.91 -12.26
C LYS A 24 3.85 5.08 -12.47
N ARG A 25 3.91 5.72 -13.60
CA ARG A 25 3.08 6.86 -13.85
C ARG A 25 1.90 6.46 -14.72
N TRP A 26 0.72 6.69 -14.22
CA TRP A 26 -0.52 6.42 -14.94
C TRP A 26 -1.16 7.77 -15.23
N GLY A 27 -0.92 8.28 -16.42
CA GLY A 27 -1.39 9.58 -16.77
C GLY A 27 -0.54 10.58 -16.06
N ASN A 28 -1.16 11.45 -15.32
CA ASN A 28 -0.43 12.40 -14.51
C ASN A 28 -0.37 11.96 -13.05
N SER A 29 -0.58 10.69 -12.76
CA SER A 29 -0.67 10.26 -11.42
C SER A 29 0.16 9.00 -11.20
N PRO A 30 0.87 8.94 -10.10
CA PRO A 30 1.63 7.76 -9.72
C PRO A 30 0.69 6.60 -9.34
N ALA A 31 0.92 5.46 -9.91
CA ALA A 31 0.10 4.30 -9.69
C ALA A 31 0.95 3.09 -9.37
N VAL A 32 0.47 2.29 -8.44
CA VAL A 32 1.14 1.08 -8.06
C VAL A 32 0.29 -0.10 -8.50
N ARG A 33 0.89 -1.04 -9.20
CA ARG A 33 0.21 -2.24 -9.64
C ARG A 33 0.00 -3.20 -8.48
N ILE A 34 -1.19 -3.70 -8.38
CA ILE A 34 -1.52 -4.70 -7.38
C ILE A 34 -1.49 -6.07 -8.06
N PRO A 35 -0.78 -7.06 -7.47
CA PRO A 35 -0.75 -8.42 -8.01
C PRO A 35 -2.15 -9.03 -8.03
N ALA A 36 -2.52 -9.61 -9.17
CA ALA A 36 -3.83 -10.25 -9.36
C ALA A 36 -4.04 -11.37 -8.35
N THR A 37 -2.94 -11.99 -7.95
CA THR A 37 -2.94 -13.03 -6.96
C THR A 37 -3.57 -12.52 -5.65
N LEU A 38 -3.21 -11.29 -5.26
CA LEU A 38 -3.67 -10.69 -4.02
C LEU A 38 -5.06 -10.21 -4.13
N MET A 39 -5.39 -9.77 -5.30
CA MET A 39 -6.77 -9.38 -5.63
C MET A 39 -7.71 -10.50 -5.26
N GLN A 40 -7.40 -11.66 -5.75
CA GLN A 40 -8.15 -12.85 -5.47
C GLN A 40 -7.99 -13.29 -4.04
N ALA A 41 -6.83 -13.04 -3.49
CA ALA A 41 -6.51 -13.53 -2.13
C ALA A 41 -7.30 -12.75 -1.09
N LEU A 42 -7.48 -11.50 -1.36
CA LEU A 42 -8.19 -10.61 -0.48
C LEU A 42 -9.65 -10.54 -0.86
N ASN A 43 -9.96 -11.12 -2.03
CA ASN A 43 -11.31 -11.19 -2.60
C ASN A 43 -11.86 -9.81 -2.92
N LEU A 44 -10.96 -8.89 -3.19
CA LEU A 44 -11.34 -7.56 -3.46
C LEU A 44 -11.50 -7.37 -4.98
N ASN A 45 -11.90 -6.19 -5.40
CA ASN A 45 -12.16 -5.95 -6.84
C ASN A 45 -11.75 -4.56 -7.29
N ILE A 46 -12.04 -4.28 -8.54
CA ILE A 46 -11.85 -2.98 -9.12
C ILE A 46 -12.99 -2.07 -8.64
N ASP A 47 -12.65 -0.85 -8.26
CA ASP A 47 -13.55 0.16 -7.65
C ASP A 47 -13.76 -0.12 -6.20
N ASP A 48 -12.92 -0.97 -5.68
CA ASP A 48 -12.94 -1.30 -4.29
C ASP A 48 -12.34 -0.15 -3.59
N GLU A 49 -13.10 0.51 -2.79
CA GLU A 49 -12.64 1.63 -2.08
C GLU A 49 -11.77 1.14 -0.95
N VAL A 50 -10.61 1.73 -0.79
CA VAL A 50 -9.69 1.25 0.17
C VAL A 50 -9.26 2.34 1.13
N LYS A 51 -8.79 1.90 2.28
CA LYS A 51 -8.25 2.75 3.30
C LYS A 51 -6.75 2.88 3.17
N ILE A 52 -6.29 4.03 2.79
CA ILE A 52 -4.88 4.30 2.84
C ILE A 52 -4.65 4.95 4.18
N ASP A 53 -4.22 4.16 5.12
CA ASP A 53 -4.01 4.65 6.46
C ASP A 53 -2.54 4.98 6.57
N LEU A 54 -2.24 6.20 6.90
CA LEU A 54 -0.94 6.68 6.96
C LEU A 54 -0.53 6.68 8.42
N VAL A 55 0.58 6.09 8.66
CA VAL A 55 1.13 5.93 10.00
C VAL A 55 2.64 6.11 9.96
N ASP A 56 3.12 7.23 10.51
CA ASP A 56 4.59 7.54 10.62
C ASP A 56 5.22 7.73 9.27
N GLY A 57 4.39 8.03 8.30
CA GLY A 57 4.84 8.22 6.94
C GLY A 57 4.68 6.96 6.14
N LYS A 58 4.47 5.87 6.82
CA LYS A 58 4.35 4.58 6.21
C LYS A 58 2.90 4.39 5.81
N LEU A 59 2.69 3.80 4.66
CA LEU A 59 1.36 3.56 4.18
C LEU A 59 0.98 2.14 4.41
N ILE A 60 -0.23 1.96 4.79
CA ILE A 60 -0.78 0.65 5.02
C ILE A 60 -1.91 0.47 4.05
N ILE A 61 -1.99 -0.67 3.47
CA ILE A 61 -3.03 -0.97 2.52
C ILE A 61 -3.95 -2.02 3.06
N GLU A 62 -5.12 -1.59 3.41
CA GLU A 62 -6.17 -2.40 3.94
C GLU A 62 -7.38 -1.98 3.13
N PRO A 63 -8.22 -2.89 2.65
CA PRO A 63 -9.31 -2.52 1.83
C PRO A 63 -10.49 -2.13 2.69
N VAL A 64 -11.49 -1.59 2.12
CA VAL A 64 -12.63 -1.28 2.91
C VAL A 64 -13.57 -2.42 2.77
N ARG A 65 -13.43 -3.31 3.68
CA ARG A 65 -14.22 -4.48 3.72
C ARG A 65 -15.47 -4.19 4.45
N LYS A 66 -16.57 -4.52 3.90
CA LYS A 66 -17.77 -4.32 4.52
C LYS A 66 -18.58 -5.56 4.32
N GLU A 67 -19.27 -5.93 5.30
CA GLU A 67 -20.13 -7.04 5.25
C GLU A 67 -21.52 -6.53 4.97
N ASN B 1 -2.95 21.71 4.73
CA ASN B 1 -1.93 21.50 5.74
C ASN B 1 -0.74 22.36 5.42
N HIS B 2 -0.50 23.32 6.26
CA HIS B 2 0.56 24.25 6.09
C HIS B 2 1.76 23.86 6.95
N LYS B 3 1.49 23.41 8.16
CA LYS B 3 2.56 23.12 9.07
C LYS B 3 3.04 21.68 8.99
N VAL B 4 3.75 21.38 7.91
CA VAL B 4 4.38 20.07 7.75
C VAL B 4 5.74 20.10 8.45
N HIS B 5 6.06 21.26 8.95
CA HIS B 5 7.28 21.52 9.63
C HIS B 5 7.16 21.26 11.14
N HIS B 6 7.13 20.00 11.47
CA HIS B 6 7.10 19.57 12.85
C HIS B 6 8.39 18.86 13.15
N HIS B 7 8.91 19.08 14.32
CA HIS B 7 10.16 18.49 14.74
C HIS B 7 9.90 17.12 15.31
N HIS B 8 8.73 16.97 15.88
CA HIS B 8 8.30 15.73 16.42
C HIS B 8 7.32 15.10 15.43
N HIS B 9 7.78 14.10 14.71
CA HIS B 9 6.98 13.50 13.68
C HIS B 9 6.03 12.45 14.26
N HIS B 10 4.95 12.94 14.81
CA HIS B 10 3.90 12.09 15.32
C HIS B 10 2.61 12.45 14.59
N MET B 11 2.76 13.26 13.58
CA MET B 11 1.62 13.75 12.85
C MET B 11 1.25 12.80 11.70
N SER B 12 0.31 11.94 11.95
CA SER B 12 -0.24 11.11 10.90
C SER B 12 -1.76 11.18 10.93
N ASP B 13 -2.33 10.96 12.10
CA ASP B 13 -3.76 10.97 12.34
C ASP B 13 -4.24 12.40 12.59
N ASP B 14 -3.28 13.25 12.86
CA ASP B 14 -3.52 14.66 13.10
C ASP B 14 -4.21 15.33 11.91
N ASP B 15 -3.64 15.13 10.75
CA ASP B 15 -4.12 15.79 9.55
C ASP B 15 -4.94 14.86 8.67
N ASP B 16 -4.60 13.60 8.66
CA ASP B 16 -5.35 12.65 7.86
C ASP B 16 -5.83 11.52 8.71
N LYS B 17 -7.05 11.12 8.49
CA LYS B 17 -7.64 10.06 9.26
C LYS B 17 -8.05 8.92 8.36
N GLY B 18 -7.36 8.78 7.26
CA GLY B 18 -7.62 7.71 6.35
C GLY B 18 -8.01 8.20 4.99
N ILE B 19 -7.08 8.20 4.08
CA ILE B 19 -7.33 8.59 2.71
C ILE B 19 -8.13 7.48 2.05
N HIS B 20 -9.22 7.83 1.44
CA HIS B 20 -10.03 6.82 0.79
C HIS B 20 -9.86 6.93 -0.70
N SER B 21 -9.56 5.84 -1.30
CA SER B 21 -9.36 5.75 -2.73
C SER B 21 -9.92 4.45 -3.21
N SER B 22 -9.61 4.06 -4.40
CA SER B 22 -10.13 2.86 -4.95
C SER B 22 -9.13 2.23 -5.88
N VAL B 23 -9.20 0.93 -5.99
CA VAL B 23 -8.36 0.20 -6.92
C VAL B 23 -8.98 0.32 -8.28
N LYS B 24 -8.30 0.94 -9.19
CA LYS B 24 -8.84 1.12 -10.49
C LYS B 24 -8.10 0.19 -11.46
N ARG B 25 -8.55 0.10 -12.68
CA ARG B 25 -7.93 -0.81 -13.61
C ARG B 25 -7.06 -0.04 -14.59
N TRP B 26 -5.81 -0.35 -14.61
CA TRP B 26 -4.84 0.24 -15.52
C TRP B 26 -4.47 -0.81 -16.53
N GLY B 27 -5.13 -0.79 -17.66
CA GLY B 27 -4.91 -1.79 -18.65
C GLY B 27 -5.52 -3.08 -18.19
N ASN B 28 -4.73 -4.11 -18.13
CA ASN B 28 -5.22 -5.39 -17.61
C ASN B 28 -4.76 -5.63 -16.17
N SER B 29 -4.41 -4.58 -15.44
CA SER B 29 -3.90 -4.76 -14.14
C SER B 29 -4.46 -3.71 -13.19
N PRO B 30 -4.81 -4.12 -11.99
CA PRO B 30 -5.29 -3.21 -10.94
C PRO B 30 -4.19 -2.26 -10.47
N ALA B 31 -4.52 -1.00 -10.38
CA ALA B 31 -3.58 0.01 -9.99
C ALA B 31 -4.18 0.92 -8.94
N VAL B 32 -3.37 1.28 -7.97
CA VAL B 32 -3.78 2.17 -6.92
C VAL B 32 -3.07 3.50 -7.09
N ARG B 33 -3.82 4.59 -7.06
CA ARG B 33 -3.27 5.91 -7.17
C ARG B 33 -2.61 6.37 -5.88
N ILE B 34 -1.38 6.81 -5.97
CA ILE B 34 -0.66 7.34 -4.84
C ILE B 34 -0.83 8.86 -4.86
N PRO B 35 -1.26 9.48 -3.74
CA PRO B 35 -1.40 10.92 -3.65
C PRO B 35 -0.06 11.62 -3.83
N ALA B 36 -0.01 12.59 -4.75
CA ALA B 36 1.20 13.37 -5.06
C ALA B 36 1.81 14.00 -3.81
N THR B 37 0.95 14.32 -2.87
CA THR B 37 1.34 14.89 -1.60
C THR B 37 2.33 13.96 -0.86
N LEU B 38 2.08 12.66 -0.94
CA LEU B 38 2.88 11.65 -0.26
C LEU B 38 4.12 11.36 -1.00
N MET B 39 4.02 11.44 -2.30
CA MET B 39 5.18 11.33 -3.19
C MET B 39 6.26 12.27 -2.72
N GLN B 40 5.86 13.50 -2.56
CA GLN B 40 6.71 14.56 -2.07
C GLN B 40 7.09 14.35 -0.63
N ALA B 41 6.18 13.77 0.13
CA ALA B 41 6.38 13.64 1.58
C ALA B 41 7.40 12.57 1.90
N LEU B 42 7.38 11.54 1.10
CA LEU B 42 8.26 10.41 1.24
C LEU B 42 9.50 10.59 0.40
N ASN B 43 9.49 11.66 -0.40
CA ASN B 43 10.61 12.05 -1.27
C ASN B 43 10.91 11.01 -2.32
N LEU B 44 9.90 10.26 -2.70
CA LEU B 44 10.07 9.19 -3.61
C LEU B 44 9.72 9.64 -5.03
N ASN B 45 9.88 8.76 -6.00
CA ASN B 45 9.62 9.13 -7.42
C ASN B 45 8.99 8.00 -8.22
N ILE B 46 8.86 8.23 -9.50
CA ILE B 46 8.37 7.25 -10.44
C ILE B 46 9.54 6.31 -10.75
N ASP B 47 9.25 5.02 -10.84
CA ASP B 47 10.23 3.92 -11.01
C ASP B 47 10.93 3.62 -9.74
N ASP B 48 10.36 4.11 -8.67
CA ASP B 48 10.87 3.87 -7.36
C ASP B 48 10.45 2.50 -7.03
N GLU B 49 11.40 1.65 -6.85
CA GLU B 49 11.11 0.30 -6.57
C GLU B 49 10.68 0.20 -5.12
N VAL B 50 9.59 -0.49 -4.88
CA VAL B 50 9.06 -0.51 -3.55
C VAL B 50 8.87 -1.92 -3.03
N LYS B 51 8.91 -2.04 -1.72
CA LYS B 51 8.69 -3.25 -1.02
C LYS B 51 7.23 -3.44 -0.68
N ILE B 52 6.59 -4.37 -1.34
CA ILE B 52 5.28 -4.75 -0.96
C ILE B 52 5.45 -5.88 0.02
N ASP B 53 5.35 -5.56 1.27
CA ASP B 53 5.55 -6.54 2.32
C ASP B 53 4.17 -7.01 2.72
N LEU B 54 3.94 -8.28 2.62
CA LEU B 54 2.70 -8.84 2.91
C LEU B 54 2.78 -9.45 4.28
N VAL B 55 1.86 -9.07 5.08
CA VAL B 55 1.81 -9.49 6.47
C VAL B 55 0.37 -9.78 6.87
N ASP B 56 0.04 -11.07 6.99
CA ASP B 56 -1.30 -11.54 7.47
C ASP B 56 -2.39 -11.18 6.49
N GLY B 57 -2.00 -10.94 5.27
CA GLY B 57 -2.94 -10.58 4.24
C GLY B 57 -3.04 -9.08 4.09
N LYS B 58 -2.42 -8.36 4.99
CA LYS B 58 -2.43 -6.93 4.95
C LYS B 58 -1.19 -6.51 4.19
N LEU B 59 -1.33 -5.50 3.39
CA LEU B 59 -0.22 -5.00 2.64
C LEU B 59 0.35 -3.79 3.28
N ILE B 60 1.62 -3.66 3.19
CA ILE B 60 2.31 -2.55 3.76
C ILE B 60 3.09 -1.91 2.63
N ILE B 61 3.06 -0.63 2.58
CA ILE B 61 3.76 0.09 1.55
C ILE B 61 4.92 0.88 2.16
N GLU B 62 6.08 0.39 1.90
CA GLU B 62 7.32 0.99 2.32
C GLU B 62 8.16 1.02 1.05
N PRO B 63 8.82 2.12 0.74
CA PRO B 63 9.55 2.20 -0.46
C PRO B 63 10.93 1.64 -0.25
N VAL B 64 11.64 1.46 -1.27
CA VAL B 64 12.97 0.97 -1.10
C VAL B 64 13.87 2.17 -1.09
N ARG B 65 14.11 2.61 0.07
CA ARG B 65 14.96 3.73 0.28
C ARG B 65 16.34 3.21 0.42
N LYS B 66 17.25 3.80 -0.26
CA LYS B 66 18.56 3.41 -0.20
C LYS B 66 19.40 4.64 -0.11
N GLU B 67 20.41 4.53 0.63
CA GLU B 67 21.34 5.61 0.79
C GLU B 67 22.58 5.29 -0.03
N ASN A 1 32.95 10.42 11.96
CA ASN A 1 34.38 10.45 11.60
C ASN A 1 34.73 9.19 10.86
N HIS A 2 34.73 8.06 11.55
CA HIS A 2 34.97 6.79 10.91
C HIS A 2 33.67 6.29 10.33
N LYS A 3 33.55 6.36 9.04
CA LYS A 3 32.35 5.97 8.39
C LYS A 3 32.48 4.60 7.81
N VAL A 4 31.37 3.94 7.67
CA VAL A 4 31.34 2.67 7.04
C VAL A 4 30.61 2.76 5.71
N HIS A 5 31.25 2.29 4.67
CA HIS A 5 30.65 2.30 3.33
C HIS A 5 29.69 1.14 3.23
N HIS A 6 29.95 0.14 4.02
CA HIS A 6 29.11 -0.99 4.18
C HIS A 6 28.73 -1.09 5.62
N HIS A 7 27.55 -0.67 5.94
CA HIS A 7 27.07 -0.76 7.29
C HIS A 7 26.49 -2.14 7.51
N HIS A 8 25.35 -2.38 6.87
CA HIS A 8 24.57 -3.61 7.02
C HIS A 8 24.25 -3.85 8.49
N HIS A 9 25.11 -4.60 9.19
CA HIS A 9 25.06 -4.84 10.64
C HIS A 9 23.81 -5.64 11.06
N HIS A 10 22.66 -5.10 10.79
CA HIS A 10 21.42 -5.71 11.11
C HIS A 10 20.95 -6.45 9.88
N MET A 11 20.16 -7.46 10.07
CA MET A 11 19.60 -8.18 8.95
C MET A 11 18.47 -7.39 8.33
N SER A 12 18.85 -6.44 7.52
CA SER A 12 17.91 -5.59 6.83
C SER A 12 17.97 -5.83 5.33
N ASP A 13 18.96 -6.59 4.92
CA ASP A 13 19.19 -6.84 3.50
C ASP A 13 18.14 -7.78 2.97
N ASP A 14 17.79 -8.69 3.83
CA ASP A 14 16.82 -9.74 3.55
C ASP A 14 15.41 -9.24 3.79
N ASP A 15 15.30 -7.97 4.16
CA ASP A 15 14.00 -7.34 4.38
C ASP A 15 13.28 -7.10 3.05
N ASP A 16 14.06 -7.04 1.99
CA ASP A 16 13.51 -6.96 0.63
C ASP A 16 12.95 -8.35 0.28
N LYS A 17 11.70 -8.57 0.68
CA LYS A 17 11.10 -9.89 0.59
C LYS A 17 9.71 -9.84 -0.06
N GLY A 18 9.19 -8.65 -0.28
CA GLY A 18 7.84 -8.53 -0.75
C GLY A 18 7.78 -8.47 -2.24
N ILE A 19 6.74 -7.88 -2.74
CA ILE A 19 6.58 -7.75 -4.17
C ILE A 19 7.47 -6.59 -4.59
N HIS A 20 8.43 -6.88 -5.43
CA HIS A 20 9.41 -5.89 -5.83
C HIS A 20 8.86 -5.16 -7.05
N SER A 21 8.06 -4.17 -6.78
CA SER A 21 7.39 -3.43 -7.80
C SER A 21 7.95 -2.05 -7.95
N SER A 22 7.25 -1.22 -8.66
CA SER A 22 7.68 0.10 -8.91
C SER A 22 6.46 0.98 -9.14
N VAL A 23 6.56 2.22 -8.76
CA VAL A 23 5.50 3.19 -8.96
C VAL A 23 5.63 3.72 -10.34
N LYS A 24 4.60 3.65 -11.11
CA LYS A 24 4.69 4.13 -12.44
C LYS A 24 3.66 5.23 -12.63
N ARG A 25 3.77 6.01 -13.67
CA ARG A 25 2.88 7.11 -13.88
C ARG A 25 1.72 6.72 -14.80
N TRP A 26 0.54 6.76 -14.26
CA TRP A 26 -0.68 6.50 -15.00
C TRP A 26 -1.37 7.83 -15.22
N GLY A 27 -1.12 8.41 -16.37
CA GLY A 27 -1.63 9.73 -16.65
C GLY A 27 -0.86 10.73 -15.83
N ASN A 28 -1.54 11.47 -15.01
CA ASN A 28 -0.90 12.42 -14.11
C ASN A 28 -0.98 11.86 -12.67
N SER A 29 -0.97 10.54 -12.53
CA SER A 29 -1.17 9.94 -11.27
C SER A 29 -0.16 8.80 -11.06
N PRO A 30 0.62 8.85 -9.99
CA PRO A 30 1.49 7.74 -9.62
C PRO A 30 0.64 6.53 -9.21
N ALA A 31 0.84 5.44 -9.87
CA ALA A 31 0.05 4.27 -9.64
C ALA A 31 0.93 3.09 -9.26
N VAL A 32 0.43 2.30 -8.35
CA VAL A 32 1.10 1.10 -7.90
C VAL A 32 0.32 -0.10 -8.39
N ARG A 33 1.00 -1.01 -9.05
CA ARG A 33 0.40 -2.21 -9.57
C ARG A 33 0.20 -3.24 -8.48
N ILE A 34 -1.02 -3.69 -8.33
CA ILE A 34 -1.38 -4.70 -7.36
C ILE A 34 -1.43 -6.06 -8.08
N PRO A 35 -0.87 -7.12 -7.48
CA PRO A 35 -0.98 -8.44 -8.04
C PRO A 35 -2.40 -8.95 -7.86
N ALA A 36 -2.96 -9.52 -8.92
CA ALA A 36 -4.33 -10.03 -8.90
C ALA A 36 -4.46 -11.18 -7.91
N THR A 37 -3.36 -11.85 -7.66
CA THR A 37 -3.26 -12.89 -6.66
C THR A 37 -3.65 -12.32 -5.27
N LEU A 38 -3.18 -11.10 -5.01
CA LEU A 38 -3.42 -10.44 -3.75
C LEU A 38 -4.78 -9.85 -3.70
N MET A 39 -5.24 -9.43 -4.83
CA MET A 39 -6.65 -8.96 -4.94
C MET A 39 -7.57 -10.01 -4.40
N GLN A 40 -7.36 -11.22 -4.84
CA GLN A 40 -8.12 -12.37 -4.42
C GLN A 40 -7.88 -12.66 -2.96
N ALA A 41 -6.67 -12.43 -2.53
CA ALA A 41 -6.29 -12.74 -1.15
C ALA A 41 -6.95 -11.78 -0.18
N LEU A 42 -7.11 -10.56 -0.61
CA LEU A 42 -7.70 -9.55 0.20
C LEU A 42 -9.21 -9.45 -0.08
N ASN A 43 -9.64 -10.23 -1.08
CA ASN A 43 -11.05 -10.35 -1.54
C ASN A 43 -11.58 -9.07 -2.17
N LEU A 44 -10.70 -8.19 -2.57
CA LEU A 44 -11.10 -6.93 -3.10
C LEU A 44 -11.19 -6.98 -4.64
N ASN A 45 -11.80 -5.97 -5.24
CA ASN A 45 -12.07 -5.97 -6.69
C ASN A 45 -11.65 -4.65 -7.33
N ILE A 46 -11.88 -4.53 -8.63
CA ILE A 46 -11.68 -3.28 -9.34
C ILE A 46 -12.85 -2.37 -9.01
N ASP A 47 -12.54 -1.09 -8.82
CA ASP A 47 -13.50 -0.05 -8.53
C ASP A 47 -14.00 -0.23 -7.10
N ASP A 48 -13.21 -0.90 -6.30
CA ASP A 48 -13.56 -1.11 -4.94
C ASP A 48 -12.79 -0.07 -4.16
N GLU A 49 -13.41 0.49 -3.19
CA GLU A 49 -12.86 1.56 -2.42
C GLU A 49 -11.92 1.01 -1.36
N VAL A 50 -10.76 1.62 -1.23
CA VAL A 50 -9.78 1.17 -0.28
C VAL A 50 -9.22 2.31 0.52
N LYS A 51 -8.82 2.01 1.71
CA LYS A 51 -8.20 3.00 2.54
C LYS A 51 -6.71 2.88 2.44
N ILE A 52 -6.08 3.95 2.19
CA ILE A 52 -4.67 4.02 2.37
C ILE A 52 -4.48 4.71 3.71
N ASP A 53 -4.27 3.91 4.73
CA ASP A 53 -4.23 4.40 6.11
C ASP A 53 -2.76 4.61 6.49
N LEU A 54 -2.42 5.75 7.03
CA LEU A 54 -1.09 6.07 7.37
C LEU A 54 -0.83 5.61 8.79
N VAL A 55 0.26 4.93 8.92
CA VAL A 55 0.73 4.40 10.21
C VAL A 55 2.27 4.39 10.16
N ASP A 56 2.92 4.94 11.19
CA ASP A 56 4.42 4.95 11.31
C ASP A 56 5.11 5.67 10.16
N GLY A 57 4.39 6.51 9.49
CA GLY A 57 4.94 7.20 8.35
C GLY A 57 5.10 6.29 7.14
N LYS A 58 4.37 5.19 7.11
CA LYS A 58 4.37 4.29 5.98
C LYS A 58 2.94 4.09 5.57
N LEU A 59 2.70 3.72 4.35
CA LEU A 59 1.35 3.56 3.90
C LEU A 59 0.93 2.15 4.08
N ILE A 60 -0.20 2.01 4.62
CA ILE A 60 -0.76 0.73 4.90
C ILE A 60 -1.96 0.56 4.00
N ILE A 61 -2.07 -0.60 3.43
CA ILE A 61 -3.15 -0.88 2.52
C ILE A 61 -4.13 -1.81 3.19
N GLU A 62 -5.25 -1.26 3.55
CA GLU A 62 -6.28 -1.99 4.21
C GLU A 62 -7.58 -1.69 3.46
N PRO A 63 -8.30 -2.72 2.99
CA PRO A 63 -9.45 -2.53 2.18
C PRO A 63 -10.67 -2.24 3.01
N VAL A 64 -11.71 -1.87 2.36
CA VAL A 64 -12.91 -1.53 3.05
C VAL A 64 -13.90 -2.64 2.84
N ARG A 65 -14.07 -3.43 3.86
CA ARG A 65 -14.93 -4.59 3.78
C ARG A 65 -16.39 -4.18 3.73
N LYS A 66 -17.15 -4.86 2.90
CA LYS A 66 -18.54 -4.57 2.75
C LYS A 66 -19.33 -5.29 3.80
N GLU A 67 -19.58 -4.55 4.83
CA GLU A 67 -20.29 -4.95 6.02
C GLU A 67 -20.79 -3.69 6.68
N ASN B 1 -27.68 -16.79 17.21
CA ASN B 1 -29.14 -16.72 17.05
C ASN B 1 -29.62 -15.29 17.11
N HIS B 2 -29.22 -14.54 18.12
CA HIS B 2 -29.63 -13.17 18.19
C HIS B 2 -28.61 -12.32 17.46
N LYS B 3 -29.00 -11.80 16.34
CA LYS B 3 -28.08 -11.06 15.53
C LYS B 3 -28.31 -9.57 15.64
N VAL B 4 -27.24 -8.84 15.49
CA VAL B 4 -27.30 -7.42 15.48
C VAL B 4 -27.05 -6.91 14.07
N HIS B 5 -28.02 -6.21 13.52
CA HIS B 5 -27.91 -5.63 12.19
C HIS B 5 -26.93 -4.49 12.24
N HIS B 6 -26.88 -3.87 13.38
CA HIS B 6 -25.92 -2.86 13.68
C HIS B 6 -25.05 -3.39 14.79
N HIS B 7 -23.85 -3.76 14.46
CA HIS B 7 -22.94 -4.26 15.44
C HIS B 7 -22.22 -3.11 16.08
N HIS B 8 -21.39 -2.44 15.27
CA HIS B 8 -20.51 -1.35 15.70
C HIS B 8 -19.70 -1.78 16.94
N HIS B 9 -20.22 -1.43 18.13
CA HIS B 9 -19.66 -1.79 19.45
C HIS B 9 -18.28 -1.16 19.72
N HIS B 10 -17.37 -1.40 18.84
CA HIS B 10 -16.03 -0.88 18.96
C HIS B 10 -15.93 0.32 18.08
N MET B 11 -14.96 1.16 18.32
CA MET B 11 -14.75 2.29 17.46
C MET B 11 -13.99 1.86 16.24
N SER B 12 -14.74 1.47 15.25
CA SER B 12 -14.18 1.02 13.99
C SER B 12 -14.71 1.87 12.84
N ASP B 13 -15.76 2.62 13.12
CA ASP B 13 -16.44 3.44 12.12
C ASP B 13 -15.54 4.61 11.72
N ASP B 14 -14.84 5.08 12.69
CA ASP B 14 -13.94 6.22 12.61
C ASP B 14 -12.57 5.78 12.14
N ASP B 15 -12.43 4.49 11.90
CA ASP B 15 -11.17 3.94 11.41
C ASP B 15 -10.97 4.27 9.94
N ASP B 16 -12.05 4.61 9.28
CA ASP B 16 -12.00 5.07 7.90
C ASP B 16 -11.51 6.52 7.93
N LYS B 17 -10.19 6.66 7.98
CA LYS B 17 -9.57 7.95 8.22
C LYS B 17 -8.48 8.27 7.20
N GLY B 18 -8.16 7.32 6.35
CA GLY B 18 -7.04 7.51 5.47
C GLY B 18 -7.44 8.10 4.16
N ILE B 19 -6.69 7.79 3.15
CA ILE B 19 -7.01 8.26 1.83
C ILE B 19 -8.05 7.31 1.28
N HIS B 20 -9.21 7.84 0.96
CA HIS B 20 -10.35 7.05 0.54
C HIS B 20 -10.29 6.89 -0.96
N SER B 21 -9.52 5.94 -1.38
CA SER B 21 -9.26 5.72 -2.78
C SER B 21 -9.97 4.51 -3.29
N SER B 22 -9.62 4.09 -4.47
CA SER B 22 -10.21 2.96 -5.07
C SER B 22 -9.21 2.36 -6.03
N VAL B 23 -9.25 1.06 -6.17
CA VAL B 23 -8.40 0.36 -7.10
C VAL B 23 -9.01 0.44 -8.46
N LYS B 24 -8.32 0.99 -9.38
CA LYS B 24 -8.87 1.10 -10.70
C LYS B 24 -8.02 0.27 -11.65
N ARG B 25 -8.54 -0.06 -12.79
CA ARG B 25 -7.85 -0.94 -13.72
C ARG B 25 -7.04 -0.15 -14.74
N TRP B 26 -5.76 -0.33 -14.70
CA TRP B 26 -4.83 0.27 -15.62
C TRP B 26 -4.40 -0.81 -16.59
N GLY B 27 -5.07 -0.88 -17.73
CA GLY B 27 -4.81 -1.92 -18.67
C GLY B 27 -5.37 -3.22 -18.16
N ASN B 28 -4.53 -4.20 -17.97
CA ASN B 28 -4.92 -5.45 -17.34
C ASN B 28 -4.34 -5.53 -15.89
N SER B 29 -4.01 -4.38 -15.31
CA SER B 29 -3.37 -4.36 -14.05
C SER B 29 -4.16 -3.46 -13.09
N PRO B 30 -4.52 -4.00 -11.93
CA PRO B 30 -5.15 -3.21 -10.88
C PRO B 30 -4.14 -2.20 -10.32
N ALA B 31 -4.48 -0.96 -10.33
CA ALA B 31 -3.59 0.07 -9.92
C ALA B 31 -4.18 0.93 -8.82
N VAL B 32 -3.35 1.28 -7.87
CA VAL B 32 -3.73 2.13 -6.77
C VAL B 32 -3.08 3.48 -6.96
N ARG B 33 -3.86 4.52 -6.89
CA ARG B 33 -3.38 5.86 -7.06
C ARG B 33 -2.78 6.41 -5.79
N ILE B 34 -1.52 6.79 -5.87
CA ILE B 34 -0.79 7.34 -4.76
C ILE B 34 -0.87 8.86 -4.82
N PRO B 35 -1.13 9.55 -3.71
CA PRO B 35 -1.13 11.00 -3.71
C PRO B 35 0.31 11.52 -3.84
N ALA B 36 0.51 12.53 -4.67
CA ALA B 36 1.83 13.10 -4.90
C ALA B 36 2.37 13.73 -3.62
N THR B 37 1.45 14.14 -2.76
CA THR B 37 1.77 14.67 -1.46
C THR B 37 2.57 13.61 -0.67
N LEU B 38 2.12 12.38 -0.75
CA LEU B 38 2.72 11.27 -0.03
C LEU B 38 3.96 10.83 -0.67
N MET B 39 4.00 10.94 -1.97
CA MET B 39 5.25 10.66 -2.71
C MET B 39 6.39 11.46 -2.13
N GLN B 40 6.11 12.73 -1.96
CA GLN B 40 7.06 13.66 -1.41
C GLN B 40 7.32 13.35 0.04
N ALA B 41 6.31 12.86 0.72
CA ALA B 41 6.43 12.57 2.14
C ALA B 41 7.29 11.33 2.36
N LEU B 42 7.21 10.41 1.44
CA LEU B 42 7.93 9.16 1.53
C LEU B 42 9.24 9.24 0.77
N ASN B 43 9.47 10.40 0.13
CA ASN B 43 10.70 10.72 -0.63
C ASN B 43 10.90 9.81 -1.84
N LEU B 44 9.83 9.22 -2.32
CA LEU B 44 9.93 8.32 -3.42
C LEU B 44 9.57 9.04 -4.72
N ASN B 45 9.75 8.37 -5.86
CA ASN B 45 9.54 9.00 -7.17
C ASN B 45 8.86 8.03 -8.13
N ILE B 46 8.61 8.50 -9.33
CA ILE B 46 8.11 7.66 -10.41
C ILE B 46 9.25 6.78 -10.89
N ASP B 47 8.92 5.52 -11.15
CA ASP B 47 9.84 4.51 -11.65
C ASP B 47 10.78 4.07 -10.54
N ASP B 48 10.39 4.36 -9.31
CA ASP B 48 11.18 3.99 -8.19
C ASP B 48 10.66 2.65 -7.73
N GLU B 49 11.54 1.81 -7.32
CA GLU B 49 11.24 0.48 -6.92
C GLU B 49 10.74 0.50 -5.50
N VAL B 50 9.63 -0.19 -5.26
CA VAL B 50 9.05 -0.21 -3.95
C VAL B 50 8.69 -1.63 -3.57
N LYS B 51 8.73 -1.91 -2.29
CA LYS B 51 8.33 -3.19 -1.81
C LYS B 51 6.89 -3.15 -1.36
N ILE B 52 6.14 -4.07 -1.80
CA ILE B 52 4.87 -4.30 -1.20
C ILE B 52 5.09 -5.47 -0.27
N ASP B 53 5.28 -5.18 0.99
CA ASP B 53 5.66 -6.19 1.97
C ASP B 53 4.39 -6.63 2.69
N LEU B 54 4.21 -7.92 2.90
CA LEU B 54 3.05 -8.43 3.48
C LEU B 54 3.26 -8.58 4.97
N VAL B 55 2.33 -8.08 5.71
CA VAL B 55 2.35 -8.12 7.17
C VAL B 55 0.91 -8.21 7.66
N ASP B 56 0.61 -9.20 8.51
CA ASP B 56 -0.74 -9.39 9.13
C ASP B 56 -1.80 -9.65 8.09
N GLY B 57 -1.38 -10.10 6.93
CA GLY B 57 -2.29 -10.35 5.84
C GLY B 57 -2.80 -9.07 5.19
N LYS B 58 -2.10 -7.97 5.40
CA LYS B 58 -2.44 -6.71 4.77
C LYS B 58 -1.21 -6.23 4.03
N LEU B 59 -1.39 -5.39 3.05
CA LEU B 59 -0.26 -4.95 2.28
C LEU B 59 0.30 -3.71 2.86
N ILE B 60 1.56 -3.72 3.00
CA ILE B 60 2.27 -2.62 3.59
C ILE B 60 3.12 -2.00 2.51
N ILE B 61 3.13 -0.71 2.47
CA ILE B 61 3.87 0.02 1.47
C ILE B 61 5.07 0.67 2.09
N GLU B 62 6.19 0.09 1.82
CA GLU B 62 7.44 0.55 2.31
C GLU B 62 8.37 0.68 1.11
N PRO B 63 8.97 1.86 0.89
CA PRO B 63 9.75 2.09 -0.27
C PRO B 63 11.16 1.57 -0.08
N VAL B 64 11.90 1.57 -1.12
CA VAL B 64 13.23 1.07 -1.05
C VAL B 64 14.15 2.25 -1.08
N ARG B 65 14.72 2.55 0.05
CA ARG B 65 15.60 3.68 0.18
C ARG B 65 16.92 3.42 -0.52
N LYS B 66 17.45 4.43 -1.15
CA LYS B 66 18.69 4.29 -1.86
C LYS B 66 19.85 4.57 -0.95
N GLU B 67 20.35 3.48 -0.44
CA GLU B 67 21.49 3.39 0.46
C GLU B 67 22.00 1.96 0.38
N ASN A 1 33.68 1.17 21.59
CA ASN A 1 32.63 1.96 20.90
C ASN A 1 32.73 1.80 19.42
N HIS A 2 31.68 1.30 18.82
CA HIS A 2 31.64 1.14 17.39
C HIS A 2 30.98 2.36 16.79
N LYS A 3 31.28 2.65 15.56
CA LYS A 3 30.68 3.78 14.87
C LYS A 3 29.79 3.30 13.74
N VAL A 4 29.43 2.03 13.82
CA VAL A 4 28.58 1.41 12.85
C VAL A 4 27.14 1.43 13.36
N HIS A 5 26.23 1.89 12.55
CA HIS A 5 24.83 1.89 12.90
C HIS A 5 24.25 0.54 12.57
N HIS A 6 24.25 -0.33 13.53
CA HIS A 6 23.78 -1.69 13.34
C HIS A 6 22.59 -1.97 14.26
N HIS A 7 22.21 -0.98 15.03
CA HIS A 7 21.12 -1.16 15.96
C HIS A 7 19.82 -0.97 15.24
N HIS A 8 18.98 -1.97 15.26
CA HIS A 8 17.73 -1.90 14.57
C HIS A 8 16.71 -1.14 15.39
N HIS A 9 16.46 0.07 14.97
CA HIS A 9 15.51 0.94 15.63
C HIS A 9 14.15 0.71 15.04
N HIS A 10 14.15 0.22 13.82
CA HIS A 10 12.95 -0.06 13.09
C HIS A 10 12.65 -1.56 13.17
N MET A 11 11.69 -2.02 12.40
CA MET A 11 11.25 -3.41 12.51
C MET A 11 11.97 -4.31 11.52
N SER A 12 13.20 -3.90 11.14
CA SER A 12 13.99 -4.60 10.12
C SER A 12 13.21 -4.61 8.80
N ASP A 13 12.58 -3.48 8.55
CA ASP A 13 11.67 -3.26 7.44
C ASP A 13 12.28 -3.49 6.07
N ASP A 14 13.55 -3.25 5.96
CA ASP A 14 14.22 -3.42 4.67
C ASP A 14 14.63 -4.86 4.48
N ASP A 15 14.81 -5.57 5.57
CA ASP A 15 15.29 -6.97 5.55
C ASP A 15 14.35 -7.87 4.78
N ASP A 16 13.06 -7.75 5.03
CA ASP A 16 12.09 -8.56 4.33
C ASP A 16 11.58 -7.79 3.14
N LYS A 17 11.81 -8.34 1.99
CA LYS A 17 11.38 -7.78 0.77
C LYS A 17 10.50 -8.79 0.10
N GLY A 18 9.24 -8.76 0.47
CA GLY A 18 8.24 -9.62 -0.13
C GLY A 18 8.19 -9.46 -1.63
N ILE A 19 7.44 -8.49 -2.09
CA ILE A 19 7.36 -8.24 -3.51
C ILE A 19 7.97 -6.88 -3.77
N HIS A 20 8.90 -6.78 -4.69
CA HIS A 20 9.50 -5.50 -4.97
C HIS A 20 9.17 -5.04 -6.38
N SER A 21 8.33 -4.04 -6.43
CA SER A 21 7.84 -3.44 -7.65
C SER A 21 8.22 -1.98 -7.67
N SER A 22 7.58 -1.18 -8.47
CA SER A 22 7.89 0.21 -8.56
C SER A 22 6.66 1.04 -8.87
N VAL A 23 6.64 2.26 -8.38
CA VAL A 23 5.54 3.18 -8.61
C VAL A 23 5.67 3.74 -10.00
N LYS A 24 4.71 3.50 -10.82
CA LYS A 24 4.77 4.00 -12.16
C LYS A 24 3.78 5.12 -12.30
N ARG A 25 3.80 5.83 -13.39
CA ARG A 25 2.89 6.93 -13.55
C ARG A 25 1.79 6.60 -14.54
N TRP A 26 0.59 6.61 -14.07
CA TRP A 26 -0.59 6.36 -14.87
C TRP A 26 -1.25 7.69 -15.10
N GLY A 27 -1.02 8.26 -16.26
CA GLY A 27 -1.53 9.58 -16.53
C GLY A 27 -0.77 10.57 -15.71
N ASN A 28 -1.46 11.30 -14.89
CA ASN A 28 -0.80 12.21 -13.96
C ASN A 28 -0.88 11.65 -12.52
N SER A 29 -1.01 10.34 -12.38
CA SER A 29 -1.20 9.78 -11.12
C SER A 29 -0.20 8.67 -10.92
N PRO A 30 0.61 8.76 -9.88
CA PRO A 30 1.47 7.67 -9.48
C PRO A 30 0.60 6.47 -9.11
N ALA A 31 0.86 5.36 -9.72
CA ALA A 31 0.06 4.20 -9.56
C ALA A 31 0.93 3.02 -9.20
N VAL A 32 0.48 2.24 -8.25
CA VAL A 32 1.16 1.04 -7.82
C VAL A 32 0.41 -0.16 -8.34
N ARG A 33 1.11 -1.06 -8.98
CA ARG A 33 0.52 -2.24 -9.54
C ARG A 33 0.29 -3.29 -8.49
N ILE A 34 -0.95 -3.67 -8.33
CA ILE A 34 -1.30 -4.72 -7.42
C ILE A 34 -1.45 -5.98 -8.24
N PRO A 35 -0.78 -7.08 -7.87
CA PRO A 35 -0.94 -8.35 -8.57
C PRO A 35 -2.39 -8.83 -8.47
N ALA A 36 -2.95 -9.26 -9.59
CA ALA A 36 -4.31 -9.76 -9.65
C ALA A 36 -4.48 -10.97 -8.72
N THR A 37 -3.38 -11.66 -8.50
CA THR A 37 -3.31 -12.78 -7.60
C THR A 37 -3.68 -12.33 -6.16
N LEU A 38 -3.16 -11.17 -5.75
CA LEU A 38 -3.41 -10.63 -4.41
C LEU A 38 -4.78 -10.07 -4.30
N MET A 39 -5.23 -9.52 -5.38
CA MET A 39 -6.61 -9.03 -5.50
C MET A 39 -7.56 -10.14 -5.12
N GLN A 40 -7.38 -11.26 -5.78
CA GLN A 40 -8.12 -12.47 -5.51
C GLN A 40 -7.90 -12.97 -4.10
N ALA A 41 -6.68 -12.80 -3.61
CA ALA A 41 -6.30 -13.34 -2.29
C ALA A 41 -6.93 -12.54 -1.15
N LEU A 42 -7.17 -11.28 -1.39
CA LEU A 42 -7.71 -10.40 -0.39
C LEU A 42 -9.19 -10.11 -0.62
N ASN A 43 -9.75 -10.79 -1.62
CA ASN A 43 -11.19 -10.76 -1.94
C ASN A 43 -11.67 -9.41 -2.49
N LEU A 44 -10.77 -8.63 -3.05
CA LEU A 44 -11.15 -7.37 -3.59
C LEU A 44 -11.17 -7.42 -5.11
N ASN A 45 -11.95 -6.58 -5.69
CA ASN A 45 -12.07 -6.47 -7.12
C ASN A 45 -11.78 -5.04 -7.51
N ILE A 46 -11.96 -4.70 -8.76
CA ILE A 46 -11.70 -3.37 -9.21
C ILE A 46 -12.83 -2.43 -8.76
N ASP A 47 -12.42 -1.25 -8.32
CA ASP A 47 -13.27 -0.15 -7.85
C ASP A 47 -13.68 -0.36 -6.40
N ASP A 48 -12.96 -1.23 -5.71
CA ASP A 48 -13.23 -1.44 -4.31
C ASP A 48 -12.49 -0.38 -3.55
N GLU A 49 -13.18 0.25 -2.66
CA GLU A 49 -12.66 1.31 -1.87
C GLU A 49 -11.63 0.80 -0.88
N VAL A 50 -10.54 1.53 -0.75
CA VAL A 50 -9.46 1.14 0.11
C VAL A 50 -9.00 2.30 0.95
N LYS A 51 -8.53 1.97 2.09
CA LYS A 51 -7.97 2.94 2.98
C LYS A 51 -6.48 2.97 2.78
N ILE A 52 -5.97 4.12 2.51
CA ILE A 52 -4.55 4.33 2.45
C ILE A 52 -4.18 5.01 3.75
N ASP A 53 -3.59 4.28 4.63
CA ASP A 53 -3.21 4.84 5.90
C ASP A 53 -1.71 4.86 5.97
N LEU A 54 -1.17 5.97 6.40
CA LEU A 54 0.20 6.12 6.48
C LEU A 54 0.62 5.65 7.85
N VAL A 55 1.56 4.77 7.86
CA VAL A 55 2.06 4.16 9.08
C VAL A 55 3.57 3.94 8.94
N ASP A 56 4.34 4.59 9.83
CA ASP A 56 5.82 4.44 9.93
C ASP A 56 6.56 4.80 8.66
N GLY A 57 5.96 5.60 7.83
CA GLY A 57 6.62 6.01 6.62
C GLY A 57 6.24 5.16 5.41
N LYS A 58 5.25 4.33 5.55
CA LYS A 58 4.76 3.55 4.44
C LYS A 58 3.29 3.69 4.24
N LEU A 59 2.86 3.36 3.05
CA LEU A 59 1.50 3.46 2.64
C LEU A 59 0.83 2.14 2.80
N ILE A 60 -0.08 2.11 3.68
CA ILE A 60 -0.84 0.94 3.98
C ILE A 60 -2.12 1.00 3.20
N ILE A 61 -2.26 0.07 2.34
CA ILE A 61 -3.42 -0.07 1.49
C ILE A 61 -4.28 -1.23 1.99
N GLU A 62 -5.37 -0.90 2.63
CA GLU A 62 -6.26 -1.91 3.17
C GLU A 62 -7.66 -1.78 2.54
N PRO A 63 -8.09 -2.84 1.84
CA PRO A 63 -9.42 -2.97 1.29
C PRO A 63 -10.44 -2.81 2.37
N VAL A 64 -11.52 -2.30 2.00
CA VAL A 64 -12.55 -2.02 2.93
C VAL A 64 -13.61 -3.07 2.79
N ARG A 65 -13.75 -3.88 3.79
CA ARG A 65 -14.68 -4.97 3.77
C ARG A 65 -16.07 -4.48 4.10
N LYS A 66 -17.04 -5.03 3.41
CA LYS A 66 -18.41 -4.64 3.57
C LYS A 66 -19.12 -5.60 4.49
N GLU A 67 -19.26 -5.18 5.70
CA GLU A 67 -20.02 -5.91 6.69
C GLU A 67 -21.21 -5.07 7.07
N ASN B 1 -25.11 -12.30 28.98
CA ASN B 1 -24.18 -12.35 27.85
C ASN B 1 -24.73 -11.59 26.69
N HIS B 2 -23.87 -11.01 25.90
CA HIS B 2 -24.30 -10.28 24.72
C HIS B 2 -23.97 -11.12 23.50
N LYS B 3 -24.60 -10.82 22.40
CA LYS B 3 -24.34 -11.52 21.14
C LYS B 3 -23.86 -10.53 20.09
N VAL B 4 -23.46 -9.39 20.57
CA VAL B 4 -22.96 -8.34 19.72
C VAL B 4 -21.44 -8.46 19.65
N HIS B 5 -20.92 -8.52 18.46
CA HIS B 5 -19.48 -8.64 18.27
C HIS B 5 -18.85 -7.27 18.35
N HIS B 6 -18.56 -6.84 19.54
CA HIS B 6 -18.01 -5.52 19.77
C HIS B 6 -16.52 -5.59 20.14
N HIS B 7 -16.05 -6.76 20.47
CA HIS B 7 -14.70 -6.92 20.96
C HIS B 7 -13.69 -6.73 19.86
N HIS B 8 -12.84 -5.75 20.02
CA HIS B 8 -11.86 -5.42 19.01
C HIS B 8 -10.67 -6.37 19.05
N HIS B 9 -10.70 -7.33 18.17
CA HIS B 9 -9.63 -8.30 18.04
C HIS B 9 -8.61 -7.77 17.05
N HIS B 10 -8.99 -6.74 16.34
CA HIS B 10 -8.11 -6.10 15.39
C HIS B 10 -7.74 -4.74 15.94
N MET B 11 -6.98 -3.97 15.20
CA MET B 11 -6.43 -2.71 15.72
C MET B 11 -7.35 -1.54 15.43
N SER B 12 -8.66 -1.81 15.45
CA SER B 12 -9.69 -0.81 15.13
C SER B 12 -9.37 -0.23 13.75
N ASP B 13 -9.00 -1.13 12.84
CA ASP B 13 -8.51 -0.79 11.51
C ASP B 13 -9.54 -0.05 10.68
N ASP B 14 -10.78 -0.28 10.98
CA ASP B 14 -11.88 0.38 10.27
C ASP B 14 -12.12 1.78 10.81
N ASP B 15 -11.79 1.99 12.07
CA ASP B 15 -12.05 3.27 12.76
C ASP B 15 -11.32 4.41 12.07
N ASP B 16 -10.09 4.18 11.72
CA ASP B 16 -9.30 5.20 11.08
C ASP B 16 -9.29 5.01 9.59
N LYS B 17 -9.76 6.01 8.91
CA LYS B 17 -9.79 6.05 7.49
C LYS B 17 -9.07 7.29 7.06
N GLY B 18 -7.77 7.17 6.96
CA GLY B 18 -6.93 8.27 6.53
C GLY B 18 -7.33 8.81 5.18
N ILE B 19 -7.16 8.01 4.16
CA ILE B 19 -7.53 8.38 2.81
C ILE B 19 -8.29 7.20 2.22
N HIS B 20 -9.45 7.42 1.68
CA HIS B 20 -10.19 6.33 1.10
C HIS B 20 -10.38 6.51 -0.40
N SER B 21 -9.66 5.71 -1.12
CA SER B 21 -9.65 5.69 -2.56
C SER B 21 -10.18 4.35 -3.05
N SER B 22 -9.88 3.97 -4.26
CA SER B 22 -10.34 2.73 -4.79
C SER B 22 -9.32 2.19 -5.78
N VAL B 23 -9.24 0.89 -5.88
CA VAL B 23 -8.32 0.23 -6.81
C VAL B 23 -8.92 0.29 -8.17
N LYS B 24 -8.27 0.92 -9.08
CA LYS B 24 -8.82 1.03 -10.40
C LYS B 24 -8.01 0.13 -11.31
N ARG B 25 -8.44 -0.03 -12.53
CA ARG B 25 -7.74 -0.90 -13.43
C ARG B 25 -6.98 -0.11 -14.49
N TRP B 26 -5.69 -0.27 -14.49
CA TRP B 26 -4.80 0.35 -15.43
C TRP B 26 -4.36 -0.73 -16.41
N GLY B 27 -5.03 -0.80 -17.54
CA GLY B 27 -4.74 -1.84 -18.49
C GLY B 27 -5.24 -3.15 -17.96
N ASN B 28 -4.36 -4.10 -17.84
CA ASN B 28 -4.73 -5.37 -17.21
C ASN B 28 -4.25 -5.44 -15.75
N SER B 29 -3.89 -4.31 -15.17
CA SER B 29 -3.30 -4.32 -13.90
C SER B 29 -4.09 -3.43 -12.96
N PRO B 30 -4.49 -3.98 -11.83
CA PRO B 30 -5.07 -3.19 -10.76
C PRO B 30 -4.03 -2.18 -10.27
N ALA B 31 -4.42 -0.95 -10.19
CA ALA B 31 -3.52 0.09 -9.81
C ALA B 31 -4.13 0.95 -8.72
N VAL B 32 -3.32 1.30 -7.75
CA VAL B 32 -3.76 2.16 -6.69
C VAL B 32 -3.13 3.52 -6.89
N ARG B 33 -3.95 4.55 -6.82
CA ARG B 33 -3.49 5.91 -6.99
C ARG B 33 -2.83 6.42 -5.75
N ILE B 34 -1.60 6.85 -5.87
CA ILE B 34 -0.88 7.44 -4.79
C ILE B 34 -0.90 8.94 -5.01
N PRO B 35 -1.31 9.74 -4.01
CA PRO B 35 -1.27 11.18 -4.14
C PRO B 35 0.17 11.65 -4.34
N ALA B 36 0.36 12.55 -5.29
CA ALA B 36 1.67 13.11 -5.59
C ALA B 36 2.21 13.85 -4.39
N THR B 37 1.31 14.34 -3.56
CA THR B 37 1.64 14.99 -2.32
C THR B 37 2.40 14.01 -1.38
N LEU B 38 1.95 12.76 -1.35
CA LEU B 38 2.57 11.72 -0.52
C LEU B 38 3.84 11.26 -1.10
N MET B 39 3.87 11.21 -2.40
CA MET B 39 5.09 10.90 -3.14
C MET B 39 6.21 11.80 -2.69
N GLN B 40 5.91 13.07 -2.71
CA GLN B 40 6.80 14.12 -2.26
C GLN B 40 7.08 14.01 -0.78
N ALA B 41 6.09 13.57 -0.04
CA ALA B 41 6.21 13.51 1.42
C ALA B 41 7.14 12.39 1.85
N LEU B 42 7.14 11.33 1.08
CA LEU B 42 7.91 10.14 1.38
C LEU B 42 9.19 10.04 0.54
N ASN B 43 9.49 11.13 -0.17
CA ASN B 43 10.76 11.29 -0.93
C ASN B 43 10.92 10.32 -2.10
N LEU B 44 9.84 9.75 -2.57
CA LEU B 44 9.93 8.85 -3.66
C LEU B 44 9.48 9.53 -4.91
N ASN B 45 9.96 9.08 -6.02
CA ASN B 45 9.57 9.60 -7.32
C ASN B 45 9.05 8.45 -8.14
N ILE B 46 8.67 8.70 -9.37
CA ILE B 46 8.19 7.65 -10.24
C ILE B 46 9.35 6.71 -10.59
N ASP B 47 9.03 5.43 -10.66
CA ASP B 47 9.94 4.33 -10.99
C ASP B 47 10.84 4.00 -9.80
N ASP B 48 10.37 4.33 -8.61
CA ASP B 48 11.09 3.98 -7.42
C ASP B 48 10.55 2.66 -6.96
N GLU B 49 11.45 1.78 -6.68
CA GLU B 49 11.16 0.45 -6.26
C GLU B 49 10.58 0.46 -4.86
N VAL B 50 9.51 -0.30 -4.68
CA VAL B 50 8.81 -0.36 -3.42
C VAL B 50 8.55 -1.80 -3.04
N LYS B 51 8.56 -2.06 -1.77
CA LYS B 51 8.25 -3.37 -1.25
C LYS B 51 6.77 -3.42 -0.94
N ILE B 52 6.12 -4.44 -1.44
CA ILE B 52 4.75 -4.70 -1.12
C ILE B 52 4.75 -5.89 -0.19
N ASP B 53 4.54 -5.63 1.06
CA ASP B 53 4.54 -6.67 2.04
C ASP B 53 3.15 -6.81 2.59
N LEU B 54 2.63 -8.02 2.60
CA LEU B 54 1.33 -8.25 3.07
C LEU B 54 1.41 -8.43 4.57
N VAL B 55 0.64 -7.68 5.24
CA VAL B 55 0.61 -7.66 6.69
C VAL B 55 -0.82 -7.49 7.17
N ASP B 56 -1.33 -8.47 7.92
CA ASP B 56 -2.67 -8.40 8.58
C ASP B 56 -3.82 -8.14 7.62
N GLY B 57 -3.69 -8.62 6.41
CA GLY B 57 -4.74 -8.47 5.44
C GLY B 57 -4.67 -7.19 4.64
N LYS B 58 -3.56 -6.50 4.71
CA LYS B 58 -3.38 -5.32 3.91
C LYS B 58 -2.06 -5.30 3.21
N LEU B 59 -2.01 -4.48 2.18
CA LEU B 59 -0.87 -4.34 1.34
C LEU B 59 -0.08 -3.16 1.80
N ILE B 60 1.07 -3.46 2.27
CA ILE B 60 1.98 -2.47 2.74
C ILE B 60 2.93 -2.11 1.63
N ILE B 61 2.85 -0.89 1.25
CA ILE B 61 3.67 -0.32 0.21
C ILE B 61 4.72 0.59 0.84
N GLU B 62 5.94 0.13 0.87
CA GLU B 62 7.02 0.87 1.46
C GLU B 62 8.13 1.11 0.45
N PRO B 63 8.42 2.39 0.15
CA PRO B 63 9.51 2.80 -0.70
C PRO B 63 10.81 2.26 -0.19
N VAL B 64 11.66 2.05 -1.07
CA VAL B 64 12.94 1.47 -0.74
C VAL B 64 13.96 2.57 -0.76
N ARG B 65 14.55 2.81 0.36
CA ARG B 65 15.48 3.88 0.51
C ARG B 65 16.87 3.43 0.12
N LYS B 66 17.53 4.25 -0.63
CA LYS B 66 18.82 3.96 -1.14
C LYS B 66 19.87 4.45 -0.20
N GLU B 67 20.38 3.56 0.56
CA GLU B 67 21.46 3.84 1.44
C GLU B 67 22.66 3.06 0.95
N ASN A 1 33.04 -3.58 12.12
CA ASN A 1 33.27 -5.02 12.23
C ASN A 1 33.01 -5.63 10.88
N HIS A 2 33.23 -6.91 10.75
CA HIS A 2 32.99 -7.57 9.51
C HIS A 2 32.26 -8.87 9.78
N LYS A 3 31.04 -8.95 9.34
CA LYS A 3 30.29 -10.17 9.49
C LYS A 3 30.63 -11.09 8.33
N VAL A 4 31.57 -11.98 8.60
CA VAL A 4 32.07 -12.91 7.61
C VAL A 4 30.98 -13.82 7.06
N HIS A 5 30.92 -13.91 5.76
CA HIS A 5 29.98 -14.75 5.11
C HIS A 5 30.53 -16.16 5.05
N HIS A 6 30.28 -16.91 6.09
CA HIS A 6 30.67 -18.29 6.17
C HIS A 6 29.46 -19.09 6.61
N HIS A 7 28.79 -19.67 5.62
CA HIS A 7 27.55 -20.45 5.81
C HIS A 7 26.44 -19.57 6.37
N HIS A 8 26.60 -18.27 6.17
CA HIS A 8 25.66 -17.28 6.67
C HIS A 8 24.44 -17.29 5.79
N HIS A 9 23.41 -17.95 6.24
CA HIS A 9 22.22 -18.09 5.46
C HIS A 9 20.98 -18.04 6.33
N HIS A 10 20.17 -17.07 6.07
CA HIS A 10 18.87 -16.97 6.69
C HIS A 10 17.87 -17.33 5.62
N MET A 11 16.80 -17.98 5.98
CA MET A 11 15.84 -18.39 5.00
C MET A 11 14.86 -17.27 4.67
N SER A 12 15.39 -16.25 4.05
CA SER A 12 14.64 -15.11 3.64
C SER A 12 13.76 -15.45 2.44
N ASP A 13 14.00 -16.61 1.84
CA ASP A 13 13.24 -17.10 0.67
C ASP A 13 11.77 -17.28 0.98
N ASP A 14 11.48 -17.60 2.21
CA ASP A 14 10.10 -17.80 2.64
C ASP A 14 9.45 -16.47 2.96
N ASP A 15 10.21 -15.58 3.57
CA ASP A 15 9.68 -14.25 3.96
C ASP A 15 9.68 -13.30 2.77
N ASP A 16 10.36 -13.68 1.72
CA ASP A 16 10.43 -12.87 0.51
C ASP A 16 9.10 -12.90 -0.20
N LYS A 17 8.24 -12.05 0.27
CA LYS A 17 6.88 -11.91 -0.16
C LYS A 17 6.65 -10.49 -0.61
N GLY A 18 7.70 -9.69 -0.49
CA GLY A 18 7.63 -8.31 -0.86
C GLY A 18 7.86 -8.20 -2.32
N ILE A 19 6.79 -8.30 -3.05
CA ILE A 19 6.81 -8.26 -4.48
C ILE A 19 7.37 -6.93 -4.95
N HIS A 20 8.41 -7.01 -5.75
CA HIS A 20 9.04 -5.85 -6.28
C HIS A 20 8.24 -5.25 -7.40
N SER A 21 7.95 -4.03 -7.23
CA SER A 21 7.27 -3.23 -8.18
C SER A 21 7.84 -1.85 -8.08
N SER A 22 7.22 -0.91 -8.69
CA SER A 22 7.70 0.44 -8.67
C SER A 22 6.53 1.37 -8.81
N VAL A 23 6.69 2.57 -8.30
CA VAL A 23 5.67 3.58 -8.44
C VAL A 23 5.74 4.13 -9.83
N LYS A 24 4.78 3.81 -10.62
CA LYS A 24 4.79 4.24 -11.96
C LYS A 24 3.78 5.34 -12.15
N ARG A 25 3.86 6.03 -13.24
CA ARG A 25 2.97 7.13 -13.50
C ARG A 25 1.81 6.72 -14.41
N TRP A 26 0.64 6.70 -13.85
CA TRP A 26 -0.58 6.37 -14.58
C TRP A 26 -1.23 7.68 -14.96
N GLY A 27 -0.94 8.15 -16.15
CA GLY A 27 -1.44 9.41 -16.58
C GLY A 27 -0.62 10.48 -15.94
N ASN A 28 -1.24 11.30 -15.14
CA ASN A 28 -0.51 12.29 -14.38
C ASN A 28 -0.54 11.97 -12.89
N SER A 29 -0.68 10.69 -12.54
CA SER A 29 -0.80 10.33 -11.15
C SER A 29 -0.02 9.03 -10.88
N PRO A 30 0.80 9.02 -9.85
CA PRO A 30 1.55 7.83 -9.44
C PRO A 30 0.63 6.69 -9.01
N ALA A 31 0.88 5.52 -9.53
CA ALA A 31 0.11 4.36 -9.21
C ALA A 31 1.03 3.16 -9.03
N VAL A 32 0.67 2.31 -8.11
CA VAL A 32 1.42 1.10 -7.86
C VAL A 32 0.58 -0.09 -8.30
N ARG A 33 1.23 -1.04 -8.95
CA ARG A 33 0.59 -2.24 -9.43
C ARG A 33 0.38 -3.25 -8.31
N ILE A 34 -0.82 -3.75 -8.21
CA ILE A 34 -1.15 -4.80 -7.29
C ILE A 34 -1.35 -6.08 -8.09
N PRO A 35 -0.69 -7.18 -7.71
CA PRO A 35 -0.89 -8.46 -8.37
C PRO A 35 -2.32 -8.97 -8.14
N ALA A 36 -2.89 -9.61 -9.15
CA ALA A 36 -4.23 -10.14 -9.08
C ALA A 36 -4.31 -11.24 -8.02
N THR A 37 -3.19 -11.90 -7.79
CA THR A 37 -3.07 -12.89 -6.75
C THR A 37 -3.36 -12.27 -5.36
N LEU A 38 -2.92 -11.04 -5.17
CA LEU A 38 -3.09 -10.32 -3.90
C LEU A 38 -4.48 -9.84 -3.75
N MET A 39 -5.06 -9.50 -4.87
CA MET A 39 -6.49 -9.14 -4.90
C MET A 39 -7.28 -10.27 -4.30
N GLN A 40 -6.96 -11.46 -4.74
CA GLN A 40 -7.60 -12.68 -4.32
C GLN A 40 -7.26 -13.04 -2.91
N ALA A 41 -6.10 -12.58 -2.47
CA ALA A 41 -5.66 -12.85 -1.12
C ALA A 41 -6.43 -12.00 -0.11
N LEU A 42 -6.92 -10.87 -0.56
CA LEU A 42 -7.64 -9.95 0.27
C LEU A 42 -9.12 -9.91 -0.12
N ASN A 43 -9.48 -10.78 -1.06
CA ASN A 43 -10.86 -10.94 -1.59
C ASN A 43 -11.42 -9.64 -2.18
N LEU A 44 -10.55 -8.75 -2.58
CA LEU A 44 -10.96 -7.50 -3.11
C LEU A 44 -10.93 -7.52 -4.63
N ASN A 45 -11.71 -6.67 -5.22
CA ASN A 45 -11.89 -6.62 -6.67
C ASN A 45 -11.58 -5.22 -7.19
N ILE A 46 -11.83 -4.98 -8.47
CA ILE A 46 -11.66 -3.66 -9.04
C ILE A 46 -12.84 -2.80 -8.59
N ASP A 47 -12.57 -1.54 -8.32
CA ASP A 47 -13.56 -0.56 -7.86
C ASP A 47 -13.87 -0.71 -6.40
N ASP A 48 -13.07 -1.49 -5.71
CA ASP A 48 -13.23 -1.64 -4.29
C ASP A 48 -12.52 -0.48 -3.68
N GLU A 49 -13.21 0.24 -2.87
CA GLU A 49 -12.66 1.42 -2.28
C GLU A 49 -11.68 1.06 -1.20
N VAL A 50 -10.64 1.83 -1.09
CA VAL A 50 -9.59 1.53 -0.15
C VAL A 50 -9.15 2.77 0.58
N LYS A 51 -8.66 2.53 1.76
CA LYS A 51 -8.13 3.54 2.62
C LYS A 51 -6.63 3.49 2.61
N ILE A 52 -6.01 4.57 2.19
CA ILE A 52 -4.59 4.66 2.26
C ILE A 52 -4.22 5.47 3.50
N ASP A 53 -3.91 4.79 4.56
CA ASP A 53 -3.50 5.44 5.80
C ASP A 53 -2.00 5.44 5.90
N LEU A 54 -1.43 6.59 6.15
CA LEU A 54 -0.07 6.70 6.35
C LEU A 54 0.16 6.53 7.82
N VAL A 55 0.97 5.61 8.15
CA VAL A 55 1.23 5.24 9.54
C VAL A 55 2.70 4.92 9.71
N ASP A 56 3.37 5.66 10.58
CA ASP A 56 4.81 5.45 10.95
C ASP A 56 5.70 5.71 9.72
N GLY A 57 5.18 6.47 8.80
CA GLY A 57 5.87 6.74 7.56
C GLY A 57 5.86 5.52 6.66
N LYS A 58 4.82 4.74 6.77
CA LYS A 58 4.65 3.55 5.99
C LYS A 58 3.27 3.62 5.36
N LEU A 59 3.13 3.12 4.15
CA LEU A 59 1.84 3.12 3.50
C LEU A 59 1.08 1.90 3.84
N ILE A 60 0.01 2.11 4.50
CA ILE A 60 -0.88 1.07 4.91
C ILE A 60 -2.05 1.07 3.99
N ILE A 61 -2.12 0.08 3.18
CA ILE A 61 -3.21 -0.07 2.27
C ILE A 61 -4.16 -1.10 2.80
N GLU A 62 -5.27 -0.61 3.25
CA GLU A 62 -6.35 -1.40 3.75
C GLU A 62 -7.50 -1.27 2.80
N PRO A 63 -8.26 -2.33 2.56
CA PRO A 63 -9.39 -2.26 1.73
C PRO A 63 -10.53 -1.82 2.59
N VAL A 64 -11.60 -1.47 2.03
CA VAL A 64 -12.69 -1.07 2.86
C VAL A 64 -13.72 -2.14 2.85
N ARG A 65 -13.78 -2.84 3.92
CA ARG A 65 -14.77 -3.84 4.10
C ARG A 65 -16.05 -3.10 4.36
N LYS A 66 -17.11 -3.58 3.81
CA LYS A 66 -18.31 -2.87 3.78
C LYS A 66 -19.02 -3.06 5.08
N GLU A 67 -18.97 -2.01 5.82
CA GLU A 67 -19.46 -1.87 7.19
C GLU A 67 -18.40 -2.33 8.16
N ASN B 1 -26.93 -4.19 22.72
CA ASN B 1 -26.95 -2.91 23.39
C ASN B 1 -27.20 -1.84 22.37
N HIS B 2 -27.34 -0.63 22.82
CA HIS B 2 -27.51 0.49 21.95
C HIS B 2 -26.65 1.62 22.46
N LYS B 3 -25.60 1.93 21.74
CA LYS B 3 -24.76 3.04 22.13
C LYS B 3 -25.40 4.31 21.63
N VAL B 4 -26.12 4.96 22.52
CA VAL B 4 -26.85 6.18 22.21
C VAL B 4 -25.91 7.29 21.75
N HIS B 5 -26.33 7.98 20.73
CA HIS B 5 -25.56 9.06 20.21
C HIS B 5 -26.00 10.35 20.89
N HIS B 6 -25.34 10.66 21.97
CA HIS B 6 -25.60 11.86 22.73
C HIS B 6 -24.27 12.47 23.08
N HIS B 7 -23.84 13.43 22.27
CA HIS B 7 -22.55 14.12 22.41
C HIS B 7 -21.40 13.13 22.23
N HIS B 8 -21.69 12.07 21.51
CA HIS B 8 -20.73 11.04 21.24
C HIS B 8 -19.91 11.49 20.06
N HIS B 9 -18.75 12.00 20.33
CA HIS B 9 -17.91 12.51 19.29
C HIS B 9 -16.46 12.25 19.63
N HIS B 10 -15.82 11.57 18.74
CA HIS B 10 -14.41 11.33 18.81
C HIS B 10 -13.79 12.19 17.74
N MET B 11 -12.62 12.71 17.99
CA MET B 11 -11.98 13.56 17.01
C MET B 11 -11.22 12.74 16.00
N SER B 12 -12.00 12.11 15.16
CA SER B 12 -11.50 11.25 14.15
C SER B 12 -11.02 12.06 12.95
N ASP B 13 -11.37 13.34 12.93
CA ASP B 13 -10.98 14.26 11.83
C ASP B 13 -9.47 14.38 11.72
N ASP B 14 -8.80 14.18 12.82
CA ASP B 14 -7.34 14.25 12.87
C ASP B 14 -6.74 12.94 12.38
N ASP B 15 -7.34 11.83 12.78
CA ASP B 15 -6.85 10.50 12.40
C ASP B 15 -7.34 10.12 11.00
N ASP B 16 -8.21 10.96 10.47
CA ASP B 16 -8.73 10.79 9.14
C ASP B 16 -7.67 11.20 8.15
N LYS B 17 -6.83 10.25 7.88
CA LYS B 17 -5.69 10.40 7.01
C LYS B 17 -5.75 9.31 5.96
N GLY B 18 -6.78 8.48 6.06
CA GLY B 18 -6.93 7.36 5.18
C GLY B 18 -7.62 7.77 3.94
N ILE B 19 -6.85 8.29 3.03
CA ILE B 19 -7.32 8.83 1.77
C ILE B 19 -8.11 7.77 1.01
N HIS B 20 -9.34 8.10 0.70
CA HIS B 20 -10.22 7.21 0.00
C HIS B 20 -9.92 7.17 -1.47
N SER B 21 -9.61 6.02 -1.91
CA SER B 21 -9.37 5.73 -3.27
C SER B 21 -10.00 4.40 -3.58
N SER B 22 -9.65 3.82 -4.67
CA SER B 22 -10.17 2.54 -5.06
C SER B 22 -9.17 1.83 -5.93
N VAL B 23 -9.23 0.53 -5.94
CA VAL B 23 -8.39 -0.26 -6.79
C VAL B 23 -8.95 -0.19 -8.19
N LYS B 24 -8.27 0.49 -9.04
CA LYS B 24 -8.76 0.64 -10.37
C LYS B 24 -7.95 -0.23 -11.29
N ARG B 25 -8.40 -0.41 -12.49
CA ARG B 25 -7.73 -1.28 -13.42
C ARG B 25 -6.94 -0.45 -14.44
N TRP B 26 -5.65 -0.48 -14.30
CA TRP B 26 -4.73 0.22 -15.19
C TRP B 26 -4.34 -0.76 -16.27
N GLY B 27 -5.06 -0.70 -17.38
CA GLY B 27 -4.83 -1.64 -18.43
C GLY B 27 -5.44 -2.94 -18.01
N ASN B 28 -4.64 -3.96 -17.93
CA ASN B 28 -5.12 -5.23 -17.42
C ASN B 28 -4.54 -5.54 -16.03
N SER B 29 -4.14 -4.53 -15.27
CA SER B 29 -3.54 -4.74 -14.00
C SER B 29 -4.13 -3.77 -12.99
N PRO B 30 -4.58 -4.26 -11.84
CA PRO B 30 -5.09 -3.42 -10.76
C PRO B 30 -4.02 -2.47 -10.21
N ALA B 31 -4.36 -1.22 -10.09
CA ALA B 31 -3.44 -0.24 -9.59
C ALA B 31 -4.16 0.71 -8.65
N VAL B 32 -3.46 1.14 -7.65
CA VAL B 32 -3.97 2.09 -6.69
C VAL B 32 -3.23 3.41 -6.86
N ARG B 33 -3.98 4.50 -6.84
CA ARG B 33 -3.42 5.82 -6.96
C ARG B 33 -2.79 6.29 -5.67
N ILE B 34 -1.60 6.80 -5.76
CA ILE B 34 -0.93 7.41 -4.66
C ILE B 34 -0.94 8.92 -4.87
N PRO B 35 -1.35 9.70 -3.86
CA PRO B 35 -1.32 11.15 -3.94
C PRO B 35 0.12 11.65 -4.02
N ALA B 36 0.36 12.65 -4.86
CA ALA B 36 1.68 13.24 -5.01
C ALA B 36 2.17 13.84 -3.69
N THR B 37 1.23 14.23 -2.85
CA THR B 37 1.52 14.73 -1.52
C THR B 37 2.23 13.63 -0.68
N LEU B 38 1.80 12.39 -0.86
CA LEU B 38 2.35 11.25 -0.12
C LEU B 38 3.68 10.86 -0.64
N MET B 39 3.84 11.05 -1.92
CA MET B 39 5.16 10.85 -2.55
C MET B 39 6.19 11.68 -1.84
N GLN B 40 5.82 12.93 -1.64
CA GLN B 40 6.65 13.92 -0.98
C GLN B 40 6.78 13.64 0.50
N ALA B 41 5.82 12.95 1.04
CA ALA B 41 5.84 12.59 2.44
C ALA B 41 6.87 11.49 2.68
N LEU B 42 7.04 10.64 1.69
CA LEU B 42 7.95 9.53 1.79
C LEU B 42 9.21 9.76 0.97
N ASN B 43 9.29 10.94 0.35
CA ASN B 43 10.44 11.40 -0.46
C ASN B 43 10.75 10.48 -1.65
N LEU B 44 9.74 9.77 -2.10
CA LEU B 44 9.89 8.84 -3.19
C LEU B 44 9.34 9.47 -4.47
N ASN B 45 9.82 9.00 -5.60
CA ASN B 45 9.41 9.57 -6.89
C ASN B 45 8.89 8.46 -7.81
N ILE B 46 8.69 8.79 -9.08
CA ILE B 46 8.25 7.81 -10.07
C ILE B 46 9.46 6.93 -10.43
N ASP B 47 9.19 5.65 -10.68
CA ASP B 47 10.19 4.65 -11.03
C ASP B 47 10.98 4.22 -9.83
N ASP B 48 10.50 4.56 -8.66
CA ASP B 48 11.17 4.15 -7.47
C ASP B 48 10.62 2.80 -7.14
N GLU B 49 11.48 1.87 -6.92
CA GLU B 49 11.06 0.53 -6.67
C GLU B 49 10.54 0.38 -5.27
N VAL B 50 9.53 -0.44 -5.13
CA VAL B 50 8.90 -0.61 -3.85
C VAL B 50 8.60 -2.07 -3.59
N LYS B 51 8.59 -2.40 -2.33
CA LYS B 51 8.29 -3.72 -1.85
C LYS B 51 6.87 -3.78 -1.35
N ILE B 52 6.07 -4.61 -1.94
CA ILE B 52 4.73 -4.83 -1.44
C ILE B 52 4.76 -6.11 -0.60
N ASP B 53 4.90 -5.94 0.70
CA ASP B 53 4.91 -7.08 1.63
C ASP B 53 3.53 -7.24 2.22
N LEU B 54 2.97 -8.41 2.10
CA LEU B 54 1.73 -8.67 2.67
C LEU B 54 2.00 -9.13 4.07
N VAL B 55 1.41 -8.47 4.98
CA VAL B 55 1.64 -8.72 6.39
C VAL B 55 0.33 -8.61 7.13
N ASP B 56 -0.08 -9.69 7.83
CA ASP B 56 -1.31 -9.71 8.68
C ASP B 56 -2.57 -9.51 7.83
N GLY B 57 -2.45 -9.81 6.54
CA GLY B 57 -3.54 -9.62 5.62
C GLY B 57 -3.72 -8.15 5.28
N LYS B 58 -2.67 -7.40 5.43
CA LYS B 58 -2.67 -6.00 5.16
C LYS B 58 -1.57 -5.71 4.15
N LEU B 59 -1.80 -4.77 3.26
CA LEU B 59 -0.83 -4.41 2.27
C LEU B 59 0.11 -3.39 2.82
N ILE B 60 1.31 -3.81 2.94
CA ILE B 60 2.36 -2.96 3.42
C ILE B 60 3.18 -2.50 2.25
N ILE B 61 3.04 -1.27 1.96
CA ILE B 61 3.78 -0.68 0.88
C ILE B 61 4.93 0.13 1.45
N GLU B 62 6.08 -0.43 1.29
CA GLU B 62 7.31 0.17 1.70
C GLU B 62 8.08 0.53 0.46
N PRO B 63 8.79 1.65 0.44
CA PRO B 63 9.58 2.00 -0.67
C PRO B 63 10.91 1.32 -0.50
N VAL B 64 11.72 1.33 -1.45
CA VAL B 64 12.99 0.71 -1.26
C VAL B 64 14.04 1.74 -1.17
N ARG B 65 14.51 1.95 0.03
CA ARG B 65 15.57 2.86 0.26
C ARG B 65 16.82 2.21 -0.27
N LYS B 66 17.65 2.98 -0.87
CA LYS B 66 18.73 2.46 -1.60
C LYS B 66 19.84 2.21 -0.66
N GLU B 67 19.98 0.96 -0.35
CA GLU B 67 20.88 0.39 0.63
C GLU B 67 20.33 0.65 2.02
N ASN A 1 -23.81 -14.64 1.57
CA ASN A 1 -22.38 -14.40 1.52
C ASN A 1 -21.66 -15.46 2.36
N HIS A 2 -20.42 -15.72 2.06
CA HIS A 2 -19.64 -16.66 2.84
C HIS A 2 -18.70 -15.89 3.74
N LYS A 3 -18.01 -16.59 4.60
CA LYS A 3 -17.11 -15.94 5.50
C LYS A 3 -15.70 -16.24 5.09
N VAL A 4 -14.78 -15.49 5.60
CA VAL A 4 -13.39 -15.69 5.29
C VAL A 4 -12.84 -16.81 6.14
N HIS A 5 -12.67 -17.96 5.54
CA HIS A 5 -12.10 -19.11 6.22
C HIS A 5 -10.64 -18.82 6.46
N HIS A 6 -10.24 -18.94 7.72
CA HIS A 6 -8.88 -18.62 8.19
C HIS A 6 -8.70 -17.11 8.25
N HIS A 7 -8.53 -16.58 9.44
CA HIS A 7 -8.38 -15.14 9.63
C HIS A 7 -7.09 -14.62 9.00
N HIS A 8 -5.95 -15.01 9.54
CA HIS A 8 -4.69 -14.56 8.95
C HIS A 8 -3.87 -15.70 8.40
N HIS A 9 -4.41 -16.90 8.52
CA HIS A 9 -3.74 -18.06 7.95
C HIS A 9 -4.10 -18.17 6.47
N HIS A 10 -3.49 -17.34 5.69
CA HIS A 10 -3.71 -17.34 4.28
C HIS A 10 -2.44 -17.65 3.55
N MET A 11 -2.44 -18.80 2.91
CA MET A 11 -1.31 -19.29 2.17
C MET A 11 -1.06 -18.42 0.97
N SER A 12 -0.07 -17.58 1.11
CA SER A 12 0.33 -16.58 0.14
C SER A 12 1.44 -15.78 0.80
N ASP A 13 1.27 -15.52 2.09
CA ASP A 13 2.21 -14.71 2.91
C ASP A 13 3.51 -15.47 3.18
N ASP A 14 3.44 -16.76 2.97
CA ASP A 14 4.52 -17.71 3.25
C ASP A 14 5.82 -17.32 2.57
N ASP A 15 5.83 -17.32 1.26
CA ASP A 15 7.04 -16.97 0.52
C ASP A 15 6.86 -15.71 -0.29
N ASP A 16 5.65 -15.46 -0.75
CA ASP A 16 5.34 -14.23 -1.46
C ASP A 16 5.15 -13.17 -0.41
N LYS A 17 6.26 -12.57 -0.04
CA LYS A 17 6.33 -11.73 1.14
C LYS A 17 7.13 -10.47 0.88
N GLY A 18 7.45 -10.23 -0.35
CA GLY A 18 8.25 -9.09 -0.68
C GLY A 18 8.28 -8.91 -2.15
N ILE A 19 7.27 -8.33 -2.67
CA ILE A 19 7.15 -8.13 -4.08
C ILE A 19 7.79 -6.80 -4.45
N HIS A 20 8.76 -6.86 -5.34
CA HIS A 20 9.43 -5.66 -5.79
C HIS A 20 8.84 -5.14 -7.06
N SER A 21 7.97 -4.22 -6.90
CA SER A 21 7.36 -3.52 -7.97
C SER A 21 7.87 -2.10 -7.94
N SER A 22 7.22 -1.21 -8.62
CA SER A 22 7.64 0.16 -8.66
C SER A 22 6.45 1.06 -8.90
N VAL A 23 6.57 2.29 -8.49
CA VAL A 23 5.52 3.28 -8.67
C VAL A 23 5.65 3.83 -10.05
N LYS A 24 4.68 3.63 -10.86
CA LYS A 24 4.75 4.10 -12.19
C LYS A 24 3.78 5.25 -12.36
N ARG A 25 3.80 5.89 -13.49
CA ARG A 25 2.93 7.00 -13.71
C ARG A 25 1.79 6.63 -14.65
N TRP A 26 0.60 6.68 -14.14
CA TRP A 26 -0.60 6.40 -14.89
C TRP A 26 -1.23 7.74 -15.19
N GLY A 27 -0.97 8.24 -16.39
CA GLY A 27 -1.46 9.53 -16.75
C GLY A 27 -0.63 10.57 -16.08
N ASN A 28 -1.22 11.34 -15.24
CA ASN A 28 -0.49 12.29 -14.43
C ASN A 28 -0.58 11.93 -12.96
N SER A 29 -0.71 10.64 -12.62
CA SER A 29 -0.83 10.22 -11.27
C SER A 29 0.02 8.98 -11.05
N PRO A 30 0.76 8.94 -9.96
CA PRO A 30 1.54 7.79 -9.57
C PRO A 30 0.62 6.62 -9.18
N ALA A 31 0.88 5.48 -9.74
CA ALA A 31 0.10 4.32 -9.48
C ALA A 31 0.99 3.09 -9.32
N VAL A 32 0.65 2.27 -8.38
CA VAL A 32 1.37 1.03 -8.15
C VAL A 32 0.54 -0.12 -8.67
N ARG A 33 1.18 -1.04 -9.35
CA ARG A 33 0.53 -2.22 -9.85
C ARG A 33 0.38 -3.25 -8.74
N ILE A 34 -0.82 -3.65 -8.46
CA ILE A 34 -1.08 -4.67 -7.47
C ILE A 34 -1.31 -6.00 -8.20
N PRO A 35 -0.62 -7.06 -7.79
CA PRO A 35 -0.79 -8.38 -8.39
C PRO A 35 -2.18 -8.96 -8.09
N ALA A 36 -2.79 -9.55 -9.11
CA ALA A 36 -4.14 -10.14 -9.03
C ALA A 36 -4.21 -11.22 -7.95
N THR A 37 -3.10 -11.86 -7.74
CA THR A 37 -2.92 -12.89 -6.75
C THR A 37 -3.27 -12.35 -5.32
N LEU A 38 -2.93 -11.09 -5.09
CA LEU A 38 -3.16 -10.45 -3.80
C LEU A 38 -4.53 -9.89 -3.74
N MET A 39 -4.98 -9.48 -4.89
CA MET A 39 -6.36 -9.01 -5.07
C MET A 39 -7.32 -10.06 -4.58
N GLN A 40 -7.12 -11.25 -5.06
CA GLN A 40 -7.90 -12.40 -4.66
C GLN A 40 -7.62 -12.76 -3.21
N ALA A 41 -6.37 -12.56 -2.77
CA ALA A 41 -5.96 -12.98 -1.42
C ALA A 41 -6.71 -12.22 -0.34
N LEU A 42 -6.98 -10.98 -0.62
CA LEU A 42 -7.66 -10.10 0.32
C LEU A 42 -9.08 -9.83 -0.13
N ASN A 43 -9.45 -10.50 -1.20
CA ASN A 43 -10.75 -10.45 -1.85
C ASN A 43 -11.21 -9.03 -2.14
N LEU A 44 -10.48 -8.35 -2.97
CA LEU A 44 -10.87 -7.09 -3.44
C LEU A 44 -10.98 -7.15 -4.94
N ASN A 45 -11.76 -6.27 -5.48
CA ASN A 45 -11.98 -6.21 -6.90
C ASN A 45 -11.70 -4.83 -7.39
N ILE A 46 -11.88 -4.60 -8.66
CA ILE A 46 -11.69 -3.28 -9.23
C ILE A 46 -12.82 -2.37 -8.78
N ASP A 47 -12.48 -1.12 -8.52
CA ASP A 47 -13.38 -0.03 -8.11
C ASP A 47 -13.69 -0.12 -6.63
N ASP A 48 -12.96 -0.98 -5.93
CA ASP A 48 -13.21 -1.17 -4.53
C ASP A 48 -12.41 -0.16 -3.77
N GLU A 49 -13.07 0.54 -2.89
CA GLU A 49 -12.48 1.61 -2.14
C GLU A 49 -11.48 1.10 -1.12
N VAL A 50 -10.45 1.86 -0.89
CA VAL A 50 -9.43 1.47 0.03
C VAL A 50 -9.02 2.61 0.91
N LYS A 51 -8.58 2.24 2.08
CA LYS A 51 -8.07 3.14 3.05
C LYS A 51 -6.56 3.21 2.95
N ILE A 52 -6.05 4.34 2.54
CA ILE A 52 -4.65 4.57 2.59
C ILE A 52 -4.35 5.23 3.92
N ASP A 53 -3.91 4.44 4.83
CA ASP A 53 -3.55 4.88 6.15
C ASP A 53 -2.06 4.94 6.22
N LEU A 54 -1.53 5.96 6.80
CA LEU A 54 -0.17 6.04 7.00
C LEU A 54 0.07 5.60 8.42
N VAL A 55 1.10 4.87 8.61
CA VAL A 55 1.49 4.33 9.93
C VAL A 55 3.01 4.23 9.96
N ASP A 56 3.65 4.99 10.85
CA ASP A 56 5.12 4.95 11.07
C ASP A 56 5.91 5.15 9.77
N GLY A 57 5.40 6.02 8.93
CA GLY A 57 6.05 6.30 7.67
C GLY A 57 5.94 5.17 6.68
N LYS A 58 4.86 4.43 6.76
CA LYS A 58 4.61 3.36 5.84
C LYS A 58 3.26 3.58 5.19
N LEU A 59 3.12 3.15 3.96
CA LEU A 59 1.86 3.24 3.28
C LEU A 59 1.11 1.98 3.49
N ILE A 60 0.15 2.09 4.32
CA ILE A 60 -0.64 0.97 4.71
C ILE A 60 -1.93 1.02 3.93
N ILE A 61 -2.01 0.15 2.98
CA ILE A 61 -3.18 0.06 2.15
C ILE A 61 -4.08 -1.04 2.68
N GLU A 62 -5.19 -0.61 3.23
CA GLU A 62 -6.16 -1.52 3.75
C GLU A 62 -7.46 -1.38 2.95
N PRO A 63 -7.84 -2.43 2.24
CA PRO A 63 -9.05 -2.48 1.50
C PRO A 63 -10.22 -2.37 2.41
N VAL A 64 -11.21 -1.76 1.95
CA VAL A 64 -12.36 -1.56 2.78
C VAL A 64 -13.26 -2.72 2.55
N ARG A 65 -13.30 -3.57 3.53
CA ARG A 65 -13.97 -4.83 3.44
C ARG A 65 -15.43 -4.72 3.07
N LYS A 66 -15.82 -5.57 2.18
CA LYS A 66 -17.18 -5.69 1.82
C LYS A 66 -17.66 -6.93 2.53
N GLU A 67 -18.24 -6.71 3.65
CA GLU A 67 -18.60 -7.74 4.55
C GLU A 67 -20.03 -7.52 4.97
N ASN B 1 23.98 14.50 -0.64
CA ASN B 1 22.62 14.11 -0.32
C ASN B 1 22.30 14.60 1.07
N HIS B 2 21.06 14.98 1.32
CA HIS B 2 20.65 15.44 2.64
C HIS B 2 20.01 14.29 3.41
N LYS B 3 19.71 14.53 4.67
CA LYS B 3 19.10 13.52 5.51
C LYS B 3 17.66 13.87 5.73
N VAL B 4 16.89 12.94 6.21
CA VAL B 4 15.51 13.18 6.49
C VAL B 4 15.38 13.78 7.87
N HIS B 5 15.02 15.02 7.90
CA HIS B 5 14.82 15.72 9.14
C HIS B 5 13.48 15.31 9.71
N HIS B 6 13.53 14.85 10.96
CA HIS B 6 12.37 14.31 11.70
C HIS B 6 12.03 12.93 11.18
N HIS B 7 12.35 11.91 11.96
CA HIS B 7 12.13 10.51 11.58
C HIS B 7 10.66 10.24 11.23
N HIS B 8 9.79 10.25 12.22
CA HIS B 8 8.38 10.00 11.97
C HIS B 8 7.55 11.22 12.22
N HIS B 9 8.18 12.28 12.65
CA HIS B 9 7.47 13.53 12.87
C HIS B 9 7.36 14.27 11.53
N HIS B 10 6.52 13.74 10.70
CA HIS B 10 6.26 14.31 9.42
C HIS B 10 4.84 14.80 9.35
N MET B 11 4.70 16.10 9.28
CA MET B 11 3.42 16.73 9.27
C MET B 11 2.69 16.45 7.98
N SER B 12 1.79 15.51 8.08
CA SER B 12 1.00 15.00 6.99
C SER B 12 0.10 13.93 7.59
N ASP B 13 0.69 13.19 8.51
CA ASP B 13 0.08 12.05 9.21
C ASP B 13 -0.98 12.50 10.23
N ASP B 14 -0.94 13.78 10.52
CA ASP B 14 -1.76 14.41 11.55
C ASP B 14 -3.26 14.23 11.28
N ASP B 15 -3.72 14.77 10.18
CA ASP B 15 -5.12 14.67 9.83
C ASP B 15 -5.31 13.91 8.53
N ASP B 16 -4.33 13.97 7.67
CA ASP B 16 -4.39 13.21 6.43
C ASP B 16 -3.92 11.80 6.76
N LYS B 17 -4.88 10.97 7.11
CA LYS B 17 -4.61 9.71 7.75
C LYS B 17 -5.52 8.59 7.25
N GLY B 18 -6.41 8.92 6.36
CA GLY B 18 -7.37 7.95 5.88
C GLY B 18 -7.93 8.38 4.58
N ILE B 19 -7.16 8.16 3.55
CA ILE B 19 -7.53 8.56 2.23
C ILE B 19 -8.36 7.47 1.59
N HIS B 20 -9.56 7.80 1.20
CA HIS B 20 -10.44 6.84 0.56
C HIS B 20 -10.32 6.92 -0.95
N SER B 21 -9.54 6.06 -1.47
CA SER B 21 -9.35 5.91 -2.88
C SER B 21 -9.93 4.58 -3.29
N SER B 22 -9.57 4.09 -4.43
CA SER B 22 -10.07 2.85 -4.90
C SER B 22 -9.08 2.22 -5.86
N VAL B 23 -9.16 0.91 -5.97
CA VAL B 23 -8.31 0.18 -6.89
C VAL B 23 -8.92 0.24 -8.25
N LYS B 24 -8.24 0.78 -9.18
CA LYS B 24 -8.79 0.89 -10.49
C LYS B 24 -8.01 0.01 -11.44
N ARG B 25 -8.49 -0.15 -12.64
CA ARG B 25 -7.83 -1.01 -13.59
C ARG B 25 -7.04 -0.20 -14.61
N TRP B 26 -5.74 -0.40 -14.60
CA TRP B 26 -4.80 0.23 -15.52
C TRP B 26 -4.36 -0.85 -16.50
N GLY B 27 -4.98 -0.87 -17.68
CA GLY B 27 -4.70 -1.88 -18.63
C GLY B 27 -5.35 -3.14 -18.15
N ASN B 28 -4.61 -4.17 -17.96
CA ASN B 28 -5.14 -5.37 -17.35
C ASN B 28 -4.54 -5.60 -15.96
N SER B 29 -4.21 -4.52 -15.27
CA SER B 29 -3.62 -4.64 -13.99
C SER B 29 -4.29 -3.67 -13.03
N PRO B 30 -4.66 -4.15 -11.86
CA PRO B 30 -5.18 -3.30 -10.81
C PRO B 30 -4.12 -2.35 -10.28
N ALA B 31 -4.45 -1.09 -10.23
CA ALA B 31 -3.54 -0.07 -9.79
C ALA B 31 -4.24 0.90 -8.88
N VAL B 32 -3.55 1.31 -7.85
CA VAL B 32 -4.06 2.28 -6.91
C VAL B 32 -3.36 3.59 -7.15
N ARG B 33 -4.12 4.67 -7.14
CA ARG B 33 -3.58 6.00 -7.28
C ARG B 33 -3.02 6.49 -5.96
N ILE B 34 -1.75 6.81 -5.96
CA ILE B 34 -1.10 7.34 -4.78
C ILE B 34 -1.02 8.86 -4.91
N PRO B 35 -1.46 9.60 -3.90
CA PRO B 35 -1.42 11.06 -3.93
C PRO B 35 0.02 11.58 -3.94
N ALA B 36 0.28 12.58 -4.78
CA ALA B 36 1.61 13.18 -4.94
C ALA B 36 2.11 13.76 -3.63
N THR B 37 1.18 14.18 -2.81
CA THR B 37 1.44 14.72 -1.50
C THR B 37 2.19 13.68 -0.61
N LEU B 38 1.87 12.41 -0.81
CA LEU B 38 2.48 11.33 -0.04
C LEU B 38 3.74 10.90 -0.68
N MET B 39 3.76 11.00 -1.98
CA MET B 39 4.96 10.77 -2.77
C MET B 39 6.09 11.63 -2.25
N GLN B 40 5.80 12.89 -2.11
CA GLN B 40 6.73 13.85 -1.57
C GLN B 40 6.99 13.59 -0.10
N ALA B 41 5.97 13.09 0.60
CA ALA B 41 6.06 12.89 2.07
C ALA B 41 7.10 11.84 2.43
N LEU B 42 7.19 10.84 1.60
CA LEU B 42 8.07 9.72 1.84
C LEU B 42 9.25 9.74 0.89
N ASN B 43 9.31 10.80 0.11
CA ASN B 43 10.33 11.08 -0.88
C ASN B 43 10.57 9.91 -1.83
N LEU B 44 9.53 9.55 -2.54
CA LEU B 44 9.63 8.61 -3.56
C LEU B 44 9.21 9.27 -4.83
N ASN B 45 9.68 8.77 -5.92
CA ASN B 45 9.40 9.35 -7.22
C ASN B 45 8.91 8.26 -8.14
N ILE B 46 8.68 8.59 -9.39
CA ILE B 46 8.25 7.62 -10.36
C ILE B 46 9.41 6.68 -10.73
N ASP B 47 9.07 5.39 -10.84
CA ASP B 47 9.99 4.30 -11.19
C ASP B 47 10.85 3.91 -9.99
N ASP B 48 10.40 4.28 -8.81
CA ASP B 48 11.09 3.92 -7.60
C ASP B 48 10.51 2.60 -7.17
N GLU B 49 11.36 1.65 -6.92
CA GLU B 49 10.93 0.32 -6.57
C GLU B 49 10.37 0.29 -5.16
N VAL B 50 9.39 -0.55 -4.94
CA VAL B 50 8.79 -0.64 -3.64
C VAL B 50 8.58 -2.07 -3.23
N LYS B 51 8.63 -2.27 -1.95
CA LYS B 51 8.38 -3.53 -1.32
C LYS B 51 6.92 -3.65 -0.95
N ILE B 52 6.23 -4.54 -1.57
CA ILE B 52 4.90 -4.85 -1.16
C ILE B 52 5.01 -6.04 -0.22
N ASP B 53 4.93 -5.76 1.04
CA ASP B 53 4.98 -6.76 2.07
C ASP B 53 3.61 -6.93 2.65
N LEU B 54 3.20 -8.14 2.89
CA LEU B 54 1.97 -8.36 3.47
C LEU B 54 2.21 -8.57 4.95
N VAL B 55 1.37 -8.04 5.74
CA VAL B 55 1.48 -8.12 7.21
C VAL B 55 0.09 -8.18 7.81
N ASP B 56 -0.26 -9.32 8.41
CA ASP B 56 -1.55 -9.54 9.10
C ASP B 56 -2.72 -9.21 8.18
N GLY B 57 -2.57 -9.61 6.93
CA GLY B 57 -3.59 -9.36 5.93
C GLY B 57 -3.74 -7.89 5.57
N LYS B 58 -2.63 -7.18 5.53
CA LYS B 58 -2.64 -5.80 5.14
C LYS B 58 -1.61 -5.61 4.06
N LEU B 59 -1.85 -4.69 3.16
CA LEU B 59 -0.91 -4.38 2.12
C LEU B 59 -0.01 -3.28 2.59
N ILE B 60 1.15 -3.67 2.93
CA ILE B 60 2.12 -2.77 3.46
C ILE B 60 3.07 -2.39 2.35
N ILE B 61 2.90 -1.22 1.87
CA ILE B 61 3.71 -0.69 0.80
C ILE B 61 4.83 0.15 1.40
N GLU B 62 6.01 -0.37 1.34
CA GLU B 62 7.17 0.30 1.84
C GLU B 62 8.12 0.58 0.66
N PRO B 63 8.30 1.86 0.34
CA PRO B 63 9.20 2.28 -0.69
C PRO B 63 10.59 1.88 -0.37
N VAL B 64 11.35 1.63 -1.34
CA VAL B 64 12.69 1.23 -1.08
C VAL B 64 13.52 2.47 -1.09
N ARG B 65 13.95 2.83 0.08
CA ARG B 65 14.62 4.07 0.31
C ARG B 65 15.89 4.20 -0.50
N LYS B 66 16.04 5.34 -1.08
CA LYS B 66 17.23 5.68 -1.76
C LYS B 66 18.02 6.49 -0.77
N GLU B 67 18.91 5.81 -0.12
CA GLU B 67 19.66 6.33 0.97
C GLU B 67 21.03 5.70 0.93
N ASN A 1 10.28 -8.95 15.28
CA ASN A 1 10.46 -10.28 15.90
C ASN A 1 11.88 -10.74 15.62
N HIS A 2 12.23 -11.95 16.02
CA HIS A 2 13.58 -12.43 15.88
C HIS A 2 13.93 -12.75 14.43
N LYS A 3 14.86 -12.01 13.91
CA LYS A 3 15.49 -12.33 12.66
C LYS A 3 16.70 -13.14 13.03
N VAL A 4 16.63 -14.43 12.78
CA VAL A 4 17.70 -15.35 13.16
C VAL A 4 19.07 -14.90 12.71
N HIS A 5 19.99 -14.97 13.63
CA HIS A 5 21.39 -14.62 13.41
C HIS A 5 22.19 -15.90 13.15
N HIS A 6 21.50 -16.88 12.62
CA HIS A 6 22.06 -18.17 12.31
C HIS A 6 22.05 -18.32 10.81
N HIS A 7 23.12 -18.83 10.26
CA HIS A 7 23.17 -19.04 8.83
C HIS A 7 22.70 -20.41 8.49
N HIS A 8 22.03 -20.51 7.34
CA HIS A 8 21.39 -21.76 6.84
C HIS A 8 20.10 -22.05 7.61
N HIS A 9 20.12 -21.84 8.89
CA HIS A 9 18.95 -21.97 9.72
C HIS A 9 18.16 -20.67 9.64
N HIS A 10 17.35 -20.56 8.61
CA HIS A 10 16.54 -19.39 8.42
C HIS A 10 15.10 -19.73 8.51
N MET A 11 14.41 -19.03 9.35
CA MET A 11 12.97 -19.21 9.50
C MET A 11 12.37 -17.86 9.82
N SER A 12 13.12 -16.82 9.48
CA SER A 12 12.74 -15.47 9.81
C SER A 12 12.65 -14.59 8.56
N ASP A 13 13.43 -14.95 7.56
CA ASP A 13 13.47 -14.19 6.31
C ASP A 13 12.37 -14.65 5.39
N ASP A 14 11.93 -15.84 5.66
CA ASP A 14 10.98 -16.61 4.85
C ASP A 14 9.67 -15.91 4.60
N ASP A 15 9.08 -15.32 5.63
CA ASP A 15 7.79 -14.68 5.50
C ASP A 15 7.90 -13.25 5.01
N ASP A 16 9.10 -12.76 4.89
CA ASP A 16 9.34 -11.46 4.30
C ASP A 16 9.57 -11.65 2.83
N LYS A 17 8.52 -11.51 2.07
CA LYS A 17 8.59 -11.78 0.66
C LYS A 17 9.19 -10.59 -0.07
N GLY A 18 8.76 -9.41 0.32
CA GLY A 18 9.24 -8.19 -0.28
C GLY A 18 9.01 -8.14 -1.76
N ILE A 19 7.77 -7.99 -2.17
CA ILE A 19 7.46 -7.93 -3.59
C ILE A 19 7.83 -6.55 -4.11
N HIS A 20 8.89 -6.49 -4.89
CA HIS A 20 9.39 -5.24 -5.41
C HIS A 20 8.66 -4.84 -6.68
N SER A 21 8.04 -3.70 -6.62
CA SER A 21 7.24 -3.17 -7.70
C SER A 21 7.97 -1.97 -8.32
N SER A 22 7.21 -1.09 -8.91
CA SER A 22 7.68 0.14 -9.47
C SER A 22 6.50 1.09 -9.52
N VAL A 23 6.70 2.30 -9.10
CA VAL A 23 5.66 3.30 -9.14
C VAL A 23 5.73 3.99 -10.46
N LYS A 24 4.69 3.91 -11.20
CA LYS A 24 4.66 4.52 -12.47
C LYS A 24 3.61 5.62 -12.44
N ARG A 25 3.58 6.47 -13.42
CA ARG A 25 2.60 7.52 -13.44
C ARG A 25 1.48 7.19 -14.40
N TRP A 26 0.28 7.14 -13.89
CA TRP A 26 -0.89 6.86 -14.66
C TRP A 26 -1.73 8.10 -14.67
N GLY A 27 -1.66 8.81 -15.78
CA GLY A 27 -2.34 10.04 -15.90
C GLY A 27 -1.61 11.07 -15.12
N ASN A 28 -2.27 11.64 -14.18
CA ASN A 28 -1.63 12.60 -13.31
C ASN A 28 -1.31 12.00 -11.94
N SER A 29 -1.30 10.67 -11.80
CA SER A 29 -1.18 10.13 -10.51
C SER A 29 -0.22 8.95 -10.49
N PRO A 30 0.62 8.91 -9.47
CA PRO A 30 1.46 7.76 -9.20
C PRO A 30 0.59 6.53 -8.96
N ALA A 31 0.78 5.53 -9.75
CA ALA A 31 0.02 4.34 -9.63
C ALA A 31 0.94 3.17 -9.57
N VAL A 32 0.68 2.30 -8.66
CA VAL A 32 1.45 1.11 -8.48
C VAL A 32 0.66 -0.05 -9.05
N ARG A 33 1.35 -0.94 -9.73
CA ARG A 33 0.74 -2.12 -10.26
C ARG A 33 0.70 -3.20 -9.18
N ILE A 34 -0.47 -3.41 -8.63
CA ILE A 34 -0.66 -4.37 -7.56
C ILE A 34 -0.95 -5.74 -8.16
N PRO A 35 -0.28 -6.79 -7.67
CA PRO A 35 -0.53 -8.15 -8.14
C PRO A 35 -1.98 -8.55 -7.85
N ALA A 36 -2.67 -9.00 -8.89
CA ALA A 36 -4.07 -9.42 -8.80
C ALA A 36 -4.22 -10.57 -7.82
N THR A 37 -3.14 -11.30 -7.65
CA THR A 37 -3.05 -12.41 -6.73
C THR A 37 -3.40 -11.96 -5.29
N LEU A 38 -3.01 -10.74 -4.93
CA LEU A 38 -3.26 -10.18 -3.61
C LEU A 38 -4.64 -9.64 -3.51
N MET A 39 -5.08 -9.11 -4.60
CA MET A 39 -6.47 -8.65 -4.73
C MET A 39 -7.40 -9.79 -4.41
N GLN A 40 -7.12 -10.91 -5.01
CA GLN A 40 -7.82 -12.17 -4.77
C GLN A 40 -7.65 -12.62 -3.34
N ALA A 41 -6.47 -12.41 -2.82
CA ALA A 41 -6.12 -12.90 -1.48
C ALA A 41 -6.89 -12.16 -0.40
N LEU A 42 -7.11 -10.90 -0.63
CA LEU A 42 -7.83 -10.06 0.32
C LEU A 42 -9.29 -9.89 -0.08
N ASN A 43 -9.65 -10.54 -1.19
CA ASN A 43 -11.04 -10.64 -1.72
C ASN A 43 -11.64 -9.32 -2.21
N LEU A 44 -10.80 -8.41 -2.66
CA LEU A 44 -11.28 -7.17 -3.20
C LEU A 44 -11.26 -7.25 -4.73
N ASN A 45 -12.01 -6.39 -5.38
CA ASN A 45 -12.10 -6.39 -6.84
C ASN A 45 -11.76 -5.02 -7.39
N ILE A 46 -11.79 -4.88 -8.70
CA ILE A 46 -11.60 -3.60 -9.34
C ILE A 46 -12.85 -2.76 -9.10
N ASP A 47 -12.64 -1.46 -8.90
CA ASP A 47 -13.68 -0.48 -8.58
C ASP A 47 -14.07 -0.52 -7.12
N ASP A 48 -13.25 -1.17 -6.31
CA ASP A 48 -13.49 -1.19 -4.90
C ASP A 48 -12.70 -0.02 -4.32
N GLU A 49 -12.88 0.23 -3.09
CA GLU A 49 -12.33 1.36 -2.42
C GLU A 49 -11.40 0.89 -1.30
N VAL A 50 -10.22 1.51 -1.18
CA VAL A 50 -9.30 1.11 -0.12
C VAL A 50 -8.83 2.29 0.68
N LYS A 51 -8.39 2.03 1.88
CA LYS A 51 -7.82 3.09 2.71
C LYS A 51 -6.30 3.04 2.67
N ILE A 52 -5.72 4.13 2.28
CA ILE A 52 -4.30 4.30 2.39
C ILE A 52 -4.11 5.13 3.63
N ASP A 53 -3.55 4.55 4.64
CA ASP A 53 -3.40 5.25 5.88
C ASP A 53 -1.95 5.24 6.25
N LEU A 54 -1.41 6.38 6.51
CA LEU A 54 -0.07 6.52 6.81
C LEU A 54 0.07 6.36 8.30
N VAL A 55 1.00 5.55 8.68
CA VAL A 55 1.24 5.23 10.09
C VAL A 55 2.74 5.08 10.34
N ASP A 56 3.35 6.05 11.04
CA ASP A 56 4.79 5.98 11.46
C ASP A 56 5.73 5.94 10.23
N GLY A 57 5.25 6.51 9.17
CA GLY A 57 6.00 6.54 7.92
C GLY A 57 5.79 5.29 7.09
N LYS A 58 4.89 4.45 7.51
CA LYS A 58 4.60 3.22 6.82
C LYS A 58 3.32 3.42 6.05
N LEU A 59 3.25 2.88 4.86
CA LEU A 59 2.03 2.93 4.10
C LEU A 59 1.22 1.73 4.39
N ILE A 60 0.23 1.95 5.16
CA ILE A 60 -0.66 0.92 5.57
C ILE A 60 -1.86 0.95 4.69
N ILE A 61 -1.93 0.01 3.85
CA ILE A 61 -3.04 -0.13 2.96
C ILE A 61 -3.97 -1.18 3.51
N GLU A 62 -5.20 -0.80 3.66
CA GLU A 62 -6.22 -1.65 4.20
C GLU A 62 -7.37 -1.56 3.25
N PRO A 63 -8.15 -2.60 3.08
CA PRO A 63 -9.24 -2.56 2.21
C PRO A 63 -10.45 -2.06 2.96
N VAL A 64 -11.42 -1.71 2.26
CA VAL A 64 -12.61 -1.27 2.91
C VAL A 64 -13.59 -2.35 2.73
N ARG A 65 -13.79 -3.08 3.76
CA ARG A 65 -14.61 -4.24 3.69
C ARG A 65 -16.06 -3.90 3.75
N LYS A 66 -16.76 -4.34 2.75
CA LYS A 66 -18.17 -4.18 2.67
C LYS A 66 -18.77 -5.33 3.42
N GLU A 67 -19.09 -5.05 4.62
CA GLU A 67 -19.60 -6.01 5.53
C GLU A 67 -20.76 -5.34 6.22
N ASN B 1 -4.04 1.13 20.11
CA ASN B 1 -3.94 2.09 21.21
C ASN B 1 -5.34 2.55 21.59
N HIS B 2 -5.44 3.38 22.62
CA HIS B 2 -6.71 3.82 23.14
C HIS B 2 -7.48 4.73 22.19
N LYS B 3 -8.53 4.18 21.65
CA LYS B 3 -9.51 4.93 20.93
C LYS B 3 -10.50 5.41 21.95
N VAL B 4 -10.43 6.71 22.26
CA VAL B 4 -11.23 7.32 23.30
C VAL B 4 -12.71 7.00 23.19
N HIS B 5 -13.28 6.64 24.31
CA HIS B 5 -14.69 6.32 24.46
C HIS B 5 -15.40 7.56 25.03
N HIS B 6 -14.87 8.69 24.69
CA HIS B 6 -15.36 9.96 25.13
C HIS B 6 -15.85 10.70 23.92
N HIS B 7 -16.98 11.33 24.02
CA HIS B 7 -17.49 12.09 22.91
C HIS B 7 -17.04 13.51 23.03
N HIS B 8 -16.81 14.14 21.88
CA HIS B 8 -16.27 15.50 21.73
C HIS B 8 -14.78 15.53 22.01
N HIS B 9 -14.38 14.92 23.10
CA HIS B 9 -12.98 14.78 23.44
C HIS B 9 -12.40 13.64 22.61
N HIS B 10 -11.98 13.97 21.42
CA HIS B 10 -11.40 13.02 20.54
C HIS B 10 -9.98 13.39 20.26
N MET B 11 -9.10 12.47 20.54
CA MET B 11 -7.69 12.65 20.26
C MET B 11 -7.14 11.37 19.71
N SER B 12 -8.03 10.50 19.31
CA SER B 12 -7.66 9.18 18.89
C SER B 12 -8.04 8.90 17.44
N ASP B 13 -9.09 9.53 16.97
CA ASP B 13 -9.60 9.29 15.61
C ASP B 13 -8.87 10.18 14.63
N ASP B 14 -8.31 11.22 15.17
CA ASP B 14 -7.71 12.33 14.46
C ASP B 14 -6.61 11.94 13.50
N ASP B 15 -5.68 11.10 13.93
CA ASP B 15 -4.55 10.74 13.10
C ASP B 15 -4.86 9.63 12.11
N ASP B 16 -5.94 8.92 12.34
CA ASP B 16 -6.43 7.94 11.37
C ASP B 16 -7.15 8.68 10.29
N LYS B 17 -6.41 9.06 9.27
CA LYS B 17 -6.95 9.87 8.20
C LYS B 17 -7.87 9.06 7.31
N GLY B 18 -7.42 7.86 6.97
CA GLY B 18 -8.17 6.98 6.11
C GLY B 18 -8.44 7.58 4.75
N ILE B 19 -7.43 7.63 3.92
CA ILE B 19 -7.60 8.16 2.59
C ILE B 19 -8.23 7.07 1.71
N HIS B 20 -9.48 7.27 1.36
CA HIS B 20 -10.23 6.31 0.58
C HIS B 20 -9.98 6.53 -0.90
N SER B 21 -9.50 5.51 -1.52
CA SER B 21 -9.14 5.51 -2.91
C SER B 21 -10.10 4.62 -3.68
N SER B 22 -9.65 4.13 -4.79
CA SER B 22 -10.36 3.18 -5.59
C SER B 22 -9.35 2.41 -6.41
N VAL B 23 -9.49 1.11 -6.45
CA VAL B 23 -8.61 0.29 -7.22
C VAL B 23 -9.15 0.20 -8.61
N LYS B 24 -8.42 0.68 -9.53
CA LYS B 24 -8.85 0.67 -10.88
C LYS B 24 -7.92 -0.27 -11.65
N ARG B 25 -8.28 -0.64 -12.84
CA ARG B 25 -7.43 -1.52 -13.60
C ARG B 25 -6.68 -0.74 -14.65
N TRP B 26 -5.38 -0.85 -14.62
CA TRP B 26 -4.51 -0.18 -15.56
C TRP B 26 -3.84 -1.26 -16.38
N GLY B 27 -4.35 -1.45 -17.57
CA GLY B 27 -3.87 -2.49 -18.42
C GLY B 27 -4.31 -3.80 -17.87
N ASN B 28 -3.39 -4.65 -17.57
CA ASN B 28 -3.72 -5.94 -16.97
C ASN B 28 -3.45 -5.95 -15.47
N SER B 29 -3.38 -4.80 -14.81
CA SER B 29 -3.04 -4.83 -13.44
C SER B 29 -3.86 -3.84 -12.65
N PRO B 30 -4.34 -4.26 -11.49
CA PRO B 30 -4.97 -3.38 -10.53
C PRO B 30 -4.00 -2.30 -10.11
N ALA B 31 -4.37 -1.07 -10.28
CA ALA B 31 -3.55 0.01 -9.96
C ALA B 31 -4.30 1.00 -9.12
N VAL B 32 -3.68 1.42 -8.07
CA VAL B 32 -4.28 2.37 -7.18
C VAL B 32 -3.63 3.72 -7.44
N ARG B 33 -4.42 4.75 -7.44
CA ARG B 33 -3.91 6.09 -7.61
C ARG B 33 -3.44 6.62 -6.26
N ILE B 34 -2.16 6.69 -6.09
CA ILE B 34 -1.56 7.13 -4.86
C ILE B 34 -1.40 8.65 -4.89
N PRO B 35 -1.77 9.34 -3.80
CA PRO B 35 -1.58 10.78 -3.70
C PRO B 35 -0.09 11.15 -3.78
N ALA B 36 0.24 12.00 -4.72
CA ALA B 36 1.60 12.46 -4.95
C ALA B 36 2.17 13.13 -3.71
N THR B 37 1.27 13.68 -2.90
CA THR B 37 1.62 14.29 -1.64
C THR B 37 2.41 13.31 -0.74
N LEU B 38 2.05 12.03 -0.79
CA LEU B 38 2.68 10.99 0.03
C LEU B 38 3.96 10.54 -0.58
N MET B 39 3.97 10.53 -1.87
CA MET B 39 5.18 10.25 -2.65
C MET B 39 6.28 11.21 -2.23
N GLN B 40 5.91 12.46 -2.20
CA GLN B 40 6.75 13.53 -1.73
C GLN B 40 7.12 13.33 -0.27
N ALA B 41 6.15 12.87 0.51
CA ALA B 41 6.32 12.76 1.96
C ALA B 41 7.34 11.69 2.32
N LEU B 42 7.33 10.62 1.60
CA LEU B 42 8.22 9.52 1.85
C LEU B 42 9.48 9.62 1.00
N ASN B 43 9.50 10.63 0.15
CA ASN B 43 10.62 10.97 -0.74
C ASN B 43 10.94 9.89 -1.76
N LEU B 44 9.94 9.51 -2.51
CA LEU B 44 10.11 8.64 -3.60
C LEU B 44 9.54 9.31 -4.84
N ASN B 45 9.98 8.88 -5.99
CA ASN B 45 9.55 9.51 -7.22
C ASN B 45 8.98 8.45 -8.14
N ILE B 46 8.57 8.87 -9.31
CA ILE B 46 8.09 7.93 -10.31
C ILE B 46 9.27 7.13 -10.84
N ASP B 47 9.02 5.86 -11.13
CA ASP B 47 10.01 4.90 -11.61
C ASP B 47 10.87 4.38 -10.49
N ASP B 48 10.44 4.58 -9.27
CA ASP B 48 11.17 4.06 -8.15
C ASP B 48 10.52 2.73 -7.81
N GLU B 49 11.16 1.97 -7.01
CA GLU B 49 10.75 0.65 -6.69
C GLU B 49 10.26 0.60 -5.23
N VAL B 50 9.16 -0.10 -4.97
CA VAL B 50 8.66 -0.23 -3.60
C VAL B 50 8.37 -1.68 -3.26
N LYS B 51 8.40 -2.02 -1.98
CA LYS B 51 8.04 -3.35 -1.55
C LYS B 51 6.61 -3.39 -1.09
N ILE B 52 5.89 -4.34 -1.59
CA ILE B 52 4.58 -4.64 -1.09
C ILE B 52 4.72 -5.91 -0.27
N ASP B 53 4.55 -5.80 1.01
CA ASP B 53 4.63 -6.95 1.89
C ASP B 53 3.30 -7.19 2.55
N LEU B 54 2.88 -8.41 2.53
CA LEU B 54 1.69 -8.78 3.14
C LEU B 54 2.06 -9.27 4.52
N VAL B 55 1.44 -8.71 5.49
CA VAL B 55 1.73 -9.00 6.89
C VAL B 55 0.44 -9.00 7.71
N ASP B 56 -0.01 -10.19 8.11
CA ASP B 56 -1.21 -10.37 8.99
C ASP B 56 -2.47 -9.88 8.27
N GLY B 57 -2.46 -10.03 6.97
CA GLY B 57 -3.58 -9.62 6.13
C GLY B 57 -3.59 -8.13 5.88
N LYS B 58 -2.50 -7.47 6.23
CA LYS B 58 -2.36 -6.06 6.03
C LYS B 58 -1.41 -5.83 4.87
N LEU B 59 -1.69 -4.85 4.06
CA LEU B 59 -0.80 -4.48 2.99
C LEU B 59 0.15 -3.46 3.46
N ILE B 60 1.33 -3.89 3.68
CA ILE B 60 2.39 -3.07 4.16
C ILE B 60 3.22 -2.65 3.00
N ILE B 61 3.08 -1.44 2.66
CA ILE B 61 3.84 -0.88 1.59
C ILE B 61 4.97 -0.07 2.18
N GLU B 62 6.15 -0.41 1.77
CA GLU B 62 7.35 0.23 2.22
C GLU B 62 8.11 0.62 1.00
N PRO B 63 8.86 1.69 1.01
CA PRO B 63 9.58 2.08 -0.12
C PRO B 63 10.91 1.38 -0.11
N VAL B 64 11.60 1.44 -1.16
CA VAL B 64 12.90 0.88 -1.17
C VAL B 64 13.83 2.02 -1.22
N ARG B 65 14.46 2.25 -0.13
CA ARG B 65 15.29 3.39 -0.01
C ARG B 65 16.62 3.14 -0.61
N LYS B 66 17.00 4.01 -1.48
CA LYS B 66 18.28 3.96 -2.08
C LYS B 66 19.17 4.75 -1.18
N GLU B 67 19.83 4.05 -0.35
CA GLU B 67 20.65 4.62 0.67
C GLU B 67 21.88 3.75 0.82
N ASN A 1 9.54 -11.83 -4.03
CA ASN A 1 10.94 -12.26 -4.05
C ASN A 1 11.12 -13.47 -4.95
N HIS A 2 12.10 -13.38 -5.85
CA HIS A 2 12.47 -14.45 -6.80
C HIS A 2 11.31 -14.85 -7.70
N LYS A 3 11.24 -14.23 -8.83
CA LYS A 3 10.18 -14.47 -9.78
C LYS A 3 10.82 -14.73 -11.14
N VAL A 4 11.10 -15.99 -11.42
CA VAL A 4 11.81 -16.35 -12.65
C VAL A 4 10.87 -16.84 -13.74
N HIS A 5 9.58 -16.96 -13.41
CA HIS A 5 8.53 -17.40 -14.35
C HIS A 5 8.75 -18.83 -14.85
N HIS A 6 7.91 -19.26 -15.79
CA HIS A 6 7.93 -20.62 -16.40
C HIS A 6 7.39 -21.67 -15.43
N HIS A 7 7.95 -21.72 -14.25
CA HIS A 7 7.50 -22.61 -13.19
C HIS A 7 6.92 -21.78 -12.07
N HIS A 8 6.45 -20.62 -12.42
CA HIS A 8 5.88 -19.70 -11.47
C HIS A 8 4.45 -20.12 -11.16
N HIS A 9 4.30 -20.82 -10.08
CA HIS A 9 3.00 -21.33 -9.67
C HIS A 9 2.61 -20.72 -8.36
N HIS A 10 3.54 -20.72 -7.44
CA HIS A 10 3.29 -20.27 -6.10
C HIS A 10 4.42 -19.35 -5.64
N MET A 11 4.05 -18.12 -5.31
CA MET A 11 5.03 -17.11 -4.86
C MET A 11 5.35 -17.31 -3.39
N SER A 12 4.58 -18.17 -2.74
CA SER A 12 4.66 -18.38 -1.31
C SER A 12 4.18 -17.09 -0.65
N ASP A 13 2.89 -16.85 -0.85
CA ASP A 13 2.19 -15.59 -0.54
C ASP A 13 2.27 -15.20 0.92
N ASP A 14 2.61 -16.14 1.76
CA ASP A 14 2.70 -15.92 3.19
C ASP A 14 4.14 -15.85 3.66
N ASP A 15 5.05 -16.35 2.85
CA ASP A 15 6.45 -16.46 3.27
C ASP A 15 7.38 -15.59 2.42
N ASP A 16 6.83 -14.95 1.40
CA ASP A 16 7.63 -14.12 0.49
C ASP A 16 8.24 -12.94 1.24
N LYS A 17 9.49 -12.67 0.96
CA LYS A 17 10.26 -11.67 1.67
C LYS A 17 10.09 -10.26 1.10
N GLY A 18 9.22 -10.11 0.15
CA GLY A 18 8.96 -8.81 -0.38
C GLY A 18 8.78 -8.84 -1.87
N ILE A 19 7.61 -8.44 -2.30
CA ILE A 19 7.34 -8.36 -3.71
C ILE A 19 7.77 -6.99 -4.18
N HIS A 20 8.82 -6.95 -4.94
CA HIS A 20 9.35 -5.68 -5.42
C HIS A 20 8.66 -5.25 -6.68
N SER A 21 8.31 -4.02 -6.70
CA SER A 21 7.65 -3.39 -7.82
C SER A 21 8.06 -1.94 -7.84
N SER A 22 7.36 -1.12 -8.57
CA SER A 22 7.72 0.25 -8.68
C SER A 22 6.49 1.09 -8.91
N VAL A 23 6.60 2.36 -8.64
CA VAL A 23 5.53 3.29 -8.86
C VAL A 23 5.66 3.81 -10.25
N LYS A 24 4.66 3.67 -11.02
CA LYS A 24 4.71 4.16 -12.37
C LYS A 24 3.74 5.35 -12.47
N ARG A 25 3.68 5.98 -13.61
CA ARG A 25 2.83 7.14 -13.76
C ARG A 25 1.64 6.79 -14.63
N TRP A 26 0.47 6.92 -14.10
CA TRP A 26 -0.76 6.66 -14.83
C TRP A 26 -1.46 7.97 -14.94
N GLY A 27 -1.30 8.61 -16.08
CA GLY A 27 -1.83 9.93 -16.26
C GLY A 27 -1.02 10.87 -15.43
N ASN A 28 -1.67 11.67 -14.66
CA ASN A 28 -1.00 12.60 -13.77
C ASN A 28 -0.89 11.99 -12.35
N SER A 29 -1.05 10.67 -12.22
CA SER A 29 -1.07 10.10 -10.92
C SER A 29 -0.11 8.94 -10.81
N PRO A 30 0.72 8.94 -9.78
CA PRO A 30 1.56 7.82 -9.46
C PRO A 30 0.70 6.60 -9.13
N ALA A 31 0.92 5.53 -9.81
CA ALA A 31 0.14 4.34 -9.62
C ALA A 31 1.04 3.12 -9.57
N VAL A 32 0.73 2.24 -8.66
CA VAL A 32 1.48 1.01 -8.51
C VAL A 32 0.65 -0.13 -9.08
N ARG A 33 1.31 -1.03 -9.77
CA ARG A 33 0.65 -2.19 -10.33
C ARG A 33 0.54 -3.28 -9.28
N ILE A 34 -0.63 -3.48 -8.74
CA ILE A 34 -0.84 -4.47 -7.71
C ILE A 34 -1.14 -5.82 -8.35
N PRO A 35 -0.45 -6.90 -7.93
CA PRO A 35 -0.69 -8.23 -8.45
C PRO A 35 -2.13 -8.68 -8.21
N ALA A 36 -2.74 -9.21 -9.25
CA ALA A 36 -4.12 -9.67 -9.21
C ALA A 36 -4.28 -10.82 -8.24
N THR A 37 -3.20 -11.58 -8.06
CA THR A 37 -3.15 -12.66 -7.09
C THR A 37 -3.48 -12.12 -5.67
N LEU A 38 -2.96 -10.94 -5.36
CA LEU A 38 -3.16 -10.31 -4.04
C LEU A 38 -4.52 -9.75 -3.91
N MET A 39 -5.01 -9.24 -5.00
CA MET A 39 -6.40 -8.78 -5.10
C MET A 39 -7.34 -9.90 -4.68
N GLN A 40 -7.08 -11.06 -5.20
CA GLN A 40 -7.83 -12.26 -4.83
C GLN A 40 -7.50 -12.73 -3.42
N ALA A 41 -6.29 -12.45 -2.98
CA ALA A 41 -5.83 -12.92 -1.67
C ALA A 41 -6.44 -12.10 -0.54
N LEU A 42 -6.75 -10.87 -0.84
CA LEU A 42 -7.34 -9.96 0.13
C LEU A 42 -8.84 -9.86 -0.10
N ASN A 43 -9.24 -10.42 -1.22
CA ASN A 43 -10.62 -10.49 -1.69
C ASN A 43 -11.24 -9.11 -1.93
N LEU A 44 -10.71 -8.44 -2.93
CA LEU A 44 -11.22 -7.23 -3.43
C LEU A 44 -11.24 -7.33 -4.93
N ASN A 45 -11.95 -6.46 -5.59
CA ASN A 45 -12.01 -6.42 -7.05
C ASN A 45 -11.76 -4.99 -7.49
N ILE A 46 -11.84 -4.76 -8.78
CA ILE A 46 -11.67 -3.43 -9.33
C ILE A 46 -12.81 -2.51 -8.89
N ASP A 47 -12.43 -1.29 -8.59
CA ASP A 47 -13.29 -0.18 -8.20
C ASP A 47 -13.79 -0.35 -6.78
N ASP A 48 -13.10 -1.17 -6.01
CA ASP A 48 -13.45 -1.30 -4.65
C ASP A 48 -12.67 -0.28 -3.90
N GLU A 49 -13.24 0.23 -2.89
CA GLU A 49 -12.72 1.30 -2.16
C GLU A 49 -11.74 0.81 -1.11
N VAL A 50 -10.61 1.50 -1.00
CA VAL A 50 -9.59 1.12 -0.06
C VAL A 50 -9.16 2.32 0.76
N LYS A 51 -8.59 2.06 1.90
CA LYS A 51 -8.04 3.11 2.72
C LYS A 51 -6.55 3.14 2.58
N ILE A 52 -6.03 4.30 2.40
CA ILE A 52 -4.62 4.50 2.48
C ILE A 52 -4.35 5.15 3.83
N ASP A 53 -3.93 4.36 4.79
CA ASP A 53 -3.59 4.87 6.10
C ASP A 53 -2.08 4.98 6.18
N LEU A 54 -1.59 6.07 6.70
CA LEU A 54 -0.23 6.30 6.80
C LEU A 54 0.19 5.98 8.21
N VAL A 55 1.19 5.18 8.31
CA VAL A 55 1.72 4.72 9.59
C VAL A 55 3.23 4.60 9.52
N ASP A 56 3.93 5.37 10.36
CA ASP A 56 5.43 5.33 10.51
C ASP A 56 6.17 5.61 9.23
N GLY A 57 5.52 6.24 8.30
CA GLY A 57 6.17 6.52 7.05
C GLY A 57 6.01 5.41 6.02
N LYS A 58 5.14 4.45 6.29
CA LYS A 58 4.85 3.47 5.27
C LYS A 58 3.37 3.51 4.93
N LEU A 59 3.03 3.09 3.74
CA LEU A 59 1.67 3.13 3.27
C LEU A 59 1.00 1.86 3.64
N ILE A 60 0.04 2.00 4.45
CA ILE A 60 -0.72 0.88 4.94
C ILE A 60 -2.03 0.86 4.21
N ILE A 61 -2.11 -0.01 3.29
CA ILE A 61 -3.29 -0.15 2.49
C ILE A 61 -4.10 -1.32 2.99
N GLU A 62 -5.14 -0.99 3.66
CA GLU A 62 -6.07 -1.91 4.24
C GLU A 62 -7.35 -1.74 3.47
N PRO A 63 -8.04 -2.82 3.08
CA PRO A 63 -9.20 -2.71 2.28
C PRO A 63 -10.36 -2.31 3.14
N VAL A 64 -11.41 -1.94 2.54
CA VAL A 64 -12.53 -1.48 3.29
C VAL A 64 -13.53 -2.58 3.34
N ARG A 65 -13.76 -3.06 4.51
CA ARG A 65 -14.70 -4.10 4.71
C ARG A 65 -16.08 -3.54 4.68
N LYS A 66 -16.97 -4.34 4.25
CA LYS A 66 -18.31 -3.97 4.13
C LYS A 66 -19.03 -4.74 5.18
N GLU A 67 -19.39 -4.03 6.24
CA GLU A 67 -19.99 -4.59 7.44
C GLU A 67 -18.89 -5.30 8.22
N ASN B 1 -9.52 11.74 4.54
CA ASN B 1 -10.79 12.04 5.20
C ASN B 1 -11.17 13.50 5.00
N HIS B 2 -12.37 13.72 4.47
CA HIS B 2 -12.96 15.06 4.25
C HIS B 2 -12.14 15.89 3.24
N LYS B 3 -12.49 15.76 1.99
CA LYS B 3 -11.81 16.47 0.93
C LYS B 3 -12.87 17.20 0.09
N VAL B 4 -13.11 18.45 0.42
CA VAL B 4 -14.13 19.23 -0.24
C VAL B 4 -13.57 20.12 -1.33
N HIS B 5 -12.24 20.31 -1.30
CA HIS B 5 -11.51 21.13 -2.29
C HIS B 5 -11.82 22.63 -2.11
N HIS B 6 -11.22 23.46 -2.97
CA HIS B 6 -11.36 24.95 -2.95
C HIS B 6 -10.52 25.57 -1.83
N HIS B 7 -10.61 25.00 -0.66
CA HIS B 7 -9.82 25.42 0.49
C HIS B 7 -8.95 24.26 0.94
N HIS B 8 -8.63 23.40 0.01
CA HIS B 8 -7.84 22.22 0.27
C HIS B 8 -6.36 22.59 0.22
N HIS B 9 -5.82 22.91 1.37
CA HIS B 9 -4.43 23.30 1.45
C HIS B 9 -3.63 22.25 2.15
N HIS B 10 -4.20 21.69 3.17
CA HIS B 10 -3.54 20.72 3.98
C HIS B 10 -4.54 19.66 4.38
N MET B 11 -4.19 18.41 4.17
CA MET B 11 -5.09 17.29 4.48
C MET B 11 -4.92 16.87 5.92
N SER B 12 -3.89 17.41 6.56
CA SER B 12 -3.46 17.01 7.89
C SER B 12 -2.97 15.58 7.75
N ASP B 13 -1.88 15.46 6.99
CA ASP B 13 -1.30 14.18 6.53
C ASP B 13 -1.01 13.21 7.66
N ASP B 14 -0.74 13.76 8.80
CA ASP B 14 -0.41 12.98 9.98
C ASP B 14 -1.63 12.59 10.78
N ASP B 15 -2.68 13.36 10.64
CA ASP B 15 -3.86 13.18 11.50
C ASP B 15 -5.04 12.60 10.73
N ASP B 16 -4.94 12.59 9.40
CA ASP B 16 -6.03 12.13 8.55
C ASP B 16 -6.45 10.70 8.89
N LYS B 17 -7.74 10.53 9.06
CA LYS B 17 -8.32 9.27 9.51
C LYS B 17 -8.50 8.26 8.39
N GLY B 18 -7.91 8.49 7.26
CA GLY B 18 -7.94 7.53 6.20
C GLY B 18 -8.26 8.16 4.90
N ILE B 19 -7.34 8.07 3.98
CA ILE B 19 -7.55 8.57 2.66
C ILE B 19 -8.21 7.46 1.85
N HIS B 20 -9.47 7.61 1.57
CA HIS B 20 -10.19 6.61 0.84
C HIS B 20 -10.01 6.80 -0.65
N SER B 21 -9.75 5.72 -1.31
CA SER B 21 -9.53 5.67 -2.72
C SER B 21 -10.09 4.37 -3.25
N SER B 22 -9.73 4.00 -4.44
CA SER B 22 -10.22 2.81 -5.03
C SER B 22 -9.20 2.22 -5.98
N VAL B 23 -9.27 0.94 -6.18
CA VAL B 23 -8.39 0.25 -7.09
C VAL B 23 -8.99 0.33 -8.45
N LYS B 24 -8.29 0.86 -9.38
CA LYS B 24 -8.80 0.97 -10.70
C LYS B 24 -8.01 0.00 -11.61
N ARG B 25 -8.37 -0.10 -12.85
CA ARG B 25 -7.69 -1.05 -13.73
C ARG B 25 -6.84 -0.32 -14.73
N TRP B 26 -5.56 -0.59 -14.70
CA TRP B 26 -4.62 0.03 -15.60
C TRP B 26 -4.10 -1.07 -16.49
N GLY B 27 -4.69 -1.19 -17.66
CA GLY B 27 -4.36 -2.26 -18.53
C GLY B 27 -4.97 -3.50 -17.97
N ASN B 28 -4.19 -4.52 -17.84
CA ASN B 28 -4.64 -5.76 -17.21
C ASN B 28 -4.24 -5.79 -15.70
N SER B 29 -3.78 -4.66 -15.15
CA SER B 29 -3.30 -4.68 -13.81
C SER B 29 -4.08 -3.73 -12.93
N PRO B 30 -4.54 -4.21 -11.79
CA PRO B 30 -5.15 -3.37 -10.77
C PRO B 30 -4.13 -2.34 -10.27
N ALA B 31 -4.50 -1.10 -10.32
CA ALA B 31 -3.62 -0.04 -9.92
C ALA B 31 -4.37 0.99 -9.10
N VAL B 32 -3.73 1.46 -8.07
CA VAL B 32 -4.30 2.47 -7.20
C VAL B 32 -3.62 3.80 -7.52
N ARG B 33 -4.40 4.86 -7.55
CA ARG B 33 -3.87 6.20 -7.77
C ARG B 33 -3.36 6.76 -6.45
N ILE B 34 -2.06 6.82 -6.29
CA ILE B 34 -1.46 7.31 -5.07
C ILE B 34 -1.29 8.83 -5.17
N PRO B 35 -1.73 9.58 -4.13
CA PRO B 35 -1.58 11.03 -4.10
C PRO B 35 -0.10 11.45 -4.17
N ALA B 36 0.19 12.38 -5.06
CA ALA B 36 1.54 12.89 -5.27
C ALA B 36 2.08 13.53 -4.00
N THR B 37 1.18 14.04 -3.19
CA THR B 37 1.48 14.64 -1.92
C THR B 37 2.23 13.62 -1.01
N LEU B 38 1.81 12.36 -1.07
CA LEU B 38 2.38 11.29 -0.26
C LEU B 38 3.69 10.84 -0.83
N MET B 39 3.76 10.85 -2.12
CA MET B 39 5.00 10.57 -2.85
C MET B 39 6.10 11.49 -2.35
N GLN B 40 5.77 12.73 -2.24
CA GLN B 40 6.67 13.72 -1.68
C GLN B 40 6.90 13.51 -0.20
N ALA B 41 5.87 13.04 0.49
CA ALA B 41 5.92 12.87 1.95
C ALA B 41 6.82 11.71 2.36
N LEU B 42 6.82 10.70 1.54
CA LEU B 42 7.62 9.51 1.79
C LEU B 42 8.95 9.63 1.10
N ASN B 43 9.01 10.60 0.21
CA ASN B 43 10.17 10.98 -0.58
C ASN B 43 10.56 9.89 -1.58
N LEU B 44 9.70 9.67 -2.53
CA LEU B 44 9.94 8.82 -3.62
C LEU B 44 9.51 9.51 -4.89
N ASN B 45 9.93 9.00 -6.00
CA ASN B 45 9.57 9.53 -7.32
C ASN B 45 9.01 8.41 -8.17
N ILE B 46 8.67 8.72 -9.39
CA ILE B 46 8.19 7.73 -10.32
C ILE B 46 9.34 6.78 -10.71
N ASP B 47 9.00 5.51 -10.86
CA ASP B 47 9.88 4.41 -11.27
C ASP B 47 10.74 3.92 -10.11
N ASP B 48 10.47 4.42 -8.93
CA ASP B 48 11.23 4.03 -7.79
C ASP B 48 10.67 2.73 -7.31
N GLU B 49 11.53 1.86 -6.93
CA GLU B 49 11.18 0.55 -6.56
C GLU B 49 10.64 0.53 -5.13
N VAL B 50 9.56 -0.19 -4.94
CA VAL B 50 8.90 -0.28 -3.65
C VAL B 50 8.62 -1.74 -3.33
N LYS B 51 8.52 -2.05 -2.06
CA LYS B 51 8.18 -3.39 -1.66
C LYS B 51 6.73 -3.46 -1.28
N ILE B 52 6.10 -4.50 -1.71
CA ILE B 52 4.80 -4.81 -1.25
C ILE B 52 4.93 -5.98 -0.29
N ASP B 53 4.91 -5.68 0.98
CA ASP B 53 4.98 -6.71 2.00
C ASP B 53 3.59 -6.95 2.53
N LEU B 54 3.24 -8.19 2.76
CA LEU B 54 1.98 -8.52 3.20
C LEU B 54 2.06 -8.81 4.69
N VAL B 55 1.18 -8.19 5.41
CA VAL B 55 1.11 -8.31 6.86
C VAL B 55 -0.36 -8.25 7.29
N ASP B 56 -0.83 -9.31 7.94
CA ASP B 56 -2.21 -9.42 8.53
C ASP B 56 -3.32 -9.23 7.54
N GLY B 57 -3.04 -9.40 6.30
CA GLY B 57 -4.07 -9.20 5.31
C GLY B 57 -4.17 -7.75 4.84
N LYS B 58 -3.19 -6.93 5.15
CA LYS B 58 -3.16 -5.61 4.59
C LYS B 58 -1.86 -5.41 3.83
N LEU B 59 -1.89 -4.51 2.90
CA LEU B 59 -0.76 -4.23 2.05
C LEU B 59 0.10 -3.21 2.68
N ILE B 60 1.25 -3.61 2.98
CA ILE B 60 2.21 -2.77 3.61
C ILE B 60 3.20 -2.35 2.56
N ILE B 61 3.04 -1.17 2.11
CA ILE B 61 3.88 -0.62 1.10
C ILE B 61 4.91 0.30 1.74
N GLU B 62 6.08 -0.20 1.81
CA GLU B 62 7.22 0.46 2.38
C GLU B 62 8.16 0.73 1.22
N PRO B 63 8.76 1.92 1.12
CA PRO B 63 9.59 2.23 0.00
C PRO B 63 10.94 1.60 0.19
N VAL B 64 11.71 1.60 -0.81
CA VAL B 64 12.98 0.96 -0.70
C VAL B 64 14.03 2.01 -0.55
N ARG B 65 14.64 2.01 0.59
CA ARG B 65 15.68 2.94 0.88
C ARG B 65 16.93 2.55 0.15
N LYS B 66 17.69 3.50 -0.17
CA LYS B 66 18.88 3.30 -0.88
C LYS B 66 19.98 3.61 0.10
N GLU B 67 20.58 2.55 0.59
CA GLU B 67 21.59 2.58 1.62
C GLU B 67 20.91 2.95 2.95
N ASN A 1 -9.42 -33.63 6.96
CA ASN A 1 -9.87 -34.53 5.91
C ASN A 1 -10.54 -33.76 4.81
N HIS A 2 -9.93 -33.75 3.66
CA HIS A 2 -10.53 -33.13 2.50
C HIS A 2 -11.62 -34.04 1.95
N LYS A 3 -12.85 -33.67 2.24
CA LYS A 3 -14.00 -34.46 1.86
C LYS A 3 -14.58 -33.98 0.54
N VAL A 4 -14.72 -32.68 0.40
CA VAL A 4 -15.30 -32.10 -0.80
C VAL A 4 -14.30 -32.23 -1.92
N HIS A 5 -13.09 -31.88 -1.62
CA HIS A 5 -12.04 -31.96 -2.58
C HIS A 5 -11.27 -33.21 -2.32
N HIS A 6 -11.12 -34.03 -3.32
CA HIS A 6 -10.34 -35.25 -3.20
C HIS A 6 -8.88 -34.93 -3.50
N HIS A 7 -8.45 -33.82 -2.96
CA HIS A 7 -7.15 -33.27 -3.18
C HIS A 7 -6.69 -32.61 -1.90
N HIS A 8 -5.49 -32.91 -1.49
CA HIS A 8 -4.91 -32.26 -0.36
C HIS A 8 -4.28 -30.94 -0.81
N HIS A 9 -4.78 -29.86 -0.29
CA HIS A 9 -4.30 -28.55 -0.66
C HIS A 9 -2.90 -28.30 -0.10
N HIS A 10 -2.05 -27.79 -0.91
CA HIS A 10 -0.69 -27.49 -0.53
C HIS A 10 -0.60 -26.05 -0.11
N MET A 11 0.23 -25.78 0.86
CA MET A 11 0.42 -24.46 1.36
C MET A 11 1.87 -24.11 1.31
N SER A 12 2.23 -23.24 0.41
CA SER A 12 3.58 -22.76 0.27
C SER A 12 3.54 -21.28 -0.19
N ASP A 13 2.39 -20.68 0.00
CA ASP A 13 2.12 -19.30 -0.44
C ASP A 13 2.57 -18.28 0.60
N ASP A 14 2.62 -18.72 1.83
CA ASP A 14 2.86 -17.84 2.99
C ASP A 14 4.27 -17.31 3.12
N ASP A 15 5.24 -17.96 2.50
CA ASP A 15 6.63 -17.52 2.62
C ASP A 15 6.92 -16.23 1.87
N ASP A 16 6.71 -16.24 0.57
CA ASP A 16 7.04 -15.07 -0.25
C ASP A 16 5.90 -14.07 -0.20
N LYS A 17 6.05 -13.08 0.62
CA LYS A 17 5.00 -12.10 0.82
C LYS A 17 5.51 -10.69 0.53
N GLY A 18 6.76 -10.58 0.16
CA GLY A 18 7.34 -9.29 -0.14
C GLY A 18 7.56 -9.14 -1.60
N ILE A 19 6.68 -8.43 -2.25
CA ILE A 19 6.71 -8.25 -3.67
C ILE A 19 7.38 -6.92 -4.00
N HIS A 20 8.27 -6.94 -4.93
CA HIS A 20 8.94 -5.74 -5.34
C HIS A 20 8.36 -5.25 -6.64
N SER A 21 8.14 -3.99 -6.72
CA SER A 21 7.63 -3.33 -7.90
C SER A 21 8.11 -1.91 -7.90
N SER A 22 7.55 -1.07 -8.69
CA SER A 22 7.96 0.29 -8.76
C SER A 22 6.76 1.16 -8.99
N VAL A 23 6.85 2.39 -8.59
CA VAL A 23 5.80 3.35 -8.81
C VAL A 23 5.86 3.81 -10.23
N LYS A 24 4.81 3.64 -10.93
CA LYS A 24 4.75 4.06 -12.29
C LYS A 24 3.72 5.17 -12.42
N ARG A 25 3.71 5.84 -13.55
CA ARG A 25 2.88 7.01 -13.73
C ARG A 25 1.65 6.73 -14.57
N TRP A 26 0.51 6.86 -13.95
CA TRP A 26 -0.79 6.65 -14.58
C TRP A 26 -1.37 8.04 -14.82
N GLY A 27 -1.21 8.53 -16.03
CA GLY A 27 -1.59 9.88 -16.32
C GLY A 27 -0.55 10.79 -15.74
N ASN A 28 -0.98 11.78 -15.01
CA ASN A 28 -0.05 12.63 -14.29
C ASN A 28 0.05 12.20 -12.81
N SER A 29 -0.37 10.99 -12.49
CA SER A 29 -0.46 10.58 -11.15
C SER A 29 0.28 9.25 -10.93
N PRO A 30 1.06 9.15 -9.88
CA PRO A 30 1.75 7.92 -9.51
C PRO A 30 0.77 6.83 -9.03
N ALA A 31 0.97 5.61 -9.52
CA ALA A 31 0.16 4.51 -9.13
C ALA A 31 1.04 3.29 -8.91
N VAL A 32 0.69 2.50 -7.93
CA VAL A 32 1.39 1.28 -7.64
C VAL A 32 0.56 0.14 -8.16
N ARG A 33 1.21 -0.75 -8.88
CA ARG A 33 0.55 -1.88 -9.48
C ARG A 33 0.44 -3.02 -8.47
N ILE A 34 -0.72 -3.58 -8.33
CA ILE A 34 -0.97 -4.67 -7.42
C ILE A 34 -1.28 -5.96 -8.22
N PRO A 35 -0.67 -7.11 -7.84
CA PRO A 35 -0.94 -8.37 -8.51
C PRO A 35 -2.36 -8.84 -8.23
N ALA A 36 -3.03 -9.35 -9.27
CA ALA A 36 -4.39 -9.86 -9.18
C ALA A 36 -4.49 -10.99 -8.17
N THR A 37 -3.39 -11.68 -7.96
CA THR A 37 -3.28 -12.75 -7.01
C THR A 37 -3.61 -12.26 -5.59
N LEU A 38 -3.14 -11.06 -5.25
CA LEU A 38 -3.36 -10.49 -3.91
C LEU A 38 -4.74 -9.97 -3.80
N MET A 39 -5.22 -9.46 -4.87
CA MET A 39 -6.61 -9.00 -4.99
C MET A 39 -7.54 -10.14 -4.65
N GLN A 40 -7.26 -11.26 -5.22
CA GLN A 40 -7.97 -12.50 -4.93
C GLN A 40 -7.73 -12.97 -3.51
N ALA A 41 -6.54 -12.73 -3.01
CA ALA A 41 -6.17 -13.22 -1.66
C ALA A 41 -6.90 -12.45 -0.57
N LEU A 42 -7.03 -11.17 -0.78
CA LEU A 42 -7.66 -10.28 0.17
C LEU A 42 -9.14 -10.10 -0.14
N ASN A 43 -9.53 -10.65 -1.28
CA ASN A 43 -10.90 -10.65 -1.77
C ASN A 43 -11.45 -9.23 -2.02
N LEU A 44 -10.86 -8.59 -2.99
CA LEU A 44 -11.32 -7.35 -3.51
C LEU A 44 -11.27 -7.39 -5.02
N ASN A 45 -11.95 -6.46 -5.67
CA ASN A 45 -11.98 -6.37 -7.12
C ASN A 45 -11.78 -4.92 -7.52
N ILE A 46 -11.98 -4.61 -8.79
CA ILE A 46 -11.84 -3.26 -9.25
C ILE A 46 -13.02 -2.42 -8.72
N ASP A 47 -12.71 -1.21 -8.29
CA ASP A 47 -13.64 -0.23 -7.72
C ASP A 47 -13.91 -0.41 -6.28
N ASP A 48 -13.19 -1.30 -5.64
CA ASP A 48 -13.30 -1.44 -4.21
C ASP A 48 -12.53 -0.33 -3.57
N GLU A 49 -13.21 0.39 -2.74
CA GLU A 49 -12.65 1.47 -2.01
C GLU A 49 -11.63 0.92 -1.01
N VAL A 50 -10.50 1.59 -0.91
CA VAL A 50 -9.47 1.14 -0.03
C VAL A 50 -9.02 2.26 0.87
N LYS A 51 -8.53 1.87 2.00
CA LYS A 51 -7.96 2.78 2.96
C LYS A 51 -6.46 2.84 2.82
N ILE A 52 -5.97 3.98 2.40
CA ILE A 52 -4.55 4.23 2.37
C ILE A 52 -4.25 5.00 3.64
N ASP A 53 -3.80 4.31 4.65
CA ASP A 53 -3.56 4.93 5.94
C ASP A 53 -2.06 4.99 6.16
N LEU A 54 -1.54 6.12 6.54
CA LEU A 54 -0.18 6.25 6.80
C LEU A 54 0.03 5.83 8.23
N VAL A 55 0.89 4.91 8.40
CA VAL A 55 1.17 4.32 9.71
C VAL A 55 2.65 3.98 9.82
N ASP A 56 3.29 4.54 10.82
CA ASP A 56 4.70 4.25 11.20
C ASP A 56 5.65 4.56 10.04
N GLY A 57 5.29 5.57 9.28
CA GLY A 57 6.12 6.02 8.19
C GLY A 57 5.90 5.27 6.90
N LYS A 58 4.97 4.33 6.87
CA LYS A 58 4.70 3.62 5.64
C LYS A 58 3.23 3.70 5.28
N LEU A 59 2.91 3.37 4.06
CA LEU A 59 1.54 3.41 3.60
C LEU A 59 0.94 2.06 3.75
N ILE A 60 -0.12 2.03 4.43
CA ILE A 60 -0.81 0.82 4.70
C ILE A 60 -2.01 0.77 3.81
N ILE A 61 -2.09 -0.26 3.05
CA ILE A 61 -3.18 -0.46 2.15
C ILE A 61 -4.09 -1.52 2.75
N GLU A 62 -5.20 -1.07 3.24
CA GLU A 62 -6.17 -1.95 3.83
C GLU A 62 -7.41 -1.85 2.99
N PRO A 63 -8.18 -2.91 2.86
CA PRO A 63 -9.34 -2.86 2.08
C PRO A 63 -10.51 -2.45 2.92
N VAL A 64 -11.53 -2.07 2.28
CA VAL A 64 -12.71 -1.70 2.97
C VAL A 64 -13.73 -2.72 2.59
N ARG A 65 -14.10 -3.54 3.53
CA ARG A 65 -14.96 -4.65 3.26
C ARG A 65 -16.40 -4.26 3.02
N LYS A 66 -16.96 -4.83 1.99
CA LYS A 66 -18.34 -4.61 1.63
C LYS A 66 -19.20 -5.54 2.40
N GLU A 67 -19.71 -5.03 3.45
CA GLU A 67 -20.58 -5.76 4.29
C GLU A 67 -21.61 -4.80 4.83
N ASN B 1 13.69 28.53 16.56
CA ASN B 1 13.77 29.81 15.86
C ASN B 1 13.95 29.59 14.38
N HIS B 2 12.98 29.99 13.60
CA HIS B 2 13.10 29.90 12.17
C HIS B 2 13.97 31.04 11.68
N LYS B 3 15.21 30.71 11.41
CA LYS B 3 16.22 31.68 11.04
C LYS B 3 16.31 31.84 9.52
N VAL B 4 16.30 30.72 8.82
CA VAL B 4 16.43 30.72 7.37
C VAL B 4 15.13 31.18 6.77
N HIS B 5 14.06 30.67 7.30
CA HIS B 5 12.75 31.01 6.83
C HIS B 5 12.14 31.99 7.78
N HIS B 6 11.79 33.15 7.30
CA HIS B 6 11.12 34.15 8.12
C HIS B 6 9.62 33.88 8.10
N HIS B 7 9.28 32.68 8.51
CA HIS B 7 7.94 32.18 8.50
C HIS B 7 7.87 31.06 9.51
N HIS B 8 6.83 31.01 10.28
CA HIS B 8 6.65 29.92 11.19
C HIS B 8 5.82 28.85 10.51
N HIS B 9 6.40 27.69 10.37
CA HIS B 9 5.77 26.59 9.69
C HIS B 9 4.64 26.00 10.50
N HIS B 10 3.53 25.77 9.84
CA HIS B 10 2.34 25.27 10.49
C HIS B 10 2.24 23.78 10.26
N MET B 11 1.85 23.06 11.30
CA MET B 11 1.72 21.62 11.24
C MET B 11 0.30 21.23 11.52
N SER B 12 -0.39 20.79 10.51
CA SER B 12 -1.75 20.29 10.65
C SER B 12 -1.96 19.11 9.70
N ASP B 13 -0.86 18.62 9.15
CA ASP B 13 -0.89 17.56 8.14
C ASP B 13 -0.92 16.16 8.77
N ASP B 14 -0.62 16.10 10.03
CA ASP B 14 -0.47 14.82 10.74
C ASP B 14 -1.80 14.20 11.08
N ASP B 15 -2.82 15.02 11.11
CA ASP B 15 -4.14 14.60 11.52
C ASP B 15 -4.81 13.69 10.50
N ASP B 16 -4.97 14.19 9.29
CA ASP B 16 -5.61 13.39 8.25
C ASP B 16 -4.56 12.55 7.55
N LYS B 17 -4.61 11.26 7.80
CA LYS B 17 -3.62 10.35 7.25
C LYS B 17 -4.27 9.13 6.62
N GLY B 18 -5.59 9.15 6.61
CA GLY B 18 -6.34 8.08 6.03
C GLY B 18 -6.98 8.56 4.75
N ILE B 19 -6.47 8.11 3.66
CA ILE B 19 -6.94 8.52 2.37
C ILE B 19 -7.78 7.40 1.77
N HIS B 20 -8.95 7.76 1.30
CA HIS B 20 -9.82 6.81 0.65
C HIS B 20 -9.68 6.92 -0.85
N SER B 21 -9.61 5.81 -1.49
CA SER B 21 -9.51 5.69 -2.92
C SER B 21 -10.11 4.38 -3.32
N SER B 22 -9.88 3.96 -4.52
CA SER B 22 -10.41 2.72 -5.00
C SER B 22 -9.46 2.11 -5.97
N VAL B 23 -9.46 0.81 -6.04
CA VAL B 23 -8.60 0.10 -6.95
C VAL B 23 -9.17 0.24 -8.34
N LYS B 24 -8.41 0.82 -9.20
CA LYS B 24 -8.83 1.00 -10.55
C LYS B 24 -7.99 0.10 -11.46
N ARG B 25 -8.40 -0.04 -12.68
CA ARG B 25 -7.76 -0.99 -13.58
C ARG B 25 -6.82 -0.29 -14.57
N TRP B 26 -5.56 -0.61 -14.48
CA TRP B 26 -4.52 -0.06 -15.34
C TRP B 26 -4.13 -1.16 -16.30
N GLY B 27 -4.72 -1.13 -17.47
CA GLY B 27 -4.51 -2.18 -18.40
C GLY B 27 -5.35 -3.36 -18.02
N ASN B 28 -4.76 -4.50 -17.87
CA ASN B 28 -5.48 -5.67 -17.40
C ASN B 28 -5.02 -6.01 -15.97
N SER B 29 -4.60 -5.00 -15.22
CA SER B 29 -4.09 -5.20 -13.92
C SER B 29 -4.56 -4.08 -12.99
N PRO B 30 -4.88 -4.41 -11.76
CA PRO B 30 -5.31 -3.46 -10.75
C PRO B 30 -4.17 -2.57 -10.23
N ALA B 31 -4.44 -1.29 -10.09
CA ALA B 31 -3.47 -0.39 -9.58
C ALA B 31 -4.13 0.56 -8.59
N VAL B 32 -3.43 0.88 -7.55
CA VAL B 32 -3.90 1.81 -6.56
C VAL B 32 -3.22 3.13 -6.81
N ARG B 33 -4.01 4.17 -6.83
CA ARG B 33 -3.54 5.48 -7.12
C ARG B 33 -3.02 6.14 -5.83
N ILE B 34 -1.83 6.66 -5.90
CA ILE B 34 -1.21 7.32 -4.76
C ILE B 34 -1.12 8.84 -5.03
N PRO B 35 -1.45 9.68 -4.03
CA PRO B 35 -1.32 11.12 -4.17
C PRO B 35 0.15 11.55 -4.22
N ALA B 36 0.45 12.50 -5.09
CA ALA B 36 1.81 13.00 -5.25
C ALA B 36 2.30 13.66 -3.94
N THR B 37 1.36 14.11 -3.13
CA THR B 37 1.62 14.69 -1.83
C THR B 37 2.41 13.68 -0.95
N LEU B 38 2.00 12.42 -0.99
CA LEU B 38 2.64 11.38 -0.17
C LEU B 38 3.93 10.96 -0.76
N MET B 39 3.96 11.02 -2.05
CA MET B 39 5.20 10.76 -2.81
C MET B 39 6.28 11.71 -2.35
N GLN B 40 5.91 12.96 -2.26
CA GLN B 40 6.77 13.99 -1.71
C GLN B 40 7.06 13.76 -0.25
N ALA B 41 6.06 13.28 0.48
CA ALA B 41 6.16 13.11 1.93
C ALA B 41 7.14 12.03 2.32
N LEU B 42 7.15 10.98 1.55
CA LEU B 42 8.01 9.85 1.79
C LEU B 42 9.29 9.95 0.96
N ASN B 43 9.30 10.94 0.09
CA ASN B 43 10.41 11.26 -0.81
C ASN B 43 10.76 10.13 -1.79
N LEU B 44 9.83 9.85 -2.67
CA LEU B 44 10.01 8.97 -3.75
C LEU B 44 9.47 9.62 -5.01
N ASN B 45 9.82 9.07 -6.15
CA ASN B 45 9.34 9.57 -7.42
C ASN B 45 8.91 8.38 -8.27
N ILE B 46 8.72 8.59 -9.56
CA ILE B 46 8.33 7.52 -10.45
C ILE B 46 9.56 6.65 -10.70
N ASP B 47 9.35 5.34 -10.74
CA ASP B 47 10.38 4.31 -10.92
C ASP B 47 11.10 3.93 -9.68
N ASP B 48 10.68 4.47 -8.56
CA ASP B 48 11.22 4.04 -7.30
C ASP B 48 10.63 2.71 -6.97
N GLU B 49 11.49 1.76 -6.80
CA GLU B 49 11.12 0.43 -6.48
C GLU B 49 10.59 0.41 -5.07
N VAL B 50 9.51 -0.30 -4.87
CA VAL B 50 8.86 -0.33 -3.59
C VAL B 50 8.60 -1.75 -3.15
N LYS B 51 8.57 -1.93 -1.86
CA LYS B 51 8.25 -3.18 -1.24
C LYS B 51 6.77 -3.25 -0.92
N ILE B 52 6.09 -4.15 -1.56
CA ILE B 52 4.72 -4.45 -1.25
C ILE B 52 4.76 -5.68 -0.39
N ASP B 53 4.70 -5.49 0.89
CA ASP B 53 4.84 -6.60 1.81
C ASP B 53 3.51 -6.87 2.47
N LEU B 54 3.10 -8.10 2.52
CA LEU B 54 1.91 -8.45 3.15
C LEU B 54 2.26 -8.64 4.60
N VAL B 55 1.56 -7.95 5.41
CA VAL B 55 1.78 -7.93 6.84
C VAL B 55 0.46 -7.77 7.56
N ASP B 56 0.15 -8.73 8.42
CA ASP B 56 -1.04 -8.72 9.29
C ASP B 56 -2.33 -8.68 8.46
N GLY B 57 -2.26 -9.19 7.26
CA GLY B 57 -3.43 -9.25 6.42
C GLY B 57 -3.65 -8.00 5.60
N LYS B 58 -2.71 -7.09 5.61
CA LYS B 58 -2.82 -5.91 4.78
C LYS B 58 -1.56 -5.72 3.98
N LEU B 59 -1.64 -4.90 2.96
CA LEU B 59 -0.53 -4.64 2.11
C LEU B 59 0.21 -3.45 2.60
N ILE B 60 1.42 -3.63 2.88
CA ILE B 60 2.25 -2.59 3.38
C ILE B 60 3.10 -2.09 2.26
N ILE B 61 2.99 -0.85 2.00
CA ILE B 61 3.74 -0.22 0.97
C ILE B 61 4.88 0.55 1.61
N GLU B 62 6.04 0.01 1.47
CA GLU B 62 7.22 0.64 1.99
C GLU B 62 8.10 0.97 0.83
N PRO B 63 8.85 2.05 0.88
CA PRO B 63 9.68 2.40 -0.19
C PRO B 63 11.03 1.73 -0.02
N VAL B 64 11.80 1.78 -1.02
CA VAL B 64 13.11 1.22 -0.96
C VAL B 64 14.04 2.39 -1.17
N ARG B 65 14.80 2.70 -0.19
CA ARG B 65 15.60 3.89 -0.24
C ARG B 65 16.84 3.73 -1.10
N LYS B 66 17.06 4.71 -1.94
CA LYS B 66 18.21 4.78 -2.79
C LYS B 66 19.32 5.42 -2.05
N GLU B 67 20.14 4.61 -1.52
CA GLU B 67 21.26 5.03 -0.78
C GLU B 67 22.42 4.15 -1.19
N ASN A 1 13.34 -27.22 2.46
CA ASN A 1 13.28 -26.00 3.27
C ASN A 1 12.52 -26.29 4.56
N HIS A 2 12.36 -25.28 5.37
CA HIS A 2 11.54 -25.41 6.54
C HIS A 2 10.13 -24.97 6.22
N LYS A 3 9.32 -25.90 5.83
CA LYS A 3 7.92 -25.63 5.59
C LYS A 3 7.11 -26.50 6.50
N VAL A 4 7.47 -27.77 6.57
CA VAL A 4 6.81 -28.71 7.46
C VAL A 4 7.40 -28.54 8.85
N HIS A 5 8.68 -28.32 8.89
CA HIS A 5 9.40 -28.08 10.13
C HIS A 5 9.56 -26.58 10.34
N HIS A 6 8.66 -25.82 9.75
CA HIS A 6 8.69 -24.37 9.83
C HIS A 6 8.37 -23.91 11.24
N HIS A 7 7.35 -24.57 11.85
CA HIS A 7 7.00 -24.39 13.26
C HIS A 7 6.60 -22.91 13.56
N HIS A 8 6.16 -22.19 12.50
CA HIS A 8 5.79 -20.75 12.58
C HIS A 8 6.95 -19.87 13.05
N HIS A 9 8.15 -20.38 12.89
CA HIS A 9 9.34 -19.67 13.31
C HIS A 9 9.75 -18.61 12.29
N HIS A 10 9.51 -18.91 11.02
CA HIS A 10 9.89 -18.04 9.90
C HIS A 10 11.40 -17.87 9.84
N MET A 11 11.86 -17.00 8.99
CA MET A 11 13.25 -16.69 8.91
C MET A 11 13.40 -15.18 9.14
N SER A 12 12.25 -14.50 9.22
CA SER A 12 12.11 -13.04 9.43
C SER A 12 12.49 -12.27 8.17
N ASP A 13 13.51 -12.75 7.47
CA ASP A 13 13.96 -12.19 6.20
C ASP A 13 12.86 -12.38 5.14
N ASP A 14 12.02 -13.35 5.39
CA ASP A 14 10.91 -13.70 4.52
C ASP A 14 9.74 -12.75 4.80
N ASP A 15 9.81 -12.09 5.94
CA ASP A 15 8.75 -11.22 6.40
C ASP A 15 8.96 -9.78 5.96
N ASP A 16 10.22 -9.37 5.88
CA ASP A 16 10.51 -7.99 5.46
C ASP A 16 10.79 -7.92 3.97
N LYS A 17 10.73 -9.05 3.30
CA LYS A 17 11.00 -9.10 1.87
C LYS A 17 9.93 -9.90 1.16
N GLY A 18 8.85 -9.23 0.85
CA GLY A 18 7.79 -9.82 0.12
C GLY A 18 7.99 -9.73 -1.37
N ILE A 19 7.30 -8.81 -1.99
CA ILE A 19 7.33 -8.66 -3.42
C ILE A 19 7.86 -7.27 -3.77
N HIS A 20 8.67 -7.18 -4.77
CA HIS A 20 9.18 -5.90 -5.21
C HIS A 20 8.30 -5.38 -6.34
N SER A 21 8.10 -4.10 -6.37
CA SER A 21 7.30 -3.45 -7.40
C SER A 21 7.76 -2.02 -7.57
N SER A 22 7.04 -1.23 -8.31
CA SER A 22 7.45 0.11 -8.58
C SER A 22 6.25 1.01 -8.85
N VAL A 23 6.44 2.28 -8.61
CA VAL A 23 5.41 3.29 -8.85
C VAL A 23 5.57 3.80 -10.25
N LYS A 24 4.57 3.68 -11.04
CA LYS A 24 4.64 4.12 -12.39
C LYS A 24 3.61 5.25 -12.57
N ARG A 25 3.71 5.99 -13.65
CA ARG A 25 2.80 7.09 -13.87
C ARG A 25 1.69 6.72 -14.81
N TRP A 26 0.49 6.77 -14.32
CA TRP A 26 -0.70 6.50 -15.08
C TRP A 26 -1.37 7.83 -15.36
N GLY A 27 -1.09 8.38 -16.52
CA GLY A 27 -1.58 9.69 -16.86
C GLY A 27 -0.87 10.73 -16.04
N ASN A 28 -1.59 11.43 -15.21
CA ASN A 28 -0.97 12.38 -14.29
C ASN A 28 -1.05 11.88 -12.86
N SER A 29 -1.08 10.58 -12.68
CA SER A 29 -1.27 10.02 -11.40
C SER A 29 -0.28 8.91 -11.16
N PRO A 30 0.45 8.97 -10.06
CA PRO A 30 1.32 7.89 -9.66
C PRO A 30 0.48 6.70 -9.22
N ALA A 31 0.73 5.57 -9.81
CA ALA A 31 -0.01 4.40 -9.51
C ALA A 31 0.91 3.23 -9.33
N VAL A 32 0.58 2.38 -8.42
CA VAL A 32 1.37 1.20 -8.19
C VAL A 32 0.55 -0.01 -8.60
N ARG A 33 1.22 -0.95 -9.22
CA ARG A 33 0.59 -2.13 -9.73
C ARG A 33 0.50 -3.22 -8.69
N ILE A 34 -0.71 -3.63 -8.40
CA ILE A 34 -0.98 -4.68 -7.45
C ILE A 34 -1.08 -6.00 -8.22
N PRO A 35 -0.46 -7.07 -7.73
CA PRO A 35 -0.61 -8.38 -8.34
C PRO A 35 -2.05 -8.88 -8.16
N ALA A 36 -2.62 -9.47 -9.20
CA ALA A 36 -3.99 -9.95 -9.16
C ALA A 36 -4.17 -11.03 -8.10
N THR A 37 -3.10 -11.77 -7.87
CA THR A 37 -3.03 -12.79 -6.85
C THR A 37 -3.38 -12.19 -5.48
N LEU A 38 -2.91 -10.98 -5.24
CA LEU A 38 -3.13 -10.31 -3.97
C LEU A 38 -4.50 -9.79 -3.87
N MET A 39 -5.02 -9.36 -4.97
CA MET A 39 -6.44 -8.94 -5.06
C MET A 39 -7.31 -10.05 -4.54
N GLN A 40 -7.05 -11.21 -5.05
CA GLN A 40 -7.75 -12.42 -4.69
C GLN A 40 -7.47 -12.80 -3.26
N ALA A 41 -6.28 -12.50 -2.81
CA ALA A 41 -5.86 -12.87 -1.46
C ALA A 41 -6.52 -11.98 -0.42
N LEU A 42 -6.77 -10.74 -0.79
CA LEU A 42 -7.35 -9.77 0.11
C LEU A 42 -8.86 -9.73 -0.05
N ASN A 43 -9.30 -10.30 -1.17
CA ASN A 43 -10.71 -10.39 -1.59
C ASN A 43 -11.27 -9.00 -1.91
N LEU A 44 -10.65 -8.37 -2.89
CA LEU A 44 -11.07 -7.14 -3.40
C LEU A 44 -11.02 -7.19 -4.93
N ASN A 45 -11.81 -6.36 -5.58
CA ASN A 45 -11.91 -6.36 -7.05
C ASN A 45 -11.55 -5.00 -7.63
N ILE A 46 -11.70 -4.87 -8.94
CA ILE A 46 -11.51 -3.58 -9.59
C ILE A 46 -12.64 -2.63 -9.20
N ASP A 47 -12.25 -1.37 -9.01
CA ASP A 47 -13.14 -0.26 -8.67
C ASP A 47 -13.62 -0.38 -7.24
N ASP A 48 -12.88 -1.13 -6.45
CA ASP A 48 -13.25 -1.33 -5.08
C ASP A 48 -12.51 -0.28 -4.28
N GLU A 49 -13.15 0.20 -3.28
CA GLU A 49 -12.68 1.28 -2.49
C GLU A 49 -11.78 0.77 -1.39
N VAL A 50 -10.64 1.40 -1.20
CA VAL A 50 -9.68 0.95 -0.21
C VAL A 50 -9.32 2.10 0.71
N LYS A 51 -8.84 1.75 1.87
CA LYS A 51 -8.46 2.72 2.85
C LYS A 51 -6.95 2.85 2.87
N ILE A 52 -6.48 4.05 2.65
CA ILE A 52 -5.08 4.37 2.58
C ILE A 52 -4.69 5.00 3.90
N ASP A 53 -3.96 4.30 4.70
CA ASP A 53 -3.54 4.83 5.98
C ASP A 53 -2.05 4.98 6.00
N LEU A 54 -1.57 6.04 6.62
CA LEU A 54 -0.20 6.24 6.75
C LEU A 54 0.16 5.80 8.14
N VAL A 55 1.12 4.96 8.20
CA VAL A 55 1.58 4.37 9.45
C VAL A 55 3.07 4.10 9.32
N ASP A 56 3.84 4.51 10.33
CA ASP A 56 5.31 4.25 10.42
C ASP A 56 6.04 4.94 9.27
N GLY A 57 5.41 5.96 8.71
CA GLY A 57 5.99 6.67 7.62
C GLY A 57 5.90 5.92 6.30
N LYS A 58 4.94 5.03 6.19
CA LYS A 58 4.75 4.29 4.95
C LYS A 58 3.27 4.11 4.68
N LEU A 59 2.95 3.76 3.45
CA LEU A 59 1.57 3.62 3.06
C LEU A 59 1.09 2.25 3.36
N ILE A 60 0.00 2.21 3.97
CA ILE A 60 -0.60 1.01 4.38
C ILE A 60 -1.92 0.89 3.66
N ILE A 61 -2.12 -0.23 3.04
CA ILE A 61 -3.28 -0.45 2.19
C ILE A 61 -4.17 -1.49 2.82
N GLU A 62 -5.23 -1.05 3.37
CA GLU A 62 -6.16 -1.90 4.03
C GLU A 62 -7.48 -1.76 3.27
N PRO A 63 -8.17 -2.85 2.92
CA PRO A 63 -9.35 -2.75 2.12
C PRO A 63 -10.52 -2.30 2.96
N VAL A 64 -11.58 -1.99 2.32
CA VAL A 64 -12.73 -1.51 3.03
C VAL A 64 -13.75 -2.59 3.09
N ARG A 65 -13.99 -3.06 4.26
CA ARG A 65 -15.02 -4.03 4.50
C ARG A 65 -16.32 -3.33 4.34
N LYS A 66 -17.24 -3.94 3.68
CA LYS A 66 -18.47 -3.30 3.49
C LYS A 66 -19.38 -3.72 4.61
N GLU A 67 -19.38 -2.89 5.64
CA GLU A 67 -20.14 -2.99 6.88
C GLU A 67 -19.28 -2.25 7.89
N ASN B 1 -9.98 22.73 18.07
CA ASN B 1 -9.62 21.31 17.94
C ASN B 1 -8.37 21.07 18.75
N HIS B 2 -8.01 19.83 18.97
CA HIS B 2 -6.82 19.56 19.72
C HIS B 2 -5.63 19.40 18.81
N LYS B 3 -4.95 20.49 18.57
CA LYS B 3 -3.74 20.44 17.80
C LYS B 3 -2.59 20.93 18.66
N VAL B 4 -2.79 22.02 19.35
CA VAL B 4 -1.79 22.51 20.28
C VAL B 4 -1.90 21.70 21.56
N HIS B 5 -3.13 21.50 22.00
CA HIS B 5 -3.41 20.70 23.20
C HIS B 5 -3.59 19.24 22.82
N HIS B 6 -3.02 18.88 21.67
CA HIS B 6 -3.09 17.52 21.14
C HIS B 6 -2.35 16.57 22.07
N HIS B 7 -1.14 17.00 22.51
CA HIS B 7 -0.35 16.29 23.52
C HIS B 7 0.00 14.86 23.03
N HIS B 8 -0.03 14.66 21.71
CA HIS B 8 0.20 13.36 21.03
C HIS B 8 -0.81 12.31 21.48
N HIS B 9 -1.95 12.76 21.99
CA HIS B 9 -2.99 11.87 22.47
C HIS B 9 -3.73 11.25 21.29
N HIS B 10 -3.97 12.06 20.26
CA HIS B 10 -4.76 11.68 19.08
C HIS B 10 -6.20 11.41 19.48
N MET B 11 -6.99 11.01 18.53
CA MET B 11 -8.35 10.64 18.81
C MET B 11 -8.48 9.15 18.46
N SER B 12 -7.38 8.61 17.90
CA SER B 12 -7.26 7.20 17.45
C SER B 12 -8.09 6.94 16.18
N ASP B 13 -9.24 7.57 16.10
CA ASP B 13 -10.14 7.52 14.95
C ASP B 13 -9.46 8.16 13.73
N ASP B 14 -8.55 9.05 14.03
CA ASP B 14 -7.77 9.77 13.02
C ASP B 14 -6.63 8.89 12.52
N ASP B 15 -6.39 7.83 13.24
CA ASP B 15 -5.29 6.92 12.96
C ASP B 15 -5.72 5.78 12.04
N ASP B 16 -6.94 5.32 12.21
CA ASP B 16 -7.46 4.22 11.38
C ASP B 16 -8.24 4.74 10.20
N LYS B 17 -8.32 6.04 10.05
CA LYS B 17 -9.05 6.65 8.96
C LYS B 17 -8.22 7.75 8.31
N GLY B 18 -7.35 7.36 7.44
CA GLY B 18 -6.54 8.31 6.73
C GLY B 18 -7.21 8.84 5.48
N ILE B 19 -6.87 8.28 4.35
CA ILE B 19 -7.38 8.73 3.07
C ILE B 19 -8.12 7.57 2.40
N HIS B 20 -9.17 7.86 1.67
CA HIS B 20 -9.88 6.82 0.97
C HIS B 20 -9.55 6.88 -0.51
N SER B 21 -9.37 5.74 -1.10
CA SER B 21 -9.03 5.63 -2.49
C SER B 21 -9.66 4.38 -3.07
N SER B 22 -9.23 3.98 -4.24
CA SER B 22 -9.82 2.86 -4.92
C SER B 22 -8.83 2.22 -5.87
N VAL B 23 -9.03 0.94 -6.12
CA VAL B 23 -8.23 0.19 -7.06
C VAL B 23 -8.87 0.28 -8.40
N LYS B 24 -8.19 0.83 -9.34
CA LYS B 24 -8.74 0.96 -10.65
C LYS B 24 -7.94 0.07 -11.60
N ARG B 25 -8.42 -0.14 -12.78
CA ARG B 25 -7.72 -0.98 -13.71
C ARG B 25 -6.95 -0.17 -14.73
N TRP B 26 -5.67 -0.38 -14.77
CA TRP B 26 -4.77 0.26 -15.71
C TRP B 26 -4.33 -0.81 -16.70
N GLY B 27 -4.97 -0.83 -17.85
CA GLY B 27 -4.67 -1.84 -18.82
C GLY B 27 -5.21 -3.17 -18.37
N ASN B 28 -4.32 -4.10 -18.15
CA ASN B 28 -4.69 -5.39 -17.57
C ASN B 28 -4.06 -5.54 -16.18
N SER B 29 -3.87 -4.42 -15.49
CA SER B 29 -3.24 -4.43 -14.23
C SER B 29 -4.04 -3.58 -13.26
N PRO B 30 -4.36 -4.11 -12.09
CA PRO B 30 -4.98 -3.35 -11.03
C PRO B 30 -3.97 -2.37 -10.45
N ALA B 31 -4.33 -1.13 -10.39
CA ALA B 31 -3.44 -0.13 -9.90
C ALA B 31 -4.17 0.80 -8.97
N VAL B 32 -3.52 1.20 -7.93
CA VAL B 32 -4.10 2.13 -7.01
C VAL B 32 -3.39 3.46 -7.13
N ARG B 33 -4.15 4.52 -7.07
CA ARG B 33 -3.63 5.85 -7.21
C ARG B 33 -3.11 6.39 -5.90
N ILE B 34 -1.85 6.79 -5.91
CA ILE B 34 -1.21 7.36 -4.76
C ILE B 34 -1.25 8.88 -4.91
N PRO B 35 -1.60 9.62 -3.85
CA PRO B 35 -1.57 11.07 -3.90
C PRO B 35 -0.12 11.55 -4.00
N ALA B 36 0.12 12.50 -4.89
CA ALA B 36 1.48 13.03 -5.11
C ALA B 36 2.04 13.65 -3.84
N THR B 37 1.15 14.14 -3.01
CA THR B 37 1.48 14.71 -1.73
C THR B 37 2.19 13.65 -0.85
N LEU B 38 1.77 12.40 -0.96
CA LEU B 38 2.34 11.30 -0.20
C LEU B 38 3.64 10.87 -0.77
N MET B 39 3.74 10.94 -2.07
CA MET B 39 5.03 10.66 -2.75
C MET B 39 6.10 11.53 -2.15
N GLN B 40 5.78 12.80 -2.02
CA GLN B 40 6.66 13.79 -1.47
C GLN B 40 6.87 13.57 0.01
N ALA B 41 5.88 12.99 0.65
CA ALA B 41 5.94 12.74 2.09
C ALA B 41 6.84 11.54 2.39
N LEU B 42 6.87 10.59 1.49
CA LEU B 42 7.64 9.38 1.67
C LEU B 42 9.01 9.54 1.03
N ASN B 43 9.07 10.49 0.11
CA ASN B 43 10.25 10.85 -0.68
C ASN B 43 10.57 9.76 -1.69
N LEU B 44 9.64 9.53 -2.56
CA LEU B 44 9.78 8.63 -3.62
C LEU B 44 9.25 9.29 -4.89
N ASN B 45 9.69 8.83 -6.03
CA ASN B 45 9.33 9.47 -7.30
C ASN B 45 8.71 8.45 -8.25
N ILE B 46 8.44 8.88 -9.48
CA ILE B 46 7.95 7.99 -10.52
C ILE B 46 9.07 7.07 -10.97
N ASP B 47 8.72 5.81 -11.17
CA ASP B 47 9.60 4.74 -11.64
C ASP B 47 10.54 4.33 -10.53
N ASP B 48 10.13 4.57 -9.31
CA ASP B 48 10.94 4.20 -8.20
C ASP B 48 10.42 2.90 -7.67
N GLU B 49 11.31 2.08 -7.25
CA GLU B 49 11.03 0.76 -6.80
C GLU B 49 10.58 0.79 -5.34
N VAL B 50 9.54 0.05 -5.06
CA VAL B 50 8.98 -0.01 -3.72
C VAL B 50 8.83 -1.47 -3.29
N LYS B 51 8.82 -1.71 -2.00
CA LYS B 51 8.71 -3.04 -1.48
C LYS B 51 7.27 -3.27 -1.02
N ILE B 52 6.67 -4.30 -1.56
CA ILE B 52 5.30 -4.67 -1.28
C ILE B 52 5.32 -5.81 -0.30
N ASP B 53 4.98 -5.55 0.91
CA ASP B 53 4.97 -6.58 1.92
C ASP B 53 3.57 -6.84 2.39
N LEU B 54 3.25 -8.07 2.69
CA LEU B 54 2.00 -8.42 3.17
C LEU B 54 2.15 -8.63 4.66
N VAL B 55 1.32 -7.96 5.37
CA VAL B 55 1.32 -7.98 6.83
C VAL B 55 -0.11 -7.79 7.30
N ASP B 56 -0.55 -8.61 8.25
CA ASP B 56 -1.89 -8.53 8.89
C ASP B 56 -3.03 -8.73 7.87
N GLY B 57 -2.69 -9.37 6.77
CA GLY B 57 -3.65 -9.61 5.73
C GLY B 57 -3.96 -8.37 4.92
N LYS B 58 -3.01 -7.44 4.86
CA LYS B 58 -3.18 -6.25 4.06
C LYS B 58 -1.87 -5.88 3.40
N LEU B 59 -1.95 -5.04 2.38
CA LEU B 59 -0.77 -4.64 1.65
C LEU B 59 -0.10 -3.51 2.31
N ILE B 60 1.13 -3.67 2.49
CA ILE B 60 1.94 -2.70 3.13
C ILE B 60 2.93 -2.18 2.11
N ILE B 61 3.01 -0.89 1.99
CA ILE B 61 3.84 -0.26 0.98
C ILE B 61 4.96 0.49 1.66
N GLU B 62 6.11 -0.06 1.60
CA GLU B 62 7.28 0.51 2.22
C GLU B 62 8.26 0.80 1.09
N PRO B 63 8.85 1.99 1.01
CA PRO B 63 9.70 2.31 -0.09
C PRO B 63 11.05 1.65 0.05
N VAL B 64 11.80 1.70 -0.98
CA VAL B 64 13.08 1.05 -0.96
C VAL B 64 14.14 2.08 -0.80
N ARG B 65 14.78 2.04 0.31
CA ARG B 65 15.87 2.91 0.56
C ARG B 65 16.99 2.46 -0.30
N LYS B 66 17.69 3.34 -0.88
CA LYS B 66 18.74 2.92 -1.70
C LYS B 66 20.00 2.93 -0.88
N GLU B 67 20.28 1.76 -0.33
CA GLU B 67 21.41 1.40 0.51
C GLU B 67 20.89 0.21 1.31
N ASN A 1 0.12 -11.03 -20.17
CA ASN A 1 1.33 -11.34 -19.43
C ASN A 1 0.93 -11.83 -18.07
N HIS A 2 1.22 -13.08 -17.77
CA HIS A 2 0.92 -13.60 -16.45
C HIS A 2 2.04 -13.21 -15.50
N LYS A 3 3.24 -13.20 -16.01
CA LYS A 3 4.35 -12.63 -15.31
C LYS A 3 4.76 -11.42 -16.11
N VAL A 4 4.97 -10.31 -15.43
CA VAL A 4 5.27 -9.06 -16.12
C VAL A 4 6.68 -9.09 -16.68
N HIS A 5 7.59 -9.63 -15.90
CA HIS A 5 8.95 -9.73 -16.31
C HIS A 5 9.18 -11.12 -16.87
N HIS A 6 9.10 -11.24 -18.18
CA HIS A 6 9.26 -12.52 -18.85
C HIS A 6 10.68 -13.04 -18.75
N HIS A 7 11.62 -12.12 -18.81
CA HIS A 7 13.05 -12.47 -18.73
C HIS A 7 13.47 -12.85 -17.30
N HIS A 8 12.56 -12.67 -16.38
CA HIS A 8 12.79 -12.95 -15.00
C HIS A 8 12.07 -14.22 -14.64
N HIS A 9 12.79 -15.32 -14.60
CA HIS A 9 12.21 -16.59 -14.22
C HIS A 9 12.04 -16.63 -12.73
N HIS A 10 10.91 -16.12 -12.30
CA HIS A 10 10.56 -16.03 -10.91
C HIS A 10 10.49 -17.39 -10.24
N MET A 11 11.00 -17.43 -9.04
CA MET A 11 11.10 -18.62 -8.25
C MET A 11 10.68 -18.25 -6.86
N SER A 12 9.82 -19.07 -6.25
CA SER A 12 9.30 -18.80 -4.90
C SER A 12 8.44 -17.53 -4.90
N ASP A 13 7.84 -17.26 -6.05
CA ASP A 13 7.04 -16.06 -6.29
C ASP A 13 5.81 -16.03 -5.38
N ASP A 14 5.29 -17.20 -5.13
CA ASP A 14 4.10 -17.36 -4.26
C ASP A 14 4.50 -17.39 -2.79
N ASP A 15 5.75 -17.69 -2.56
CA ASP A 15 6.25 -17.84 -1.19
C ASP A 15 6.75 -16.51 -0.67
N ASP A 16 7.43 -15.76 -1.51
CA ASP A 16 7.92 -14.45 -1.15
C ASP A 16 6.77 -13.47 -1.06
N LYS A 17 6.63 -12.86 0.09
CA LYS A 17 5.50 -11.98 0.35
C LYS A 17 5.88 -10.52 0.20
N GLY A 18 7.11 -10.26 -0.20
CA GLY A 18 7.56 -8.89 -0.37
C GLY A 18 7.77 -8.59 -1.82
N ILE A 19 6.72 -8.27 -2.49
CA ILE A 19 6.74 -8.06 -3.92
C ILE A 19 7.33 -6.69 -4.25
N HIS A 20 8.43 -6.69 -4.97
CA HIS A 20 9.11 -5.46 -5.38
C HIS A 20 8.53 -4.93 -6.70
N SER A 21 7.81 -3.84 -6.60
CA SER A 21 7.15 -3.21 -7.74
C SER A 21 7.89 -1.94 -8.11
N SER A 22 7.17 -1.00 -8.70
CA SER A 22 7.67 0.31 -9.04
C SER A 22 6.50 1.24 -9.22
N VAL A 23 6.54 2.38 -8.60
CA VAL A 23 5.49 3.37 -8.75
C VAL A 23 5.61 3.96 -10.14
N LYS A 24 4.68 3.66 -10.98
CA LYS A 24 4.73 4.14 -12.30
C LYS A 24 3.72 5.25 -12.46
N ARG A 25 3.80 5.98 -13.53
CA ARG A 25 2.91 7.08 -13.74
C ARG A 25 1.80 6.70 -14.71
N TRP A 26 0.60 6.75 -14.22
CA TRP A 26 -0.60 6.46 -14.97
C TRP A 26 -1.26 7.80 -15.25
N GLY A 27 -1.00 8.35 -16.42
CA GLY A 27 -1.52 9.65 -16.74
C GLY A 27 -0.72 10.67 -15.98
N ASN A 28 -1.38 11.45 -15.17
CA ASN A 28 -0.64 12.39 -14.30
C ASN A 28 -0.71 11.91 -12.83
N SER A 29 -0.92 10.60 -12.64
CA SER A 29 -1.14 10.07 -11.36
C SER A 29 -0.18 8.91 -11.15
N PRO A 30 0.56 8.92 -10.06
CA PRO A 30 1.40 7.80 -9.68
C PRO A 30 0.50 6.60 -9.34
N ALA A 31 0.82 5.45 -9.87
CA ALA A 31 0.04 4.28 -9.65
C ALA A 31 0.93 3.10 -9.28
N VAL A 32 0.45 2.30 -8.35
CA VAL A 32 1.13 1.09 -7.92
C VAL A 32 0.34 -0.10 -8.41
N ARG A 33 1.01 -1.04 -9.03
CA ARG A 33 0.37 -2.23 -9.54
C ARG A 33 0.14 -3.23 -8.42
N ILE A 34 -1.07 -3.71 -8.34
CA ILE A 34 -1.43 -4.73 -7.38
C ILE A 34 -1.50 -6.06 -8.13
N PRO A 35 -0.80 -7.11 -7.65
CA PRO A 35 -0.86 -8.42 -8.27
C PRO A 35 -2.27 -8.98 -8.20
N ALA A 36 -2.71 -9.59 -9.29
CA ALA A 36 -4.04 -10.17 -9.38
C ALA A 36 -4.19 -11.30 -8.37
N THR A 37 -3.08 -11.92 -8.03
CA THR A 37 -3.01 -12.95 -7.02
C THR A 37 -3.50 -12.38 -5.66
N LEU A 38 -3.07 -11.17 -5.33
CA LEU A 38 -3.43 -10.52 -4.07
C LEU A 38 -4.82 -10.02 -4.10
N MET A 39 -5.22 -9.54 -5.23
CA MET A 39 -6.61 -9.12 -5.49
C MET A 39 -7.55 -10.22 -5.10
N GLN A 40 -7.28 -11.38 -5.63
CA GLN A 40 -8.04 -12.58 -5.36
C GLN A 40 -7.84 -13.06 -3.94
N ALA A 41 -6.65 -12.81 -3.41
CA ALA A 41 -6.32 -13.31 -2.07
C ALA A 41 -7.11 -12.57 -1.01
N LEU A 42 -7.29 -11.31 -1.26
CA LEU A 42 -8.01 -10.43 -0.36
C LEU A 42 -9.47 -10.32 -0.79
N ASN A 43 -9.78 -10.96 -1.91
CA ASN A 43 -11.14 -11.04 -2.50
C ASN A 43 -11.70 -9.68 -2.83
N LEU A 44 -10.83 -8.76 -3.16
CA LEU A 44 -11.22 -7.45 -3.52
C LEU A 44 -11.18 -7.34 -5.04
N ASN A 45 -11.93 -6.43 -5.57
CA ASN A 45 -12.02 -6.28 -7.01
C ASN A 45 -11.76 -4.85 -7.40
N ILE A 46 -11.85 -4.58 -8.69
CA ILE A 46 -11.66 -3.24 -9.20
C ILE A 46 -12.81 -2.35 -8.68
N ASP A 47 -12.48 -1.11 -8.35
CA ASP A 47 -13.40 -0.11 -7.79
C ASP A 47 -13.63 -0.31 -6.32
N ASP A 48 -12.75 -1.06 -5.72
CA ASP A 48 -12.81 -1.25 -4.30
C ASP A 48 -12.08 -0.13 -3.66
N GLU A 49 -12.77 0.55 -2.81
CA GLU A 49 -12.24 1.67 -2.10
C GLU A 49 -11.29 1.17 -1.03
N VAL A 50 -10.10 1.75 -0.96
CA VAL A 50 -9.15 1.32 0.04
C VAL A 50 -8.64 2.48 0.82
N LYS A 51 -8.19 2.19 2.00
CA LYS A 51 -7.57 3.19 2.84
C LYS A 51 -6.07 3.18 2.63
N ILE A 52 -5.52 4.30 2.25
CA ILE A 52 -4.10 4.49 2.30
C ILE A 52 -3.88 5.25 3.57
N ASP A 53 -3.58 4.55 4.61
CA ASP A 53 -3.46 5.15 5.92
C ASP A 53 -2.02 5.15 6.36
N LEU A 54 -1.57 6.24 6.90
CA LEU A 54 -0.26 6.39 7.31
C LEU A 54 -0.15 6.02 8.76
N VAL A 55 0.80 5.21 9.05
CA VAL A 55 1.12 4.74 10.40
C VAL A 55 2.61 4.44 10.45
N ASP A 56 3.35 5.08 11.36
CA ASP A 56 4.80 4.78 11.58
C ASP A 56 5.64 5.20 10.36
N GLY A 57 5.07 6.11 9.58
CA GLY A 57 5.71 6.56 8.35
C GLY A 57 5.66 5.49 7.28
N LYS A 58 4.89 4.48 7.53
CA LYS A 58 4.73 3.39 6.65
C LYS A 58 3.35 3.51 6.03
N LEU A 59 3.20 3.09 4.81
CA LEU A 59 1.91 3.16 4.19
C LEU A 59 1.17 1.88 4.41
N ILE A 60 0.06 2.04 5.00
CA ILE A 60 -0.79 0.95 5.31
C ILE A 60 -1.89 0.90 4.29
N ILE A 61 -1.98 -0.22 3.66
CA ILE A 61 -2.98 -0.46 2.67
C ILE A 61 -3.92 -1.55 3.15
N GLU A 62 -5.13 -1.15 3.34
CA GLU A 62 -6.17 -2.05 3.73
C GLU A 62 -7.36 -1.75 2.88
N PRO A 63 -8.19 -2.75 2.59
CA PRO A 63 -9.34 -2.54 1.80
C PRO A 63 -10.45 -2.02 2.67
N VAL A 64 -11.48 -1.60 2.09
CA VAL A 64 -12.58 -1.16 2.88
C VAL A 64 -13.67 -2.16 2.69
N ARG A 65 -13.92 -2.91 3.71
CA ARG A 65 -14.79 -4.04 3.63
C ARG A 65 -16.23 -3.60 3.51
N LYS A 66 -17.00 -4.45 2.92
CA LYS A 66 -18.38 -4.22 2.76
C LYS A 66 -19.11 -4.89 3.89
N GLU A 67 -19.40 -4.08 4.89
CA GLU A 67 -20.04 -4.48 6.14
C GLU A 67 -19.05 -5.24 7.02
N ASN B 1 -6.13 17.99 -12.85
CA ASN B 1 -6.94 18.07 -11.64
C ASN B 1 -6.01 18.01 -10.46
N HIS B 2 -6.12 18.96 -9.53
CA HIS B 2 -5.32 18.89 -8.31
C HIS B 2 -6.05 18.08 -7.29
N LYS B 3 -7.34 18.22 -7.28
CA LYS B 3 -8.20 17.33 -6.57
C LYS B 3 -8.90 16.53 -7.64
N VAL B 4 -9.02 15.24 -7.45
CA VAL B 4 -9.61 14.41 -8.49
C VAL B 4 -11.11 14.58 -8.47
N HIS B 5 -11.66 14.63 -7.28
CA HIS B 5 -13.07 14.84 -7.11
C HIS B 5 -13.33 16.33 -6.96
N HIS B 6 -13.81 16.93 -8.01
CA HIS B 6 -14.09 18.35 -8.02
C HIS B 6 -15.39 18.66 -7.32
N HIS B 7 -16.32 17.73 -7.38
CA HIS B 7 -17.62 17.90 -6.72
C HIS B 7 -17.52 17.61 -5.22
N HIS B 8 -16.37 17.18 -4.80
CA HIS B 8 -16.11 16.85 -3.43
C HIS B 8 -15.26 17.96 -2.84
N HIS B 9 -15.86 18.76 -2.02
CA HIS B 9 -15.13 19.79 -1.35
C HIS B 9 -14.45 19.23 -0.15
N HIS B 10 -13.25 18.74 -0.39
CA HIS B 10 -12.43 18.13 0.61
C HIS B 10 -12.08 19.12 1.73
N MET B 11 -12.20 18.63 2.91
CA MET B 11 -11.96 19.37 4.11
C MET B 11 -11.13 18.47 4.99
N SER B 12 -10.10 19.03 5.61
CA SER B 12 -9.20 18.28 6.48
C SER B 12 -8.41 17.23 5.66
N ASP B 13 -8.26 17.52 4.38
CA ASP B 13 -7.61 16.63 3.40
C ASP B 13 -6.18 16.30 3.76
N ASP B 14 -5.52 17.26 4.33
CA ASP B 14 -4.12 17.11 4.70
C ASP B 14 -3.99 16.59 6.13
N ASP B 15 -5.05 16.67 6.88
CA ASP B 15 -5.04 16.20 8.27
C ASP B 15 -5.42 14.74 8.33
N ASP B 16 -6.39 14.38 7.53
CA ASP B 16 -6.86 13.01 7.45
C ASP B 16 -5.82 12.15 6.75
N LYS B 17 -5.31 11.18 7.46
CA LYS B 17 -4.23 10.37 6.95
C LYS B 17 -4.72 9.10 6.27
N GLY B 18 -5.97 8.76 6.51
CA GLY B 18 -6.54 7.57 5.91
C GLY B 18 -7.25 7.91 4.63
N ILE B 19 -6.50 8.02 3.57
CA ILE B 19 -7.01 8.43 2.28
C ILE B 19 -7.77 7.30 1.60
N HIS B 20 -9.03 7.54 1.28
CA HIS B 20 -9.86 6.55 0.61
C HIS B 20 -9.69 6.67 -0.89
N SER B 21 -9.31 5.59 -1.50
CA SER B 21 -9.04 5.53 -2.93
C SER B 21 -9.95 4.48 -3.56
N SER B 22 -9.54 3.95 -4.68
CA SER B 22 -10.21 2.89 -5.36
C SER B 22 -9.18 2.19 -6.23
N VAL B 23 -9.16 0.89 -6.20
CA VAL B 23 -8.29 0.12 -7.06
C VAL B 23 -8.90 0.13 -8.43
N LYS B 24 -8.28 0.80 -9.34
CA LYS B 24 -8.80 0.88 -10.66
C LYS B 24 -8.00 -0.01 -11.57
N ARG B 25 -8.46 -0.21 -12.77
CA ARG B 25 -7.78 -1.09 -13.68
C ARG B 25 -6.99 -0.31 -14.73
N TRP B 26 -5.70 -0.43 -14.68
CA TRP B 26 -4.79 0.20 -15.59
C TRP B 26 -4.35 -0.86 -16.61
N GLY B 27 -5.02 -0.88 -17.75
CA GLY B 27 -4.76 -1.90 -18.72
C GLY B 27 -5.28 -3.22 -18.21
N ASN B 28 -4.42 -4.20 -18.08
CA ASN B 28 -4.82 -5.46 -17.47
C ASN B 28 -4.29 -5.59 -16.03
N SER B 29 -3.91 -4.46 -15.42
CA SER B 29 -3.29 -4.47 -14.15
C SER B 29 -4.06 -3.58 -13.19
N PRO B 30 -4.46 -4.10 -12.05
CA PRO B 30 -5.06 -3.30 -11.00
C PRO B 30 -4.02 -2.29 -10.48
N ALA B 31 -4.41 -1.05 -10.38
CA ALA B 31 -3.51 -0.01 -9.97
C ALA B 31 -4.13 0.86 -8.89
N VAL B 32 -3.32 1.24 -7.94
CA VAL B 32 -3.72 2.12 -6.86
C VAL B 32 -3.05 3.46 -7.05
N ARG B 33 -3.85 4.52 -7.03
CA ARG B 33 -3.34 5.86 -7.17
C ARG B 33 -2.71 6.37 -5.89
N ILE B 34 -1.48 6.80 -5.99
CA ILE B 34 -0.78 7.37 -4.86
C ILE B 34 -0.87 8.89 -4.97
N PRO B 35 -1.30 9.59 -3.91
CA PRO B 35 -1.37 11.05 -3.92
C PRO B 35 0.02 11.65 -4.09
N ALA B 36 0.10 12.68 -4.91
CA ALA B 36 1.36 13.36 -5.19
C ALA B 36 1.90 13.99 -3.91
N THR B 37 1.00 14.31 -3.00
CA THR B 37 1.32 14.82 -1.70
C THR B 37 2.23 13.82 -0.94
N LEU B 38 1.87 12.53 -1.02
CA LEU B 38 2.61 11.47 -0.33
C LEU B 38 3.90 11.16 -1.00
N MET B 39 3.85 11.21 -2.30
CA MET B 39 5.05 11.06 -3.13
C MET B 39 6.13 12.01 -2.66
N GLN B 40 5.74 13.24 -2.53
CA GLN B 40 6.60 14.29 -2.04
C GLN B 40 6.92 14.12 -0.57
N ALA B 41 5.99 13.54 0.16
CA ALA B 41 6.15 13.38 1.61
C ALA B 41 7.21 12.35 1.92
N LEU B 42 7.22 11.33 1.13
CA LEU B 42 8.13 10.22 1.30
C LEU B 42 9.35 10.40 0.42
N ASN B 43 9.35 11.50 -0.34
CA ASN B 43 10.43 11.92 -1.24
C ASN B 43 10.73 10.91 -2.34
N LEU B 44 9.75 10.07 -2.64
CA LEU B 44 9.91 9.06 -3.62
C LEU B 44 9.36 9.55 -4.93
N ASN B 45 9.86 9.02 -6.00
CA ASN B 45 9.45 9.46 -7.33
C ASN B 45 8.99 8.31 -8.16
N ILE B 46 8.58 8.60 -9.38
CA ILE B 46 8.15 7.57 -10.32
C ILE B 46 9.36 6.65 -10.62
N ASP B 47 9.07 5.36 -10.70
CA ASP B 47 10.03 4.28 -10.90
C ASP B 47 10.75 3.91 -9.65
N ASP B 48 10.22 4.33 -8.52
CA ASP B 48 10.78 3.92 -7.26
C ASP B 48 10.20 2.57 -6.95
N GLU B 49 11.07 1.63 -6.76
CA GLU B 49 10.70 0.30 -6.44
C GLU B 49 10.16 0.23 -5.03
N VAL B 50 9.05 -0.46 -4.83
CA VAL B 50 8.48 -0.54 -3.50
C VAL B 50 8.15 -1.97 -3.15
N LYS B 51 8.19 -2.26 -1.88
CA LYS B 51 7.79 -3.54 -1.39
C LYS B 51 6.31 -3.56 -1.08
N ILE B 52 5.60 -4.48 -1.66
CA ILE B 52 4.27 -4.80 -1.24
C ILE B 52 4.45 -6.02 -0.38
N ASP B 53 4.56 -5.81 0.90
CA ASP B 53 4.86 -6.88 1.81
C ASP B 53 3.66 -7.16 2.68
N LEU B 54 3.30 -8.41 2.78
CA LEU B 54 2.18 -8.81 3.51
C LEU B 54 2.60 -9.07 4.93
N VAL B 55 1.86 -8.51 5.82
CA VAL B 55 2.06 -8.64 7.27
C VAL B 55 0.70 -8.48 7.92
N ASP B 56 0.30 -9.43 8.78
CA ASP B 56 -0.97 -9.33 9.56
C ASP B 56 -2.20 -9.33 8.62
N GLY B 57 -2.00 -9.86 7.42
CA GLY B 57 -3.06 -9.86 6.41
C GLY B 57 -3.35 -8.46 5.91
N LYS B 58 -2.44 -7.56 6.20
CA LYS B 58 -2.52 -6.19 5.84
C LYS B 58 -1.43 -5.94 4.80
N LEU B 59 -1.66 -5.03 3.89
CA LEU B 59 -0.66 -4.73 2.90
C LEU B 59 0.20 -3.62 3.36
N ILE B 60 1.43 -3.91 3.43
CA ILE B 60 2.42 -2.99 3.87
C ILE B 60 3.13 -2.44 2.66
N ILE B 61 3.09 -1.16 2.54
CA ILE B 61 3.73 -0.46 1.46
C ILE B 61 4.85 0.39 2.01
N GLU B 62 6.04 0.05 1.62
CA GLU B 62 7.21 0.79 2.01
C GLU B 62 8.07 0.95 0.78
N PRO B 63 8.79 2.07 0.66
CA PRO B 63 9.60 2.31 -0.47
C PRO B 63 10.93 1.66 -0.25
N VAL B 64 11.62 1.47 -1.28
CA VAL B 64 12.90 0.84 -1.17
C VAL B 64 13.92 1.93 -1.31
N ARG B 65 14.57 2.21 -0.23
CA ARG B 65 15.43 3.34 -0.16
C ARG B 65 16.74 3.09 -0.88
N LYS B 66 17.28 4.13 -1.39
CA LYS B 66 18.54 4.07 -2.04
C LYS B 66 19.61 4.32 -1.02
N GLU B 67 20.15 3.22 -0.54
CA GLU B 67 21.17 3.14 0.50
C GLU B 67 20.59 3.49 1.88
N ASN A 1 23.76 -11.04 11.92
CA ASN A 1 23.85 -10.92 13.38
C ASN A 1 25.18 -10.29 13.74
N HIS A 2 26.23 -11.06 13.60
CA HIS A 2 27.57 -10.54 13.75
C HIS A 2 28.08 -10.26 12.36
N LYS A 3 27.71 -9.05 11.90
CA LYS A 3 27.82 -8.52 10.54
C LYS A 3 26.62 -9.04 9.74
N VAL A 4 26.37 -8.44 8.60
CA VAL A 4 25.26 -8.86 7.78
C VAL A 4 25.64 -10.13 7.04
N HIS A 5 25.11 -11.22 7.48
CA HIS A 5 25.36 -12.49 6.86
C HIS A 5 24.36 -12.63 5.71
N HIS A 6 24.84 -12.50 4.50
CA HIS A 6 24.00 -12.55 3.34
C HIS A 6 23.83 -14.00 2.92
N HIS A 7 22.73 -14.58 3.31
CA HIS A 7 22.47 -15.95 3.01
C HIS A 7 21.42 -16.07 1.92
N HIS A 8 21.89 -16.05 0.69
CA HIS A 8 21.03 -16.24 -0.45
C HIS A 8 21.25 -17.66 -0.92
N HIS A 9 20.50 -18.56 -0.36
CA HIS A 9 20.69 -19.97 -0.59
C HIS A 9 20.04 -20.44 -1.89
N HIS A 10 18.76 -20.72 -1.83
CA HIS A 10 18.04 -21.26 -2.99
C HIS A 10 16.56 -21.11 -2.74
N MET A 11 16.17 -21.30 -1.50
CA MET A 11 14.81 -21.09 -1.09
C MET A 11 14.75 -19.75 -0.37
N SER A 12 15.16 -18.72 -1.07
CA SER A 12 15.24 -17.38 -0.53
C SER A 12 13.82 -16.76 -0.46
N ASP A 13 12.85 -17.56 -0.91
CA ASP A 13 11.43 -17.21 -0.95
C ASP A 13 10.88 -17.08 0.45
N ASP A 14 11.63 -17.58 1.40
CA ASP A 14 11.24 -17.58 2.81
C ASP A 14 11.16 -16.17 3.36
N ASP A 15 12.18 -15.39 3.11
CA ASP A 15 12.25 -14.01 3.61
C ASP A 15 11.59 -13.08 2.60
N ASP A 16 11.44 -13.60 1.40
CA ASP A 16 10.84 -12.88 0.29
C ASP A 16 9.33 -12.84 0.45
N LYS A 17 8.87 -11.81 1.09
CA LYS A 17 7.44 -11.56 1.26
C LYS A 17 7.15 -10.13 0.85
N GLY A 18 8.14 -9.54 0.22
CA GLY A 18 8.07 -8.19 -0.21
C GLY A 18 8.35 -8.09 -1.67
N ILE A 19 7.30 -7.89 -2.43
CA ILE A 19 7.39 -7.79 -3.86
C ILE A 19 7.98 -6.44 -4.22
N HIS A 20 9.11 -6.45 -4.88
CA HIS A 20 9.73 -5.22 -5.31
C HIS A 20 9.02 -4.70 -6.54
N SER A 21 8.24 -3.69 -6.32
CA SER A 21 7.41 -3.12 -7.35
C SER A 21 8.11 -1.91 -7.96
N SER A 22 7.33 -1.02 -8.52
CA SER A 22 7.78 0.22 -9.06
C SER A 22 6.57 1.08 -9.31
N VAL A 23 6.58 2.27 -8.78
CA VAL A 23 5.48 3.19 -8.98
C VAL A 23 5.57 3.73 -10.39
N LYS A 24 4.59 3.47 -11.19
CA LYS A 24 4.64 3.89 -12.55
C LYS A 24 3.70 5.07 -12.75
N ARG A 25 3.79 5.70 -13.89
CA ARG A 25 3.00 6.89 -14.16
C ARG A 25 1.82 6.57 -15.07
N TRP A 26 0.64 6.69 -14.53
CA TRP A 26 -0.60 6.47 -15.24
C TRP A 26 -1.18 7.83 -15.56
N GLY A 27 -0.89 8.31 -16.75
CA GLY A 27 -1.30 9.61 -17.13
C GLY A 27 -0.35 10.59 -16.53
N ASN A 28 -0.85 11.40 -15.66
CA ASN A 28 -0.01 12.30 -14.89
C ASN A 28 -0.07 11.95 -13.41
N SER A 29 -0.32 10.69 -13.08
CA SER A 29 -0.54 10.32 -11.74
C SER A 29 0.24 9.04 -11.42
N PRO A 30 0.91 9.02 -10.29
CA PRO A 30 1.63 7.84 -9.83
C PRO A 30 0.65 6.72 -9.45
N ALA A 31 0.85 5.57 -10.02
CA ALA A 31 0.03 4.44 -9.79
C ALA A 31 0.89 3.20 -9.68
N VAL A 32 0.59 2.37 -8.73
CA VAL A 32 1.32 1.15 -8.57
C VAL A 32 0.43 -0.02 -8.95
N ARG A 33 1.00 -0.98 -9.62
CA ARG A 33 0.29 -2.16 -10.06
C ARG A 33 0.23 -3.18 -8.96
N ILE A 34 -0.96 -3.53 -8.57
CA ILE A 34 -1.17 -4.50 -7.53
C ILE A 34 -1.33 -5.87 -8.20
N PRO A 35 -0.59 -6.89 -7.74
CA PRO A 35 -0.72 -8.24 -8.26
C PRO A 35 -2.15 -8.76 -8.05
N ALA A 36 -2.75 -9.24 -9.14
CA ALA A 36 -4.11 -9.75 -9.12
C ALA A 36 -4.26 -10.89 -8.13
N THR A 37 -3.18 -11.63 -7.94
CA THR A 37 -3.11 -12.72 -6.99
C THR A 37 -3.47 -12.22 -5.56
N LEU A 38 -3.05 -11.00 -5.24
CA LEU A 38 -3.30 -10.38 -3.93
C LEU A 38 -4.66 -9.80 -3.86
N MET A 39 -5.10 -9.29 -4.98
CA MET A 39 -6.48 -8.79 -5.13
C MET A 39 -7.44 -9.88 -4.72
N GLN A 40 -7.20 -11.04 -5.23
CA GLN A 40 -7.93 -12.24 -4.91
C GLN A 40 -7.69 -12.66 -3.47
N ALA A 41 -6.48 -12.45 -3.00
CA ALA A 41 -6.06 -12.93 -1.67
C ALA A 41 -6.69 -12.13 -0.53
N LEU A 42 -6.97 -10.88 -0.81
CA LEU A 42 -7.59 -9.99 0.16
C LEU A 42 -9.07 -9.82 -0.16
N ASN A 43 -9.42 -10.33 -1.32
CA ASN A 43 -10.77 -10.31 -1.90
C ASN A 43 -11.29 -8.89 -2.13
N LEU A 44 -10.68 -8.22 -3.06
CA LEU A 44 -11.10 -6.96 -3.50
C LEU A 44 -11.14 -6.98 -5.00
N ASN A 45 -11.85 -6.06 -5.57
CA ASN A 45 -12.02 -5.99 -7.01
C ASN A 45 -11.65 -4.61 -7.51
N ILE A 46 -11.95 -4.34 -8.75
CA ILE A 46 -11.73 -3.03 -9.32
C ILE A 46 -12.83 -2.11 -8.83
N ASP A 47 -12.46 -0.85 -8.62
CA ASP A 47 -13.35 0.23 -8.18
C ASP A 47 -13.76 -0.03 -6.74
N ASP A 48 -12.89 -0.72 -6.05
CA ASP A 48 -13.12 -1.05 -4.68
C ASP A 48 -12.34 -0.06 -3.85
N GLU A 49 -12.97 0.41 -2.84
CA GLU A 49 -12.48 1.45 -2.00
C GLU A 49 -11.62 0.87 -0.90
N VAL A 50 -10.39 1.36 -0.76
CA VAL A 50 -9.53 0.90 0.31
C VAL A 50 -9.03 2.08 1.08
N LYS A 51 -8.62 1.86 2.27
CA LYS A 51 -8.02 2.93 3.03
C LYS A 51 -6.55 2.95 2.84
N ILE A 52 -6.06 4.05 2.35
CA ILE A 52 -4.65 4.29 2.33
C ILE A 52 -4.40 4.97 3.67
N ASP A 53 -4.11 4.20 4.68
CA ASP A 53 -4.04 4.72 6.04
C ASP A 53 -2.58 4.86 6.42
N LEU A 54 -2.18 6.05 6.78
CA LEU A 54 -0.85 6.32 7.07
C LEU A 54 -0.60 5.98 8.52
N VAL A 55 0.39 5.19 8.71
CA VAL A 55 0.81 4.71 10.03
C VAL A 55 2.33 4.62 10.05
N ASP A 56 2.93 5.29 11.02
CA ASP A 56 4.40 5.25 11.30
C ASP A 56 5.26 5.63 10.08
N GLY A 57 4.68 6.36 9.18
CA GLY A 57 5.40 6.82 8.04
C GLY A 57 5.41 5.83 6.90
N LYS A 58 4.58 4.83 6.95
CA LYS A 58 4.43 3.93 5.83
C LYS A 58 2.99 3.89 5.44
N LEU A 59 2.73 3.51 4.22
CA LEU A 59 1.37 3.44 3.74
C LEU A 59 0.85 2.08 3.99
N ILE A 60 -0.18 2.06 4.74
CA ILE A 60 -0.81 0.86 5.14
C ILE A 60 -2.04 0.67 4.30
N ILE A 61 -2.11 -0.45 3.65
CA ILE A 61 -3.21 -0.75 2.79
C ILE A 61 -4.09 -1.81 3.45
N GLU A 62 -5.19 -1.37 3.96
CA GLU A 62 -6.21 -2.20 4.57
C GLU A 62 -7.45 -1.95 3.73
N PRO A 63 -8.18 -2.97 3.32
CA PRO A 63 -9.30 -2.77 2.51
C PRO A 63 -10.48 -2.36 3.35
N VAL A 64 -11.47 -1.87 2.74
CA VAL A 64 -12.61 -1.43 3.47
C VAL A 64 -13.56 -2.57 3.46
N ARG A 65 -13.65 -3.20 4.58
CA ARG A 65 -14.41 -4.39 4.71
C ARG A 65 -15.87 -4.05 4.89
N LYS A 66 -16.68 -4.72 4.12
CA LYS A 66 -18.08 -4.47 4.06
C LYS A 66 -18.78 -5.15 5.18
N GLU A 67 -19.01 -4.39 6.19
CA GLU A 67 -19.76 -4.81 7.34
C GLU A 67 -20.82 -3.77 7.57
N ASN B 1 -17.42 3.65 22.53
CA ASN B 1 -17.08 2.87 23.73
C ASN B 1 -18.31 2.10 24.15
N HIS B 2 -19.27 2.80 24.73
CA HIS B 2 -20.54 2.22 25.03
C HIS B 2 -21.42 2.59 23.88
N LYS B 3 -21.52 1.64 22.94
CA LYS B 3 -22.11 1.75 21.58
C LYS B 3 -21.19 2.59 20.69
N VAL B 4 -21.38 2.50 19.40
CA VAL B 4 -20.60 3.28 18.49
C VAL B 4 -21.11 4.71 18.47
N HIS B 5 -20.41 5.57 19.15
CA HIS B 5 -20.77 6.95 19.18
C HIS B 5 -20.15 7.63 17.98
N HIS B 6 -20.96 7.86 16.97
CA HIS B 6 -20.52 8.49 15.77
C HIS B 6 -20.39 9.98 16.02
N HIS B 7 -19.18 10.45 16.04
CA HIS B 7 -18.94 11.83 16.31
C HIS B 7 -18.32 12.49 15.10
N HIS B 8 -19.16 12.94 14.22
CA HIS B 8 -18.71 13.68 13.09
C HIS B 8 -18.95 15.13 13.43
N HIS B 9 -17.94 15.75 13.99
CA HIS B 9 -18.07 17.10 14.49
C HIS B 9 -17.95 18.11 13.37
N HIS B 10 -16.73 18.37 12.98
CA HIS B 10 -16.42 19.37 11.99
C HIS B 10 -14.99 19.17 11.63
N MET B 11 -14.16 19.15 12.64
CA MET B 11 -12.77 18.83 12.48
C MET B 11 -12.63 17.32 12.61
N SER B 12 -13.10 16.62 11.59
CA SER B 12 -13.09 15.17 11.57
C SER B 12 -11.76 14.69 10.97
N ASP B 13 -10.92 15.67 10.66
CA ASP B 13 -9.58 15.50 10.07
C ASP B 13 -8.67 14.77 11.05
N ASP B 14 -9.09 14.70 12.30
CA ASP B 14 -8.34 14.04 13.37
C ASP B 14 -8.26 12.54 13.14
N ASP B 15 -9.41 11.94 12.89
CA ASP B 15 -9.48 10.49 12.68
C ASP B 15 -9.14 10.14 11.25
N ASP B 16 -9.36 11.09 10.38
CA ASP B 16 -9.17 10.89 8.97
C ASP B 16 -7.70 10.91 8.57
N LYS B 17 -7.10 9.76 8.59
CA LYS B 17 -5.72 9.58 8.14
C LYS B 17 -5.69 8.44 7.14
N GLY B 18 -6.88 8.06 6.71
CA GLY B 18 -7.03 7.00 5.78
C GLY B 18 -7.74 7.48 4.57
N ILE B 19 -7.02 7.62 3.51
CA ILE B 19 -7.57 8.09 2.26
C ILE B 19 -8.36 6.98 1.60
N HIS B 20 -9.64 7.19 1.44
CA HIS B 20 -10.50 6.23 0.79
C HIS B 20 -10.26 6.29 -0.70
N SER B 21 -9.62 5.30 -1.18
CA SER B 21 -9.18 5.23 -2.54
C SER B 21 -10.12 4.33 -3.34
N SER B 22 -9.63 3.86 -4.45
CA SER B 22 -10.30 2.96 -5.31
C SER B 22 -9.27 2.36 -6.25
N VAL B 23 -9.24 1.06 -6.29
CA VAL B 23 -8.31 0.37 -7.17
C VAL B 23 -8.89 0.39 -8.55
N LYS B 24 -8.27 1.09 -9.43
CA LYS B 24 -8.78 1.25 -10.75
C LYS B 24 -8.05 0.31 -11.70
N ARG B 25 -8.50 0.25 -12.92
CA ARG B 25 -7.95 -0.66 -13.89
C ARG B 25 -7.12 0.06 -14.95
N TRP B 26 -5.84 -0.19 -14.93
CA TRP B 26 -4.89 0.38 -15.86
C TRP B 26 -4.53 -0.72 -16.84
N GLY B 27 -5.18 -0.68 -18.00
CA GLY B 27 -5.01 -1.72 -18.96
C GLY B 27 -5.81 -2.89 -18.49
N ASN B 28 -5.16 -4.00 -18.27
CA ASN B 28 -5.81 -5.14 -17.67
C ASN B 28 -5.20 -5.45 -16.31
N SER B 29 -4.72 -4.42 -15.60
CA SER B 29 -4.08 -4.61 -14.35
C SER B 29 -4.60 -3.61 -13.32
N PRO B 30 -4.88 -4.09 -12.12
CA PRO B 30 -5.31 -3.25 -11.02
C PRO B 30 -4.19 -2.31 -10.56
N ALA B 31 -4.50 -1.05 -10.50
CA ALA B 31 -3.56 -0.05 -10.11
C ALA B 31 -4.24 0.97 -9.24
N VAL B 32 -3.59 1.37 -8.20
CA VAL B 32 -4.15 2.37 -7.30
C VAL B 32 -3.38 3.66 -7.47
N ARG B 33 -4.07 4.76 -7.45
CA ARG B 33 -3.49 6.06 -7.59
C ARG B 33 -2.97 6.57 -6.27
N ILE B 34 -1.69 6.83 -6.22
CA ILE B 34 -1.07 7.32 -5.02
C ILE B 34 -1.01 8.84 -5.08
N PRO B 35 -1.49 9.53 -4.03
CA PRO B 35 -1.42 10.99 -3.97
C PRO B 35 0.02 11.48 -4.06
N ALA B 36 0.27 12.40 -4.99
CA ALA B 36 1.59 12.96 -5.23
C ALA B 36 2.16 13.60 -3.96
N THR B 37 1.28 14.05 -3.10
CA THR B 37 1.63 14.64 -1.83
C THR B 37 2.43 13.61 -0.97
N LEU B 38 2.02 12.35 -1.03
CA LEU B 38 2.64 11.28 -0.24
C LEU B 38 3.90 10.83 -0.88
N MET B 39 3.91 10.89 -2.18
CA MET B 39 5.10 10.59 -2.97
C MET B 39 6.24 11.45 -2.51
N GLN B 40 5.94 12.70 -2.37
CA GLN B 40 6.86 13.69 -1.85
C GLN B 40 7.11 13.48 -0.37
N ALA B 41 6.10 13.03 0.35
CA ALA B 41 6.19 12.91 1.81
C ALA B 41 7.13 11.78 2.23
N LEU B 42 7.11 10.73 1.46
CA LEU B 42 7.93 9.57 1.73
C LEU B 42 9.22 9.63 0.95
N ASN B 43 9.22 10.52 -0.02
CA ASN B 43 10.33 10.78 -0.93
C ASN B 43 10.63 9.61 -1.86
N LEU B 44 9.71 9.41 -2.78
CA LEU B 44 9.85 8.48 -3.81
C LEU B 44 9.42 9.15 -5.11
N ASN B 45 9.84 8.59 -6.19
CA ASN B 45 9.57 9.14 -7.51
C ASN B 45 8.96 8.06 -8.39
N ILE B 46 8.79 8.34 -9.66
CA ILE B 46 8.29 7.36 -10.60
C ILE B 46 9.41 6.38 -10.94
N ASP B 47 9.03 5.12 -11.10
CA ASP B 47 9.91 3.97 -11.41
C ASP B 47 10.77 3.64 -10.22
N ASP B 48 10.26 4.00 -9.06
CA ASP B 48 10.93 3.75 -7.83
C ASP B 48 10.40 2.47 -7.27
N GLU B 49 11.29 1.65 -6.88
CA GLU B 49 11.01 0.34 -6.40
C GLU B 49 10.59 0.40 -4.95
N VAL B 50 9.45 -0.19 -4.63
CA VAL B 50 8.99 -0.23 -3.26
C VAL B 50 8.64 -1.67 -2.93
N LYS B 51 8.71 -2.03 -1.68
CA LYS B 51 8.29 -3.35 -1.31
C LYS B 51 6.83 -3.39 -1.02
N ILE B 52 6.15 -4.26 -1.68
CA ILE B 52 4.80 -4.58 -1.35
C ILE B 52 4.95 -5.76 -0.41
N ASP B 53 5.03 -5.49 0.87
CA ASP B 53 5.36 -6.53 1.83
C ASP B 53 4.10 -6.91 2.58
N LEU B 54 3.77 -8.18 2.56
CA LEU B 54 2.59 -8.64 3.15
C LEU B 54 2.85 -8.93 4.61
N VAL B 55 2.05 -8.32 5.41
CA VAL B 55 2.14 -8.42 6.85
C VAL B 55 0.74 -8.46 7.43
N ASP B 56 0.45 -9.50 8.19
CA ASP B 56 -0.81 -9.66 8.97
C ASP B 56 -2.08 -9.59 8.09
N GLY B 57 -1.92 -9.84 6.82
CA GLY B 57 -3.05 -9.84 5.92
C GLY B 57 -3.36 -8.48 5.34
N LYS B 58 -2.44 -7.55 5.46
CA LYS B 58 -2.60 -6.27 4.80
C LYS B 58 -1.35 -5.98 4.00
N LEU B 59 -1.48 -5.12 3.02
CA LEU B 59 -0.36 -4.77 2.20
C LEU B 59 0.34 -3.59 2.80
N ILE B 60 1.54 -3.80 3.09
CA ILE B 60 2.36 -2.81 3.71
C ILE B 60 3.26 -2.21 2.66
N ILE B 61 3.22 -0.92 2.57
CA ILE B 61 4.01 -0.22 1.61
C ILE B 61 5.13 0.55 2.31
N GLU B 62 6.30 0.02 2.19
CA GLU B 62 7.51 0.61 2.70
C GLU B 62 8.38 0.79 1.49
N PRO B 63 8.99 1.95 1.25
CA PRO B 63 9.74 2.16 0.09
C PRO B 63 11.10 1.55 0.25
N VAL B 64 11.78 1.39 -0.80
CA VAL B 64 13.09 0.79 -0.71
C VAL B 64 14.04 1.91 -0.55
N ARG B 65 14.64 1.99 0.59
CA ARG B 65 15.45 3.10 0.92
C ARG B 65 16.85 2.85 0.47
N LYS B 66 17.42 3.84 -0.15
CA LYS B 66 18.68 3.73 -0.78
C LYS B 66 19.80 3.91 0.20
N GLU B 67 20.28 2.81 0.62
CA GLU B 67 21.40 2.71 1.52
C GLU B 67 22.25 1.55 1.02
#